data_7JW1
#
_entry.id   7JW1
#
_cell.length_a   1.00
_cell.length_b   1.00
_cell.length_c   1.00
_cell.angle_alpha   90.00
_cell.angle_beta   90.00
_cell.angle_gamma   90.00
#
_symmetry.space_group_name_H-M   'P 1'
#
loop_
_entity.id
_entity.type
_entity.pdbx_description
1 polymer 'Major capsid protein gpN'
2 polymer 'Size determination protein Sid'
#
loop_
_entity_poly.entity_id
_entity_poly.type
_entity_poly.pdbx_seq_one_letter_code
_entity_poly.pdbx_strand_id
1 'polypeptide(L)'
;MRQETRFKFNAYLSRVAELNGIDAGDVSKKFTVEPSVTQTLMNTMQESSDFLTRINIVPVSEMKGEKIGIGVTGSIASTT
DTAGGTERQPKDFSKLASNKYECDQINFDFYIRYKTLDLWARYQDFQLRIRNAIIKRQSLDFIMAGFNGVKRAETSDRSS
NPMLQDVAVGWLQKYRNEAPARVMSKVTDEEGRTTSEVIRVGKGGDYASLDALVMDATNNLIEPWYQEDPDLVVIVGRQL
LADKYFPIVNKEQDNSEMLAADVIISQKRIGNLPAVRVPYFPADAMLITKLENLSIYYMDDSHRRVIEENPKLDRVENYE
SMNIDYVVEDYAAGCLVEKIKVGDFSTPAKATAEPGA
;
A,B,C,D,a,b,c,d
2 'polypeptide(L)'
;MSDHTIPEYLQPALAQLEKARAAHLENARLMDETVTAIERAEQEKNALAQADGNDADDWRTAFRAAGGVLSDELKQRHIE
RVARRELVQEYDNLAVVLNFERERLKGACDSTATAYRKAHHHLLSLYAEHELEHALNETCEALVRAMHLSILVQENPLAN
TTGHQGYVAPEKAVMQQVKSSLEQKIKQMQISLTGEPVLRLTGLSAATLPHMDYEVAGTPAQRKVWQDKIDQQGAELKAR
GLLS
;
E,e
#
# COMPACT_ATOMS: atom_id res chain seq x y z
N VAL A 37 -42.50 -38.31 -42.83
CA VAL A 37 -42.90 -39.56 -43.47
C VAL A 37 -44.01 -40.22 -42.66
N THR A 38 -44.17 -39.78 -41.41
CA THR A 38 -45.24 -40.30 -40.57
C THR A 38 -46.61 -39.98 -41.13
N GLN A 39 -46.73 -38.94 -41.96
CA GLN A 39 -48.03 -38.58 -42.52
C GLN A 39 -48.54 -39.67 -43.45
N THR A 40 -47.63 -40.37 -44.13
CA THR A 40 -48.04 -41.50 -44.97
C THR A 40 -48.76 -42.56 -44.13
N LEU A 41 -48.14 -42.96 -43.03
CA LEU A 41 -48.74 -43.97 -42.16
C LEU A 41 -50.04 -43.46 -41.56
N MET A 42 -50.08 -42.19 -41.14
CA MET A 42 -51.28 -41.64 -40.53
C MET A 42 -52.43 -41.64 -41.53
N ASN A 43 -52.16 -41.23 -42.76
CA ASN A 43 -53.21 -41.21 -43.78
C ASN A 43 -53.64 -42.63 -44.13
N THR A 44 -52.70 -43.58 -44.16
CA THR A 44 -53.06 -44.97 -44.39
C THR A 44 -54.03 -45.46 -43.31
N MET A 45 -53.71 -45.18 -42.05
CA MET A 45 -54.58 -45.59 -40.96
C MET A 45 -55.96 -44.93 -41.08
N GLN A 46 -55.98 -43.63 -41.39
CA GLN A 46 -57.25 -42.93 -41.54
C GLN A 46 -58.10 -43.54 -42.64
N GLU A 47 -57.47 -43.92 -43.75
CA GLU A 47 -58.22 -44.52 -44.85
C GLU A 47 -58.68 -45.92 -44.50
N SER A 48 -57.93 -46.61 -43.64
CA SER A 48 -58.24 -48.01 -43.34
C SER A 48 -59.61 -48.16 -42.73
N SER A 49 -60.01 -47.24 -41.85
CA SER A 49 -61.30 -47.29 -41.19
C SER A 49 -62.22 -46.23 -41.77
N ASP A 50 -63.51 -46.56 -41.89
CA ASP A 50 -64.45 -45.66 -42.54
C ASP A 50 -64.75 -44.45 -41.66
N PHE A 51 -64.96 -44.67 -40.37
CA PHE A 51 -65.34 -43.58 -39.49
C PHE A 51 -64.30 -42.48 -39.46
N LEU A 52 -63.02 -42.86 -39.37
CA LEU A 52 -61.95 -41.88 -39.34
C LEU A 52 -61.86 -41.09 -40.64
N THR A 53 -62.31 -41.67 -41.76
CA THR A 53 -62.29 -40.94 -43.01
C THR A 53 -63.22 -39.73 -42.94
N ARG A 54 -64.34 -39.85 -42.23
CA ARG A 54 -65.25 -38.73 -42.05
C ARG A 54 -64.73 -37.70 -41.07
N ILE A 55 -63.54 -37.89 -40.52
CA ILE A 55 -62.94 -36.94 -39.59
C ILE A 55 -61.59 -36.50 -40.15
N ASN A 56 -61.12 -35.36 -39.66
CA ASN A 56 -59.88 -34.76 -40.13
C ASN A 56 -58.78 -34.96 -39.10
N ILE A 57 -57.55 -35.14 -39.57
CA ILE A 57 -56.38 -35.31 -38.74
C ILE A 57 -55.26 -34.45 -39.31
N VAL A 58 -54.73 -33.55 -38.51
CA VAL A 58 -53.73 -32.61 -39.00
C VAL A 58 -52.46 -32.70 -38.15
N PRO A 59 -51.29 -32.73 -38.76
CA PRO A 59 -50.05 -32.70 -37.99
C PRO A 59 -49.61 -31.29 -37.63
N VAL A 60 -49.40 -31.09 -36.33
CA VAL A 60 -48.87 -29.84 -35.81
C VAL A 60 -47.43 -30.09 -35.40
N SER A 61 -46.54 -29.16 -35.78
CA SER A 61 -45.12 -29.34 -35.54
C SER A 61 -44.65 -28.77 -34.21
N GLU A 62 -45.48 -27.99 -33.52
CA GLU A 62 -45.15 -27.53 -32.19
C GLU A 62 -45.86 -28.42 -31.16
N MET A 63 -45.77 -28.05 -29.88
CA MET A 63 -46.33 -28.87 -28.82
C MET A 63 -47.64 -28.32 -28.28
N LYS A 64 -47.65 -27.06 -27.82
CA LYS A 64 -48.83 -26.48 -27.22
C LYS A 64 -49.06 -25.09 -27.78
N GLY A 65 -50.23 -24.87 -28.37
CA GLY A 65 -50.55 -23.59 -28.95
C GLY A 65 -52.04 -23.36 -29.16
N GLU A 66 -52.40 -22.76 -30.28
CA GLU A 66 -53.78 -22.49 -30.61
C GLU A 66 -54.21 -23.36 -31.78
N LYS A 67 -55.52 -23.61 -31.88
CA LYS A 67 -56.03 -24.65 -32.77
C LYS A 67 -56.61 -24.06 -34.04
N ILE A 68 -56.51 -24.82 -35.13
CA ILE A 68 -57.10 -24.40 -36.40
C ILE A 68 -58.61 -24.45 -36.31
N GLY A 69 -59.28 -23.50 -36.95
CA GLY A 69 -60.73 -23.43 -36.98
C GLY A 69 -61.26 -23.83 -38.35
N ILE A 70 -61.94 -24.97 -38.39
CA ILE A 70 -62.54 -25.49 -39.61
C ILE A 70 -64.05 -25.34 -39.59
N GLY A 71 -64.72 -25.95 -38.61
CA GLY A 71 -66.17 -25.90 -38.54
C GLY A 71 -66.70 -24.58 -38.06
N VAL A 72 -66.48 -23.53 -38.84
CA VAL A 72 -66.99 -22.20 -38.54
C VAL A 72 -67.75 -21.72 -39.77
N THR A 73 -68.94 -21.17 -39.54
CA THR A 73 -69.78 -20.62 -40.61
C THR A 73 -70.18 -19.21 -40.21
N GLY A 74 -70.32 -18.33 -41.19
CA GLY A 74 -70.66 -16.95 -40.93
C GLY A 74 -71.10 -16.25 -42.20
N SER A 75 -71.64 -15.05 -42.02
CA SER A 75 -72.09 -14.21 -43.11
C SER A 75 -71.01 -13.18 -43.44
N ILE A 76 -70.00 -13.63 -44.17
CA ILE A 76 -68.87 -12.76 -44.49
C ILE A 76 -69.27 -11.73 -45.53
N ALA A 77 -70.38 -11.95 -46.23
CA ALA A 77 -70.84 -10.99 -47.21
C ALA A 77 -71.38 -9.74 -46.52
N SER A 78 -71.08 -8.58 -47.11
CA SER A 78 -71.56 -7.32 -46.57
C SER A 78 -71.49 -6.27 -47.66
N THR A 79 -71.85 -5.04 -47.29
CA THR A 79 -71.80 -3.90 -48.19
C THR A 79 -71.79 -2.63 -47.36
N THR A 80 -71.07 -1.62 -47.83
CA THR A 80 -70.95 -0.35 -47.12
C THR A 80 -70.45 0.73 -48.06
N ASP A 81 -70.81 1.97 -47.75
CA ASP A 81 -70.40 3.09 -48.58
C ASP A 81 -68.90 3.30 -48.49
N THR A 82 -68.21 3.10 -49.62
CA THR A 82 -66.77 3.30 -49.70
C THR A 82 -66.40 4.64 -50.33
N ALA A 83 -67.38 5.47 -50.65
CA ALA A 83 -67.15 6.77 -51.26
C ALA A 83 -67.74 7.85 -50.36
N GLY A 84 -66.86 8.63 -49.74
CA GLY A 84 -67.31 9.70 -48.87
C GLY A 84 -67.99 9.20 -47.62
N GLY A 85 -67.24 8.56 -46.74
CA GLY A 85 -67.80 8.07 -45.52
C GLY A 85 -66.90 7.06 -44.85
N THR A 86 -67.53 6.02 -44.30
CA THR A 86 -66.80 5.00 -43.57
C THR A 86 -65.98 4.14 -44.52
N GLU A 87 -65.18 3.26 -43.92
CA GLU A 87 -64.37 2.30 -44.67
C GLU A 87 -64.78 0.90 -44.24
N ARG A 88 -64.50 -0.09 -45.07
CA ARG A 88 -64.91 -1.45 -44.78
C ARG A 88 -63.82 -2.18 -44.01
N GLN A 89 -64.20 -2.86 -42.93
CA GLN A 89 -63.30 -3.66 -42.14
C GLN A 89 -63.65 -5.13 -42.28
N PRO A 90 -62.67 -6.00 -42.50
CA PRO A 90 -62.97 -7.42 -42.71
C PRO A 90 -63.40 -8.12 -41.43
N LYS A 91 -63.68 -9.42 -41.53
CA LYS A 91 -64.10 -10.21 -40.39
C LYS A 91 -63.35 -11.54 -40.40
N ASP A 92 -62.80 -11.91 -39.26
CA ASP A 92 -62.04 -13.15 -39.15
C ASP A 92 -62.93 -14.36 -39.34
N PHE A 93 -62.32 -15.46 -39.76
CA PHE A 93 -62.90 -16.79 -39.55
C PHE A 93 -61.79 -17.64 -38.93
N SER A 94 -61.59 -17.46 -37.65
CA SER A 94 -60.77 -18.35 -36.85
C SER A 94 -61.42 -18.72 -35.52
N LYS A 95 -62.10 -17.77 -34.88
CA LYS A 95 -62.79 -17.98 -33.61
C LYS A 95 -61.90 -18.68 -32.58
N LEU A 96 -60.82 -17.99 -32.22
CA LEU A 96 -59.93 -18.48 -31.17
C LEU A 96 -60.47 -18.04 -29.81
N ALA A 97 -60.75 -19.02 -28.94
CA ALA A 97 -61.29 -18.71 -27.62
C ALA A 97 -60.93 -19.85 -26.67
N SER A 98 -59.90 -19.64 -25.85
CA SER A 98 -59.61 -20.49 -24.69
C SER A 98 -59.45 -21.95 -25.08
N ASN A 99 -58.41 -22.26 -25.86
CA ASN A 99 -58.14 -23.65 -26.21
C ASN A 99 -57.02 -24.23 -25.35
N LYS A 100 -55.85 -23.59 -25.40
CA LYS A 100 -54.66 -23.96 -24.63
C LYS A 100 -54.42 -25.48 -24.63
N TYR A 101 -54.62 -26.08 -25.80
CA TYR A 101 -54.48 -27.53 -25.96
C TYR A 101 -53.02 -27.93 -25.77
N GLU A 102 -52.82 -29.10 -25.15
CA GLU A 102 -51.49 -29.65 -24.92
C GLU A 102 -51.51 -31.13 -25.23
N CYS A 103 -50.42 -31.62 -25.82
CA CYS A 103 -50.35 -32.98 -26.33
C CYS A 103 -49.53 -33.86 -25.40
N ASP A 104 -49.96 -35.11 -25.25
CA ASP A 104 -49.25 -36.12 -24.48
C ASP A 104 -49.06 -37.35 -25.36
N GLN A 105 -48.16 -38.23 -24.96
CA GLN A 105 -47.85 -39.41 -25.75
C GLN A 105 -48.62 -40.61 -25.23
N ILE A 106 -48.91 -41.54 -26.14
CA ILE A 106 -49.38 -42.88 -25.80
C ILE A 106 -48.59 -43.86 -26.64
N ASN A 107 -48.45 -45.08 -26.12
CA ASN A 107 -47.63 -46.08 -26.77
C ASN A 107 -48.35 -47.42 -26.81
N PHE A 108 -48.29 -48.07 -27.97
CA PHE A 108 -48.78 -49.42 -28.16
C PHE A 108 -47.57 -50.35 -28.18
N ASP A 109 -47.71 -51.50 -27.53
CA ASP A 109 -46.58 -52.40 -27.37
C ASP A 109 -47.07 -53.83 -27.18
N PHE A 110 -46.54 -54.75 -27.96
CA PHE A 110 -47.04 -56.13 -27.93
C PHE A 110 -45.92 -57.08 -28.28
N TYR A 111 -46.27 -58.37 -28.35
CA TYR A 111 -45.27 -59.40 -28.66
C TYR A 111 -45.98 -60.65 -29.15
N ILE A 112 -45.20 -61.48 -29.85
CA ILE A 112 -45.68 -62.73 -30.42
C ILE A 112 -44.66 -63.83 -30.10
N ARG A 113 -45.15 -65.03 -29.84
CA ARG A 113 -44.27 -66.18 -29.71
C ARG A 113 -43.72 -66.57 -31.08
N TYR A 114 -42.86 -67.58 -31.09
CA TYR A 114 -42.26 -68.03 -32.33
C TYR A 114 -43.15 -69.02 -33.08
N LYS A 115 -43.90 -69.84 -32.36
CA LYS A 115 -44.79 -70.79 -33.01
C LYS A 115 -45.86 -70.08 -33.82
N THR A 116 -46.52 -69.09 -33.22
CA THR A 116 -47.51 -68.31 -33.93
C THR A 116 -46.88 -67.58 -35.11
N LEU A 117 -45.65 -67.10 -34.94
CA LEU A 117 -44.98 -66.40 -36.03
C LEU A 117 -44.74 -67.33 -37.21
N ASP A 118 -44.28 -68.56 -36.94
CA ASP A 118 -44.05 -69.50 -38.04
C ASP A 118 -45.36 -69.91 -38.69
N LEU A 119 -46.42 -70.11 -37.90
CA LEU A 119 -47.71 -70.43 -38.46
C LEU A 119 -48.21 -69.32 -39.37
N TRP A 120 -48.01 -68.06 -38.98
CA TRP A 120 -48.33 -66.94 -39.85
C TRP A 120 -47.47 -66.96 -41.10
N ALA A 121 -46.19 -67.29 -40.96
CA ALA A 121 -45.30 -67.30 -42.11
C ALA A 121 -45.67 -68.39 -43.10
N ARG A 122 -46.38 -69.42 -42.64
CA ARG A 122 -46.82 -70.47 -43.56
C ARG A 122 -47.83 -69.93 -44.56
N TYR A 123 -48.57 -68.89 -44.19
CA TYR A 123 -49.52 -68.26 -45.11
C TYR A 123 -48.79 -67.73 -46.33
N GLN A 124 -49.49 -67.68 -47.45
CA GLN A 124 -48.90 -67.13 -48.67
C GLN A 124 -48.85 -65.61 -48.60
N ASP A 125 -47.64 -65.07 -48.47
CA ASP A 125 -47.41 -63.62 -48.43
C ASP A 125 -48.17 -62.97 -47.28
N PHE A 126 -47.81 -63.38 -46.06
CA PHE A 126 -48.44 -62.86 -44.85
C PHE A 126 -47.92 -61.48 -44.47
N GLN A 127 -46.92 -60.95 -45.18
CA GLN A 127 -46.34 -59.67 -44.81
C GLN A 127 -47.39 -58.57 -44.83
N LEU A 128 -48.27 -58.59 -45.83
CA LEU A 128 -49.36 -57.61 -45.86
C LEU A 128 -50.44 -57.99 -44.85
N ARG A 129 -50.65 -59.28 -44.62
CA ARG A 129 -51.73 -59.73 -43.75
C ARG A 129 -51.51 -59.25 -42.32
N ILE A 130 -50.29 -59.38 -41.81
CA ILE A 130 -50.01 -58.93 -40.44
C ILE A 130 -50.18 -57.42 -40.34
N ARG A 131 -49.66 -56.70 -41.34
CA ARG A 131 -49.72 -55.24 -41.31
C ARG A 131 -51.16 -54.75 -41.29
N ASN A 132 -52.01 -55.32 -42.13
CA ASN A 132 -53.40 -54.89 -42.15
C ASN A 132 -54.08 -55.13 -40.82
N ALA A 133 -53.80 -56.28 -40.19
CA ALA A 133 -54.43 -56.60 -38.91
C ALA A 133 -54.00 -55.59 -37.84
N ILE A 134 -52.70 -55.32 -37.75
CA ILE A 134 -52.25 -54.40 -36.70
C ILE A 134 -52.75 -53.00 -36.96
N ILE A 135 -52.82 -52.60 -38.23
CA ILE A 135 -53.35 -51.27 -38.56
C ILE A 135 -54.82 -51.18 -38.13
N LYS A 136 -55.60 -52.21 -38.43
CA LYS A 136 -57.01 -52.19 -38.06
C LYS A 136 -57.19 -52.11 -36.55
N ARG A 137 -56.37 -52.89 -35.82
CA ARG A 137 -56.49 -52.86 -34.36
C ARG A 137 -56.13 -51.49 -33.80
N GLN A 138 -55.05 -50.88 -34.31
CA GLN A 138 -54.67 -49.55 -33.85
C GLN A 138 -55.77 -48.54 -34.15
N SER A 139 -56.35 -48.60 -35.35
CA SER A 139 -57.38 -47.65 -35.72
C SER A 139 -58.60 -47.78 -34.82
N LEU A 140 -59.04 -49.01 -34.57
CA LEU A 140 -60.18 -49.20 -33.68
C LEU A 140 -59.86 -48.73 -32.27
N ASP A 141 -58.64 -48.97 -31.81
CA ASP A 141 -58.29 -48.61 -30.43
C ASP A 141 -58.22 -47.11 -30.27
N PHE A 142 -57.82 -46.39 -31.32
CA PHE A 142 -57.90 -44.92 -31.28
C PHE A 142 -59.29 -44.45 -30.89
N ILE A 143 -60.31 -44.89 -31.61
CA ILE A 143 -61.68 -44.47 -31.34
C ILE A 143 -62.10 -44.91 -29.95
N MET A 144 -61.81 -46.17 -29.60
CA MET A 144 -62.24 -46.69 -28.30
C MET A 144 -61.65 -45.85 -27.16
N ALA A 145 -60.41 -45.38 -27.33
CA ALA A 145 -59.81 -44.53 -26.33
C ALA A 145 -60.40 -43.12 -26.39
N GLY A 146 -60.79 -42.69 -27.58
CA GLY A 146 -61.25 -41.33 -27.75
C GLY A 146 -62.58 -41.06 -27.09
N PHE A 147 -63.59 -41.87 -27.42
CA PHE A 147 -64.96 -41.48 -27.09
C PHE A 147 -65.24 -41.49 -25.60
N ASN A 148 -64.70 -42.46 -24.87
CA ASN A 148 -65.00 -42.56 -23.44
C ASN A 148 -63.72 -42.55 -22.61
N GLY A 149 -62.82 -41.62 -22.94
CA GLY A 149 -61.62 -41.41 -22.15
C GLY A 149 -61.78 -40.23 -21.22
N VAL A 150 -61.10 -40.29 -20.08
CA VAL A 150 -61.23 -39.26 -19.05
C VAL A 150 -60.03 -39.35 -18.11
N LYS A 151 -59.54 -38.20 -17.68
CA LYS A 151 -58.55 -38.08 -16.61
C LYS A 151 -57.27 -38.85 -16.96
N ARG A 152 -56.57 -38.34 -17.96
CA ARG A 152 -55.25 -38.84 -18.30
C ARG A 152 -54.38 -38.98 -17.06
N ALA A 153 -53.76 -40.14 -16.90
CA ALA A 153 -52.93 -40.41 -15.75
C ALA A 153 -51.85 -41.41 -16.13
N GLU A 154 -50.64 -41.20 -15.61
CA GLU A 154 -49.56 -42.12 -15.90
C GLU A 154 -49.82 -43.48 -15.27
N THR A 155 -49.06 -44.47 -15.72
CA THR A 155 -49.21 -45.86 -15.28
C THR A 155 -50.64 -46.35 -15.46
N SER A 156 -51.05 -46.41 -16.73
CA SER A 156 -52.36 -46.93 -17.07
C SER A 156 -52.49 -48.39 -16.63
N ASP A 157 -53.74 -48.82 -16.45
CA ASP A 157 -54.04 -50.17 -16.01
C ASP A 157 -55.08 -50.79 -16.93
N ARG A 158 -55.00 -52.11 -17.08
CA ARG A 158 -55.95 -52.86 -17.90
C ARG A 158 -56.71 -53.90 -17.09
N SER A 159 -56.69 -53.81 -15.77
CA SER A 159 -57.47 -54.72 -14.93
C SER A 159 -58.81 -54.12 -14.55
N SER A 160 -58.80 -52.95 -13.90
CA SER A 160 -60.03 -52.28 -13.48
C SER A 160 -60.62 -51.40 -14.59
N ASN A 161 -59.95 -51.30 -15.74
CA ASN A 161 -60.43 -50.50 -16.85
C ASN A 161 -60.46 -51.38 -18.09
N PRO A 162 -61.52 -52.17 -18.26
CA PRO A 162 -61.65 -52.98 -19.48
C PRO A 162 -61.65 -52.08 -20.70
N MET A 163 -62.59 -51.14 -20.73
CA MET A 163 -62.47 -50.00 -21.61
C MET A 163 -61.44 -49.05 -21.03
N LEU A 164 -60.59 -48.50 -21.89
CA LEU A 164 -59.49 -47.67 -21.43
C LEU A 164 -59.99 -46.25 -21.19
N GLN A 165 -59.89 -45.79 -19.95
CA GLN A 165 -60.36 -44.47 -19.54
C GLN A 165 -59.23 -43.49 -19.30
N ASP A 166 -58.28 -43.86 -18.43
CA ASP A 166 -57.23 -42.97 -17.99
C ASP A 166 -56.07 -42.87 -18.98
N VAL A 167 -56.28 -43.27 -20.23
CA VAL A 167 -55.20 -43.21 -21.21
C VAL A 167 -55.06 -41.79 -21.77
N ALA A 168 -56.17 -41.14 -22.08
CA ALA A 168 -56.13 -39.77 -22.54
C ALA A 168 -57.49 -39.13 -22.26
N VAL A 169 -57.53 -37.81 -22.38
CA VAL A 169 -58.76 -37.06 -22.18
C VAL A 169 -59.53 -37.04 -23.49
N GLY A 170 -60.82 -37.36 -23.43
CA GLY A 170 -61.64 -37.53 -24.61
C GLY A 170 -62.56 -36.36 -24.90
N TRP A 171 -63.24 -36.47 -26.04
CA TRP A 171 -64.15 -35.41 -26.48
C TRP A 171 -65.25 -35.19 -25.46
N LEU A 172 -65.87 -36.28 -24.98
CA LEU A 172 -66.94 -36.16 -24.00
C LEU A 172 -66.43 -35.47 -22.74
N GLN A 173 -65.27 -35.90 -22.23
CA GLN A 173 -64.71 -35.24 -21.06
C GLN A 173 -64.30 -33.81 -21.39
N LYS A 174 -63.88 -33.54 -22.63
CA LYS A 174 -63.53 -32.18 -23.00
C LYS A 174 -64.73 -31.25 -22.86
N TYR A 175 -65.88 -31.67 -23.39
CA TYR A 175 -67.10 -30.90 -23.16
C TYR A 175 -67.43 -30.79 -21.68
N ARG A 176 -67.41 -31.93 -20.99
CA ARG A 176 -67.85 -31.95 -19.60
C ARG A 176 -66.92 -31.16 -18.68
N ASN A 177 -65.73 -30.81 -19.15
CA ASN A 177 -64.75 -30.10 -18.34
C ASN A 177 -64.56 -28.65 -18.76
N GLU A 178 -64.23 -28.39 -20.03
CA GLU A 178 -63.86 -27.03 -20.42
C GLU A 178 -65.07 -26.11 -20.43
N ALA A 179 -66.21 -26.60 -20.94
CA ALA A 179 -67.44 -25.81 -21.01
C ALA A 179 -68.49 -26.49 -20.13
N PRO A 180 -68.56 -26.14 -18.85
CA PRO A 180 -69.57 -26.77 -17.98
C PRO A 180 -70.99 -26.51 -18.41
N ALA A 181 -71.22 -25.55 -19.29
CA ALA A 181 -72.55 -25.34 -19.86
C ALA A 181 -72.76 -26.35 -20.98
N ARG A 182 -73.79 -26.12 -21.81
CA ARG A 182 -74.17 -26.96 -22.93
C ARG A 182 -74.05 -28.45 -22.62
N VAL A 183 -74.63 -28.86 -21.50
CA VAL A 183 -74.75 -30.28 -21.15
C VAL A 183 -75.94 -30.42 -20.21
N MET A 184 -76.76 -31.44 -20.47
CA MET A 184 -78.00 -31.65 -19.70
C MET A 184 -77.84 -32.94 -18.88
N SER A 185 -77.29 -32.80 -17.68
CA SER A 185 -77.24 -33.88 -16.71
C SER A 185 -78.37 -33.81 -15.69
N LYS A 186 -78.80 -32.61 -15.33
CA LYS A 186 -79.93 -32.42 -14.43
C LYS A 186 -81.20 -32.21 -15.24
N VAL A 187 -82.27 -31.82 -14.57
CA VAL A 187 -83.54 -31.59 -15.24
C VAL A 187 -83.75 -30.11 -15.57
N THR A 188 -83.53 -29.22 -14.60
CA THR A 188 -83.71 -27.79 -14.83
C THR A 188 -82.56 -27.00 -14.20
N THR A 194 -85.22 -28.68 -10.65
CA THR A 194 -83.94 -29.17 -10.16
C THR A 194 -84.11 -30.44 -9.34
N THR A 195 -85.03 -31.30 -9.78
CA THR A 195 -85.25 -32.59 -9.14
C THR A 195 -84.16 -33.57 -9.61
N SER A 196 -84.39 -34.86 -9.36
CA SER A 196 -83.41 -35.90 -9.66
C SER A 196 -82.82 -35.74 -11.06
N GLU A 197 -81.51 -35.85 -11.14
CA GLU A 197 -80.76 -35.64 -12.38
C GLU A 197 -80.75 -36.87 -13.27
N VAL A 198 -81.93 -37.41 -13.54
CA VAL A 198 -82.09 -38.57 -14.40
C VAL A 198 -83.12 -38.19 -15.45
N ILE A 199 -82.66 -37.88 -16.66
CA ILE A 199 -83.56 -37.53 -17.75
C ILE A 199 -84.24 -38.80 -18.24
N ARG A 200 -85.47 -39.02 -17.81
CA ARG A 200 -86.18 -40.27 -18.07
C ARG A 200 -87.20 -40.08 -19.19
N VAL A 201 -87.49 -41.19 -19.87
CA VAL A 201 -88.44 -41.20 -20.97
C VAL A 201 -89.56 -42.22 -20.75
N GLY A 202 -89.67 -42.76 -19.53
CA GLY A 202 -90.64 -43.80 -19.25
C GLY A 202 -92.07 -43.28 -19.08
N LYS A 203 -92.81 -43.90 -18.16
CA LYS A 203 -94.20 -43.51 -17.95
C LYS A 203 -94.30 -42.07 -17.45
N GLY A 204 -93.67 -41.80 -16.31
CA GLY A 204 -93.59 -40.44 -15.81
C GLY A 204 -92.37 -39.72 -16.34
N GLY A 205 -92.11 -39.86 -17.64
CA GLY A 205 -90.90 -39.34 -18.21
C GLY A 205 -90.95 -37.85 -18.49
N ASP A 206 -89.80 -37.19 -18.33
CA ASP A 206 -89.69 -35.78 -18.67
C ASP A 206 -89.91 -35.57 -20.16
N TYR A 207 -89.30 -36.41 -20.99
CA TYR A 207 -89.47 -36.39 -22.44
C TYR A 207 -89.91 -37.79 -22.86
N ALA A 208 -91.23 -38.01 -22.90
CA ALA A 208 -91.74 -39.33 -23.26
C ALA A 208 -91.28 -39.73 -24.66
N SER A 209 -91.17 -38.77 -25.57
CA SER A 209 -90.72 -39.02 -26.93
C SER A 209 -89.30 -38.49 -27.08
N LEU A 210 -88.42 -39.33 -27.64
CA LEU A 210 -87.00 -38.97 -27.71
C LEU A 210 -86.75 -37.89 -28.76
N ASP A 211 -87.54 -37.87 -29.84
CA ASP A 211 -87.37 -36.83 -30.84
C ASP A 211 -87.70 -35.46 -30.28
N ALA A 212 -88.69 -35.39 -29.38
CA ALA A 212 -88.95 -34.14 -28.68
C ALA A 212 -87.74 -33.73 -27.84
N LEU A 213 -87.05 -34.70 -27.25
CA LEU A 213 -85.86 -34.40 -26.48
C LEU A 213 -84.77 -33.81 -27.36
N VAL A 214 -84.52 -34.43 -28.52
CA VAL A 214 -83.47 -33.91 -29.39
C VAL A 214 -83.87 -32.54 -29.94
N MET A 215 -85.17 -32.32 -30.19
CA MET A 215 -85.62 -31.01 -30.65
C MET A 215 -85.40 -29.95 -29.58
N ASP A 216 -85.76 -30.26 -28.34
CA ASP A 216 -85.54 -29.33 -27.24
C ASP A 216 -84.06 -29.02 -27.07
N ALA A 217 -83.21 -30.04 -27.10
CA ALA A 217 -81.78 -29.82 -26.94
C ALA A 217 -81.23 -28.93 -28.06
N THR A 218 -81.61 -29.23 -29.30
CA THR A 218 -81.13 -28.43 -30.42
C THR A 218 -81.61 -26.98 -30.31
N ASN A 219 -82.87 -26.78 -29.94
CA ASN A 219 -83.40 -25.42 -29.88
C ASN A 219 -82.90 -24.64 -28.68
N ASN A 220 -82.44 -25.33 -27.64
CA ASN A 220 -82.03 -24.65 -26.41
C ASN A 220 -80.52 -24.40 -26.34
N LEU A 221 -79.72 -25.47 -26.48
CA LEU A 221 -78.29 -25.38 -26.17
C LEU A 221 -77.41 -25.30 -27.40
N ILE A 222 -77.97 -24.88 -28.54
CA ILE A 222 -77.17 -24.67 -29.74
C ILE A 222 -77.42 -23.25 -30.24
N GLU A 223 -76.40 -22.66 -30.85
CA GLU A 223 -76.50 -21.30 -31.33
C GLU A 223 -77.48 -21.21 -32.49
N PRO A 224 -78.17 -20.06 -32.63
CA PRO A 224 -79.20 -19.93 -33.66
C PRO A 224 -78.68 -20.20 -35.07
N TRP A 225 -77.59 -19.54 -35.46
CA TRP A 225 -77.06 -19.78 -36.80
C TRP A 225 -76.32 -21.11 -36.87
N TYR A 226 -76.31 -21.87 -35.77
CA TYR A 226 -75.83 -23.25 -35.83
C TYR A 226 -76.98 -24.23 -35.93
N GLN A 227 -78.21 -23.77 -35.71
CA GLN A 227 -79.37 -24.65 -35.71
C GLN A 227 -79.53 -25.35 -37.05
N GLU A 228 -79.63 -24.58 -38.14
CA GLU A 228 -79.88 -25.15 -39.45
C GLU A 228 -78.60 -25.47 -40.19
N ASP A 229 -77.69 -26.19 -39.56
CA ASP A 229 -76.52 -26.47 -40.40
C ASP A 229 -76.77 -27.71 -41.25
N PRO A 230 -76.26 -27.72 -42.49
CA PRO A 230 -76.64 -28.78 -43.44
C PRO A 230 -76.00 -30.14 -43.17
N ASP A 231 -75.17 -30.29 -42.13
CA ASP A 231 -74.52 -31.57 -41.88
C ASP A 231 -74.51 -31.94 -40.41
N LEU A 232 -75.48 -31.46 -39.64
CA LEU A 232 -75.57 -31.85 -38.24
C LEU A 232 -75.96 -33.31 -38.14
N VAL A 233 -75.33 -34.03 -37.20
CA VAL A 233 -75.52 -35.46 -37.04
C VAL A 233 -75.58 -35.78 -35.55
N VAL A 234 -76.40 -36.77 -35.21
CA VAL A 234 -76.51 -37.27 -33.84
C VAL A 234 -75.69 -38.55 -33.71
N ILE A 235 -74.89 -38.62 -32.66
CA ILE A 235 -74.12 -39.80 -32.32
C ILE A 235 -74.78 -40.46 -31.12
N VAL A 236 -75.07 -41.76 -31.26
CA VAL A 236 -75.69 -42.54 -30.19
C VAL A 236 -75.05 -43.92 -30.18
N GLY A 237 -75.12 -44.58 -29.03
CA GLY A 237 -74.46 -45.86 -28.86
C GLY A 237 -75.17 -47.01 -29.53
N ARG A 238 -75.16 -48.18 -28.90
CA ARG A 238 -75.78 -49.37 -29.46
C ARG A 238 -77.08 -49.75 -28.79
N GLN A 239 -77.29 -49.35 -27.54
CA GLN A 239 -78.51 -49.75 -26.84
C GLN A 239 -79.68 -48.84 -27.16
N LEU A 240 -79.43 -47.54 -27.32
CA LEU A 240 -80.49 -46.58 -27.59
C LEU A 240 -80.91 -46.54 -29.05
N LEU A 241 -80.48 -47.50 -29.86
CA LEU A 241 -80.83 -47.47 -31.28
C LEU A 241 -82.32 -47.76 -31.49
N ALA A 242 -82.83 -48.80 -30.84
CA ALA A 242 -84.19 -49.29 -31.06
C ALA A 242 -84.42 -49.66 -32.52
N ASP A 243 -83.35 -50.07 -33.20
CA ASP A 243 -83.33 -50.59 -34.57
C ASP A 243 -83.62 -49.56 -35.64
N LYS A 244 -83.95 -48.32 -35.27
CA LYS A 244 -84.23 -47.28 -36.25
C LYS A 244 -84.25 -45.89 -35.60
N GLN A 267 -80.17 -46.10 -39.64
CA GLN A 267 -79.88 -44.71 -39.98
C GLN A 267 -80.97 -44.12 -40.85
N LYS A 268 -82.21 -44.60 -40.68
CA LYS A 268 -83.32 -44.07 -41.46
C LYS A 268 -83.53 -42.60 -41.16
N ARG A 269 -83.93 -42.29 -39.92
CA ARG A 269 -84.06 -40.91 -39.45
C ARG A 269 -84.41 -40.88 -37.97
N ILE A 270 -84.07 -39.78 -37.30
CA ILE A 270 -84.44 -39.56 -35.90
C ILE A 270 -84.64 -38.06 -35.71
N GLY A 271 -85.77 -37.69 -35.12
CA GLY A 271 -86.12 -36.29 -35.00
C GLY A 271 -86.18 -35.65 -36.37
N ASN A 272 -85.19 -34.80 -36.66
CA ASN A 272 -85.03 -34.24 -38.00
C ASN A 272 -83.59 -34.40 -38.50
N LEU A 273 -82.78 -35.21 -37.82
CA LEU A 273 -81.37 -35.34 -38.12
C LEU A 273 -81.03 -36.79 -38.42
N PRO A 274 -80.09 -37.05 -39.33
CA PRO A 274 -79.65 -38.43 -39.55
C PRO A 274 -78.88 -38.95 -38.35
N ALA A 275 -78.90 -40.26 -38.18
CA ALA A 275 -78.22 -40.92 -37.08
C ALA A 275 -77.10 -41.83 -37.59
N VAL A 276 -76.12 -42.06 -36.73
CA VAL A 276 -75.04 -42.98 -37.05
C VAL A 276 -74.48 -43.52 -35.73
N ARG A 277 -74.20 -44.81 -35.72
CA ARG A 277 -73.63 -45.46 -34.55
C ARG A 277 -72.12 -45.61 -34.71
N VAL A 278 -71.45 -45.81 -33.58
CA VAL A 278 -70.00 -46.04 -33.56
C VAL A 278 -69.73 -47.36 -32.84
N PRO A 279 -68.57 -47.97 -33.12
CA PRO A 279 -68.26 -49.26 -32.49
C PRO A 279 -68.41 -49.25 -30.97
N TYR A 280 -67.70 -48.36 -30.29
CA TYR A 280 -67.75 -48.27 -28.85
C TYR A 280 -68.22 -46.88 -28.43
N PHE A 281 -69.11 -46.84 -27.44
CA PHE A 281 -69.71 -45.59 -27.01
C PHE A 281 -70.36 -45.81 -25.66
N PRO A 282 -70.31 -44.85 -24.75
CA PRO A 282 -70.97 -45.05 -23.44
C PRO A 282 -72.47 -45.12 -23.64
N ALA A 283 -73.07 -46.17 -23.10
CA ALA A 283 -74.53 -46.27 -23.11
C ALA A 283 -75.12 -45.16 -22.26
N ASP A 284 -76.40 -44.87 -22.48
CA ASP A 284 -77.13 -43.82 -21.78
C ASP A 284 -76.46 -42.46 -21.98
N ALA A 285 -75.92 -42.23 -23.18
CA ALA A 285 -75.29 -40.96 -23.50
C ALA A 285 -75.46 -40.69 -24.98
N MET A 286 -75.72 -39.43 -25.32
CA MET A 286 -75.98 -39.04 -26.69
C MET A 286 -75.28 -37.72 -26.98
N LEU A 287 -74.93 -37.50 -28.24
CA LEU A 287 -74.28 -36.27 -28.64
C LEU A 287 -74.86 -35.82 -29.97
N ILE A 288 -74.76 -34.51 -30.24
CA ILE A 288 -75.22 -33.94 -31.51
C ILE A 288 -74.23 -32.86 -31.92
N THR A 289 -73.68 -32.98 -33.12
CA THR A 289 -72.69 -32.03 -33.62
C THR A 289 -72.46 -32.31 -35.09
N LYS A 290 -71.59 -31.51 -35.70
CA LYS A 290 -71.15 -31.79 -37.05
C LYS A 290 -70.04 -32.83 -37.03
N LEU A 291 -70.03 -33.69 -38.04
CA LEU A 291 -69.01 -34.73 -38.13
C LEU A 291 -67.68 -34.20 -38.63
N GLU A 292 -67.49 -32.88 -38.61
CA GLU A 292 -66.22 -32.28 -38.91
C GLU A 292 -65.73 -31.38 -37.78
N ASN A 293 -66.51 -31.20 -36.72
CA ASN A 293 -66.10 -30.32 -35.63
C ASN A 293 -64.95 -30.92 -34.84
N LEU A 294 -65.19 -32.09 -34.24
CA LEU A 294 -64.17 -32.73 -33.42
C LEU A 294 -63.04 -33.28 -34.30
N SER A 295 -61.88 -33.50 -33.69
CA SER A 295 -60.72 -34.00 -34.41
C SER A 295 -59.64 -34.41 -33.43
N ILE A 296 -58.54 -34.93 -33.96
CA ILE A 296 -57.37 -35.28 -33.17
C ILE A 296 -56.16 -34.63 -33.82
N TYR A 297 -55.19 -34.24 -32.99
CA TYR A 297 -53.93 -33.68 -33.46
C TYR A 297 -52.81 -34.64 -33.09
N TYR A 298 -51.82 -34.77 -33.96
CA TYR A 298 -50.69 -35.67 -33.73
C TYR A 298 -49.42 -34.93 -34.10
N MET A 299 -48.45 -34.93 -33.17
CA MET A 299 -47.17 -34.29 -33.44
C MET A 299 -46.45 -35.02 -34.56
N ASP A 300 -45.89 -34.26 -35.49
CA ASP A 300 -45.29 -34.86 -36.68
C ASP A 300 -44.11 -35.74 -36.32
N ASP A 301 -43.05 -35.14 -35.79
CA ASP A 301 -41.80 -35.85 -35.55
C ASP A 301 -41.73 -36.38 -34.12
N SER A 302 -42.67 -37.27 -33.80
CA SER A 302 -42.68 -37.92 -32.51
C SER A 302 -43.00 -39.40 -32.56
N HIS A 303 -43.30 -39.96 -33.73
CA HIS A 303 -43.63 -41.38 -33.83
C HIS A 303 -42.35 -42.19 -33.83
N ARG A 304 -42.12 -42.95 -32.76
CA ARG A 304 -40.89 -43.73 -32.62
C ARG A 304 -41.25 -45.18 -32.29
N ARG A 305 -40.73 -46.10 -33.09
CA ARG A 305 -41.01 -47.52 -32.90
C ARG A 305 -39.70 -48.29 -32.91
N VAL A 306 -39.72 -49.46 -32.27
CA VAL A 306 -38.56 -50.34 -32.24
C VAL A 306 -39.03 -51.76 -31.99
N ILE A 307 -38.50 -52.70 -32.75
CA ILE A 307 -38.83 -54.11 -32.63
C ILE A 307 -37.56 -54.86 -32.24
N GLU A 308 -37.72 -55.96 -31.52
CA GLU A 308 -36.59 -56.81 -31.16
C GLU A 308 -37.11 -58.08 -30.53
N GLU A 309 -36.32 -59.15 -30.63
CA GLU A 309 -36.67 -60.42 -30.03
C GLU A 309 -35.80 -60.66 -28.80
N ASN A 310 -36.30 -61.46 -27.87
CA ASN A 310 -35.50 -61.82 -26.71
C ASN A 310 -35.69 -63.31 -26.43
N PRO A 311 -34.60 -64.07 -26.33
CA PRO A 311 -34.75 -65.50 -26.05
C PRO A 311 -35.49 -65.79 -24.76
N LYS A 312 -35.57 -64.81 -23.87
CA LYS A 312 -36.42 -64.96 -22.69
C LYS A 312 -37.85 -65.26 -23.13
N LEU A 313 -38.40 -66.35 -22.61
CA LEU A 313 -39.75 -66.84 -22.90
C LEU A 313 -40.07 -66.86 -24.40
N ASP A 314 -39.03 -66.95 -25.25
CA ASP A 314 -39.17 -67.27 -26.67
C ASP A 314 -40.20 -66.37 -27.36
N ARG A 315 -39.88 -65.08 -27.41
CA ARG A 315 -40.82 -64.13 -27.97
C ARG A 315 -40.07 -63.04 -28.71
N VAL A 316 -40.80 -62.37 -29.60
CA VAL A 316 -40.34 -61.15 -30.26
C VAL A 316 -41.38 -60.07 -30.00
N GLU A 317 -40.92 -58.91 -29.53
CA GLU A 317 -41.81 -57.84 -29.13
C GLU A 317 -41.49 -56.57 -29.90
N ASN A 318 -42.42 -55.62 -29.80
CA ASN A 318 -42.27 -54.33 -30.43
C ASN A 318 -42.95 -53.27 -29.58
N TYR A 319 -42.35 -52.09 -29.56
CA TYR A 319 -42.89 -50.93 -28.87
C TYR A 319 -43.00 -49.79 -29.87
N GLU A 320 -44.00 -48.93 -29.67
CA GLU A 320 -44.22 -47.82 -30.58
C GLU A 320 -44.96 -46.73 -29.83
N SER A 321 -44.53 -45.48 -30.02
CA SER A 321 -45.09 -44.38 -29.26
C SER A 321 -45.36 -43.21 -30.20
N MET A 322 -46.50 -42.56 -29.99
CA MET A 322 -46.87 -41.34 -30.70
C MET A 322 -47.30 -40.30 -29.69
N ASN A 323 -47.37 -39.05 -30.15
CA ASN A 323 -47.80 -37.92 -29.33
C ASN A 323 -49.07 -37.37 -29.96
N ILE A 324 -50.20 -37.54 -29.25
CA ILE A 324 -51.50 -37.17 -29.79
C ILE A 324 -52.31 -36.43 -28.74
N ASP A 325 -53.35 -35.74 -29.20
CA ASP A 325 -54.28 -35.08 -28.29
C ASP A 325 -55.59 -34.84 -29.02
N TYR A 326 -56.70 -35.21 -28.39
CA TYR A 326 -58.01 -34.97 -28.96
C TYR A 326 -58.41 -33.52 -28.73
N VAL A 327 -59.15 -32.95 -29.69
CA VAL A 327 -59.55 -31.55 -29.59
C VAL A 327 -60.84 -31.32 -30.36
N VAL A 328 -61.78 -30.62 -29.74
CA VAL A 328 -62.99 -30.18 -30.42
C VAL A 328 -62.76 -28.74 -30.87
N GLU A 329 -63.06 -28.46 -32.14
CA GLU A 329 -62.73 -27.16 -32.71
C GLU A 329 -63.65 -26.07 -32.16
N ASP A 330 -64.96 -26.20 -32.38
CA ASP A 330 -65.92 -25.24 -31.87
C ASP A 330 -66.72 -25.86 -30.75
N TYR A 331 -66.97 -25.07 -29.71
CA TYR A 331 -67.76 -25.54 -28.58
C TYR A 331 -69.24 -25.26 -28.74
N ALA A 332 -69.61 -24.13 -29.34
CA ALA A 332 -71.02 -23.77 -29.45
C ALA A 332 -71.75 -24.63 -30.48
N ALA A 333 -71.05 -25.48 -31.22
CA ALA A 333 -71.66 -26.34 -32.24
C ALA A 333 -71.57 -27.79 -31.75
N GLY A 334 -72.63 -28.23 -31.06
CA GLY A 334 -72.65 -29.61 -30.61
C GLY A 334 -72.81 -29.69 -29.10
N CYS A 335 -73.87 -30.39 -28.68
CA CYS A 335 -74.18 -30.58 -27.27
C CYS A 335 -74.38 -32.06 -27.00
N LEU A 336 -74.19 -32.45 -25.74
CA LEU A 336 -74.36 -33.84 -25.34
C LEU A 336 -75.31 -33.92 -24.15
N VAL A 337 -75.89 -35.10 -23.98
CA VAL A 337 -76.75 -35.41 -22.85
C VAL A 337 -76.33 -36.76 -22.28
N GLU A 338 -76.44 -36.88 -20.97
CA GLU A 338 -76.03 -38.09 -20.26
C GLU A 338 -77.16 -38.54 -19.33
N LYS A 339 -76.99 -39.74 -18.78
CA LYS A 339 -77.88 -40.28 -17.75
C LYS A 339 -79.32 -40.33 -18.25
N ILE A 340 -79.55 -41.14 -19.27
CA ILE A 340 -80.87 -41.34 -19.84
C ILE A 340 -81.42 -42.67 -19.35
N LYS A 341 -82.69 -42.65 -18.93
CA LYS A 341 -83.39 -43.86 -18.51
C LYS A 341 -84.34 -44.31 -19.62
N VAL A 342 -84.35 -45.61 -19.89
CA VAL A 342 -85.16 -46.19 -20.95
C VAL A 342 -84.88 -45.52 -22.29
N MET B 1 17.01 -59.09 -7.31
CA MET B 1 16.84 -60.38 -6.66
C MET B 1 16.10 -61.33 -7.58
N ARG B 2 15.03 -60.83 -8.20
CA ARG B 2 14.45 -61.50 -9.35
C ARG B 2 15.31 -61.23 -10.58
N GLN B 3 15.07 -62.00 -11.64
CA GLN B 3 15.93 -61.95 -12.81
C GLN B 3 16.08 -60.52 -13.33
N GLU B 4 14.98 -59.91 -13.74
CA GLU B 4 15.04 -58.54 -14.23
C GLU B 4 15.51 -57.59 -13.13
N THR B 5 15.08 -57.83 -11.89
CA THR B 5 15.51 -56.97 -10.79
C THR B 5 16.98 -57.14 -10.48
N ARG B 6 17.48 -58.38 -10.53
CA ARG B 6 18.92 -58.59 -10.33
C ARG B 6 19.73 -57.90 -11.42
N PHE B 7 19.26 -57.98 -12.67
CA PHE B 7 19.94 -57.30 -13.76
C PHE B 7 19.93 -55.78 -13.54
N LYS B 8 18.79 -55.24 -13.13
CA LYS B 8 18.69 -53.80 -12.90
C LYS B 8 19.58 -53.35 -11.76
N PHE B 9 19.70 -54.18 -10.71
CA PHE B 9 20.56 -53.82 -9.59
C PHE B 9 22.03 -53.87 -9.99
N ASN B 10 22.42 -54.91 -10.73
CA ASN B 10 23.79 -54.99 -11.21
C ASN B 10 24.12 -53.80 -12.13
N ALA B 11 23.12 -53.33 -12.88
CA ALA B 11 23.31 -52.13 -13.68
C ALA B 11 23.41 -50.89 -12.80
N TYR B 12 22.65 -50.86 -11.69
CA TYR B 12 22.81 -49.78 -10.73
C TYR B 12 24.22 -49.69 -10.20
N LEU B 13 24.82 -50.83 -9.86
CA LEU B 13 26.17 -50.84 -9.31
C LEU B 13 27.17 -50.23 -10.29
N SER B 14 27.33 -50.83 -11.46
CA SER B 14 28.28 -50.34 -12.45
C SER B 14 27.84 -48.99 -13.02
N VAL B 27 10.41 -37.57 -14.15
CA VAL B 27 10.06 -36.47 -13.27
C VAL B 27 10.41 -36.83 -11.83
N SER B 28 10.50 -38.13 -11.56
CA SER B 28 10.91 -38.66 -10.25
C SER B 28 9.97 -38.22 -9.14
N LYS B 29 8.69 -38.00 -9.45
CA LYS B 29 7.71 -37.65 -8.43
C LYS B 29 6.49 -38.55 -8.55
N LYS B 30 6.24 -39.08 -9.74
CA LYS B 30 5.15 -40.01 -9.99
C LYS B 30 5.72 -41.28 -10.61
N PHE B 31 4.90 -42.33 -10.62
CA PHE B 31 5.34 -43.66 -11.03
C PHE B 31 4.58 -44.09 -12.27
N THR B 32 5.32 -44.57 -13.27
CA THR B 32 4.76 -45.12 -14.49
C THR B 32 5.41 -46.48 -14.76
N VAL B 33 4.70 -47.34 -15.49
CA VAL B 33 5.27 -48.63 -15.87
C VAL B 33 5.27 -48.78 -17.40
N GLU B 34 4.10 -48.76 -18.03
CA GLU B 34 3.94 -48.94 -19.46
C GLU B 34 2.71 -48.15 -19.91
N PRO B 35 2.71 -47.64 -21.14
CA PRO B 35 1.53 -46.88 -21.61
C PRO B 35 0.34 -47.79 -21.87
N SER B 36 -0.67 -47.71 -21.00
CA SER B 36 -1.89 -48.50 -21.14
C SER B 36 -3.10 -47.56 -21.12
N VAL B 37 -4.30 -48.14 -21.10
CA VAL B 37 -5.51 -47.34 -21.12
C VAL B 37 -5.92 -46.88 -19.74
N THR B 38 -5.88 -47.77 -18.74
CA THR B 38 -6.30 -47.38 -17.40
C THR B 38 -5.37 -46.33 -16.81
N GLN B 39 -4.07 -46.46 -17.03
CA GLN B 39 -3.13 -45.46 -16.56
C GLN B 39 -3.40 -44.12 -17.21
N THR B 40 -3.70 -44.12 -18.51
CA THR B 40 -3.99 -42.86 -19.19
C THR B 40 -5.25 -42.21 -18.63
N LEU B 41 -6.30 -43.01 -18.40
CA LEU B 41 -7.53 -42.47 -17.83
C LEU B 41 -7.28 -41.90 -16.44
N MET B 42 -6.52 -42.61 -15.61
CA MET B 42 -6.24 -42.13 -14.27
C MET B 42 -5.43 -40.83 -14.31
N ASN B 43 -4.44 -40.75 -15.20
CA ASN B 43 -3.66 -39.53 -15.32
C ASN B 43 -4.55 -38.36 -15.73
N THR B 44 -5.45 -38.60 -16.68
CA THR B 44 -6.38 -37.55 -17.09
C THR B 44 -7.23 -37.09 -15.92
N MET B 45 -7.79 -38.04 -15.16
CA MET B 45 -8.63 -37.69 -14.02
C MET B 45 -7.85 -36.89 -12.99
N GLN B 46 -6.58 -37.24 -12.80
CA GLN B 46 -5.74 -36.48 -11.86
C GLN B 46 -5.53 -35.06 -12.36
N GLU B 47 -5.17 -34.91 -13.63
CA GLU B 47 -4.89 -33.59 -14.17
C GLU B 47 -6.14 -32.73 -14.19
N SER B 48 -7.32 -33.36 -14.15
CA SER B 48 -8.56 -32.60 -14.16
C SER B 48 -8.67 -31.69 -12.94
N SER B 49 -8.76 -32.27 -11.76
CA SER B 49 -8.91 -31.52 -10.52
C SER B 49 -7.56 -31.02 -10.06
N ASP B 50 -7.55 -30.30 -8.93
CA ASP B 50 -6.29 -29.76 -8.42
C ASP B 50 -5.81 -30.53 -7.21
N PHE B 51 -6.74 -30.97 -6.35
CA PHE B 51 -6.33 -31.70 -5.15
C PHE B 51 -5.68 -33.01 -5.50
N LEU B 52 -6.10 -33.63 -6.61
CA LEU B 52 -5.49 -34.90 -7.00
C LEU B 52 -4.06 -34.71 -7.49
N THR B 53 -3.69 -33.48 -7.82
CA THR B 53 -2.32 -33.22 -8.25
C THR B 53 -1.35 -33.39 -7.08
N ARG B 54 -1.76 -32.94 -5.89
CA ARG B 54 -0.91 -33.04 -4.71
C ARG B 54 -1.18 -34.32 -3.95
N ILE B 55 -1.15 -35.47 -4.63
CA ILE B 55 -1.40 -36.75 -4.00
C ILE B 55 -0.83 -37.81 -4.92
N ASN B 56 -0.58 -39.00 -4.37
CA ASN B 56 0.05 -40.07 -5.14
C ASN B 56 -1.00 -41.09 -5.56
N ILE B 57 -1.22 -41.19 -6.86
CA ILE B 57 -2.07 -42.20 -7.47
C ILE B 57 -1.13 -43.21 -8.12
N VAL B 58 -0.99 -44.37 -7.51
CA VAL B 58 0.04 -45.33 -7.87
C VAL B 58 -0.59 -46.54 -8.56
N PRO B 59 -0.12 -46.92 -9.74
CA PRO B 59 -0.57 -48.19 -10.34
C PRO B 59 0.23 -49.36 -9.79
N VAL B 60 -0.46 -50.42 -9.39
CA VAL B 60 0.19 -51.61 -8.86
C VAL B 60 -0.25 -52.81 -9.66
N SER B 61 0.58 -53.84 -9.69
CA SER B 61 0.34 -55.03 -10.50
C SER B 61 0.15 -56.28 -9.65
N GLU B 62 -0.61 -56.15 -8.57
CA GLU B 62 -0.84 -57.28 -7.67
C GLU B 62 -2.14 -57.06 -6.91
N MET B 63 -2.82 -58.14 -6.59
CA MET B 63 -4.08 -58.04 -5.87
C MET B 63 -3.88 -57.84 -4.37
N LYS B 64 -2.74 -58.24 -3.82
CA LYS B 64 -2.48 -58.06 -2.40
C LYS B 64 -1.00 -58.24 -2.11
N GLY B 65 -0.44 -57.38 -1.26
CA GLY B 65 0.96 -57.52 -0.90
C GLY B 65 1.51 -56.37 -0.07
N GLU B 66 2.69 -55.89 -0.44
CA GLU B 66 3.37 -54.87 0.35
C GLU B 66 3.24 -53.51 -0.32
N LYS B 67 3.14 -52.46 0.51
CA LYS B 67 3.09 -51.11 -0.02
C LYS B 67 4.49 -50.52 -0.10
N ILE B 68 4.64 -49.53 -0.97
CA ILE B 68 5.93 -48.85 -1.12
C ILE B 68 5.97 -47.67 -0.16
N GLY B 69 7.17 -47.18 0.13
CA GLY B 69 7.28 -46.08 1.07
C GLY B 69 7.62 -44.78 0.37
N ILE B 70 6.91 -43.72 0.74
CA ILE B 70 7.16 -42.38 0.22
C ILE B 70 7.18 -41.42 1.39
N GLY B 71 8.20 -40.56 1.44
CA GLY B 71 8.30 -39.58 2.49
C GLY B 71 8.50 -40.17 3.87
N VAL B 72 9.18 -41.32 3.93
CA VAL B 72 9.53 -41.96 5.20
C VAL B 72 10.98 -41.65 5.49
N THR B 73 11.27 -41.23 6.72
CA THR B 73 12.62 -40.87 7.12
C THR B 73 12.89 -41.43 8.51
N GLY B 74 14.01 -42.14 8.65
CA GLY B 74 14.40 -42.67 9.94
C GLY B 74 15.90 -42.48 10.15
N SER B 75 16.24 -42.03 11.36
CA SER B 75 17.62 -41.74 11.69
C SER B 75 18.46 -43.00 11.58
N ILE B 76 19.45 -42.98 10.69
CA ILE B 76 20.33 -44.13 10.48
C ILE B 76 21.78 -43.72 10.61
N ALA B 77 22.33 -43.82 11.82
CA ALA B 77 23.73 -43.53 12.06
C ALA B 77 24.10 -44.01 13.44
N SER B 78 25.36 -44.41 13.60
CA SER B 78 25.88 -44.84 14.89
C SER B 78 27.38 -44.90 14.79
N THR B 79 28.01 -45.46 15.82
CA THR B 79 29.45 -45.70 15.84
C THR B 79 29.71 -46.91 16.71
N THR B 80 30.50 -47.85 16.20
CA THR B 80 30.74 -49.12 16.86
C THR B 80 32.22 -49.45 16.81
N ASP B 81 32.75 -49.96 17.92
CA ASP B 81 34.15 -50.34 18.02
C ASP B 81 34.34 -51.70 17.35
N THR B 82 34.46 -51.70 16.03
CA THR B 82 34.72 -52.94 15.31
C THR B 82 36.05 -53.54 15.71
N ALA B 83 36.95 -52.72 16.23
CA ALA B 83 38.26 -53.23 16.64
C ALA B 83 38.14 -54.02 17.94
N GLY B 84 38.08 -55.34 17.81
CA GLY B 84 38.06 -56.21 18.97
C GLY B 84 36.82 -56.04 19.84
N GLY B 85 35.67 -56.43 19.32
CA GLY B 85 34.45 -56.33 20.10
C GLY B 85 33.24 -56.72 19.28
N THR B 86 32.18 -55.95 19.46
CA THR B 86 30.91 -56.26 18.81
C THR B 86 30.98 -56.01 17.31
N GLU B 87 29.93 -56.44 16.62
CA GLU B 87 29.85 -56.25 15.18
C GLU B 87 28.92 -55.09 14.84
N ARG B 88 28.67 -54.91 13.55
CA ARG B 88 27.81 -53.84 13.10
C ARG B 88 26.49 -54.41 12.60
N GLN B 89 25.43 -54.22 13.38
CA GLN B 89 24.09 -54.67 12.99
C GLN B 89 23.38 -53.53 12.28
N PRO B 90 23.18 -53.60 10.97
CA PRO B 90 22.51 -52.50 10.27
C PRO B 90 21.05 -52.40 10.65
N LYS B 91 20.55 -51.17 10.68
CA LYS B 91 19.14 -50.93 10.93
C LYS B 91 18.36 -51.00 9.62
N ASP B 92 17.07 -51.30 9.73
CA ASP B 92 16.22 -51.39 8.55
C ASP B 92 16.06 -50.02 7.90
N PHE B 93 15.87 -50.03 6.58
CA PHE B 93 15.73 -48.77 5.86
C PHE B 93 14.27 -48.39 5.68
N SER B 94 13.41 -49.37 5.42
CA SER B 94 11.98 -49.12 5.21
C SER B 94 11.21 -50.14 6.05
N LYS B 95 10.94 -49.79 7.29
CA LYS B 95 10.15 -50.63 8.21
C LYS B 95 9.12 -49.74 8.86
N LEU B 96 7.86 -49.95 8.50
CA LEU B 96 6.77 -49.10 8.95
C LEU B 96 6.01 -49.82 10.06
N ALA B 97 4.90 -49.21 10.50
CA ALA B 97 4.12 -49.80 11.59
C ALA B 97 3.38 -51.05 11.13
N SER B 98 2.46 -50.89 10.18
CA SER B 98 1.74 -52.01 9.61
C SER B 98 1.49 -51.71 8.14
N ASN B 99 1.70 -52.70 7.29
CA ASN B 99 1.66 -52.45 5.85
C ASN B 99 1.16 -53.71 5.13
N LYS B 100 -0.14 -53.72 4.85
CA LYS B 100 -0.75 -54.79 4.07
C LYS B 100 -2.01 -54.21 3.42
N TYR B 101 -1.90 -53.87 2.14
CA TYR B 101 -3.02 -53.28 1.41
C TYR B 101 -3.78 -54.36 0.66
N GLU B 102 -5.09 -54.14 0.50
CA GLU B 102 -5.99 -55.10 -0.14
C GLU B 102 -6.88 -54.35 -1.12
N CYS B 103 -6.56 -54.42 -2.40
CA CYS B 103 -7.30 -53.68 -3.40
C CYS B 103 -8.65 -54.35 -3.66
N ASP B 104 -9.67 -53.54 -3.90
CA ASP B 104 -11.01 -54.04 -4.17
C ASP B 104 -11.66 -53.18 -5.24
N GLN B 105 -12.70 -53.72 -5.87
CA GLN B 105 -13.33 -53.04 -6.99
C GLN B 105 -14.46 -52.14 -6.53
N ILE B 106 -14.63 -51.03 -7.23
CA ILE B 106 -15.84 -50.21 -7.17
C ILE B 106 -16.23 -49.88 -8.60
N ASN B 107 -17.52 -49.64 -8.82
CA ASN B 107 -18.03 -49.44 -10.17
C ASN B 107 -19.05 -48.32 -10.19
N PHE B 108 -18.98 -47.52 -11.24
CA PHE B 108 -19.98 -46.51 -11.55
C PHE B 108 -20.87 -47.02 -12.68
N ASP B 109 -22.09 -46.50 -12.73
CA ASP B 109 -23.07 -46.99 -13.70
C ASP B 109 -24.19 -45.99 -13.82
N PHE B 110 -24.44 -45.50 -15.03
CA PHE B 110 -25.47 -44.48 -15.21
C PHE B 110 -26.18 -44.67 -16.54
N TYR B 111 -27.12 -43.77 -16.82
CA TYR B 111 -27.91 -43.84 -18.03
C TYR B 111 -28.40 -42.46 -18.42
N ILE B 112 -28.65 -42.29 -19.70
CA ILE B 112 -29.21 -41.06 -20.26
C ILE B 112 -30.52 -41.41 -20.96
N ARG B 113 -31.54 -40.59 -20.74
CA ARG B 113 -32.81 -40.84 -21.40
C ARG B 113 -32.75 -40.39 -22.86
N TYR B 114 -33.65 -40.97 -23.67
CA TYR B 114 -33.65 -40.67 -25.09
C TYR B 114 -33.94 -39.19 -25.36
N LYS B 115 -34.85 -38.59 -24.59
CA LYS B 115 -35.19 -37.19 -24.82
C LYS B 115 -33.97 -36.30 -24.59
N THR B 116 -33.34 -36.43 -23.42
CA THR B 116 -32.18 -35.62 -23.11
C THR B 116 -31.03 -35.92 -24.07
N LEU B 117 -30.87 -37.18 -24.45
CA LEU B 117 -29.82 -37.53 -25.40
C LEU B 117 -30.04 -36.83 -26.74
N ASP B 118 -31.28 -36.80 -27.21
CA ASP B 118 -31.56 -36.11 -28.47
C ASP B 118 -31.33 -34.62 -28.35
N LEU B 119 -31.82 -34.03 -27.26
CA LEU B 119 -31.64 -32.59 -27.05
C LEU B 119 -30.16 -32.22 -27.05
N TRP B 120 -29.33 -33.03 -26.39
CA TRP B 120 -27.89 -32.76 -26.39
C TRP B 120 -27.26 -32.99 -27.74
N ALA B 121 -27.62 -34.08 -28.43
CA ALA B 121 -27.01 -34.38 -29.73
C ALA B 121 -27.43 -33.38 -30.80
N ARG B 122 -28.47 -32.59 -30.55
CA ARG B 122 -28.89 -31.60 -31.54
C ARG B 122 -27.78 -30.61 -31.83
N TYR B 123 -27.11 -30.11 -30.79
CA TYR B 123 -26.03 -29.15 -30.99
C TYR B 123 -24.70 -29.88 -31.12
N GLN B 124 -23.79 -29.26 -31.88
CA GLN B 124 -22.48 -29.85 -32.10
C GLN B 124 -21.65 -29.80 -30.81
N ASP B 125 -20.51 -30.49 -30.86
CA ASP B 125 -19.57 -30.58 -29.74
C ASP B 125 -20.24 -31.07 -28.47
N PHE B 126 -20.87 -32.24 -28.51
CA PHE B 126 -21.54 -32.75 -27.31
C PHE B 126 -20.75 -33.89 -26.69
N GLN B 127 -20.03 -34.66 -27.49
CA GLN B 127 -19.28 -35.80 -26.96
C GLN B 127 -18.17 -35.32 -26.03
N LEU B 128 -17.44 -34.27 -26.43
CA LEU B 128 -16.38 -33.75 -25.59
C LEU B 128 -16.93 -33.20 -24.28
N ARG B 129 -18.06 -32.49 -24.35
CA ARG B 129 -18.67 -31.98 -23.13
C ARG B 129 -19.09 -33.12 -22.22
N ILE B 130 -19.67 -34.18 -22.78
CA ILE B 130 -20.08 -35.31 -21.96
C ILE B 130 -18.87 -35.97 -21.30
N ARG B 131 -17.78 -36.13 -22.06
CA ARG B 131 -16.58 -36.74 -21.50
C ARG B 131 -16.03 -35.92 -20.35
N ASN B 132 -15.90 -34.61 -20.55
CA ASN B 132 -15.39 -33.76 -19.48
C ASN B 132 -16.32 -33.78 -18.28
N ALA B 133 -17.63 -33.81 -18.51
CA ALA B 133 -18.58 -33.81 -17.42
C ALA B 133 -18.45 -35.07 -16.58
N ILE B 134 -18.34 -36.24 -17.23
CA ILE B 134 -18.26 -37.48 -16.47
C ILE B 134 -16.93 -37.59 -15.74
N ILE B 135 -15.85 -37.10 -16.36
CA ILE B 135 -14.56 -37.13 -15.68
C ILE B 135 -14.59 -36.26 -14.43
N LYS B 136 -15.14 -35.05 -14.56
CA LYS B 136 -15.28 -34.17 -13.41
C LYS B 136 -16.18 -34.77 -12.34
N ARG B 137 -17.28 -35.40 -12.72
CA ARG B 137 -18.17 -36.06 -11.77
C ARG B 137 -17.51 -37.25 -11.09
N GLN B 138 -16.54 -37.88 -11.74
CA GLN B 138 -15.84 -39.04 -11.19
C GLN B 138 -14.73 -38.67 -10.22
N SER B 139 -13.97 -37.62 -10.52
CA SER B 139 -12.84 -37.28 -9.64
C SER B 139 -13.33 -36.82 -8.27
N LEU B 140 -14.22 -35.84 -8.25
CA LEU B 140 -14.84 -35.41 -7.00
C LEU B 140 -15.48 -36.59 -6.27
N ASP B 141 -15.97 -37.58 -7.01
CA ASP B 141 -16.56 -38.75 -6.36
C ASP B 141 -15.49 -39.59 -5.66
N PHE B 142 -14.36 -39.81 -6.32
CA PHE B 142 -13.21 -40.41 -5.64
C PHE B 142 -12.92 -39.72 -4.32
N ILE B 143 -12.81 -38.39 -4.35
CA ILE B 143 -12.48 -37.66 -3.12
C ILE B 143 -13.55 -37.88 -2.06
N MET B 144 -14.80 -37.64 -2.42
CA MET B 144 -15.90 -37.72 -1.45
C MET B 144 -15.98 -39.10 -0.82
N ALA B 145 -15.81 -40.14 -1.63
CA ALA B 145 -15.87 -41.50 -1.09
C ALA B 145 -14.65 -41.79 -0.24
N GLY B 146 -13.49 -41.25 -0.62
CA GLY B 146 -12.28 -41.55 0.13
C GLY B 146 -12.30 -40.98 1.53
N PHE B 147 -12.70 -39.71 1.66
CA PHE B 147 -12.61 -39.10 2.99
C PHE B 147 -13.70 -39.59 3.93
N ASN B 148 -14.88 -39.90 3.41
CA ASN B 148 -15.95 -40.54 4.15
C ASN B 148 -15.83 -42.06 3.97
N GLY B 149 -16.91 -42.79 4.26
CA GLY B 149 -16.90 -44.21 3.98
C GLY B 149 -16.24 -45.08 5.02
N VAL B 150 -16.89 -45.19 6.19
CA VAL B 150 -16.36 -46.04 7.27
C VAL B 150 -16.02 -47.42 6.76
N LYS B 151 -17.02 -48.16 6.27
CA LYS B 151 -16.81 -49.55 5.89
C LYS B 151 -17.43 -49.84 4.53
N ARG B 152 -16.96 -50.92 3.92
CA ARG B 152 -17.47 -51.37 2.63
C ARG B 152 -18.47 -52.50 2.86
N ALA B 153 -19.61 -52.40 2.19
CA ALA B 153 -20.64 -53.44 2.26
C ALA B 153 -21.19 -53.66 0.86
N GLU B 154 -21.20 -54.91 0.43
CA GLU B 154 -21.77 -55.25 -0.87
C GLU B 154 -23.23 -54.84 -0.93
N THR B 155 -23.71 -54.60 -2.15
CA THR B 155 -25.07 -54.08 -2.39
C THR B 155 -25.27 -52.78 -1.62
N SER B 156 -24.43 -51.79 -1.91
CA SER B 156 -24.53 -50.50 -1.25
C SER B 156 -25.75 -49.74 -1.76
N ASP B 157 -26.60 -49.31 -0.84
CA ASP B 157 -27.76 -48.50 -1.17
C ASP B 157 -27.48 -47.04 -0.86
N ARG B 158 -28.04 -46.16 -1.69
CA ARG B 158 -27.88 -44.73 -1.50
C ARG B 158 -29.15 -44.09 -0.94
N SER B 159 -29.90 -44.83 -0.13
CA SER B 159 -31.10 -44.27 0.50
C SER B 159 -30.73 -43.47 1.74
N SER B 160 -30.13 -44.13 2.72
CA SER B 160 -29.78 -43.50 3.98
C SER B 160 -28.30 -43.14 4.08
N ASN B 161 -27.54 -43.29 2.99
CA ASN B 161 -26.12 -42.95 2.97
C ASN B 161 -25.86 -41.98 1.82
N PRO B 162 -26.38 -40.76 1.91
CA PRO B 162 -26.22 -39.82 0.79
C PRO B 162 -24.82 -39.28 0.67
N MET B 163 -24.06 -39.26 1.77
CA MET B 163 -22.68 -38.80 1.76
C MET B 163 -21.70 -39.87 1.28
N LEU B 164 -22.21 -40.94 0.66
CA LEU B 164 -21.37 -41.99 0.10
C LEU B 164 -20.52 -42.65 1.19
N GLN B 165 -21.19 -43.26 2.16
CA GLN B 165 -20.51 -43.76 3.34
C GLN B 165 -20.43 -45.28 3.35
N ASP B 166 -20.50 -45.92 2.19
CA ASP B 166 -20.53 -47.37 2.16
C ASP B 166 -19.73 -47.98 1.03
N VAL B 167 -18.94 -47.18 0.32
CA VAL B 167 -18.21 -47.70 -0.83
C VAL B 167 -16.98 -48.48 -0.38
N ALA B 168 -16.05 -47.80 0.28
CA ALA B 168 -14.82 -48.46 0.71
C ALA B 168 -14.31 -47.78 1.97
N VAL B 169 -13.40 -48.47 2.65
CA VAL B 169 -12.80 -47.92 3.87
C VAL B 169 -11.96 -46.71 3.50
N GLY B 170 -12.11 -45.63 4.26
CA GLY B 170 -11.43 -44.39 3.98
C GLY B 170 -10.25 -44.16 4.90
N TRP B 171 -9.50 -43.10 4.58
CA TRP B 171 -8.33 -42.76 5.38
C TRP B 171 -8.69 -42.56 6.85
N LEU B 172 -9.81 -41.90 7.11
CA LEU B 172 -10.22 -41.66 8.49
C LEU B 172 -10.51 -42.97 9.21
N GLN B 173 -11.27 -43.86 8.57
CA GLN B 173 -11.52 -45.14 9.21
C GLN B 173 -10.26 -45.99 9.32
N LYS B 174 -9.34 -45.83 8.37
CA LYS B 174 -8.05 -46.49 8.48
C LYS B 174 -7.34 -46.07 9.76
N TYR B 175 -7.29 -44.76 10.01
CA TYR B 175 -6.71 -44.28 11.25
C TYR B 175 -7.48 -44.79 12.46
N ARG B 176 -8.79 -44.84 12.37
CA ARG B 176 -9.60 -45.23 13.52
C ARG B 176 -9.33 -46.67 13.93
N ASN B 177 -9.38 -47.60 12.97
CA ASN B 177 -9.31 -49.01 13.33
C ASN B 177 -8.00 -49.69 12.92
N GLU B 178 -6.96 -48.94 12.60
CA GLU B 178 -5.69 -49.58 12.29
C GLU B 178 -4.57 -49.12 13.20
N ALA B 179 -4.59 -47.85 13.62
CA ALA B 179 -3.56 -47.30 14.51
C ALA B 179 -4.21 -46.35 15.49
N PRO B 180 -4.81 -46.88 16.56
CA PRO B 180 -5.34 -46.02 17.61
C PRO B 180 -4.23 -45.33 18.36
N ALA B 181 -4.57 -44.59 19.41
CA ALA B 181 -3.66 -43.72 20.17
C ALA B 181 -3.13 -42.58 19.31
N ARG B 182 -3.57 -42.46 18.06
CA ARG B 182 -3.27 -41.31 17.21
C ARG B 182 -4.51 -40.48 16.94
N VAL B 183 -5.62 -40.79 17.58
CA VAL B 183 -6.86 -40.03 17.44
C VAL B 183 -7.19 -39.40 18.79
N MET B 184 -8.10 -38.44 18.75
CA MET B 184 -8.57 -37.77 19.96
C MET B 184 -10.08 -37.65 19.85
N SER B 185 -10.80 -38.34 20.73
CA SER B 185 -12.25 -38.39 20.66
C SER B 185 -12.96 -38.12 21.97
N LYS B 186 -12.24 -37.90 23.07
CA LYS B 186 -12.88 -37.72 24.35
C LYS B 186 -11.88 -37.16 25.36
N VAL B 187 -12.38 -36.30 26.25
CA VAL B 187 -11.59 -35.88 27.40
C VAL B 187 -11.90 -36.80 28.56
N THR B 188 -10.86 -37.47 29.08
CA THR B 188 -11.05 -38.52 30.07
C THR B 188 -10.31 -38.16 31.35
N ASP B 189 -10.53 -38.99 32.38
CA ASP B 189 -9.85 -38.88 33.65
C ASP B 189 -9.51 -40.28 34.14
N GLU B 190 -8.58 -40.35 35.09
CA GLU B 190 -8.16 -41.64 35.62
C GLU B 190 -9.32 -42.38 36.27
N GLU B 191 -10.33 -41.66 36.76
CA GLU B 191 -11.55 -42.26 37.27
C GLU B 191 -12.71 -42.10 36.30
N GLY B 192 -12.78 -40.98 35.60
CA GLY B 192 -13.81 -40.76 34.59
C GLY B 192 -13.31 -41.13 33.21
N ARG B 193 -13.68 -42.32 32.74
CA ARG B 193 -13.25 -42.77 31.42
C ARG B 193 -13.80 -41.86 30.33
N THR B 194 -14.96 -41.25 30.58
CA THR B 194 -15.53 -40.23 29.69
C THR B 194 -15.90 -39.04 30.54
N THR B 195 -14.94 -38.16 30.80
CA THR B 195 -15.24 -36.92 31.50
C THR B 195 -15.98 -35.96 30.59
N SER B 196 -15.76 -36.08 29.28
CA SER B 196 -16.43 -35.25 28.29
C SER B 196 -16.47 -36.02 26.98
N GLU B 197 -17.67 -36.20 26.43
CA GLU B 197 -17.80 -36.97 25.20
C GLU B 197 -17.28 -36.18 24.00
N VAL B 198 -17.46 -34.85 24.02
CA VAL B 198 -17.10 -34.01 22.91
C VAL B 198 -16.05 -32.99 23.37
N ILE B 199 -15.12 -32.67 22.48
CA ILE B 199 -14.03 -31.76 22.79
C ILE B 199 -14.51 -30.32 22.65
N ARG B 200 -14.98 -29.74 23.75
CA ARG B 200 -15.48 -28.37 23.72
C ARG B 200 -14.32 -27.39 23.56
N VAL B 201 -14.44 -26.51 22.57
CA VAL B 201 -13.43 -25.50 22.28
C VAL B 201 -14.09 -24.13 22.30
N GLY B 202 -13.81 -23.36 23.33
CA GLY B 202 -14.41 -22.04 23.44
C GLY B 202 -13.78 -21.28 24.60
N LYS B 203 -14.56 -20.31 25.10
CA LYS B 203 -14.06 -19.48 26.19
C LYS B 203 -14.05 -20.25 27.50
N GLY B 204 -14.96 -21.19 27.67
CA GLY B 204 -15.03 -22.00 28.87
C GLY B 204 -14.82 -23.48 28.66
N GLY B 205 -14.46 -23.90 27.46
CA GLY B 205 -14.34 -25.31 27.18
C GLY B 205 -13.02 -25.89 27.63
N ASP B 206 -12.59 -26.94 26.91
CA ASP B 206 -11.36 -27.63 27.26
C ASP B 206 -10.14 -27.02 26.60
N TYR B 207 -10.33 -25.94 25.85
CA TYR B 207 -9.24 -25.28 25.15
C TYR B 207 -9.50 -23.78 25.12
N ALA B 208 -8.60 -23.05 24.46
CA ALA B 208 -8.80 -21.63 24.23
C ALA B 208 -9.35 -21.37 22.84
N SER B 209 -8.70 -21.93 21.83
CA SER B 209 -9.14 -21.78 20.44
C SER B 209 -8.50 -22.89 19.62
N LEU B 210 -8.88 -22.97 18.35
CA LEU B 210 -8.37 -24.01 17.48
C LEU B 210 -6.85 -23.96 17.38
N ASP B 211 -6.26 -22.77 17.51
CA ASP B 211 -4.81 -22.66 17.40
C ASP B 211 -4.10 -23.48 18.45
N ALA B 212 -4.48 -23.30 19.72
CA ALA B 212 -3.89 -24.10 20.79
C ALA B 212 -4.16 -25.58 20.58
N LEU B 213 -5.33 -25.91 20.04
CA LEU B 213 -5.67 -27.31 19.79
C LEU B 213 -4.70 -27.95 18.81
N VAL B 214 -4.61 -27.39 17.61
CA VAL B 214 -3.69 -27.96 16.62
C VAL B 214 -2.26 -27.89 17.13
N MET B 215 -1.95 -26.90 17.97
CA MET B 215 -0.59 -26.75 18.46
C MET B 215 -0.20 -27.92 19.37
N ASP B 216 -0.96 -28.12 20.45
CA ASP B 216 -0.56 -29.21 21.34
C ASP B 216 -0.79 -30.57 20.69
N ALA B 217 -1.70 -30.65 19.71
CA ALA B 217 -1.89 -31.90 19.00
C ALA B 217 -0.65 -32.25 18.19
N THR B 218 -0.14 -31.29 17.41
CA THR B 218 1.08 -31.55 16.65
C THR B 218 2.30 -31.64 17.56
N ASN B 219 2.19 -31.18 18.80
CA ASN B 219 3.30 -31.37 19.73
C ASN B 219 3.34 -32.78 20.28
N ASN B 220 2.19 -33.30 20.74
CA ASN B 220 2.19 -34.56 21.48
C ASN B 220 2.11 -35.78 20.57
N LEU B 221 1.18 -35.80 19.61
CA LEU B 221 0.79 -37.04 18.98
C LEU B 221 1.79 -37.50 17.93
N ILE B 222 2.01 -36.71 16.88
CA ILE B 222 2.86 -37.16 15.79
C ILE B 222 4.30 -37.29 16.27
N GLU B 223 5.08 -38.09 15.53
CA GLU B 223 6.42 -38.44 15.93
C GLU B 223 7.37 -37.27 15.79
N PRO B 224 8.46 -37.25 16.57
CA PRO B 224 9.40 -36.13 16.49
C PRO B 224 10.05 -35.96 15.13
N TRP B 225 10.12 -37.01 14.31
CA TRP B 225 10.76 -36.88 13.01
C TRP B 225 9.96 -35.97 12.10
N TYR B 226 8.71 -36.35 11.81
CA TYR B 226 7.89 -35.54 10.92
C TYR B 226 7.45 -34.25 11.60
N GLN B 227 7.56 -34.19 12.93
CA GLN B 227 7.21 -32.97 13.65
C GLN B 227 8.04 -31.78 13.18
N GLU B 228 9.32 -31.98 12.89
CA GLU B 228 10.21 -30.93 12.40
C GLU B 228 10.33 -31.14 10.89
N ASP B 229 9.33 -30.66 10.15
CA ASP B 229 9.32 -30.90 8.72
C ASP B 229 8.94 -29.62 7.97
N PRO B 230 9.57 -29.36 6.83
CA PRO B 230 9.20 -28.16 6.06
C PRO B 230 7.85 -28.27 5.37
N ASP B 231 7.16 -29.40 5.47
CA ASP B 231 5.88 -29.59 4.79
C ASP B 231 4.90 -30.27 5.74
N LEU B 232 3.89 -29.53 6.17
CA LEU B 232 2.78 -30.09 6.92
C LEU B 232 1.54 -29.29 6.58
N VAL B 233 0.39 -29.97 6.56
CA VAL B 233 -0.87 -29.34 6.20
C VAL B 233 -1.94 -29.81 7.17
N VAL B 234 -2.86 -28.91 7.49
CA VAL B 234 -3.99 -29.23 8.36
C VAL B 234 -5.28 -29.30 7.55
N ILE B 235 -5.61 -30.49 7.08
CA ILE B 235 -6.81 -30.66 6.26
C ILE B 235 -8.03 -30.52 7.16
N VAL B 236 -8.89 -29.57 6.84
CA VAL B 236 -10.08 -29.28 7.62
C VAL B 236 -11.22 -28.95 6.67
N GLY B 237 -12.45 -29.18 7.12
CA GLY B 237 -13.62 -28.90 6.32
C GLY B 237 -13.85 -27.43 6.07
N ARG B 238 -15.06 -27.06 5.64
CA ARG B 238 -15.37 -25.67 5.37
C ARG B 238 -16.13 -24.99 6.49
N GLN B 239 -17.01 -25.72 7.18
CA GLN B 239 -17.79 -25.11 8.24
C GLN B 239 -16.91 -24.58 9.35
N LEU B 240 -15.92 -25.36 9.77
CA LEU B 240 -15.09 -24.97 10.90
C LEU B 240 -14.17 -23.80 10.54
N LEU B 241 -13.59 -23.84 9.34
CA LEU B 241 -12.72 -22.75 8.92
C LEU B 241 -13.47 -21.43 8.88
N ALA B 242 -14.65 -21.42 8.29
CA ALA B 242 -15.45 -20.21 8.24
C ALA B 242 -15.91 -19.79 9.63
N ASP B 243 -16.25 -20.76 10.48
CA ASP B 243 -16.62 -20.44 11.85
C ASP B 243 -15.48 -19.76 12.59
N LYS B 244 -14.24 -20.12 12.27
CA LYS B 244 -13.11 -19.46 12.93
C LYS B 244 -12.84 -18.09 12.35
N TYR B 245 -12.81 -17.96 11.03
CA TYR B 245 -12.44 -16.69 10.41
C TYR B 245 -13.58 -15.69 10.31
N PHE B 246 -14.81 -16.06 10.70
CA PHE B 246 -15.91 -15.11 10.58
C PHE B 246 -15.85 -14.01 11.64
N PRO B 247 -15.66 -14.30 12.94
CA PRO B 247 -15.66 -13.20 13.91
C PRO B 247 -14.52 -12.22 13.73
N ILE B 248 -13.49 -12.59 12.96
CA ILE B 248 -12.42 -11.64 12.67
C ILE B 248 -12.91 -10.55 11.71
N VAL B 249 -13.58 -10.97 10.64
CA VAL B 249 -14.06 -9.99 9.66
C VAL B 249 -15.21 -9.17 10.22
N ASN B 250 -16.00 -9.77 11.13
CA ASN B 250 -17.16 -9.09 11.72
C ASN B 250 -16.71 -8.14 12.82
N LYS B 251 -15.87 -7.19 12.43
CA LYS B 251 -15.37 -6.18 13.36
C LYS B 251 -15.08 -4.90 12.59
N GLU B 252 -14.75 -3.84 13.33
CA GLU B 252 -14.62 -2.51 12.77
C GLU B 252 -13.20 -2.00 13.00
N GLN B 253 -12.35 -2.12 11.98
CA GLN B 253 -11.00 -1.57 12.01
C GLN B 253 -10.39 -1.55 10.61
N ALA B 261 -6.71 -4.08 6.86
CA ALA B 261 -6.02 -5.36 6.81
C ALA B 261 -6.98 -6.48 6.39
N ASP B 262 -6.79 -6.98 5.18
CA ASP B 262 -7.62 -8.05 4.63
C ASP B 262 -6.80 -9.20 4.07
N VAL B 263 -5.47 -9.09 4.11
CA VAL B 263 -4.61 -10.16 3.59
C VAL B 263 -4.75 -11.42 4.44
N ILE B 264 -5.24 -11.27 5.67
CA ILE B 264 -5.32 -12.41 6.59
C ILE B 264 -6.34 -13.43 6.10
N ILE B 265 -7.08 -13.11 5.05
CA ILE B 265 -8.05 -14.05 4.50
C ILE B 265 -7.46 -14.79 3.31
N SER B 266 -6.29 -14.36 2.86
CA SER B 266 -5.70 -14.95 1.66
C SER B 266 -4.86 -16.17 2.01
N GLN B 267 -4.06 -16.08 3.08
CA GLN B 267 -3.15 -17.17 3.40
C GLN B 267 -3.85 -18.27 4.20
N LYS B 268 -4.68 -17.89 5.15
CA LYS B 268 -5.49 -18.81 5.94
C LYS B 268 -4.61 -19.83 6.67
N ARG B 269 -3.81 -19.32 7.59
CA ARG B 269 -2.97 -20.15 8.44
C ARG B 269 -3.61 -20.30 9.81
N ILE B 270 -3.54 -21.51 10.37
CA ILE B 270 -4.01 -21.78 11.72
C ILE B 270 -2.95 -22.60 12.45
N GLY B 271 -2.70 -22.24 13.70
CA GLY B 271 -1.72 -22.95 14.51
C GLY B 271 -0.35 -23.04 13.89
N ASN B 272 0.08 -21.97 13.21
CA ASN B 272 1.38 -21.94 12.56
C ASN B 272 1.51 -23.07 11.54
N LEU B 273 0.44 -23.32 10.79
CA LEU B 273 0.42 -24.36 9.77
C LEU B 273 -0.52 -23.95 8.65
N PRO B 274 -0.13 -24.15 7.40
CA PRO B 274 -1.03 -23.83 6.29
C PRO B 274 -2.24 -24.75 6.30
N ALA B 275 -3.38 -24.20 5.87
CA ALA B 275 -4.65 -24.91 5.92
C ALA B 275 -5.24 -25.03 4.53
N VAL B 276 -5.71 -26.23 4.19
CA VAL B 276 -6.44 -26.46 2.95
C VAL B 276 -7.81 -27.00 3.31
N ARG B 277 -8.74 -26.86 2.37
CA ARG B 277 -10.10 -27.36 2.56
C ARG B 277 -10.51 -28.17 1.35
N VAL B 278 -11.15 -29.32 1.61
CA VAL B 278 -11.61 -30.19 0.54
C VAL B 278 -13.11 -30.37 0.69
N PRO B 279 -13.85 -30.56 -0.40
CA PRO B 279 -15.31 -30.67 -0.30
C PRO B 279 -15.75 -31.91 0.45
N TYR B 280 -16.92 -31.82 1.06
CA TYR B 280 -17.60 -32.91 1.77
C TYR B 280 -16.78 -33.47 2.92
N PHE B 281 -15.71 -32.81 3.32
CA PHE B 281 -14.98 -33.25 4.50
C PHE B 281 -15.88 -33.13 5.73
N PRO B 282 -15.86 -34.11 6.63
CA PRO B 282 -16.71 -34.03 7.81
C PRO B 282 -16.41 -32.77 8.63
N ALA B 283 -17.47 -32.11 9.09
CA ALA B 283 -17.31 -30.80 9.69
C ALA B 283 -16.68 -30.87 11.07
N ASP B 284 -16.85 -31.98 11.78
CA ASP B 284 -16.45 -32.07 13.19
C ASP B 284 -15.13 -32.80 13.37
N ALA B 285 -14.19 -32.65 12.44
CA ALA B 285 -12.90 -33.30 12.57
C ALA B 285 -11.88 -32.59 11.72
N MET B 286 -10.61 -32.82 12.03
CA MET B 286 -9.53 -32.24 11.24
C MET B 286 -8.29 -33.11 11.38
N LEU B 287 -7.51 -33.18 10.29
CA LEU B 287 -6.41 -34.12 10.18
C LEU B 287 -5.14 -33.37 9.84
N ILE B 288 -4.11 -33.49 10.67
CA ILE B 288 -2.84 -32.82 10.46
C ILE B 288 -1.83 -33.85 9.95
N THR B 289 -1.24 -33.58 8.78
CA THR B 289 -0.31 -34.51 8.15
C THR B 289 0.29 -33.83 6.93
N LYS B 290 1.35 -34.44 6.40
CA LYS B 290 1.94 -33.94 5.17
C LYS B 290 1.16 -34.48 3.98
N LEU B 291 1.02 -33.64 2.97
CA LEU B 291 0.04 -33.89 1.92
C LEU B 291 0.53 -34.88 0.87
N GLU B 292 1.72 -35.46 1.05
CA GLU B 292 2.21 -36.52 0.18
C GLU B 292 2.32 -37.84 0.91
N ASN B 293 1.72 -37.96 2.10
CA ASN B 293 1.83 -39.17 2.89
C ASN B 293 0.71 -40.16 2.60
N LEU B 294 -0.49 -39.66 2.32
CA LEU B 294 -1.62 -40.51 1.97
C LEU B 294 -1.70 -40.66 0.45
N SER B 295 -2.33 -41.73 -0.01
CA SER B 295 -2.25 -42.06 -1.43
C SER B 295 -3.38 -43.03 -1.77
N ILE B 296 -3.55 -43.27 -3.07
CA ILE B 296 -4.48 -44.28 -3.54
C ILE B 296 -3.76 -45.19 -4.54
N TYR B 297 -3.99 -46.49 -4.41
CA TYR B 297 -3.42 -47.48 -5.30
C TYR B 297 -4.52 -48.00 -6.21
N TYR B 298 -4.18 -48.30 -7.45
CA TYR B 298 -5.15 -48.88 -8.37
C TYR B 298 -4.51 -49.98 -9.21
N MET B 299 -5.29 -51.01 -9.48
CA MET B 299 -4.80 -52.10 -10.31
C MET B 299 -4.50 -51.60 -11.72
N ASP B 300 -3.57 -52.28 -12.39
CA ASP B 300 -3.07 -51.77 -13.66
C ASP B 300 -4.15 -51.80 -14.74
N ASP B 301 -4.74 -52.97 -14.97
CA ASP B 301 -5.74 -53.15 -16.02
C ASP B 301 -6.97 -53.82 -15.41
N SER B 302 -7.87 -52.99 -14.88
CA SER B 302 -9.14 -53.49 -14.37
C SER B 302 -10.28 -52.57 -14.76
N HIS B 303 -9.98 -51.51 -15.52
CA HIS B 303 -10.99 -50.55 -15.94
C HIS B 303 -11.81 -51.17 -17.07
N ARG B 304 -12.90 -51.85 -16.68
CA ARG B 304 -13.75 -52.54 -17.63
C ARG B 304 -15.04 -51.74 -17.83
N ARG B 305 -15.36 -51.42 -19.08
CA ARG B 305 -16.45 -50.51 -19.41
C ARG B 305 -17.29 -51.09 -20.53
N VAL B 306 -18.61 -51.09 -20.33
CA VAL B 306 -19.54 -51.67 -21.28
C VAL B 306 -20.73 -50.74 -21.46
N ILE B 307 -21.32 -50.80 -22.66
CA ILE B 307 -22.46 -49.96 -23.03
C ILE B 307 -23.70 -50.84 -23.16
N GLU B 308 -24.86 -50.19 -23.20
CA GLU B 308 -26.11 -50.93 -23.38
C GLU B 308 -27.19 -49.95 -23.82
N GLU B 309 -28.10 -50.43 -24.67
CA GLU B 309 -29.14 -49.59 -25.29
C GLU B 309 -30.50 -50.27 -25.18
N ASN B 310 -30.85 -50.76 -23.99
CA ASN B 310 -32.12 -51.44 -23.84
C ASN B 310 -33.28 -50.44 -23.95
N PRO B 311 -34.33 -50.79 -24.68
CA PRO B 311 -35.49 -49.89 -24.83
C PRO B 311 -36.61 -50.11 -23.81
N LYS B 312 -36.43 -51.03 -22.85
CA LYS B 312 -37.48 -51.27 -21.87
C LYS B 312 -37.81 -50.00 -21.10
N LEU B 313 -36.81 -49.17 -20.85
CA LEU B 313 -36.99 -47.89 -20.20
C LEU B 313 -36.44 -46.75 -21.06
N ASP B 314 -36.31 -47.01 -22.36
CA ASP B 314 -35.87 -46.05 -23.38
C ASP B 314 -34.70 -45.19 -22.90
N ARG B 315 -33.68 -45.89 -22.39
CA ARG B 315 -32.50 -45.22 -21.85
C ARG B 315 -31.24 -45.93 -22.32
N VAL B 316 -30.21 -45.16 -22.61
CA VAL B 316 -28.90 -45.69 -22.98
C VAL B 316 -28.04 -45.67 -21.73
N GLU B 317 -27.60 -46.84 -21.28
CA GLU B 317 -26.87 -46.95 -20.03
C GLU B 317 -25.44 -47.44 -20.28
N ASN B 318 -24.60 -47.24 -19.26
CA ASN B 318 -23.22 -47.68 -19.34
C ASN B 318 -22.73 -48.04 -17.94
N TYR B 319 -21.83 -49.02 -17.89
CA TYR B 319 -21.23 -49.50 -16.66
C TYR B 319 -19.71 -49.43 -16.79
N GLU B 320 -19.05 -49.05 -15.69
CA GLU B 320 -17.60 -48.99 -15.63
C GLU B 320 -17.15 -49.49 -14.27
N SER B 321 -16.07 -50.24 -14.24
CA SER B 321 -15.57 -50.80 -12.99
C SER B 321 -14.06 -50.65 -12.93
N MET B 322 -13.55 -50.33 -11.74
CA MET B 322 -12.12 -50.16 -11.50
C MET B 322 -11.77 -50.66 -10.11
N ASN B 323 -10.58 -51.25 -9.98
CA ASN B 323 -10.11 -51.80 -8.71
C ASN B 323 -9.14 -50.83 -8.07
N ILE B 324 -9.53 -50.27 -6.93
CA ILE B 324 -8.74 -49.28 -6.21
C ILE B 324 -8.62 -49.70 -4.74
N ASP B 325 -7.79 -48.95 -4.02
CA ASP B 325 -7.70 -49.04 -2.56
C ASP B 325 -7.00 -47.82 -2.00
N TYR B 326 -7.63 -47.15 -1.04
CA TYR B 326 -7.00 -46.03 -0.36
C TYR B 326 -5.98 -46.54 0.65
N VAL B 327 -4.90 -45.78 0.85
CA VAL B 327 -3.90 -46.19 1.82
C VAL B 327 -3.12 -44.99 2.34
N VAL B 328 -3.00 -44.90 3.66
CA VAL B 328 -2.03 -44.01 4.26
C VAL B 328 -0.72 -44.77 4.42
N GLU B 329 0.39 -44.14 4.01
CA GLU B 329 1.64 -44.89 3.94
C GLU B 329 2.20 -45.16 5.33
N ASP B 330 2.55 -44.11 6.07
CA ASP B 330 3.09 -44.27 7.42
C ASP B 330 2.12 -43.67 8.41
N TYR B 331 1.57 -44.51 9.29
CA TYR B 331 0.54 -44.05 10.22
C TYR B 331 1.10 -43.06 11.23
N ALA B 332 2.40 -43.12 11.50
CA ALA B 332 3.03 -42.21 12.45
C ALA B 332 3.32 -40.85 11.85
N ALA B 333 2.74 -40.53 10.68
CA ALA B 333 3.00 -39.24 10.06
C ALA B 333 2.09 -38.15 10.60
N GLY B 334 0.78 -38.33 10.47
CA GLY B 334 -0.19 -37.36 10.93
C GLY B 334 -1.13 -37.96 11.96
N CYS B 335 -2.03 -37.10 12.45
CA CYS B 335 -3.04 -37.51 13.41
C CYS B 335 -4.27 -36.65 13.22
N LEU B 336 -5.43 -37.19 13.56
CA LEU B 336 -6.67 -36.46 13.40
C LEU B 336 -7.40 -36.35 14.72
N VAL B 337 -8.10 -35.23 14.89
CA VAL B 337 -8.97 -35.00 16.04
C VAL B 337 -10.40 -35.00 15.54
N GLU B 338 -11.29 -35.57 16.35
CA GLU B 338 -12.67 -35.82 15.94
C GLU B 338 -13.63 -35.28 16.99
N LYS B 339 -14.87 -35.03 16.56
CA LYS B 339 -15.93 -34.53 17.41
C LYS B 339 -15.54 -33.19 18.06
N ILE B 340 -15.34 -32.19 17.21
CA ILE B 340 -15.02 -30.84 17.65
C ILE B 340 -16.31 -30.06 17.75
N LYS B 341 -16.48 -29.32 18.84
CA LYS B 341 -17.66 -28.49 19.05
C LYS B 341 -17.23 -27.17 19.66
N VAL B 342 -17.58 -26.07 19.00
CA VAL B 342 -17.24 -24.72 19.45
C VAL B 342 -18.47 -24.12 20.11
N GLY B 343 -18.27 -23.41 21.22
CA GLY B 343 -19.37 -22.79 21.94
C GLY B 343 -18.83 -21.83 22.99
N ASP B 344 -19.60 -21.68 24.07
CA ASP B 344 -19.18 -20.79 25.14
C ASP B 344 -18.91 -21.56 26.43
N PHE B 345 -19.87 -22.39 26.86
CA PHE B 345 -19.71 -23.27 28.02
C PHE B 345 -19.37 -22.47 29.27
N SER B 346 -20.30 -21.62 29.69
CA SER B 346 -20.14 -20.84 30.91
C SER B 346 -20.15 -21.72 32.15
N VAL C 37 -31.18 -16.98 -40.54
CA VAL C 37 -30.80 -15.58 -40.69
C VAL C 37 -30.82 -14.90 -39.32
N THR C 38 -31.61 -15.44 -38.41
CA THR C 38 -31.68 -14.87 -37.06
C THR C 38 -30.37 -15.08 -36.31
N GLN C 39 -29.67 -16.18 -36.60
CA GLN C 39 -28.44 -16.48 -35.88
C GLN C 39 -27.38 -15.41 -36.13
N THR C 40 -27.24 -14.95 -37.37
CA THR C 40 -26.26 -13.92 -37.68
C THR C 40 -26.59 -12.62 -36.95
N LEU C 41 -27.88 -12.26 -36.91
CA LEU C 41 -28.27 -11.04 -36.22
C LEU C 41 -28.00 -11.14 -34.72
N MET C 42 -28.32 -12.29 -34.12
CA MET C 42 -28.03 -12.46 -32.70
C MET C 42 -26.54 -12.43 -32.43
N ASN C 43 -25.75 -12.98 -33.35
CA ASN C 43 -24.30 -12.94 -33.20
C ASN C 43 -23.79 -11.49 -33.22
N THR C 44 -24.30 -10.69 -34.16
CA THR C 44 -23.90 -9.30 -34.22
C THR C 44 -24.32 -8.55 -32.95
N MET C 45 -25.55 -8.78 -32.50
CA MET C 45 -26.02 -8.14 -31.28
C MET C 45 -25.14 -8.52 -30.09
N GLN C 46 -24.73 -9.78 -30.01
CA GLN C 46 -23.90 -10.22 -28.91
C GLN C 46 -22.51 -9.58 -28.96
N GLU C 47 -21.89 -9.60 -30.13
CA GLU C 47 -20.56 -9.02 -30.25
C GLU C 47 -20.58 -7.50 -30.12
N SER C 48 -21.76 -6.88 -30.24
CA SER C 48 -21.84 -5.43 -30.06
C SER C 48 -21.42 -5.01 -28.66
N SER C 49 -22.16 -5.45 -27.65
CA SER C 49 -21.86 -5.12 -26.26
C SER C 49 -20.85 -6.12 -25.71
N ASP C 50 -20.40 -5.90 -24.48
CA ASP C 50 -19.43 -6.79 -23.88
C ASP C 50 -20.05 -7.71 -22.84
N PHE C 51 -21.04 -7.21 -22.09
CA PHE C 51 -21.74 -8.08 -21.15
C PHE C 51 -22.46 -9.20 -21.90
N LEU C 52 -22.81 -8.97 -23.16
CA LEU C 52 -23.41 -10.02 -23.97
C LEU C 52 -22.39 -11.11 -24.29
N THR C 53 -21.24 -10.72 -24.86
CA THR C 53 -20.23 -11.73 -25.17
C THR C 53 -19.63 -12.36 -23.94
N ARG C 54 -19.85 -11.79 -22.75
CA ARG C 54 -19.46 -12.48 -21.53
C ARG C 54 -20.43 -13.60 -21.17
N ILE C 55 -21.73 -13.37 -21.38
CA ILE C 55 -22.75 -14.38 -21.15
C ILE C 55 -22.88 -15.24 -22.40
N ASN C 56 -23.57 -16.37 -22.30
CA ASN C 56 -23.83 -17.23 -23.45
C ASN C 56 -25.31 -17.21 -23.79
N ILE C 57 -25.60 -17.16 -25.09
CA ILE C 57 -26.97 -17.15 -25.61
C ILE C 57 -27.08 -18.29 -26.61
N VAL C 58 -28.23 -18.97 -26.65
CA VAL C 58 -28.32 -20.14 -27.52
C VAL C 58 -29.67 -20.14 -28.23
N PRO C 59 -29.69 -20.71 -29.43
CA PRO C 59 -30.95 -20.93 -30.14
C PRO C 59 -31.52 -22.31 -29.88
N VAL C 60 -32.85 -22.35 -29.78
CA VAL C 60 -33.58 -23.60 -29.54
C VAL C 60 -34.55 -23.81 -30.69
N SER C 61 -34.66 -25.05 -31.16
CA SER C 61 -35.53 -25.36 -32.28
C SER C 61 -36.98 -25.56 -31.83
N GLU C 62 -37.17 -26.34 -30.78
CA GLU C 62 -38.50 -26.60 -30.26
C GLU C 62 -39.01 -25.39 -29.47
N MET C 63 -40.22 -25.52 -28.93
CA MET C 63 -40.87 -24.41 -28.24
C MET C 63 -40.74 -24.51 -26.72
N LYS C 64 -41.23 -25.61 -26.13
CA LYS C 64 -41.24 -25.77 -24.68
C LYS C 64 -40.91 -27.21 -24.33
N GLY C 65 -39.91 -27.40 -23.48
CA GLY C 65 -39.52 -28.74 -23.09
C GLY C 65 -38.34 -28.78 -22.13
N GLU C 66 -37.40 -29.69 -22.38
CA GLU C 66 -36.24 -29.83 -21.53
C GLU C 66 -35.20 -28.76 -21.85
N LYS C 67 -34.54 -28.27 -20.79
CA LYS C 67 -33.55 -27.22 -20.92
C LYS C 67 -32.15 -27.81 -21.01
N ILE C 68 -31.23 -27.05 -21.60
CA ILE C 68 -29.85 -27.49 -21.69
C ILE C 68 -29.21 -27.43 -20.31
N GLY C 69 -28.45 -28.46 -19.97
CA GLY C 69 -27.76 -28.48 -18.69
C GLY C 69 -26.79 -29.63 -18.63
N ILE C 70 -25.56 -29.33 -18.23
CA ILE C 70 -24.53 -30.33 -18.04
C ILE C 70 -24.07 -30.24 -16.59
N GLY C 71 -24.99 -29.88 -15.70
CA GLY C 71 -24.62 -29.62 -14.33
C GLY C 71 -24.13 -30.86 -13.62
N VAL C 72 -23.23 -30.66 -12.65
CA VAL C 72 -22.70 -31.76 -11.86
C VAL C 72 -23.81 -32.34 -10.99
N THR C 73 -24.06 -33.64 -11.14
CA THR C 73 -25.08 -34.31 -10.36
C THR C 73 -24.51 -34.75 -9.02
N GLY C 74 -25.28 -35.59 -8.31
CA GLY C 74 -24.85 -36.12 -7.04
C GLY C 74 -23.96 -37.33 -7.18
N SER C 75 -23.80 -38.04 -6.08
CA SER C 75 -22.99 -39.25 -6.04
C SER C 75 -23.57 -40.32 -6.96
N ILE C 76 -22.70 -41.01 -7.68
CA ILE C 76 -23.13 -42.06 -8.59
C ILE C 76 -22.48 -43.40 -8.29
N ALA C 77 -21.43 -43.45 -7.47
CA ALA C 77 -20.75 -44.71 -7.22
C ALA C 77 -21.60 -45.63 -6.35
N SER C 78 -21.28 -46.92 -6.41
CA SER C 78 -21.93 -47.93 -5.60
C SER C 78 -21.16 -49.23 -5.78
N THR C 79 -21.57 -50.25 -5.02
CA THR C 79 -21.02 -51.58 -5.13
C THR C 79 -22.12 -52.59 -4.86
N THR C 80 -22.09 -53.71 -5.58
CA THR C 80 -23.16 -54.69 -5.52
C THR C 80 -22.59 -56.11 -5.52
N ASP C 81 -23.20 -56.97 -4.70
CA ASP C 81 -22.83 -58.39 -4.67
C ASP C 81 -23.43 -59.06 -5.90
N THR C 82 -22.69 -58.98 -7.00
CA THR C 82 -23.20 -59.46 -8.28
C THR C 82 -23.26 -60.99 -8.30
N ALA C 83 -22.18 -61.65 -7.94
CA ALA C 83 -22.12 -63.10 -8.01
C ALA C 83 -23.12 -63.73 -7.05
N GLY C 84 -24.15 -64.35 -7.61
CA GLY C 84 -25.15 -65.04 -6.81
C GLY C 84 -25.93 -64.10 -5.91
N GLY C 85 -26.72 -63.21 -6.50
CA GLY C 85 -27.52 -62.29 -5.72
C GLY C 85 -28.22 -61.29 -6.60
N THR C 86 -28.27 -60.06 -6.11
CA THR C 86 -28.99 -59.00 -6.81
C THR C 86 -28.26 -58.60 -8.09
N GLU C 87 -28.81 -57.63 -8.80
CA GLU C 87 -28.20 -57.18 -10.04
C GLU C 87 -27.75 -55.73 -9.94
N ARG C 88 -26.77 -55.36 -10.76
CA ARG C 88 -26.26 -54.01 -10.76
C ARG C 88 -27.19 -53.10 -11.54
N GLN C 89 -27.92 -52.24 -10.81
CA GLN C 89 -28.88 -51.33 -11.41
C GLN C 89 -28.29 -49.93 -11.47
N PRO C 90 -28.32 -49.26 -12.62
CA PRO C 90 -27.68 -47.95 -12.73
C PRO C 90 -28.46 -46.88 -11.98
N LYS C 91 -27.89 -45.69 -11.90
CA LYS C 91 -28.50 -44.54 -11.27
C LYS C 91 -28.72 -43.46 -12.30
N ASP C 92 -29.59 -42.51 -12.01
CA ASP C 92 -29.97 -41.51 -12.99
C ASP C 92 -28.86 -40.48 -13.18
N PHE C 93 -28.91 -39.79 -14.31
CA PHE C 93 -27.95 -38.75 -14.65
C PHE C 93 -28.70 -37.57 -15.25
N SER C 94 -28.29 -36.37 -14.85
CA SER C 94 -28.97 -35.13 -15.24
C SER C 94 -30.44 -35.18 -14.86
N LYS C 95 -30.69 -35.57 -13.62
CA LYS C 95 -32.06 -35.65 -13.10
C LYS C 95 -32.71 -34.27 -13.17
N LEU C 96 -34.01 -34.26 -13.50
CA LEU C 96 -34.77 -33.03 -13.65
C LEU C 96 -35.72 -32.88 -12.47
N ALA C 97 -35.74 -31.69 -11.88
CA ALA C 97 -36.73 -31.34 -10.87
C ALA C 97 -37.85 -30.49 -11.46
N SER C 98 -37.49 -29.37 -12.07
CA SER C 98 -38.45 -28.55 -12.83
C SER C 98 -37.64 -27.80 -13.89
N ASN C 99 -37.62 -28.33 -15.11
CA ASN C 99 -36.83 -27.78 -16.20
C ASN C 99 -37.72 -27.33 -17.35
N LYS C 100 -38.84 -26.71 -17.03
CA LYS C 100 -39.81 -26.27 -18.01
C LYS C 100 -39.57 -24.81 -18.36
N TYR C 101 -39.48 -24.52 -19.65
CA TYR C 101 -39.29 -23.16 -20.15
C TYR C 101 -40.12 -22.99 -21.41
N GLU C 102 -40.90 -21.91 -21.47
CA GLU C 102 -41.75 -21.63 -22.62
C GLU C 102 -41.31 -20.31 -23.24
N CYS C 103 -40.69 -20.38 -24.41
CA CYS C 103 -40.23 -19.18 -25.08
C CYS C 103 -41.42 -18.36 -25.56
N ASP C 104 -41.39 -17.06 -25.30
CA ASP C 104 -42.48 -16.17 -25.64
C ASP C 104 -41.97 -15.08 -26.57
N GLN C 105 -42.89 -14.42 -27.26
CA GLN C 105 -42.54 -13.39 -28.22
C GLN C 105 -42.40 -12.03 -27.52
N ILE C 106 -41.55 -11.19 -28.09
CA ILE C 106 -41.38 -9.81 -27.65
C ILE C 106 -41.04 -8.98 -28.88
N ASN C 107 -41.60 -7.77 -28.94
CA ASN C 107 -41.48 -6.97 -30.14
C ASN C 107 -41.18 -5.53 -29.77
N PHE C 108 -40.72 -4.77 -30.76
CA PHE C 108 -40.54 -3.34 -30.63
C PHE C 108 -40.84 -2.68 -31.97
N ASP C 109 -40.92 -1.35 -31.93
CA ASP C 109 -41.49 -0.59 -33.04
C ASP C 109 -41.03 0.86 -32.99
N PHE C 110 -40.47 1.33 -34.10
CA PHE C 110 -39.90 2.66 -34.20
C PHE C 110 -40.91 3.67 -34.71
N TYR C 111 -40.52 4.93 -34.65
CA TYR C 111 -41.36 6.03 -35.13
C TYR C 111 -40.41 7.18 -35.43
N ILE C 112 -40.08 7.37 -36.70
CA ILE C 112 -39.10 8.36 -37.11
C ILE C 112 -39.80 9.45 -37.90
N ARG C 113 -39.80 10.66 -37.36
CA ARG C 113 -40.41 11.77 -38.08
C ARG C 113 -39.54 12.15 -39.28
N TYR C 114 -40.20 12.63 -40.33
CA TYR C 114 -39.46 13.02 -41.52
C TYR C 114 -38.61 14.26 -41.28
N LYS C 115 -39.05 15.17 -40.41
CA LYS C 115 -38.28 16.35 -40.10
C LYS C 115 -36.94 16.00 -39.45
N THR C 116 -36.80 14.78 -38.92
CA THR C 116 -35.55 14.34 -38.33
C THR C 116 -34.75 13.42 -39.23
N LEU C 117 -35.42 12.60 -40.05
CA LEU C 117 -34.70 11.65 -40.89
C LEU C 117 -33.83 12.37 -41.92
N ASP C 118 -34.30 13.52 -42.40
CA ASP C 118 -33.52 14.29 -43.35
C ASP C 118 -32.36 15.04 -42.71
N LEU C 119 -32.45 15.30 -41.41
CA LEU C 119 -31.40 16.07 -40.74
C LEU C 119 -30.06 15.33 -40.79
N TRP C 120 -29.99 14.15 -40.20
CA TRP C 120 -28.75 13.39 -40.16
C TRP C 120 -28.22 13.04 -41.53
N ALA C 121 -29.09 12.98 -42.55
CA ALA C 121 -28.68 12.45 -43.85
C ALA C 121 -27.62 13.32 -44.50
N ARG C 122 -27.33 14.49 -43.94
CA ARG C 122 -26.35 15.36 -44.55
C ARG C 122 -25.02 15.37 -43.80
N TYR C 123 -24.81 14.46 -42.85
CA TYR C 123 -23.60 14.53 -42.04
C TYR C 123 -22.56 13.48 -42.41
N GLN C 124 -22.65 12.90 -43.59
CA GLN C 124 -21.60 12.06 -44.15
C GLN C 124 -21.34 10.78 -43.36
N ASP C 125 -22.17 10.50 -42.36
CA ASP C 125 -22.03 9.28 -41.58
C ASP C 125 -23.41 8.69 -41.26
N PHE C 126 -24.36 8.89 -42.16
CA PHE C 126 -25.76 8.56 -41.87
C PHE C 126 -25.94 7.06 -41.62
N GLN C 127 -25.49 6.23 -42.56
CA GLN C 127 -25.75 4.79 -42.49
C GLN C 127 -25.14 4.18 -41.23
N LEU C 128 -23.85 4.42 -41.00
CA LEU C 128 -23.19 3.83 -39.85
C LEU C 128 -23.80 4.33 -38.55
N ARG C 129 -24.12 5.62 -38.48
CA ARG C 129 -24.74 6.16 -37.27
C ARG C 129 -26.05 5.45 -36.96
N ILE C 130 -26.93 5.31 -37.95
CA ILE C 130 -28.20 4.64 -37.72
C ILE C 130 -27.98 3.18 -37.33
N ARG C 131 -27.11 2.48 -38.06
CA ARG C 131 -26.91 1.06 -37.81
C ARG C 131 -26.36 0.81 -36.42
N ASN C 132 -25.51 1.72 -35.94
CA ASN C 132 -24.99 1.56 -34.58
C ASN C 132 -26.03 1.92 -33.55
N ALA C 133 -26.80 2.98 -33.79
CA ALA C 133 -27.75 3.46 -32.78
C ALA C 133 -28.84 2.44 -32.52
N ILE C 134 -29.37 1.82 -33.58
CA ILE C 134 -30.48 0.90 -33.39
C ILE C 134 -30.05 -0.29 -32.54
N ILE C 135 -28.94 -0.94 -32.90
CA ILE C 135 -28.49 -2.11 -32.15
C ILE C 135 -28.00 -1.72 -30.77
N LYS C 136 -27.48 -0.50 -30.59
CA LYS C 136 -27.07 -0.05 -29.27
C LYS C 136 -28.27 0.14 -28.35
N ARG C 137 -29.39 0.61 -28.89
CA ARG C 137 -30.58 0.77 -28.05
C ARG C 137 -31.25 -0.58 -27.81
N GLN C 138 -31.06 -1.52 -28.73
CA GLN C 138 -31.69 -2.83 -28.57
C GLN C 138 -30.93 -3.71 -27.57
N SER C 139 -29.60 -3.67 -27.63
CA SER C 139 -28.80 -4.50 -26.73
C SER C 139 -29.04 -4.10 -25.28
N LEU C 140 -28.96 -2.80 -24.98
CA LEU C 140 -29.24 -2.35 -23.63
C LEU C 140 -30.65 -2.71 -23.22
N ASP C 141 -31.59 -2.71 -24.18
CA ASP C 141 -32.97 -3.08 -23.87
C ASP C 141 -33.04 -4.52 -23.39
N PHE C 142 -32.34 -5.43 -24.07
CA PHE C 142 -32.31 -6.83 -23.62
C PHE C 142 -31.89 -6.93 -22.16
N ILE C 143 -30.79 -6.29 -21.80
CA ILE C 143 -30.27 -6.40 -20.44
C ILE C 143 -31.25 -5.78 -19.45
N MET C 144 -31.78 -4.60 -19.79
CA MET C 144 -32.70 -3.93 -18.89
C MET C 144 -33.92 -4.80 -18.61
N ALA C 145 -34.42 -5.49 -19.63
CA ALA C 145 -35.52 -6.41 -19.42
C ALA C 145 -35.09 -7.60 -18.58
N GLY C 146 -33.86 -8.07 -18.78
CA GLY C 146 -33.36 -9.24 -18.11
C GLY C 146 -33.39 -9.18 -16.60
N PHE C 147 -32.75 -8.18 -16.02
CA PHE C 147 -32.65 -8.07 -14.58
C PHE C 147 -33.91 -7.51 -13.93
N ASN C 148 -35.04 -7.48 -14.63
CA ASN C 148 -36.29 -7.02 -14.07
C ASN C 148 -37.42 -7.84 -14.68
N GLY C 149 -38.65 -7.39 -14.46
CA GLY C 149 -39.79 -8.09 -14.99
C GLY C 149 -40.32 -9.13 -14.03
N VAL C 150 -41.59 -9.05 -13.68
CA VAL C 150 -42.20 -9.93 -12.69
C VAL C 150 -43.41 -10.69 -13.23
N LYS C 151 -43.78 -10.48 -14.49
CA LYS C 151 -44.91 -11.20 -15.07
C LYS C 151 -44.86 -11.03 -16.58
N ARG C 152 -45.85 -11.60 -17.25
CA ARG C 152 -45.97 -11.60 -18.71
C ARG C 152 -47.26 -10.90 -19.13
N ALA C 153 -47.58 -9.78 -18.49
CA ALA C 153 -48.82 -9.07 -18.76
C ALA C 153 -48.78 -8.46 -20.16
N GLU C 154 -49.67 -8.90 -21.03
CA GLU C 154 -49.75 -8.35 -22.37
C GLU C 154 -50.30 -6.93 -22.33
N THR C 155 -50.09 -6.21 -23.43
CA THR C 155 -50.48 -4.80 -23.54
C THR C 155 -49.91 -3.97 -22.40
N SER C 156 -48.59 -4.02 -22.24
CA SER C 156 -47.93 -3.23 -21.21
C SER C 156 -48.01 -1.75 -21.54
N ASP C 157 -47.92 -0.91 -20.52
CA ASP C 157 -47.94 0.54 -20.68
C ASP C 157 -46.68 1.13 -20.07
N ARG C 158 -45.97 1.95 -20.84
CA ARG C 158 -44.72 2.53 -20.36
C ARG C 158 -44.99 3.63 -19.35
N SER C 159 -46.24 4.05 -19.22
CA SER C 159 -46.60 5.10 -18.27
C SER C 159 -46.32 4.65 -16.84
N SER C 160 -47.02 3.62 -16.38
CA SER C 160 -46.89 3.14 -15.01
C SER C 160 -45.74 2.17 -14.82
N ASN C 161 -44.89 1.96 -15.81
CA ASN C 161 -43.76 1.04 -15.69
C ASN C 161 -42.59 1.61 -16.48
N PRO C 162 -41.81 2.51 -15.86
CA PRO C 162 -40.66 3.08 -16.59
C PRO C 162 -39.64 2.02 -16.97
N MET C 163 -39.23 1.20 -16.02
CA MET C 163 -38.47 0.00 -16.35
C MET C 163 -39.43 -1.06 -16.90
N LEU C 164 -38.85 -2.14 -17.41
CA LEU C 164 -39.64 -3.20 -18.04
C LEU C 164 -40.10 -4.19 -16.98
N GLN C 165 -40.97 -3.70 -16.10
CA GLN C 165 -41.53 -4.55 -15.05
C GLN C 165 -42.58 -5.50 -15.62
N ASP C 166 -43.25 -5.10 -16.71
CA ASP C 166 -44.36 -5.87 -17.26
C ASP C 166 -44.06 -6.37 -18.67
N VAL C 167 -42.86 -6.90 -18.90
CA VAL C 167 -42.48 -7.42 -20.20
C VAL C 167 -42.36 -8.94 -20.19
N ALA C 168 -41.59 -9.48 -19.24
CA ALA C 168 -41.40 -10.92 -19.14
C ALA C 168 -40.99 -11.31 -17.74
N VAL C 169 -40.53 -12.55 -17.57
CA VAL C 169 -39.98 -13.02 -16.30
C VAL C 169 -38.46 -12.97 -16.40
N GLY C 170 -37.82 -12.39 -15.40
CA GLY C 170 -36.40 -12.21 -15.38
C GLY C 170 -35.72 -13.12 -14.36
N TRP C 171 -34.39 -13.19 -14.49
CA TRP C 171 -33.59 -14.01 -13.58
C TRP C 171 -33.89 -13.67 -12.13
N LEU C 172 -33.76 -12.40 -11.77
CA LEU C 172 -33.98 -11.97 -10.40
C LEU C 172 -35.43 -12.14 -9.96
N GLN C 173 -36.33 -12.46 -10.88
CA GLN C 173 -37.67 -12.90 -10.51
C GLN C 173 -37.84 -14.40 -10.68
N LYS C 174 -37.14 -15.01 -11.63
CA LYS C 174 -37.20 -16.46 -11.77
C LYS C 174 -36.71 -17.15 -10.51
N TYR C 175 -35.74 -16.56 -9.81
CA TYR C 175 -35.26 -17.14 -8.56
C TYR C 175 -36.38 -17.23 -7.53
N ARG C 176 -36.96 -16.08 -7.17
CA ARG C 176 -38.05 -16.08 -6.20
C ARG C 176 -39.29 -16.81 -6.71
N ASN C 177 -39.39 -17.03 -8.01
CA ASN C 177 -40.57 -17.69 -8.56
C ASN C 177 -40.64 -19.14 -8.13
N GLU C 178 -39.63 -19.93 -8.49
CA GLU C 178 -39.57 -21.34 -8.15
C GLU C 178 -38.42 -21.60 -7.20
N ALA C 179 -38.67 -22.40 -6.17
CA ALA C 179 -37.71 -22.78 -5.15
C ALA C 179 -37.03 -21.56 -4.55
N PRO C 180 -37.72 -20.78 -3.73
CA PRO C 180 -37.11 -19.60 -3.10
C PRO C 180 -36.20 -19.98 -1.93
N ALA C 181 -35.16 -20.76 -2.23
CA ALA C 181 -34.22 -21.18 -1.21
C ALA C 181 -32.90 -20.41 -1.26
N ARG C 182 -32.60 -19.77 -2.39
CA ARG C 182 -31.39 -18.98 -2.53
C ARG C 182 -31.65 -17.49 -2.34
N VAL C 183 -32.82 -17.12 -1.84
CA VAL C 183 -33.17 -15.73 -1.59
C VAL C 183 -33.01 -15.44 -0.11
N MET C 184 -32.50 -14.25 0.21
CA MET C 184 -32.25 -13.84 1.59
C MET C 184 -32.98 -12.53 1.85
N SER C 185 -33.89 -12.55 2.83
CA SER C 185 -34.63 -11.35 3.22
C SER C 185 -34.37 -10.94 4.65
N LYS C 186 -34.53 -11.87 5.61
CA LYS C 186 -34.34 -11.56 7.02
C LYS C 186 -32.87 -11.35 7.35
N GLU C 197 -37.03 -6.59 9.62
CA GLU C 197 -36.86 -7.76 8.78
C GLU C 197 -35.83 -7.49 7.69
N VAL C 198 -35.76 -6.23 7.24
CA VAL C 198 -34.73 -5.83 6.30
C VAL C 198 -33.37 -6.04 6.94
N ILE C 199 -32.41 -6.52 6.15
CA ILE C 199 -31.07 -6.76 6.66
C ILE C 199 -30.38 -5.41 6.90
N ARG C 200 -29.62 -5.33 7.98
CA ARG C 200 -28.94 -4.11 8.38
C ARG C 200 -27.43 -4.34 8.28
N VAL C 201 -26.80 -3.70 7.29
CA VAL C 201 -25.34 -3.77 7.15
C VAL C 201 -24.64 -2.72 7.98
N GLY C 202 -25.38 -1.88 8.70
CA GLY C 202 -24.79 -0.87 9.55
C GLY C 202 -24.17 -1.48 10.80
N LYS C 203 -23.73 -0.59 11.69
CA LYS C 203 -23.04 -1.02 12.90
C LYS C 203 -23.96 -1.85 13.79
N GLY C 204 -25.02 -1.25 14.29
CA GLY C 204 -25.91 -1.94 15.21
C GLY C 204 -26.93 -2.80 14.51
N GLY C 205 -26.52 -3.48 13.44
CA GLY C 205 -27.44 -4.28 12.66
C GLY C 205 -27.13 -5.77 12.69
N ASP C 206 -27.72 -6.51 11.75
CA ASP C 206 -27.52 -7.96 11.73
C ASP C 206 -26.10 -8.32 11.33
N TYR C 207 -25.46 -7.50 10.51
CA TYR C 207 -24.08 -7.73 10.09
C TYR C 207 -23.25 -6.49 10.40
N ALA C 208 -21.93 -6.63 10.22
CA ALA C 208 -21.01 -5.54 10.49
C ALA C 208 -20.59 -4.80 9.22
N SER C 209 -20.03 -5.52 8.25
CA SER C 209 -19.66 -4.93 6.98
C SER C 209 -20.10 -5.87 5.87
N LEU C 210 -20.24 -5.32 4.66
CA LEU C 210 -20.74 -6.11 3.53
C LEU C 210 -19.85 -7.30 3.23
N ASP C 211 -18.57 -7.25 3.64
CA ASP C 211 -17.70 -8.41 3.44
C ASP C 211 -18.16 -9.58 4.29
N ALA C 212 -18.52 -9.33 5.55
CA ALA C 212 -19.08 -10.40 6.37
C ALA C 212 -20.39 -10.92 5.78
N LEU C 213 -21.17 -10.02 5.19
CA LEU C 213 -22.42 -10.44 4.54
C LEU C 213 -22.14 -11.40 3.39
N VAL C 214 -21.23 -11.02 2.49
CA VAL C 214 -20.94 -11.88 1.35
C VAL C 214 -20.28 -13.18 1.81
N MET C 215 -19.51 -13.13 2.90
CA MET C 215 -18.91 -14.36 3.41
C MET C 215 -19.97 -15.33 3.92
N ASP C 216 -20.88 -14.84 4.76
CA ASP C 216 -21.95 -15.68 5.26
C ASP C 216 -22.81 -16.21 4.12
N ALA C 217 -23.08 -15.37 3.12
CA ALA C 217 -23.90 -15.79 1.99
C ALA C 217 -23.23 -16.92 1.22
N THR C 218 -21.98 -16.71 0.79
CA THR C 218 -21.29 -17.76 0.05
C THR C 218 -21.00 -18.98 0.91
N ASN C 219 -21.13 -18.85 2.24
CA ASN C 219 -20.94 -20.01 3.09
C ASN C 219 -22.20 -20.87 3.16
N ASN C 220 -23.30 -20.31 3.65
CA ASN C 220 -24.46 -21.11 4.00
C ASN C 220 -25.54 -21.15 2.92
N LEU C 221 -25.25 -20.70 1.71
CA LEU C 221 -26.31 -20.71 0.71
C LEU C 221 -25.90 -21.38 -0.60
N ILE C 222 -24.65 -21.25 -1.01
CA ILE C 222 -24.19 -21.86 -2.24
C ILE C 222 -23.67 -23.26 -1.94
N GLU C 223 -23.59 -24.10 -2.97
CA GLU C 223 -23.16 -25.47 -2.76
C GLU C 223 -21.65 -25.55 -2.53
N PRO C 224 -21.20 -26.52 -1.73
CA PRO C 224 -19.77 -26.57 -1.38
C PRO C 224 -18.86 -26.83 -2.56
N TRP C 225 -19.21 -27.79 -3.41
CA TRP C 225 -18.35 -28.09 -4.56
C TRP C 225 -18.31 -26.95 -5.55
N TYR C 226 -19.21 -25.97 -5.44
CA TYR C 226 -19.17 -24.76 -6.24
C TYR C 226 -18.54 -23.59 -5.51
N GLN C 227 -18.28 -23.73 -4.21
CA GLN C 227 -17.81 -22.61 -3.41
C GLN C 227 -16.44 -22.12 -3.84
N GLU C 228 -15.68 -22.94 -4.58
CA GLU C 228 -14.35 -22.57 -5.04
C GLU C 228 -14.29 -22.77 -6.54
N ASP C 229 -14.36 -21.68 -7.29
CA ASP C 229 -14.30 -21.72 -8.74
C ASP C 229 -13.71 -20.40 -9.20
N PRO C 230 -12.79 -20.43 -10.16
CA PRO C 230 -12.15 -19.19 -10.61
C PRO C 230 -13.07 -18.23 -11.34
N ASP C 231 -14.34 -18.58 -11.53
CA ASP C 231 -15.29 -17.73 -12.24
C ASP C 231 -16.52 -17.42 -11.40
N LEU C 232 -16.36 -17.43 -10.07
CA LEU C 232 -17.46 -17.06 -9.17
C LEU C 232 -17.31 -15.57 -8.86
N VAL C 233 -18.16 -14.76 -9.48
CA VAL C 233 -18.07 -13.32 -9.40
C VAL C 233 -19.30 -12.78 -8.65
N VAL C 234 -19.10 -11.68 -7.94
CA VAL C 234 -20.18 -10.92 -7.32
C VAL C 234 -20.50 -9.74 -8.22
N ILE C 235 -21.78 -9.42 -8.33
CA ILE C 235 -22.23 -8.25 -9.09
C ILE C 235 -23.17 -7.47 -8.20
N VAL C 236 -23.00 -6.15 -8.17
CA VAL C 236 -23.67 -5.27 -7.22
C VAL C 236 -24.13 -4.01 -7.94
N GLY C 237 -25.23 -3.44 -7.46
CA GLY C 237 -25.81 -2.25 -8.06
C GLY C 237 -25.03 -0.99 -7.78
N ARG C 238 -25.73 0.13 -7.67
CA ARG C 238 -25.11 1.43 -7.48
C ARG C 238 -25.13 1.90 -6.04
N GLN C 239 -26.25 1.73 -5.34
CA GLN C 239 -26.41 2.27 -3.99
C GLN C 239 -25.57 1.55 -2.95
N LEU C 240 -24.73 0.60 -3.33
CA LEU C 240 -23.90 -0.15 -2.39
C LEU C 240 -22.41 0.07 -2.56
N LEU C 241 -21.94 0.31 -3.78
CA LEU C 241 -20.52 0.48 -4.00
C LEU C 241 -20.02 1.75 -3.31
N ALA C 242 -18.91 1.64 -2.59
CA ALA C 242 -18.32 2.77 -1.90
C ALA C 242 -17.12 3.34 -2.65
N ASP C 243 -16.10 2.52 -2.87
CA ASP C 243 -14.91 2.97 -3.59
C ASP C 243 -14.38 1.89 -4.51
N LYS C 244 -15.26 1.02 -5.00
CA LYS C 244 -14.86 -0.09 -5.85
C LYS C 244 -15.99 -0.51 -6.78
N VAL C 263 -20.16 -3.28 -18.23
CA VAL C 263 -19.24 -4.06 -17.40
C VAL C 263 -18.05 -3.21 -16.99
N ILE C 264 -17.74 -3.22 -15.70
CA ILE C 264 -16.64 -2.44 -15.15
C ILE C 264 -15.93 -3.29 -14.12
N ILE C 265 -14.63 -3.54 -14.32
CA ILE C 265 -13.84 -4.33 -13.39
C ILE C 265 -13.42 -3.43 -12.23
N SER C 266 -13.67 -3.88 -11.01
CA SER C 266 -13.35 -3.10 -9.83
C SER C 266 -11.91 -3.33 -9.39
N GLN C 267 -11.32 -2.29 -8.79
CA GLN C 267 -9.93 -2.38 -8.36
C GLN C 267 -9.77 -3.28 -7.14
N LYS C 268 -10.72 -3.25 -6.22
CA LYS C 268 -10.67 -4.06 -5.01
C LYS C 268 -11.35 -5.40 -5.27
N ARG C 269 -11.59 -6.16 -4.20
CA ARG C 269 -12.31 -7.42 -4.32
C ARG C 269 -12.94 -7.76 -2.96
N ILE C 270 -14.26 -7.65 -2.88
CA ILE C 270 -14.94 -7.96 -1.63
C ILE C 270 -14.89 -9.46 -1.36
N GLY C 271 -15.08 -9.82 -0.10
CA GLY C 271 -15.01 -11.22 0.31
C GLY C 271 -13.66 -11.82 -0.04
N ASN C 272 -13.64 -12.71 -1.01
CA ASN C 272 -12.38 -13.22 -1.54
C ASN C 272 -12.42 -13.37 -3.06
N LEU C 273 -13.35 -12.69 -3.72
CA LEU C 273 -13.61 -12.88 -5.15
C LEU C 273 -13.90 -11.53 -5.80
N PRO C 274 -13.57 -11.37 -7.08
CA PRO C 274 -13.67 -10.05 -7.71
C PRO C 274 -15.10 -9.55 -7.80
N ALA C 275 -15.22 -8.23 -7.94
CA ALA C 275 -16.50 -7.55 -8.03
C ALA C 275 -16.61 -6.84 -9.37
N VAL C 276 -17.79 -6.93 -9.98
CA VAL C 276 -18.05 -6.33 -11.29
C VAL C 276 -19.46 -5.76 -11.28
N ARG C 277 -19.61 -4.56 -11.84
CA ARG C 277 -20.92 -3.94 -12.04
C ARG C 277 -21.30 -4.00 -13.51
N VAL C 278 -22.60 -4.08 -13.78
CA VAL C 278 -23.08 -4.14 -15.16
C VAL C 278 -24.10 -3.02 -15.35
N PRO C 279 -24.38 -2.65 -16.62
CA PRO C 279 -25.25 -1.49 -16.89
C PRO C 279 -26.48 -1.32 -16.01
N TYR C 280 -27.08 -2.40 -15.54
CA TYR C 280 -28.32 -2.26 -14.78
C TYR C 280 -28.38 -3.28 -13.65
N PHE C 281 -29.26 -2.98 -12.69
CA PHE C 281 -29.58 -3.77 -11.51
C PHE C 281 -30.88 -3.26 -10.92
N PRO C 282 -31.43 -3.95 -9.92
CA PRO C 282 -32.41 -3.30 -9.05
C PRO C 282 -31.73 -2.24 -8.20
N ALA C 283 -32.48 -1.54 -7.36
CA ALA C 283 -31.90 -0.46 -6.57
C ALA C 283 -30.82 -0.97 -5.64
N ASP C 284 -31.16 -1.96 -4.81
CA ASP C 284 -30.25 -2.45 -3.78
C ASP C 284 -30.32 -3.98 -3.72
N ALA C 285 -29.37 -4.63 -4.38
CA ALA C 285 -29.29 -6.09 -4.36
C ALA C 285 -27.88 -6.50 -4.76
N MET C 286 -27.64 -7.80 -4.73
CA MET C 286 -26.33 -8.35 -5.01
C MET C 286 -26.47 -9.80 -5.44
N LEU C 287 -25.77 -10.18 -6.50
CA LEU C 287 -25.85 -11.54 -7.04
C LEU C 287 -24.46 -12.13 -7.09
N ILE C 288 -24.27 -13.26 -6.40
CA ILE C 288 -23.00 -13.97 -6.36
C ILE C 288 -23.19 -15.27 -7.12
N THR C 289 -22.52 -15.39 -8.27
CA THR C 289 -22.71 -16.56 -9.13
C THR C 289 -21.63 -16.56 -10.19
N LYS C 290 -21.68 -17.56 -11.06
CA LYS C 290 -20.79 -17.59 -12.21
C LYS C 290 -21.39 -16.77 -13.34
N LEU C 291 -20.53 -16.37 -14.28
CA LEU C 291 -20.95 -15.62 -15.43
C LEU C 291 -21.37 -16.52 -16.60
N GLU C 292 -21.78 -17.76 -16.30
CA GLU C 292 -22.28 -18.65 -17.33
C GLU C 292 -23.51 -19.43 -16.89
N ASN C 293 -23.95 -19.28 -15.64
CA ASN C 293 -25.10 -20.04 -15.17
C ASN C 293 -26.43 -19.50 -15.70
N LEU C 294 -26.46 -18.25 -16.14
CA LEU C 294 -27.65 -17.64 -16.71
C LEU C 294 -27.48 -17.45 -18.20
N SER C 295 -28.58 -17.47 -18.94
CA SER C 295 -28.53 -17.45 -20.40
C SER C 295 -29.90 -17.10 -20.94
N ILE C 296 -29.96 -16.86 -22.25
CA ILE C 296 -31.20 -16.60 -22.96
C ILE C 296 -31.32 -17.60 -24.10
N TYR C 297 -32.50 -18.21 -24.22
CA TYR C 297 -32.81 -19.13 -25.29
C TYR C 297 -33.72 -18.41 -26.27
N TYR C 298 -33.28 -18.26 -27.51
CA TYR C 298 -34.08 -17.62 -28.53
C TYR C 298 -34.50 -18.65 -29.56
N MET C 299 -35.74 -18.50 -30.06
CA MET C 299 -36.23 -19.40 -31.09
C MET C 299 -35.39 -19.26 -32.35
N ASP C 300 -35.24 -20.36 -33.07
CA ASP C 300 -34.31 -20.39 -34.20
C ASP C 300 -34.68 -19.36 -35.25
N ASP C 301 -35.84 -19.51 -35.87
CA ASP C 301 -36.28 -18.62 -36.94
C ASP C 301 -37.64 -18.05 -36.57
N SER C 302 -37.63 -16.96 -35.80
CA SER C 302 -38.86 -16.25 -35.48
C SER C 302 -38.64 -14.74 -35.51
N HIS C 303 -37.59 -14.27 -36.17
CA HIS C 303 -37.23 -12.86 -36.17
C HIS C 303 -37.87 -12.21 -37.40
N ARG C 304 -38.98 -11.53 -37.21
CA ARG C 304 -39.66 -10.82 -38.28
C ARG C 304 -39.36 -9.34 -38.19
N ARG C 305 -39.14 -8.71 -39.35
CA ARG C 305 -38.79 -7.30 -39.39
C ARG C 305 -39.37 -6.68 -40.65
N VAL C 306 -40.14 -5.60 -40.47
CA VAL C 306 -40.78 -4.92 -41.58
C VAL C 306 -40.64 -3.42 -41.39
N ILE C 307 -40.70 -2.69 -42.50
CA ILE C 307 -40.61 -1.23 -42.49
C ILE C 307 -41.71 -0.67 -43.38
N GLU C 308 -42.46 0.29 -42.84
CA GLU C 308 -43.63 0.86 -43.49
C GLU C 308 -43.43 2.36 -43.63
N GLU C 309 -43.49 2.85 -44.86
CA GLU C 309 -43.30 4.28 -45.15
C GLU C 309 -44.65 4.97 -45.35
N ASN C 310 -45.45 5.02 -44.29
CA ASN C 310 -46.78 5.60 -44.39
C ASN C 310 -46.70 7.11 -44.20
N PRO C 311 -47.13 7.92 -45.16
CA PRO C 311 -47.13 9.37 -44.99
C PRO C 311 -48.41 9.93 -44.37
N LYS C 312 -49.28 9.08 -43.83
CA LYS C 312 -50.49 9.58 -43.19
C LYS C 312 -50.15 10.53 -42.05
N LEU C 313 -49.10 10.23 -41.31
CA LEU C 313 -48.61 11.11 -40.25
C LEU C 313 -47.25 11.69 -40.58
N ASP C 314 -46.80 11.56 -41.83
CA ASP C 314 -45.50 12.08 -42.26
C ASP C 314 -44.37 11.49 -41.42
N ARG C 315 -44.22 10.18 -41.51
CA ARG C 315 -43.30 9.46 -40.63
C ARG C 315 -42.86 8.18 -41.31
N VAL C 316 -41.95 7.46 -40.64
CA VAL C 316 -41.49 6.15 -41.06
C VAL C 316 -41.58 5.21 -39.86
N GLU C 317 -42.06 4.00 -40.11
CA GLU C 317 -42.26 3.02 -39.05
C GLU C 317 -41.44 1.77 -39.33
N ASN C 318 -41.02 1.11 -38.26
CA ASN C 318 -40.22 -0.11 -38.35
C ASN C 318 -40.64 -1.06 -37.24
N TYR C 319 -41.26 -2.16 -37.60
CA TYR C 319 -41.68 -3.17 -36.64
C TYR C 319 -40.70 -4.33 -36.64
N GLU C 320 -40.45 -4.89 -35.45
CA GLU C 320 -39.62 -6.08 -35.35
C GLU C 320 -40.11 -6.91 -34.18
N SER C 321 -40.00 -8.23 -34.33
CA SER C 321 -40.46 -9.15 -33.31
C SER C 321 -39.58 -10.39 -33.29
N MET C 322 -39.27 -10.87 -32.09
CA MET C 322 -38.48 -12.08 -31.91
C MET C 322 -39.12 -12.91 -30.80
N ASN C 323 -38.57 -14.10 -30.58
CA ASN C 323 -39.07 -15.00 -29.54
C ASN C 323 -37.91 -15.41 -28.66
N ILE C 324 -37.98 -15.05 -27.38
CA ILE C 324 -36.91 -15.30 -26.42
C ILE C 324 -37.48 -15.86 -25.14
N ASP C 325 -36.58 -16.34 -24.27
CA ASP C 325 -36.91 -16.71 -22.91
C ASP C 325 -35.63 -16.73 -22.08
N TYR C 326 -35.64 -16.02 -20.97
CA TYR C 326 -34.52 -16.06 -20.04
C TYR C 326 -34.57 -17.33 -19.22
N VAL C 327 -33.39 -17.84 -18.84
CA VAL C 327 -33.35 -19.00 -17.95
C VAL C 327 -31.96 -19.08 -17.34
N VAL C 328 -31.92 -19.45 -16.06
CA VAL C 328 -30.68 -19.78 -15.37
C VAL C 328 -30.49 -21.29 -15.49
N GLU C 329 -29.24 -21.71 -15.77
CA GLU C 329 -29.02 -23.10 -16.14
C GLU C 329 -29.04 -24.02 -14.93
N ASP C 330 -28.11 -23.82 -14.00
CA ASP C 330 -27.94 -24.77 -12.90
C ASP C 330 -28.79 -24.44 -11.70
N TYR C 331 -29.05 -23.17 -11.41
CA TYR C 331 -29.93 -22.73 -10.35
C TYR C 331 -29.39 -23.10 -8.96
N ALA C 332 -28.22 -23.72 -8.91
CA ALA C 332 -27.60 -24.08 -7.65
C ALA C 332 -26.21 -23.49 -7.48
N ALA C 333 -25.66 -22.86 -8.52
CA ALA C 333 -24.37 -22.19 -8.45
C ALA C 333 -24.55 -20.67 -8.42
N GLY C 334 -25.60 -20.20 -7.75
CA GLY C 334 -25.87 -18.79 -7.69
C GLY C 334 -26.74 -18.44 -6.52
N CYS C 335 -26.52 -17.26 -5.96
CA CYS C 335 -27.34 -16.76 -4.86
C CYS C 335 -27.56 -15.27 -5.04
N LEU C 336 -28.67 -14.78 -4.51
CA LEU C 336 -28.99 -13.36 -4.57
C LEU C 336 -29.43 -12.88 -3.19
N VAL C 337 -29.15 -11.62 -2.91
CA VAL C 337 -29.57 -10.97 -1.68
C VAL C 337 -30.16 -9.61 -2.05
N GLU C 338 -31.28 -9.27 -1.43
CA GLU C 338 -32.00 -8.04 -1.71
C GLU C 338 -32.45 -7.41 -0.40
N LYS C 339 -33.14 -6.27 -0.51
CA LYS C 339 -33.61 -5.53 0.66
C LYS C 339 -32.45 -5.18 1.58
N ILE C 340 -31.35 -4.73 0.98
CA ILE C 340 -30.15 -4.35 1.72
C ILE C 340 -30.07 -2.83 1.76
N LYS C 341 -29.74 -2.29 2.93
CA LYS C 341 -29.61 -0.85 3.10
C LYS C 341 -28.42 -0.55 3.99
N VAL C 342 -27.71 0.53 3.67
CA VAL C 342 -26.55 0.96 4.46
C VAL C 342 -27.10 1.88 5.55
N GLY C 343 -27.44 1.30 6.69
CA GLY C 343 -27.99 2.06 7.78
C GLY C 343 -27.58 1.56 9.15
N ASP C 344 -26.99 2.44 9.95
CA ASP C 344 -26.50 2.10 11.26
C ASP C 344 -27.52 2.49 12.32
N PHE C 345 -27.12 2.41 13.60
CA PHE C 345 -28.00 2.76 14.70
C PHE C 345 -27.23 3.46 15.80
N MET D 1 -39.33 14.07 -47.68
CA MET D 1 -39.33 13.38 -48.96
C MET D 1 -38.20 13.86 -49.85
N ARG D 2 -37.26 14.61 -49.28
CA ARG D 2 -36.20 15.22 -50.08
C ARG D 2 -35.39 14.15 -50.82
N GLN D 3 -35.05 14.46 -52.07
CA GLN D 3 -34.52 13.44 -52.98
C GLN D 3 -33.23 12.83 -52.46
N GLU D 4 -32.31 13.65 -51.97
CA GLU D 4 -31.05 13.12 -51.46
C GLU D 4 -31.29 12.22 -50.24
N THR D 5 -32.21 12.63 -49.37
CA THR D 5 -32.51 11.85 -48.18
C THR D 5 -33.17 10.52 -48.54
N ARG D 6 -34.13 10.54 -49.46
CA ARG D 6 -34.76 9.30 -49.89
C ARG D 6 -33.76 8.38 -50.55
N PHE D 7 -32.86 8.93 -51.37
CA PHE D 7 -31.85 8.10 -52.02
C PHE D 7 -30.90 7.48 -50.99
N LYS D 8 -30.50 8.25 -49.98
CA LYS D 8 -29.62 7.71 -48.95
C LYS D 8 -30.32 6.62 -48.16
N PHE D 9 -31.59 6.85 -47.79
CA PHE D 9 -32.32 5.85 -47.02
C PHE D 9 -32.56 4.59 -47.85
N ASN D 10 -32.74 4.74 -49.16
CA ASN D 10 -32.92 3.58 -50.02
C ASN D 10 -31.63 2.80 -50.17
N ALA D 11 -30.50 3.50 -50.38
CA ALA D 11 -29.21 2.83 -50.43
C ALA D 11 -28.87 2.14 -49.10
N TYR D 12 -29.39 2.66 -47.98
CA TYR D 12 -29.22 1.97 -46.71
C TYR D 12 -29.89 0.61 -46.72
N LEU D 13 -30.98 0.45 -47.46
CA LEU D 13 -31.74 -0.78 -47.47
C LEU D 13 -31.13 -1.86 -48.35
N SER D 14 -29.88 -1.68 -48.79
CA SER D 14 -29.23 -2.69 -49.61
C SER D 14 -28.75 -3.87 -48.77
N VAL D 27 -16.91 8.01 -34.98
CA VAL D 27 -18.02 8.16 -35.91
C VAL D 27 -19.13 8.98 -35.27
N SER D 28 -19.08 9.10 -33.94
CA SER D 28 -20.05 9.88 -33.18
C SER D 28 -19.41 11.09 -32.50
N LYS D 29 -18.22 11.49 -32.95
CA LYS D 29 -17.52 12.63 -32.39
C LYS D 29 -17.38 13.77 -33.39
N LYS D 30 -16.86 13.50 -34.57
CA LYS D 30 -16.71 14.50 -35.63
C LYS D 30 -17.80 14.31 -36.66
N PHE D 31 -18.21 15.41 -37.28
CA PHE D 31 -19.30 15.41 -38.24
C PHE D 31 -18.86 15.81 -39.64
N THR D 32 -18.18 16.95 -39.79
CA THR D 32 -17.54 17.37 -41.03
C THR D 32 -18.54 17.42 -42.19
N VAL D 33 -19.48 18.36 -42.06
CA VAL D 33 -20.40 18.64 -43.17
C VAL D 33 -19.61 18.98 -44.43
N GLU D 34 -18.66 19.91 -44.33
CA GLU D 34 -17.80 20.30 -45.43
C GLU D 34 -16.62 21.10 -44.88
N PRO D 35 -15.39 20.80 -45.31
CA PRO D 35 -14.23 21.52 -44.77
C PRO D 35 -14.17 22.96 -45.24
N SER D 36 -15.03 23.80 -44.67
CA SER D 36 -15.05 25.22 -45.01
C SER D 36 -13.94 25.94 -44.25
N VAL D 37 -13.95 27.26 -44.28
CA VAL D 37 -12.93 28.04 -43.58
C VAL D 37 -13.31 28.28 -42.13
N THR D 38 -14.61 28.31 -41.81
CA THR D 38 -15.01 28.50 -40.42
C THR D 38 -14.92 27.20 -39.63
N GLN D 39 -15.09 26.06 -40.30
CA GLN D 39 -15.11 24.79 -39.58
C GLN D 39 -13.72 24.44 -39.04
N THR D 40 -12.68 24.66 -39.84
CA THR D 40 -11.33 24.37 -39.38
C THR D 40 -10.95 25.28 -38.21
N LEU D 41 -11.33 26.56 -38.30
CA LEU D 41 -11.06 27.48 -37.19
C LEU D 41 -11.80 27.04 -35.93
N MET D 42 -13.04 26.60 -36.07
CA MET D 42 -13.79 26.13 -34.91
C MET D 42 -13.15 24.90 -34.31
N ASN D 43 -12.70 23.97 -35.15
CA ASN D 43 -12.04 22.77 -34.65
C ASN D 43 -10.76 23.12 -33.92
N THR D 44 -10.00 24.08 -34.45
CA THR D 44 -8.77 24.49 -33.79
C THR D 44 -9.05 25.13 -32.44
N MET D 45 -9.98 26.07 -32.40
CA MET D 45 -10.33 26.73 -31.15
C MET D 45 -10.86 25.73 -30.14
N GLN D 46 -11.52 24.67 -30.61
CA GLN D 46 -12.00 23.64 -29.70
C GLN D 46 -10.86 22.80 -29.15
N GLU D 47 -9.97 22.33 -30.02
CA GLU D 47 -8.89 21.48 -29.56
C GLU D 47 -7.86 22.26 -28.75
N SER D 48 -7.94 23.60 -28.77
CA SER D 48 -7.02 24.40 -27.98
C SER D 48 -7.16 24.09 -26.50
N SER D 49 -8.33 24.37 -25.92
CA SER D 49 -8.59 24.08 -24.52
C SER D 49 -8.93 22.60 -24.38
N ASP D 50 -9.08 22.15 -23.13
CA ASP D 50 -9.37 20.74 -22.90
C ASP D 50 -10.86 20.53 -22.64
N PHE D 51 -11.50 21.48 -21.98
CA PHE D 51 -12.93 21.32 -21.67
C PHE D 51 -13.76 21.30 -22.94
N LEU D 52 -13.29 21.96 -24.00
CA LEU D 52 -14.03 21.95 -25.26
C LEU D 52 -13.92 20.60 -25.95
N THR D 53 -12.95 19.78 -25.56
CA THR D 53 -12.76 18.49 -26.19
C THR D 53 -13.87 17.52 -25.81
N ARG D 54 -14.31 17.58 -24.56
CA ARG D 54 -15.37 16.68 -24.10
C ARG D 54 -16.76 17.17 -24.47
N ILE D 55 -16.92 18.45 -24.78
CA ILE D 55 -18.21 19.02 -25.11
C ILE D 55 -18.50 18.73 -26.59
N ASN D 56 -19.74 18.95 -27.03
CA ASN D 56 -20.13 18.71 -28.41
C ASN D 56 -20.39 20.03 -29.12
N ILE D 57 -19.60 20.30 -30.15
CA ILE D 57 -19.78 21.45 -31.03
C ILE D 57 -20.23 20.92 -32.38
N VAL D 58 -21.23 21.55 -32.97
CA VAL D 58 -21.75 21.06 -34.25
C VAL D 58 -22.06 22.19 -35.22
N PRO D 59 -21.81 21.99 -36.51
CA PRO D 59 -22.26 22.95 -37.52
C PRO D 59 -23.64 22.58 -38.07
N VAL D 60 -24.40 23.61 -38.40
CA VAL D 60 -25.72 23.45 -38.97
C VAL D 60 -25.85 24.41 -40.15
N SER D 61 -26.49 23.95 -41.22
CA SER D 61 -26.59 24.70 -42.46
C SER D 61 -27.81 25.60 -42.52
N GLU D 62 -28.57 25.70 -41.42
CA GLU D 62 -29.74 26.57 -41.38
C GLU D 62 -29.98 26.96 -39.93
N MET D 63 -31.03 27.73 -39.71
CA MET D 63 -31.37 28.22 -38.38
C MET D 63 -32.75 27.75 -37.96
N LYS D 64 -33.00 27.85 -36.66
CA LYS D 64 -34.24 27.44 -36.00
C LYS D 64 -34.80 26.16 -36.60
N GLY D 65 -33.98 25.12 -36.56
CA GLY D 65 -34.35 23.80 -37.04
C GLY D 65 -34.63 22.83 -35.91
N GLU D 66 -34.15 21.61 -36.07
CA GLU D 66 -34.35 20.54 -35.11
C GLU D 66 -33.03 20.19 -34.45
N LYS D 67 -33.03 20.13 -33.12
CA LYS D 67 -31.81 19.79 -32.40
C LYS D 67 -31.46 18.34 -32.61
N ILE D 68 -30.22 18.08 -33.06
CA ILE D 68 -29.77 16.71 -33.23
C ILE D 68 -29.78 16.00 -31.89
N GLY D 69 -30.27 14.77 -31.88
CA GLY D 69 -30.27 14.01 -30.65
C GLY D 69 -29.07 13.08 -30.56
N ILE D 70 -28.03 13.50 -29.83
CA ILE D 70 -26.88 12.66 -29.57
C ILE D 70 -26.83 12.37 -28.07
N GLY D 71 -26.55 11.13 -27.72
CA GLY D 71 -26.54 10.73 -26.33
C GLY D 71 -27.92 10.67 -25.72
N VAL D 72 -28.87 10.05 -26.42
CA VAL D 72 -30.22 9.85 -25.92
C VAL D 72 -30.54 8.37 -25.99
N THR D 73 -31.12 7.84 -24.91
CA THR D 73 -31.49 6.44 -24.83
C THR D 73 -32.96 6.33 -24.42
N GLY D 74 -33.39 5.10 -24.15
CA GLY D 74 -34.75 4.87 -23.71
C GLY D 74 -35.12 3.41 -23.81
N SER D 75 -36.35 3.12 -23.41
CA SER D 75 -36.91 1.78 -23.47
C SER D 75 -38.00 1.78 -24.54
N ILE D 76 -37.89 0.87 -25.50
CA ILE D 76 -38.81 0.83 -26.63
C ILE D 76 -39.65 -0.45 -26.68
N ALA D 77 -39.07 -1.60 -26.39
CA ALA D 77 -39.77 -2.86 -26.60
C ALA D 77 -40.89 -3.05 -25.59
N SER D 78 -41.98 -3.65 -26.06
CA SER D 78 -43.11 -3.99 -25.20
C SER D 78 -43.94 -5.04 -25.92
N THR D 79 -44.95 -5.55 -25.21
CA THR D 79 -45.81 -6.60 -25.72
C THR D 79 -47.25 -6.12 -25.78
N THR D 80 -47.99 -6.61 -26.78
CA THR D 80 -49.38 -6.25 -26.98
C THR D 80 -50.17 -7.48 -27.38
N ASP D 81 -51.49 -7.39 -27.20
CA ASP D 81 -52.41 -8.48 -27.53
C ASP D 81 -52.95 -8.23 -28.93
N THR D 82 -52.27 -8.81 -29.93
CA THR D 82 -52.64 -8.55 -31.32
C THR D 82 -53.92 -9.30 -31.70
N ALA D 83 -54.18 -10.44 -31.08
CA ALA D 83 -55.34 -11.23 -31.48
C ALA D 83 -56.62 -10.66 -30.89
N GLY D 84 -56.54 -10.07 -29.70
CA GLY D 84 -57.74 -9.54 -29.06
C GLY D 84 -58.37 -8.41 -29.85
N GLY D 85 -57.59 -7.71 -30.66
CA GLY D 85 -58.11 -6.63 -31.47
C GLY D 85 -57.55 -5.28 -31.09
N THR D 86 -56.32 -5.27 -30.59
CA THR D 86 -55.63 -4.03 -30.23
C THR D 86 -54.49 -3.82 -31.22
N GLU D 87 -54.23 -2.56 -31.55
CA GLU D 87 -53.23 -2.26 -32.57
C GLU D 87 -51.88 -1.94 -31.93
N ARG D 88 -50.81 -2.39 -32.58
CA ARG D 88 -49.48 -2.08 -32.10
C ARG D 88 -49.18 -0.60 -32.31
N GLN D 89 -48.79 0.07 -31.23
CA GLN D 89 -48.55 1.51 -31.27
C GLN D 89 -47.06 1.80 -31.32
N PRO D 90 -46.55 2.29 -32.44
CA PRO D 90 -45.10 2.53 -32.56
C PRO D 90 -44.62 3.75 -31.80
N LYS D 91 -44.27 3.56 -30.52
CA LYS D 91 -43.73 4.66 -29.71
C LYS D 91 -42.60 5.38 -30.44
N ASP D 92 -42.46 6.67 -30.15
CA ASP D 92 -41.48 7.51 -30.80
C ASP D 92 -40.07 6.99 -30.59
N PHE D 93 -39.15 7.43 -31.45
CA PHE D 93 -37.75 7.07 -31.35
C PHE D 93 -36.89 8.18 -30.77
N SER D 94 -37.17 9.44 -31.13
CA SER D 94 -36.46 10.60 -30.60
C SER D 94 -37.50 11.53 -30.00
N LYS D 95 -37.86 11.28 -28.75
CA LYS D 95 -38.87 12.08 -28.05
C LYS D 95 -38.14 13.07 -27.14
N LEU D 96 -38.14 14.33 -27.52
CA LEU D 96 -37.48 15.38 -26.75
C LEU D 96 -38.43 16.55 -26.56
N ALA D 97 -38.34 17.19 -25.40
CA ALA D 97 -39.15 18.35 -25.10
C ALA D 97 -38.48 19.61 -25.62
N SER D 98 -39.28 20.48 -26.23
CA SER D 98 -38.80 21.76 -26.76
C SER D 98 -37.67 21.55 -27.75
N ASN D 99 -38.00 20.88 -28.86
CA ASN D 99 -37.01 20.52 -29.87
C ASN D 99 -36.54 21.71 -30.68
N LYS D 100 -37.08 22.91 -30.45
CA LYS D 100 -36.79 24.07 -31.28
C LYS D 100 -35.69 24.91 -30.65
N TYR D 101 -34.63 25.16 -31.40
CA TYR D 101 -33.53 26.03 -31.01
C TYR D 101 -33.43 27.19 -32.00
N GLU D 102 -32.39 28.00 -31.87
CA GLU D 102 -32.19 29.15 -32.74
C GLU D 102 -30.70 29.34 -32.98
N CYS D 103 -30.35 30.48 -33.53
CA CYS D 103 -28.96 30.90 -33.63
C CYS D 103 -28.92 32.42 -33.55
N ASP D 104 -27.79 32.96 -33.09
CA ASP D 104 -27.64 34.40 -32.93
C ASP D 104 -26.17 34.72 -33.16
N GLN D 105 -25.81 35.99 -33.33
CA GLN D 105 -24.41 36.34 -33.53
C GLN D 105 -23.84 37.02 -32.30
N ILE D 106 -22.55 36.79 -32.04
CA ILE D 106 -21.77 37.57 -31.09
C ILE D 106 -20.48 37.94 -31.79
N ASN D 107 -20.05 39.18 -31.64
CA ASN D 107 -18.90 39.69 -32.36
C ASN D 107 -17.79 40.07 -31.39
N PHE D 108 -16.56 39.71 -31.73
CA PHE D 108 -15.39 40.11 -30.97
C PHE D 108 -14.71 41.25 -31.69
N ASP D 109 -14.26 42.25 -30.94
CA ASP D 109 -13.68 43.45 -31.52
C ASP D 109 -12.64 44.04 -30.58
N PHE D 110 -11.42 44.20 -31.09
CA PHE D 110 -10.33 44.64 -30.23
C PHE D 110 -9.30 45.37 -31.05
N TYR D 111 -8.61 46.30 -30.41
CA TYR D 111 -7.57 47.09 -31.07
C TYR D 111 -6.25 46.93 -30.33
N ILE D 112 -5.16 46.97 -31.08
CA ILE D 112 -3.82 46.85 -30.54
C ILE D 112 -3.06 48.13 -30.85
N ARG D 113 -2.31 48.62 -29.87
CA ARG D 113 -1.62 49.89 -30.05
C ARG D 113 -0.29 49.68 -30.78
N TYR D 114 0.27 50.78 -31.28
CA TYR D 114 1.46 50.70 -32.13
C TYR D 114 2.68 50.24 -31.35
N LYS D 115 2.90 50.83 -30.17
CA LYS D 115 4.07 50.47 -29.37
C LYS D 115 4.10 48.97 -29.07
N THR D 116 2.94 48.40 -28.77
CA THR D 116 2.88 46.96 -28.53
C THR D 116 3.22 46.19 -29.79
N LEU D 117 2.76 46.66 -30.95
CA LEU D 117 3.16 46.03 -32.20
C LEU D 117 4.67 45.99 -32.34
N ASP D 118 5.33 47.13 -32.08
CA ASP D 118 6.78 47.17 -32.21
C ASP D 118 7.45 46.20 -31.23
N LEU D 119 7.04 46.26 -29.96
CA LEU D 119 7.66 45.42 -28.95
C LEU D 119 7.52 43.94 -29.29
N TRP D 120 6.34 43.54 -29.76
CA TRP D 120 6.17 42.13 -30.11
C TRP D 120 6.93 41.77 -31.37
N ALA D 121 6.98 42.69 -32.34
CA ALA D 121 7.62 42.39 -33.61
C ALA D 121 9.13 42.27 -33.46
N ARG D 122 9.69 42.93 -32.44
CA ARG D 122 11.14 42.87 -32.25
C ARG D 122 11.62 41.44 -32.10
N TYR D 123 10.88 40.61 -31.36
CA TYR D 123 11.33 39.25 -31.09
C TYR D 123 10.98 38.32 -32.24
N GLN D 124 11.12 37.02 -31.98
CA GLN D 124 10.90 36.01 -33.01
C GLN D 124 9.56 35.30 -32.80
N ASP D 125 8.95 34.92 -33.93
CA ASP D 125 7.71 34.14 -33.94
C ASP D 125 6.60 34.85 -33.16
N PHE D 126 6.46 36.15 -33.40
CA PHE D 126 5.46 36.92 -32.66
C PHE D 126 4.05 36.59 -33.14
N GLN D 127 3.91 36.27 -34.44
CA GLN D 127 2.58 35.95 -34.96
C GLN D 127 2.02 34.71 -34.29
N LEU D 128 2.87 33.73 -33.97
CA LEU D 128 2.41 32.56 -33.25
C LEU D 128 1.90 32.93 -31.87
N ARG D 129 2.61 33.82 -31.17
CA ARG D 129 2.16 34.25 -29.86
C ARG D 129 0.83 34.98 -29.96
N ILE D 130 0.67 35.84 -30.96
CA ILE D 130 -0.58 36.56 -31.13
C ILE D 130 -1.72 35.60 -31.40
N ARG D 131 -1.51 34.65 -32.31
CA ARG D 131 -2.54 33.67 -32.62
C ARG D 131 -2.94 32.89 -31.38
N ASN D 132 -1.96 32.38 -30.64
CA ASN D 132 -2.27 31.56 -29.49
C ASN D 132 -2.98 32.35 -28.40
N ALA D 133 -2.54 33.60 -28.16
CA ALA D 133 -3.21 34.42 -27.15
C ALA D 133 -4.65 34.72 -27.54
N ILE D 134 -4.88 35.10 -28.80
CA ILE D 134 -6.23 35.47 -29.20
C ILE D 134 -7.15 34.25 -29.19
N ILE D 135 -6.63 33.09 -29.59
CA ILE D 135 -7.44 31.87 -29.57
C ILE D 135 -7.74 31.45 -28.13
N LYS D 136 -6.77 31.65 -27.24
CA LYS D 136 -7.00 31.31 -25.84
C LYS D 136 -8.10 32.18 -25.24
N ARG D 137 -8.04 33.49 -25.52
CA ARG D 137 -9.10 34.36 -25.01
C ARG D 137 -10.45 33.99 -25.62
N GLN D 138 -10.49 33.68 -26.92
CA GLN D 138 -11.74 33.23 -27.53
C GLN D 138 -12.29 32.02 -26.81
N SER D 139 -11.47 30.99 -26.63
CA SER D 139 -11.93 29.75 -26.00
C SER D 139 -12.42 29.99 -24.58
N LEU D 140 -11.69 30.82 -23.82
CA LEU D 140 -12.12 31.11 -22.47
C LEU D 140 -13.46 31.83 -22.45
N ASP D 141 -13.67 32.72 -23.42
CA ASP D 141 -14.85 33.58 -23.36
C ASP D 141 -16.13 32.79 -23.63
N PHE D 142 -16.07 31.80 -24.52
CA PHE D 142 -17.23 30.96 -24.77
C PHE D 142 -17.69 30.27 -23.50
N ILE D 143 -16.75 29.67 -22.77
CA ILE D 143 -17.11 29.00 -21.52
C ILE D 143 -17.65 30.00 -20.51
N MET D 144 -17.00 31.17 -20.42
CA MET D 144 -17.48 32.18 -19.48
C MET D 144 -18.93 32.55 -19.76
N ALA D 145 -19.27 32.74 -21.03
CA ALA D 145 -20.65 33.04 -21.39
C ALA D 145 -21.55 31.83 -21.31
N GLY D 146 -20.99 30.63 -21.22
CA GLY D 146 -21.80 29.43 -21.21
C GLY D 146 -22.66 29.30 -19.97
N PHE D 147 -22.03 29.13 -18.81
CA PHE D 147 -22.76 28.97 -17.55
C PHE D 147 -23.29 30.29 -17.03
N ASN D 148 -23.27 31.34 -17.83
CA ASN D 148 -23.83 32.62 -17.43
C ASN D 148 -24.67 33.21 -18.56
N GLY D 149 -25.12 34.44 -18.40
CA GLY D 149 -25.89 35.09 -19.44
C GLY D 149 -27.36 34.76 -19.34
N VAL D 150 -28.21 35.79 -19.28
CA VAL D 150 -29.64 35.60 -19.12
C VAL D 150 -30.46 36.40 -20.12
N LYS D 151 -29.83 37.19 -20.98
CA LYS D 151 -30.56 38.03 -21.92
C LYS D 151 -29.80 38.09 -23.24
N ARG D 152 -30.37 38.82 -24.19
CA ARG D 152 -29.74 39.06 -25.49
C ARG D 152 -29.89 40.53 -25.86
N ALA D 153 -29.56 41.41 -24.92
CA ALA D 153 -29.70 42.84 -25.16
C ALA D 153 -28.84 43.27 -26.34
N GLU D 154 -29.13 44.45 -26.86
CA GLU D 154 -28.48 44.96 -28.06
C GLU D 154 -27.35 45.94 -27.78
N THR D 155 -26.99 46.13 -26.51
CA THR D 155 -25.88 46.99 -26.15
C THR D 155 -24.74 46.25 -25.48
N SER D 156 -25.04 45.51 -24.41
CA SER D 156 -24.07 44.65 -23.74
C SER D 156 -22.84 45.44 -23.28
N ASP D 157 -23.07 46.40 -22.38
CA ASP D 157 -21.98 47.16 -21.81
C ASP D 157 -21.23 46.31 -20.79
N ARG D 158 -19.91 46.24 -20.95
CA ARG D 158 -19.06 45.39 -20.12
C ARG D 158 -18.57 46.11 -18.87
N SER D 159 -19.30 47.13 -18.42
CA SER D 159 -18.98 47.82 -17.18
C SER D 159 -19.87 47.37 -16.02
N SER D 160 -21.18 47.39 -16.22
CA SER D 160 -22.12 46.95 -15.20
C SER D 160 -22.35 45.45 -15.18
N ASN D 161 -21.72 44.72 -16.09
CA ASN D 161 -21.82 43.26 -16.15
C ASN D 161 -20.42 42.69 -16.26
N PRO D 162 -19.76 42.46 -15.13
CA PRO D 162 -18.35 42.01 -15.19
C PRO D 162 -18.21 40.67 -15.90
N MET D 163 -18.92 39.65 -15.45
CA MET D 163 -19.02 38.41 -16.20
C MET D 163 -20.01 38.61 -17.33
N LEU D 164 -19.86 37.82 -18.38
CA LEU D 164 -20.70 37.98 -19.55
C LEU D 164 -22.12 37.56 -19.21
N GLN D 165 -22.99 38.54 -18.97
CA GLN D 165 -24.34 38.26 -18.51
C GLN D 165 -25.38 38.76 -19.49
N ASP D 166 -24.97 39.65 -20.40
CA ASP D 166 -25.88 40.23 -21.38
C ASP D 166 -25.43 39.97 -22.81
N VAL D 167 -24.97 38.75 -23.09
CA VAL D 167 -24.45 38.41 -24.40
C VAL D 167 -25.26 37.31 -25.07
N ALA D 168 -25.83 36.38 -24.29
CA ALA D 168 -26.59 35.27 -24.84
C ALA D 168 -27.32 34.57 -23.71
N VAL D 169 -28.02 33.50 -24.04
CA VAL D 169 -28.67 32.65 -23.05
C VAL D 169 -27.80 31.42 -22.84
N GLY D 170 -27.63 31.03 -21.58
CA GLY D 170 -26.75 29.94 -21.21
C GLY D 170 -27.51 28.73 -20.72
N TRP D 171 -26.76 27.63 -20.58
CA TRP D 171 -27.34 26.38 -20.11
C TRP D 171 -28.04 26.57 -18.78
N LEU D 172 -27.36 27.20 -17.82
CA LEU D 172 -27.96 27.49 -16.53
C LEU D 172 -29.10 28.48 -16.62
N GLN D 173 -29.33 29.07 -17.79
CA GLN D 173 -30.53 29.87 -18.02
C GLN D 173 -31.60 29.12 -18.79
N LYS D 174 -31.20 28.27 -19.75
CA LYS D 174 -32.17 27.44 -20.44
C LYS D 174 -32.87 26.51 -19.49
N TYR D 175 -32.12 25.89 -18.57
CA TYR D 175 -32.75 25.05 -17.56
C TYR D 175 -33.72 25.85 -16.69
N ARG D 176 -33.30 27.05 -16.27
CA ARG D 176 -34.13 27.86 -15.39
C ARG D 176 -35.32 28.47 -16.11
N ASN D 177 -35.34 28.46 -17.43
CA ASN D 177 -36.37 29.12 -18.21
C ASN D 177 -37.34 28.16 -18.88
N GLU D 178 -36.83 27.13 -19.56
CA GLU D 178 -37.70 26.25 -20.33
C GLU D 178 -38.43 25.25 -19.43
N ALA D 179 -37.67 24.41 -18.72
CA ALA D 179 -38.27 23.42 -17.84
C ALA D 179 -38.19 23.91 -16.40
N PRO D 180 -39.27 24.48 -15.85
CA PRO D 180 -39.19 24.97 -14.47
C PRO D 180 -39.00 23.87 -13.45
N ALA D 181 -39.28 22.62 -13.79
CA ALA D 181 -38.96 21.51 -12.92
C ALA D 181 -37.48 21.17 -13.11
N ARG D 182 -37.04 20.05 -12.54
CA ARG D 182 -35.65 19.62 -12.60
C ARG D 182 -34.69 20.66 -12.04
N VAL D 183 -35.21 21.57 -11.22
CA VAL D 183 -34.38 22.56 -10.53
C VAL D 183 -35.07 22.91 -9.22
N MET D 184 -34.32 22.81 -8.13
CA MET D 184 -34.84 23.11 -6.79
C MET D 184 -34.14 24.32 -6.25
N SER D 185 -34.92 25.29 -5.75
CA SER D 185 -34.36 26.48 -5.14
C SER D 185 -35.14 26.90 -3.90
N LYS D 186 -36.00 26.02 -3.38
CA LYS D 186 -36.81 26.32 -2.22
C LYS D 186 -37.42 25.01 -1.72
N VAL D 187 -37.68 24.96 -0.42
CA VAL D 187 -38.25 23.77 0.19
C VAL D 187 -39.60 24.07 0.80
N THR D 195 -42.08 26.34 4.00
CA THR D 195 -41.21 26.40 2.84
C THR D 195 -40.27 27.58 2.91
N SER D 196 -39.05 27.35 3.40
CA SER D 196 -38.04 28.40 3.42
C SER D 196 -37.66 28.80 2.01
N GLU D 197 -37.21 30.05 1.86
CA GLU D 197 -36.89 30.56 0.53
C GLU D 197 -35.63 29.92 -0.03
N VAL D 198 -34.50 30.17 0.63
CA VAL D 198 -33.22 29.58 0.22
C VAL D 198 -33.01 28.30 1.02
N ILE D 199 -32.67 27.22 0.33
CA ILE D 199 -32.46 25.95 1.01
C ILE D 199 -31.26 26.07 1.92
N ARG D 200 -31.33 25.38 3.06
CA ARG D 200 -30.28 25.42 4.07
C ARG D 200 -29.65 24.04 4.22
N VAL D 201 -28.34 24.03 4.41
CA VAL D 201 -27.58 22.79 4.48
C VAL D 201 -26.62 22.88 5.66
N GLY D 202 -26.65 21.85 6.51
CA GLY D 202 -25.78 21.78 7.65
C GLY D 202 -26.36 20.86 8.70
N LYS D 203 -25.96 21.09 9.96
CA LYS D 203 -26.44 20.24 11.04
C LYS D 203 -27.88 20.57 11.41
N GLY D 204 -28.27 21.84 11.26
CA GLY D 204 -29.63 22.22 11.57
C GLY D 204 -30.41 22.60 10.32
N GLY D 205 -29.85 22.28 9.16
CA GLY D 205 -30.49 22.63 7.91
C GLY D 205 -31.59 21.68 7.51
N ASP D 206 -31.71 21.41 6.21
CA ASP D 206 -32.71 20.49 5.69
C ASP D 206 -32.11 19.23 5.09
N TYR D 207 -30.79 19.09 5.14
CA TYR D 207 -30.13 17.91 4.58
C TYR D 207 -28.89 17.61 5.40
N ALA D 208 -28.15 16.60 4.98
CA ALA D 208 -26.83 16.30 5.53
C ALA D 208 -25.84 17.25 4.89
N SER D 209 -24.55 16.96 5.04
CA SER D 209 -23.52 17.84 4.50
C SER D 209 -23.68 18.01 2.99
N LEU D 210 -23.43 16.95 2.23
CA LEU D 210 -23.69 16.99 0.79
C LEU D 210 -24.31 15.72 0.24
N ASP D 211 -24.17 14.57 0.91
CA ASP D 211 -24.63 13.32 0.32
C ASP D 211 -26.15 13.27 0.25
N ALA D 212 -26.83 13.71 1.31
CA ALA D 212 -28.30 13.66 1.30
C ALA D 212 -28.86 14.52 0.18
N LEU D 213 -28.29 15.71 -0.04
CA LEU D 213 -28.81 16.59 -1.08
C LEU D 213 -28.60 16.01 -2.47
N VAL D 214 -27.39 15.56 -2.76
CA VAL D 214 -27.12 15.01 -4.09
C VAL D 214 -27.93 13.73 -4.31
N MET D 215 -28.17 12.95 -3.25
CA MET D 215 -28.95 11.73 -3.39
C MET D 215 -30.41 12.06 -3.69
N ASP D 216 -30.98 13.02 -2.94
CA ASP D 216 -32.34 13.45 -3.22
C ASP D 216 -32.46 13.99 -4.63
N ALA D 217 -31.43 14.71 -5.10
CA ALA D 217 -31.45 15.25 -6.46
C ALA D 217 -31.45 14.13 -7.50
N THR D 218 -30.51 13.19 -7.39
CA THR D 218 -30.42 12.13 -8.38
C THR D 218 -31.55 11.11 -8.26
N ASN D 219 -32.32 11.15 -7.17
CA ASN D 219 -33.46 10.24 -7.04
C ASN D 219 -34.78 10.87 -7.44
N ASN D 220 -34.96 12.16 -7.23
CA ASN D 220 -36.27 12.79 -7.37
C ASN D 220 -36.47 13.46 -8.72
N LEU D 221 -35.53 14.29 -9.15
CA LEU D 221 -35.77 15.16 -10.31
C LEU D 221 -35.31 14.52 -11.62
N ILE D 222 -34.09 13.99 -11.65
CA ILE D 222 -33.60 13.34 -12.86
C ILE D 222 -34.40 12.06 -13.10
N GLU D 223 -34.31 11.54 -14.32
CA GLU D 223 -35.17 10.40 -14.61
C GLU D 223 -34.40 9.08 -14.53
N PRO D 224 -35.11 7.98 -14.29
CA PRO D 224 -34.43 6.67 -14.22
C PRO D 224 -33.94 6.17 -15.56
N TRP D 225 -34.26 6.86 -16.66
CA TRP D 225 -33.65 6.52 -17.94
C TRP D 225 -32.13 6.59 -17.85
N TYR D 226 -31.61 7.66 -17.24
CA TYR D 226 -30.18 7.89 -17.16
C TYR D 226 -29.63 7.80 -15.74
N GLN D 227 -30.47 7.52 -14.75
CA GLN D 227 -30.02 7.42 -13.37
C GLN D 227 -28.90 6.39 -13.25
N GLU D 228 -29.08 5.23 -13.85
CA GLU D 228 -28.08 4.17 -13.82
C GLU D 228 -27.13 4.27 -15.00
N ASP D 229 -26.53 5.43 -15.20
CA ASP D 229 -25.61 5.58 -16.30
C ASP D 229 -24.18 5.68 -15.80
N PRO D 230 -23.23 5.04 -16.46
CA PRO D 230 -21.83 5.11 -16.03
C PRO D 230 -21.10 6.38 -16.39
N ASP D 231 -21.80 7.44 -16.80
CA ASP D 231 -21.14 8.67 -17.21
C ASP D 231 -21.72 9.92 -16.55
N LEU D 232 -22.63 9.76 -15.60
CA LEU D 232 -23.18 10.92 -14.92
C LEU D 232 -22.10 11.63 -14.11
N VAL D 233 -22.15 12.95 -14.08
CA VAL D 233 -21.14 13.77 -13.42
C VAL D 233 -21.82 14.93 -12.72
N VAL D 234 -21.39 15.21 -11.49
CA VAL D 234 -21.78 16.43 -10.80
C VAL D 234 -20.76 17.51 -11.11
N ILE D 235 -21.26 18.71 -11.39
CA ILE D 235 -20.42 19.84 -11.78
C ILE D 235 -20.67 20.96 -10.77
N VAL D 236 -19.59 21.42 -10.14
CA VAL D 236 -19.61 22.55 -9.23
C VAL D 236 -18.27 23.26 -9.36
N GLY D 237 -18.26 24.55 -9.03
CA GLY D 237 -17.10 25.38 -9.22
C GLY D 237 -15.93 24.98 -8.32
N ARG D 238 -14.92 25.85 -8.30
CA ARG D 238 -13.74 25.58 -7.49
C ARG D 238 -14.05 25.56 -6.01
N GLN D 239 -15.05 26.33 -5.58
CA GLN D 239 -15.45 26.32 -4.18
C GLN D 239 -16.25 25.05 -3.89
N LEU D 240 -16.47 24.79 -2.60
CA LEU D 240 -17.17 23.59 -2.14
C LEU D 240 -16.46 22.32 -2.64
N LEU D 241 -15.14 22.38 -2.65
CA LEU D 241 -14.34 21.24 -3.13
C LEU D 241 -13.52 20.62 -2.00
N ASP D 262 -7.93 24.18 -17.74
CA ASP D 262 -8.42 22.83 -17.99
C ASP D 262 -9.49 22.43 -16.98
N VAL D 263 -9.63 21.13 -16.75
CA VAL D 263 -10.58 20.60 -15.79
C VAL D 263 -9.93 19.43 -15.06
N ILE D 264 -10.13 19.36 -13.75
CA ILE D 264 -9.54 18.32 -12.92
C ILE D 264 -10.64 17.65 -12.12
N ILE D 265 -10.54 16.32 -11.99
CA ILE D 265 -11.59 15.51 -11.36
C ILE D 265 -11.15 15.15 -9.95
N SER D 266 -12.08 15.28 -9.00
CA SER D 266 -11.80 14.85 -7.64
C SER D 266 -11.91 13.34 -7.53
N GLN D 267 -10.97 12.74 -6.79
CA GLN D 267 -10.93 11.28 -6.71
C GLN D 267 -12.10 10.73 -5.91
N LYS D 268 -12.45 11.38 -4.80
CA LYS D 268 -13.51 10.88 -3.94
C LYS D 268 -14.87 11.32 -4.47
N ARG D 269 -15.69 10.35 -4.85
CA ARG D 269 -17.03 10.66 -5.35
C ARG D 269 -17.91 11.15 -4.22
N ILE D 270 -18.69 12.20 -4.49
CA ILE D 270 -19.52 12.80 -3.46
C ILE D 270 -20.79 12.00 -3.24
N GLY D 271 -21.52 11.72 -4.31
CA GLY D 271 -22.74 10.94 -4.22
C GLY D 271 -22.62 9.66 -5.00
N ASN D 272 -21.46 9.00 -4.85
CA ASN D 272 -21.03 7.86 -5.66
C ASN D 272 -20.75 8.25 -7.10
N LEU D 273 -20.78 9.54 -7.41
CA LEU D 273 -20.57 10.13 -8.72
C LEU D 273 -19.31 10.97 -8.73
N PRO D 274 -18.45 10.83 -9.75
CA PRO D 274 -17.23 11.64 -9.79
C PRO D 274 -17.57 13.12 -9.92
N ALA D 275 -16.80 13.95 -9.24
CA ALA D 275 -17.00 15.39 -9.24
C ALA D 275 -15.91 16.07 -10.08
N VAL D 276 -16.31 17.11 -10.81
CA VAL D 276 -15.38 17.89 -11.62
C VAL D 276 -15.57 19.36 -11.28
N ARG D 277 -14.62 20.17 -11.74
CA ARG D 277 -14.67 21.62 -11.56
C ARG D 277 -14.37 22.28 -12.91
N VAL D 278 -15.36 22.99 -13.45
CA VAL D 278 -15.20 23.71 -14.70
C VAL D 278 -14.60 25.07 -14.33
N PRO D 279 -13.80 25.70 -15.22
CA PRO D 279 -13.17 26.98 -14.86
C PRO D 279 -14.08 28.01 -14.24
N TYR D 280 -15.13 28.43 -14.94
CA TYR D 280 -16.00 29.50 -14.46
C TYR D 280 -17.38 28.94 -14.15
N PHE D 281 -17.90 29.30 -12.99
CA PHE D 281 -19.16 28.74 -12.51
C PHE D 281 -19.65 29.52 -11.30
N PRO D 282 -20.93 29.82 -11.22
CA PRO D 282 -21.46 30.42 -9.98
C PRO D 282 -21.35 29.42 -8.84
N ALA D 283 -20.50 29.73 -7.85
CA ALA D 283 -20.13 28.74 -6.85
C ALA D 283 -21.32 28.28 -6.02
N ASP D 284 -22.31 29.14 -5.80
CA ASP D 284 -23.42 28.79 -4.93
C ASP D 284 -24.40 27.81 -5.55
N ALA D 285 -24.15 27.34 -6.78
CA ALA D 285 -25.05 26.42 -7.46
C ALA D 285 -24.25 25.24 -7.98
N MET D 286 -24.96 24.25 -8.53
CA MET D 286 -24.30 23.07 -9.09
C MET D 286 -25.31 22.33 -9.95
N LEU D 287 -24.81 21.47 -10.84
CA LEU D 287 -25.71 20.69 -11.67
C LEU D 287 -25.18 19.29 -11.89
N ILE D 288 -26.08 18.31 -11.85
CA ILE D 288 -25.76 16.92 -12.14
C ILE D 288 -26.27 16.60 -13.53
N THR D 289 -25.37 16.13 -14.40
CA THR D 289 -25.72 15.77 -15.77
C THR D 289 -24.53 15.05 -16.38
N LYS D 290 -24.71 14.58 -17.60
CA LYS D 290 -23.63 13.94 -18.34
C LYS D 290 -22.69 15.02 -18.85
N LEU D 291 -21.70 14.62 -19.66
CA LEU D 291 -20.80 15.57 -20.28
C LEU D 291 -21.01 15.70 -21.78
N GLU D 292 -21.68 14.74 -22.41
CA GLU D 292 -22.08 14.87 -23.81
C GLU D 292 -23.43 15.53 -23.97
N ASN D 293 -24.16 15.75 -22.88
CA ASN D 293 -25.51 16.29 -22.97
C ASN D 293 -25.52 17.76 -23.38
N LEU D 294 -24.45 18.51 -23.11
CA LEU D 294 -24.38 19.90 -23.49
C LEU D 294 -23.90 20.02 -24.93
N SER D 295 -24.16 21.17 -25.55
CA SER D 295 -23.68 21.35 -26.91
C SER D 295 -23.75 22.81 -27.29
N ILE D 296 -22.93 23.17 -28.28
CA ILE D 296 -23.02 24.47 -28.94
C ILE D 296 -23.14 24.24 -30.44
N TYR D 297 -23.98 25.04 -31.09
CA TYR D 297 -24.25 24.93 -32.52
C TYR D 297 -23.76 26.22 -33.18
N TYR D 298 -22.79 26.09 -34.06
CA TYR D 298 -22.24 27.25 -34.76
C TYR D 298 -22.71 27.21 -36.21
N MET D 299 -23.44 28.25 -36.60
CA MET D 299 -23.99 28.30 -37.95
C MET D 299 -22.87 28.36 -38.98
N ASP D 300 -22.87 27.40 -39.89
CA ASP D 300 -21.78 27.29 -40.86
C ASP D 300 -21.77 28.51 -41.78
N ASP D 301 -20.57 28.77 -42.32
CA ASP D 301 -20.37 29.83 -43.31
C ASP D 301 -20.81 31.19 -42.78
N SER D 302 -20.57 31.44 -41.50
CA SER D 302 -20.85 32.74 -40.88
C SER D 302 -19.67 33.06 -39.97
N HIS D 303 -18.64 33.69 -40.55
CA HIS D 303 -17.47 34.12 -39.78
C HIS D 303 -16.83 35.28 -40.56
N ARG D 304 -17.09 36.50 -40.09
CA ARG D 304 -16.61 37.69 -40.77
C ARG D 304 -15.48 38.31 -39.95
N ARG D 305 -14.29 38.37 -40.54
CA ARG D 305 -13.11 38.93 -39.88
C ARG D 305 -12.55 40.03 -40.75
N VAL D 306 -12.59 41.26 -40.26
CA VAL D 306 -12.03 42.40 -40.96
C VAL D 306 -10.97 43.05 -40.09
N ILE D 307 -9.97 43.64 -40.73
CA ILE D 307 -8.84 44.24 -40.04
C ILE D 307 -8.62 45.64 -40.61
N GLU D 308 -8.80 46.65 -39.75
CA GLU D 308 -8.72 48.04 -40.17
C GLU D 308 -7.55 48.72 -39.48
N GLU D 309 -7.08 49.80 -40.09
CA GLU D 309 -5.93 50.54 -39.59
C GLU D 309 -6.23 52.04 -39.70
N ASN D 310 -6.70 52.64 -38.61
CA ASN D 310 -7.07 54.04 -38.62
C ASN D 310 -5.99 54.87 -37.93
N PRO D 311 -5.16 55.61 -38.67
CA PRO D 311 -4.10 56.38 -38.02
C PRO D 311 -4.60 57.60 -37.28
N LYS D 312 -5.91 57.89 -37.32
CA LYS D 312 -6.44 59.00 -36.52
C LYS D 312 -6.09 58.83 -35.05
N LEU D 313 -6.34 57.64 -34.52
CA LEU D 313 -5.70 57.19 -33.30
C LEU D 313 -4.49 56.35 -33.67
N ASP D 314 -3.69 56.00 -32.67
CA ASP D 314 -2.50 55.20 -32.92
C ASP D 314 -2.80 53.73 -32.59
N ARG D 315 -3.68 53.14 -33.38
CA ARG D 315 -4.09 51.77 -33.09
C ARG D 315 -4.54 51.06 -34.37
N VAL D 316 -4.47 49.74 -34.33
CA VAL D 316 -4.92 48.87 -35.41
C VAL D 316 -6.06 48.03 -34.87
N GLU D 317 -7.21 48.09 -35.52
CA GLU D 317 -8.41 47.45 -35.01
C GLU D 317 -8.73 46.18 -35.78
N ASN D 318 -9.43 45.26 -35.11
CA ASN D 318 -9.80 43.98 -35.68
C ASN D 318 -11.20 43.62 -35.20
N TYR D 319 -12.09 43.36 -36.15
CA TYR D 319 -13.48 43.00 -35.87
C TYR D 319 -13.73 41.57 -36.33
N GLU D 320 -14.33 40.76 -35.46
CA GLU D 320 -14.66 39.38 -35.78
C GLU D 320 -16.07 39.10 -35.31
N SER D 321 -16.87 38.49 -36.19
CA SER D 321 -18.26 38.18 -35.90
C SER D 321 -18.56 36.74 -36.29
N MET D 322 -19.23 36.02 -35.38
CA MET D 322 -19.57 34.62 -35.57
C MET D 322 -20.96 34.37 -34.99
N ASN D 323 -21.64 33.36 -35.52
CA ASN D 323 -23.00 33.03 -35.12
C ASN D 323 -23.00 31.70 -34.38
N ILE D 324 -23.50 31.72 -33.14
CA ILE D 324 -23.53 30.54 -32.29
C ILE D 324 -24.83 30.50 -31.50
N ASP D 325 -25.15 29.33 -30.97
CA ASP D 325 -26.21 29.18 -29.97
C ASP D 325 -25.92 27.98 -29.10
N TYR D 326 -26.00 28.17 -27.78
CA TYR D 326 -25.86 27.09 -26.83
C TYR D 326 -27.16 26.28 -26.75
N VAL D 327 -27.04 25.03 -26.34
CA VAL D 327 -28.23 24.20 -26.19
C VAL D 327 -27.88 23.00 -25.34
N VAL D 328 -28.90 22.44 -24.69
CA VAL D 328 -28.79 21.18 -23.98
C VAL D 328 -29.54 20.13 -24.79
N GLU D 329 -28.93 18.96 -24.95
CA GLU D 329 -29.51 17.94 -25.84
C GLU D 329 -30.84 17.45 -25.30
N ASP D 330 -30.84 16.85 -24.13
CA ASP D 330 -32.06 16.33 -23.52
C ASP D 330 -32.28 17.02 -22.18
N TYR D 331 -33.50 17.46 -21.93
CA TYR D 331 -33.79 18.11 -20.66
C TYR D 331 -33.81 17.12 -19.50
N ALA D 332 -34.02 15.85 -19.79
CA ALA D 332 -33.72 14.83 -18.80
C ALA D 332 -32.21 14.67 -18.68
N ALA D 333 -31.79 13.70 -17.88
CA ALA D 333 -30.36 13.46 -17.64
C ALA D 333 -29.65 14.72 -17.14
N GLY D 334 -30.39 15.59 -16.46
CA GLY D 334 -29.78 16.81 -15.93
C GLY D 334 -30.68 17.59 -15.01
N CYS D 335 -30.14 17.95 -13.84
CA CYS D 335 -30.83 18.81 -12.90
C CYS D 335 -29.80 19.74 -12.28
N LEU D 336 -30.28 20.77 -11.57
CA LEU D 336 -29.36 21.70 -10.93
C LEU D 336 -30.01 22.31 -9.70
N VAL D 337 -29.19 22.57 -8.69
CA VAL D 337 -29.59 23.28 -7.49
C VAL D 337 -28.95 24.66 -7.53
N GLU D 338 -29.71 25.67 -7.09
CA GLU D 338 -29.38 27.06 -7.36
C GLU D 338 -28.81 27.79 -6.15
N LYS D 339 -29.53 27.83 -5.04
CA LYS D 339 -29.16 28.69 -3.91
C LYS D 339 -28.94 27.83 -2.67
N ILE D 340 -27.69 27.44 -2.46
CA ILE D 340 -27.30 26.68 -1.27
C ILE D 340 -26.39 27.56 -0.42
N LYS D 341 -26.31 27.21 0.86
CA LYS D 341 -25.40 27.91 1.77
C LYS D 341 -25.06 26.98 2.92
N VAL D 342 -23.88 26.37 2.85
CA VAL D 342 -23.44 25.45 3.90
C VAL D 342 -23.02 26.26 5.12
N GLY D 343 -23.34 25.76 6.30
CA GLY D 343 -22.99 26.46 7.53
C GLY D 343 -23.56 25.81 8.77
N ASP D 344 -24.15 26.64 9.64
CA ASP D 344 -24.70 26.17 10.90
C ASP D 344 -26.12 26.72 11.06
N PHE D 345 -26.98 25.94 11.69
CA PHE D 345 -28.37 26.32 11.92
C PHE D 345 -28.83 25.73 13.25
N SER D 346 -29.44 26.57 14.08
CA SER D 346 -29.95 26.14 15.37
C SER D 346 -30.97 25.01 15.24
N PRO E 7 -17.88 29.36 39.71
CA PRO E 7 -17.01 30.23 38.91
C PRO E 7 -15.89 30.86 39.73
N GLU E 8 -15.90 32.19 39.82
CA GLU E 8 -14.94 32.96 40.61
C GLU E 8 -13.53 32.90 40.02
N TYR E 9 -13.34 32.16 38.95
CA TYR E 9 -12.09 32.19 38.19
C TYR E 9 -12.27 32.69 36.77
N LEU E 10 -13.42 32.45 36.15
CA LEU E 10 -13.76 33.02 34.86
C LEU E 10 -14.64 34.26 34.98
N GLN E 11 -15.11 34.58 36.19
CA GLN E 11 -15.90 35.79 36.38
C GLN E 11 -15.20 37.07 35.93
N PRO E 12 -13.91 37.27 36.16
CA PRO E 12 -13.25 38.47 35.62
C PRO E 12 -13.34 38.57 34.11
N ALA E 13 -13.54 37.47 33.41
CA ALA E 13 -13.70 37.48 31.96
C ALA E 13 -15.15 37.38 31.53
N LEU E 14 -16.09 37.41 32.46
CA LEU E 14 -17.50 37.22 32.11
C LEU E 14 -18.13 38.53 31.62
N ALA E 15 -18.17 39.54 32.49
CA ALA E 15 -18.91 40.77 32.19
C ALA E 15 -18.49 41.39 30.87
N GLN E 16 -17.23 41.18 30.47
CA GLN E 16 -16.74 41.67 29.19
C GLN E 16 -17.72 41.33 28.08
N LEU E 17 -18.07 40.04 27.94
CA LEU E 17 -19.07 39.63 26.98
C LEU E 17 -20.29 40.54 27.06
N GLU E 18 -20.91 40.58 28.24
CA GLU E 18 -22.05 41.46 28.47
C GLU E 18 -21.77 42.86 27.95
N LYS E 19 -20.65 43.45 28.37
CA LYS E 19 -20.25 44.76 27.89
C LYS E 19 -20.28 44.79 26.36
N ALA E 20 -19.48 43.91 25.74
CA ALA E 20 -19.50 43.80 24.30
C ALA E 20 -20.92 43.61 23.80
N ARG E 21 -21.64 42.65 24.40
CA ARG E 21 -23.04 42.43 24.04
C ARG E 21 -23.80 43.75 24.05
N ALA E 22 -23.73 44.46 25.19
CA ALA E 22 -24.42 45.75 25.30
C ALA E 22 -24.10 46.63 24.11
N ALA E 23 -22.82 46.79 23.81
CA ALA E 23 -22.41 47.63 22.69
C ALA E 23 -23.17 47.25 21.43
N HIS E 24 -23.14 45.96 21.07
CA HIS E 24 -23.81 45.51 19.87
C HIS E 24 -25.25 45.98 19.85
N LEU E 25 -25.96 45.77 20.97
CA LEU E 25 -27.36 46.21 21.07
C LEU E 25 -27.49 47.65 20.61
N GLU E 26 -26.72 48.55 21.23
CA GLU E 26 -26.77 49.95 20.85
C GLU E 26 -26.66 50.10 19.35
N ASN E 27 -25.61 49.52 18.76
CA ASN E 27 -25.42 49.57 17.32
C ASN E 27 -26.69 49.13 16.60
N ALA E 28 -27.15 47.91 16.92
CA ALA E 28 -28.35 47.39 16.28
C ALA E 28 -29.49 48.40 16.39
N ARG E 29 -29.69 48.94 17.59
CA ARG E 29 -30.74 49.93 17.80
C ARG E 29 -30.61 51.05 16.78
N LEU E 30 -29.45 51.71 16.74
CA LEU E 30 -29.23 52.79 15.79
C LEU E 30 -29.69 52.39 14.41
N MET E 31 -29.29 51.18 13.98
CA MET E 31 -29.65 50.69 12.66
C MET E 31 -31.14 50.88 12.40
N ASP E 32 -31.98 50.23 13.21
CA ASP E 32 -33.41 50.29 12.94
C ASP E 32 -33.90 51.72 12.98
N GLU E 33 -33.36 52.53 13.91
CA GLU E 33 -33.70 53.94 13.95
C GLU E 33 -33.47 54.58 12.58
N THR E 34 -32.23 54.51 12.10
CA THR E 34 -31.93 55.06 10.79
C THR E 34 -32.91 54.53 9.76
N VAL E 35 -33.22 53.23 9.82
CA VAL E 35 -34.17 52.64 8.90
C VAL E 35 -35.48 53.43 8.92
N THR E 36 -36.14 53.47 10.08
CA THR E 36 -37.43 54.14 10.13
C THR E 36 -37.27 55.60 9.73
N ALA E 37 -36.10 56.19 9.98
CA ALA E 37 -35.85 57.56 9.57
C ALA E 37 -36.18 57.75 8.09
N ILE E 38 -35.51 56.98 7.23
CA ILE E 38 -35.75 57.17 5.79
C ILE E 38 -37.21 56.91 5.48
N GLU E 39 -37.81 55.91 6.15
CA GLU E 39 -39.21 55.58 5.91
C GLU E 39 -40.06 56.82 6.10
N ARG E 40 -39.85 57.53 7.22
CA ARG E 40 -40.56 58.77 7.46
C ARG E 40 -40.46 59.69 6.25
N ALA E 41 -39.23 60.02 5.86
CA ALA E 41 -39.03 60.86 4.68
C ALA E 41 -39.80 60.30 3.50
N GLU E 42 -39.63 59.00 3.25
CA GLU E 42 -40.37 58.36 2.17
C GLU E 42 -41.86 58.57 2.36
N GLN E 43 -42.40 58.15 3.51
CA GLN E 43 -43.84 58.24 3.73
C GLN E 43 -44.34 59.68 3.72
N GLU E 44 -43.44 60.65 3.67
CA GLU E 44 -43.83 62.04 3.50
C GLU E 44 -43.58 62.53 2.09
N LYS E 45 -42.44 62.16 1.51
CA LYS E 45 -41.91 62.87 0.35
C LYS E 45 -42.94 62.95 -0.77
N ASN E 46 -43.27 61.79 -1.34
CA ASN E 46 -44.25 61.72 -2.41
C ASN E 46 -45.47 62.58 -2.09
N ALA E 47 -46.02 62.39 -0.88
CA ALA E 47 -47.20 63.12 -0.47
C ALA E 47 -47.04 64.61 -0.73
N LEU E 48 -46.00 65.21 -0.14
CA LEU E 48 -45.75 66.63 -0.34
C LEU E 48 -45.66 66.94 -1.83
N ALA E 49 -44.83 66.18 -2.55
CA ALA E 49 -44.70 66.37 -3.99
C ALA E 49 -46.07 66.32 -4.65
N GLN E 50 -46.85 65.29 -4.32
CA GLN E 50 -48.19 65.15 -4.87
C GLN E 50 -48.98 66.43 -4.68
N ALA E 51 -48.97 66.96 -3.45
CA ALA E 51 -49.70 68.19 -3.15
C ALA E 51 -49.33 69.27 -4.16
N ASP E 52 -48.03 69.50 -4.34
CA ASP E 52 -47.57 70.50 -5.30
C ASP E 52 -48.26 70.30 -6.63
N GLY E 53 -48.15 69.09 -7.19
CA GLY E 53 -48.81 68.80 -8.46
C GLY E 53 -50.26 69.23 -8.44
N ASN E 54 -51.01 68.77 -7.42
CA ASN E 54 -52.41 69.15 -7.30
C ASN E 54 -52.56 70.65 -7.42
N ASP E 55 -51.85 71.38 -6.56
CA ASP E 55 -51.91 72.85 -6.60
C ASP E 55 -51.69 73.35 -8.01
N ALA E 56 -50.60 72.89 -8.64
CA ALA E 56 -50.29 73.31 -10.00
C ALA E 56 -51.51 73.17 -10.89
N ASP E 57 -52.11 71.98 -10.90
CA ASP E 57 -53.30 71.75 -11.70
C ASP E 57 -54.34 72.84 -11.46
N ASP E 58 -54.75 73.00 -10.21
CA ASP E 58 -55.74 74.02 -9.89
C ASP E 58 -55.29 75.38 -10.37
N TRP E 59 -54.02 75.72 -10.10
CA TRP E 59 -53.51 77.03 -10.48
C TRP E 59 -53.66 77.24 -11.98
N ARG E 60 -53.38 76.19 -12.77
CA ARG E 60 -53.56 76.30 -14.21
C ARG E 60 -54.97 76.74 -14.55
N THR E 61 -55.98 76.06 -13.98
CA THR E 61 -57.35 76.49 -14.19
C THR E 61 -57.57 77.89 -13.66
N ALA E 62 -56.99 78.20 -12.50
CA ALA E 62 -57.14 79.53 -11.94
C ALA E 62 -56.49 80.58 -12.83
N PHE E 63 -55.57 80.17 -13.71
CA PHE E 63 -54.95 81.11 -14.62
C PHE E 63 -55.73 81.25 -15.92
N ARG E 64 -56.63 80.31 -16.22
CA ARG E 64 -57.43 80.38 -17.43
C ARG E 64 -58.75 81.12 -17.22
N ALA E 65 -59.18 81.29 -15.97
CA ALA E 65 -60.45 81.96 -15.71
C ALA E 65 -60.37 83.45 -16.04
N ALA E 66 -59.46 84.16 -15.38
CA ALA E 66 -59.32 85.60 -15.56
C ALA E 66 -58.51 85.97 -16.80
N GLY E 67 -58.26 85.01 -17.69
CA GLY E 67 -57.52 85.34 -18.91
C GLY E 67 -56.05 85.56 -18.64
N GLY E 68 -55.51 86.60 -19.26
CA GLY E 68 -54.10 86.91 -19.12
C GLY E 68 -53.80 88.03 -18.15
N VAL E 69 -54.71 88.28 -17.21
CA VAL E 69 -54.55 89.31 -16.20
C VAL E 69 -54.72 88.70 -14.82
N LEU E 70 -54.06 89.29 -13.84
CA LEU E 70 -54.11 88.80 -12.47
C LEU E 70 -53.69 89.92 -11.53
N SER E 71 -54.33 89.94 -10.35
CA SER E 71 -54.04 90.96 -9.35
C SER E 71 -54.54 90.48 -8.00
N ASP E 72 -53.71 90.66 -6.97
CA ASP E 72 -54.04 90.34 -5.59
C ASP E 72 -54.16 88.83 -5.40
N GLU E 73 -54.04 88.08 -6.49
CA GLU E 73 -54.10 86.62 -6.44
C GLU E 73 -53.24 86.07 -7.56
N LEU E 74 -53.01 84.76 -7.52
CA LEU E 74 -52.20 84.03 -8.48
C LEU E 74 -50.78 84.57 -8.56
N LYS E 75 -50.37 85.40 -7.61
CA LYS E 75 -49.01 85.95 -7.55
C LYS E 75 -48.27 85.48 -6.31
N GLN E 76 -48.88 85.65 -5.14
CA GLN E 76 -48.28 85.11 -3.91
C GLN E 76 -48.30 83.59 -3.92
N ARG E 77 -49.39 83.00 -4.41
CA ARG E 77 -49.45 81.54 -4.49
C ARG E 77 -48.49 81.00 -5.55
N HIS E 78 -48.31 81.74 -6.64
CA HIS E 78 -47.39 81.30 -7.68
C HIS E 78 -45.95 81.28 -7.17
N ILE E 79 -45.52 82.37 -6.54
CA ILE E 79 -44.17 82.42 -6.00
C ILE E 79 -44.03 81.44 -4.84
N GLU E 80 -45.12 81.17 -4.11
CA GLU E 80 -45.08 80.16 -3.06
C GLU E 80 -44.83 78.78 -3.63
N ARG E 81 -45.53 78.43 -4.72
CA ARG E 81 -45.30 77.15 -5.37
C ARG E 81 -43.89 77.05 -5.93
N VAL E 82 -43.39 78.16 -6.48
CA VAL E 82 -42.01 78.16 -7.00
C VAL E 82 -41.02 77.94 -5.86
N ALA E 83 -41.24 78.59 -4.72
CA ALA E 83 -40.37 78.38 -3.56
C ALA E 83 -40.42 76.93 -3.10
N ARG E 84 -41.61 76.34 -3.06
CA ARG E 84 -41.73 74.94 -2.64
C ARG E 84 -40.99 74.02 -3.60
N ARG E 85 -41.13 74.25 -4.91
CA ARG E 85 -40.41 73.45 -5.89
C ARG E 85 -38.91 73.62 -5.74
N GLU E 86 -38.46 74.80 -5.32
CA GLU E 86 -37.03 74.99 -5.07
C GLU E 86 -36.59 74.24 -3.83
N LEU E 87 -37.44 74.20 -2.81
CA LEU E 87 -37.05 73.62 -1.52
C LEU E 87 -37.09 72.09 -1.54
N VAL E 88 -37.92 71.49 -2.39
CA VAL E 88 -37.99 70.03 -2.43
C VAL E 88 -36.71 69.39 -2.96
N GLN E 89 -35.80 70.19 -3.54
CA GLN E 89 -34.57 69.64 -4.09
C GLN E 89 -33.74 68.93 -3.01
N GLU E 90 -33.33 69.68 -1.99
CA GLU E 90 -32.57 69.06 -0.90
C GLU E 90 -33.39 68.03 -0.15
N TYR E 91 -34.71 68.20 -0.13
CA TYR E 91 -35.59 67.20 0.47
C TYR E 91 -35.39 65.85 -0.20
N ASP E 92 -35.40 65.82 -1.53
CA ASP E 92 -35.12 64.59 -2.27
C ASP E 92 -33.65 64.20 -2.15
N ASN E 93 -32.76 65.18 -1.97
CA ASN E 93 -31.33 64.90 -1.95
C ASN E 93 -30.89 64.18 -0.68
N LEU E 94 -31.55 64.46 0.44
CA LEU E 94 -31.13 63.90 1.74
C LEU E 94 -31.07 62.37 1.75
N ALA E 95 -31.75 61.72 0.81
CA ALA E 95 -31.78 60.26 0.81
C ALA E 95 -30.37 59.67 0.64
N VAL E 96 -29.56 60.29 -0.22
CA VAL E 96 -28.24 59.71 -0.51
C VAL E 96 -27.32 59.84 0.70
N VAL E 97 -27.36 60.98 1.39
CA VAL E 97 -26.52 61.12 2.57
C VAL E 97 -27.02 60.23 3.69
N LEU E 98 -28.33 60.02 3.79
CA LEU E 98 -28.85 59.11 4.81
C LEU E 98 -28.40 57.68 4.54
N ASN E 99 -28.45 57.24 3.28
CA ASN E 99 -27.99 55.90 2.95
C ASN E 99 -26.49 55.74 3.20
N PHE E 100 -25.71 56.76 2.84
CA PHE E 100 -24.28 56.70 3.11
C PHE E 100 -24.00 56.59 4.60
N GLU E 101 -24.75 57.33 5.41
CA GLU E 101 -24.56 57.23 6.86
C GLU E 101 -25.00 55.88 7.39
N ARG E 102 -26.02 55.27 6.78
CA ARG E 102 -26.49 53.97 7.23
C ARG E 102 -25.50 52.86 6.90
N GLU E 103 -24.79 52.98 5.78
CA GLU E 103 -23.90 51.91 5.34
C GLU E 103 -22.80 51.64 6.37
N ARG E 104 -22.07 52.67 6.77
CA ARG E 104 -20.99 52.48 7.73
C ARG E 104 -21.51 52.01 9.07
N LEU E 105 -22.71 52.44 9.46
CA LEU E 105 -23.28 51.99 10.71
C LEU E 105 -23.58 50.50 10.66
N LYS E 106 -24.13 50.02 9.54
CA LYS E 106 -24.39 48.59 9.42
C LYS E 106 -23.08 47.80 9.40
N GLY E 107 -22.04 48.36 8.79
CA GLY E 107 -20.74 47.70 8.82
C GLY E 107 -20.23 47.55 10.24
N ALA E 108 -20.26 48.64 11.02
CA ALA E 108 -19.83 48.57 12.40
C ALA E 108 -20.70 47.61 13.22
N CYS E 109 -22.00 47.54 12.90
CA CYS E 109 -22.87 46.61 13.59
C CYS E 109 -22.44 45.16 13.35
N ASP E 110 -22.17 44.81 12.09
CA ASP E 110 -21.68 43.47 11.80
C ASP E 110 -20.36 43.19 12.50
N SER E 111 -19.47 44.19 12.52
CA SER E 111 -18.18 44.01 13.18
C SER E 111 -18.34 43.71 14.66
N THR E 112 -19.12 44.53 15.37
CA THR E 112 -19.29 44.30 16.79
C THR E 112 -20.04 43.00 17.08
N ALA E 113 -20.96 42.61 16.19
CA ALA E 113 -21.62 41.32 16.37
C ALA E 113 -20.63 40.18 16.29
N THR E 114 -19.74 40.22 15.28
CA THR E 114 -18.73 39.18 15.17
C THR E 114 -17.83 39.14 16.39
N ALA E 115 -17.42 40.32 16.88
CA ALA E 115 -16.55 40.37 18.06
C ALA E 115 -17.25 39.76 19.27
N TYR E 116 -18.52 40.10 19.50
CA TYR E 116 -19.25 39.54 20.62
C TYR E 116 -19.37 38.04 20.50
N ARG E 117 -19.68 37.54 19.30
CA ARG E 117 -19.76 36.11 19.09
C ARG E 117 -18.45 35.41 19.46
N LYS E 118 -17.33 35.97 18.99
CA LYS E 118 -16.04 35.36 19.26
C LYS E 118 -15.73 35.34 20.76
N ALA E 119 -16.00 36.45 21.45
CA ALA E 119 -15.75 36.50 22.89
C ALA E 119 -16.61 35.48 23.63
N HIS E 120 -17.89 35.38 23.25
CA HIS E 120 -18.78 34.40 23.87
C HIS E 120 -18.25 32.99 23.69
N HIS E 121 -17.86 32.64 22.46
CA HIS E 121 -17.34 31.30 22.21
C HIS E 121 -16.09 31.05 23.03
N HIS E 122 -15.21 32.04 23.15
CA HIS E 122 -13.99 31.85 23.91
C HIS E 122 -14.28 31.57 25.39
N LEU E 123 -15.18 32.35 25.98
CA LEU E 123 -15.51 32.13 27.39
C LEU E 123 -16.14 30.75 27.59
N LEU E 124 -17.05 30.38 26.70
CA LEU E 124 -17.69 29.07 26.81
C LEU E 124 -16.66 27.95 26.72
N SER E 125 -15.67 28.12 25.81
CA SER E 125 -14.62 27.13 25.67
C SER E 125 -13.81 27.00 26.96
N LEU E 126 -13.45 28.14 27.54
CA LEU E 126 -12.68 28.11 28.79
C LEU E 126 -13.44 27.36 29.87
N TYR E 127 -14.73 27.69 30.04
CA TYR E 127 -15.51 27.03 31.08
C TYR E 127 -15.62 25.53 30.84
N ALA E 128 -15.90 25.14 29.59
CA ALA E 128 -16.04 23.72 29.28
C ALA E 128 -14.75 22.97 29.56
N GLU E 129 -13.61 23.55 29.17
CA GLU E 129 -12.34 22.90 29.42
C GLU E 129 -12.08 22.71 30.90
N HIS E 130 -12.28 23.78 31.69
CA HIS E 130 -12.05 23.66 33.12
C HIS E 130 -12.97 22.62 33.75
N GLU E 131 -14.24 22.61 33.32
CA GLU E 131 -15.17 21.66 33.90
C GLU E 131 -14.79 20.23 33.57
N LEU E 132 -14.43 19.96 32.32
CA LEU E 132 -14.04 18.60 31.95
C LEU E 132 -12.80 18.17 32.72
N GLU E 133 -11.81 19.05 32.83
CA GLU E 133 -10.58 18.69 33.55
C GLU E 133 -10.90 18.38 35.01
N HIS E 134 -11.69 19.24 35.66
CA HIS E 134 -11.97 19.04 37.07
C HIS E 134 -12.86 17.83 37.31
N ALA E 135 -13.68 17.47 36.32
CA ALA E 135 -14.53 16.29 36.47
C ALA E 135 -13.78 15.00 36.18
N LEU E 136 -12.72 15.07 35.36
CA LEU E 136 -11.94 13.87 35.08
C LEU E 136 -10.86 13.62 36.11
N ASN E 137 -10.33 14.68 36.74
CA ASN E 137 -9.24 14.48 37.68
C ASN E 137 -9.74 14.11 39.06
N GLU E 138 -10.88 14.65 39.48
CA GLU E 138 -11.35 14.47 40.86
C GLU E 138 -12.16 13.19 41.04
N THR E 139 -13.28 13.09 40.33
CA THR E 139 -14.18 11.95 40.50
C THR E 139 -13.89 10.89 39.44
N CYS E 140 -14.77 9.89 39.37
CA CYS E 140 -14.64 8.77 38.43
C CYS E 140 -13.33 8.03 38.65
N GLU E 141 -13.20 7.45 39.84
CA GLU E 141 -12.01 6.68 40.21
C GLU E 141 -12.27 5.19 40.35
N ALA E 142 -13.48 4.79 40.77
CA ALA E 142 -13.79 3.37 40.82
C ALA E 142 -13.75 2.75 39.44
N LEU E 143 -14.05 3.54 38.40
CA LEU E 143 -13.91 3.05 37.04
C LEU E 143 -12.48 2.60 36.76
N VAL E 144 -11.50 3.33 37.29
CA VAL E 144 -10.11 2.99 37.02
C VAL E 144 -9.76 1.64 37.64
N ARG E 145 -10.14 1.42 38.90
CA ARG E 145 -9.81 0.14 39.52
C ARG E 145 -10.61 -1.01 38.89
N ALA E 146 -11.85 -0.75 38.48
CA ALA E 146 -12.61 -1.78 37.78
C ALA E 146 -11.94 -2.17 36.48
N MET E 147 -11.50 -1.17 35.71
CA MET E 147 -10.81 -1.46 34.45
C MET E 147 -9.49 -2.17 34.70
N HIS E 148 -8.79 -1.80 35.78
CA HIS E 148 -7.53 -2.48 36.08
C HIS E 148 -7.77 -3.94 36.42
N LEU E 149 -8.82 -4.24 37.19
CA LEU E 149 -9.16 -5.62 37.48
C LEU E 149 -9.54 -6.35 36.20
N SER E 150 -10.29 -5.70 35.31
CA SER E 150 -10.66 -6.32 34.06
C SER E 150 -9.45 -6.67 33.21
N ILE E 151 -8.46 -5.76 33.17
CA ILE E 151 -7.23 -6.03 32.44
C ILE E 151 -6.49 -7.21 33.07
N LEU E 152 -6.35 -7.18 34.40
CA LEU E 152 -5.66 -8.27 35.07
C LEU E 152 -6.33 -9.61 34.79
N VAL E 153 -7.65 -9.62 34.68
CA VAL E 153 -8.35 -10.84 34.31
C VAL E 153 -8.05 -11.23 32.87
N GLN E 154 -8.10 -10.26 31.95
CA GLN E 154 -7.96 -10.56 30.53
C GLN E 154 -6.54 -10.98 30.17
N GLU E 155 -5.56 -10.59 30.97
CA GLU E 155 -4.18 -10.97 30.70
C GLU E 155 -3.94 -12.47 30.86
N ASN E 156 -4.83 -13.15 31.57
CA ASN E 156 -4.69 -14.59 31.77
C ASN E 156 -4.59 -15.30 30.42
N PRO E 157 -3.76 -16.35 30.33
CA PRO E 157 -3.63 -17.04 29.03
C PRO E 157 -4.92 -17.64 28.52
N LEU E 158 -5.75 -18.19 29.40
CA LEU E 158 -7.00 -18.82 28.98
C LEU E 158 -8.11 -17.79 28.84
N ALA E 159 -7.80 -16.69 28.15
CA ALA E 159 -8.76 -15.62 27.93
C ALA E 159 -9.03 -15.36 26.46
N ASN E 160 -7.99 -15.25 25.65
CA ASN E 160 -8.14 -14.83 24.25
C ASN E 160 -8.91 -15.88 23.48
N THR E 161 -10.13 -15.53 23.05
CA THR E 161 -10.89 -16.42 22.19
C THR E 161 -10.23 -16.53 20.82
N THR E 162 -9.69 -15.43 20.30
CA THR E 162 -9.01 -15.44 19.02
C THR E 162 -7.62 -16.04 19.18
N GLY E 163 -7.16 -16.72 18.14
CA GLY E 163 -5.85 -17.35 18.14
C GLY E 163 -4.73 -16.37 17.88
N HIS E 164 -3.68 -16.85 17.20
CA HIS E 164 -2.54 -16.01 16.89
C HIS E 164 -2.88 -14.89 15.92
N GLN E 165 -3.94 -15.04 15.13
CA GLN E 165 -4.36 -14.04 14.17
C GLN E 165 -5.43 -13.16 14.81
N GLY E 166 -5.18 -11.84 14.81
CA GLY E 166 -6.10 -10.91 15.43
C GLY E 166 -6.13 -10.94 16.93
N TYR E 167 -5.06 -11.41 17.58
CA TYR E 167 -4.98 -11.45 19.04
C TYR E 167 -4.76 -10.02 19.54
N VAL E 168 -5.85 -9.26 19.55
CA VAL E 168 -5.76 -7.86 19.97
C VAL E 168 -5.36 -7.78 21.43
N ALA E 169 -4.61 -6.75 21.78
CA ALA E 169 -4.19 -6.57 23.16
C ALA E 169 -5.39 -6.28 24.04
N PRO E 170 -5.41 -6.81 25.27
CA PRO E 170 -6.57 -6.57 26.15
C PRO E 170 -6.80 -5.11 26.44
N GLU E 171 -5.74 -4.31 26.54
CA GLU E 171 -5.90 -2.89 26.81
C GLU E 171 -6.74 -2.22 25.74
N LYS E 172 -6.36 -2.40 24.48
CA LYS E 172 -7.13 -1.80 23.39
C LYS E 172 -8.54 -2.34 23.32
N ALA E 173 -8.73 -3.63 23.66
CA ALA E 173 -10.07 -4.20 23.62
C ALA E 173 -10.98 -3.54 24.65
N VAL E 174 -10.53 -3.47 25.91
CA VAL E 174 -11.37 -2.86 26.93
C VAL E 174 -11.53 -1.37 26.67
N MET E 175 -10.52 -0.73 26.07
CA MET E 175 -10.65 0.69 25.76
C MET E 175 -11.69 0.91 24.68
N GLN E 176 -11.71 0.08 23.64
CA GLN E 176 -12.74 0.19 22.64
C GLN E 176 -14.12 -0.07 23.23
N GLN E 177 -14.20 -1.04 24.15
CA GLN E 177 -15.48 -1.34 24.80
C GLN E 177 -15.99 -0.13 25.57
N VAL E 178 -15.15 0.45 26.42
CA VAL E 178 -15.58 1.61 27.21
C VAL E 178 -15.89 2.79 26.31
N LYS E 179 -15.13 2.96 25.22
CA LYS E 179 -15.37 4.06 24.32
C LYS E 179 -16.72 3.94 23.65
N SER E 180 -17.05 2.74 23.16
CA SER E 180 -18.35 2.53 22.54
C SER E 180 -19.48 2.73 23.54
N SER E 181 -19.36 2.12 24.72
CA SER E 181 -20.42 2.20 25.71
C SER E 181 -20.57 3.62 26.26
N LEU E 182 -19.55 4.46 26.12
CA LEU E 182 -19.65 5.85 26.53
C LEU E 182 -20.21 6.74 25.43
N GLU E 183 -19.79 6.51 24.18
CA GLU E 183 -20.30 7.33 23.09
C GLU E 183 -21.78 7.05 22.83
N GLN E 184 -22.23 5.81 23.06
CA GLN E 184 -23.66 5.55 22.95
C GLN E 184 -24.45 6.43 23.91
N LYS E 185 -23.98 6.53 25.16
CA LYS E 185 -24.65 7.37 26.14
C LYS E 185 -24.58 8.83 25.76
N ILE E 186 -23.41 9.30 25.30
CA ILE E 186 -23.29 10.71 24.96
C ILE E 186 -24.11 11.06 23.72
N LYS E 187 -24.41 10.08 22.87
CA LYS E 187 -25.19 10.35 21.68
C LYS E 187 -26.68 10.31 21.96
N GLN E 188 -27.12 9.35 22.79
CA GLN E 188 -28.54 9.24 23.08
C GLN E 188 -29.03 10.36 23.99
N MET E 189 -28.15 11.01 24.73
CA MET E 189 -28.54 12.02 25.70
C MET E 189 -28.59 13.40 25.08
N GLN E 190 -29.13 14.35 25.85
CA GLN E 190 -29.16 15.75 25.45
C GLN E 190 -28.77 16.60 26.65
N ILE E 191 -28.57 17.90 26.40
CA ILE E 191 -28.13 18.84 27.41
C ILE E 191 -29.33 19.67 27.85
N SER E 192 -29.61 19.67 29.15
CA SER E 192 -30.70 20.45 29.70
C SER E 192 -30.26 21.90 29.88
N LEU E 193 -31.04 22.69 30.61
CA LEU E 193 -30.70 24.09 30.82
C LEU E 193 -30.92 24.53 32.26
N THR E 194 -30.96 23.61 33.21
CA THR E 194 -31.18 23.94 34.61
C THR E 194 -29.86 24.05 35.36
N GLY E 195 -29.07 25.05 34.96
CA GLY E 195 -27.81 25.34 35.63
C GLY E 195 -27.47 26.81 35.53
N GLU E 196 -27.21 27.46 36.66
CA GLU E 196 -26.99 28.91 36.71
C GLU E 196 -25.91 29.36 35.73
N PRO E 197 -24.68 28.80 35.78
CA PRO E 197 -23.63 29.32 34.89
C PRO E 197 -23.87 29.01 33.42
N VAL E 198 -24.77 28.09 33.09
CA VAL E 198 -25.04 27.80 31.70
C VAL E 198 -26.34 28.46 31.22
N LEU E 199 -27.34 28.60 32.10
CA LEU E 199 -28.55 29.30 31.70
C LEU E 199 -28.42 30.82 31.83
N ARG E 200 -27.34 31.31 32.43
CA ARG E 200 -27.23 32.74 32.70
C ARG E 200 -27.13 33.53 31.40
N LEU E 201 -26.09 33.29 30.60
CA LEU E 201 -25.95 34.01 29.35
C LEU E 201 -25.59 33.11 28.17
N THR E 202 -25.34 31.82 28.40
CA THR E 202 -24.83 30.95 27.37
C THR E 202 -25.96 30.19 26.69
N GLY E 203 -25.59 29.20 25.88
CA GLY E 203 -26.57 28.44 25.11
C GLY E 203 -26.21 28.43 23.63
N LEU E 204 -27.05 29.06 22.82
CA LEU E 204 -26.77 29.20 21.40
C LEU E 204 -25.70 30.27 21.18
N SER E 205 -25.42 30.55 19.92
CA SER E 205 -24.46 31.60 19.55
C SER E 205 -24.91 32.94 20.10
N ALA E 206 -26.06 33.43 19.65
CA ALA E 206 -26.60 34.70 20.10
C ALA E 206 -28.07 34.77 19.74
N ALA E 207 -28.71 35.86 20.15
CA ALA E 207 -30.13 36.09 19.89
C ALA E 207 -30.30 37.56 19.51
N THR E 208 -30.24 37.83 18.20
CA THR E 208 -30.41 39.18 17.69
C THR E 208 -30.76 39.10 16.21
N LEU E 209 -31.02 40.25 15.61
CA LEU E 209 -31.39 40.32 14.20
C LEU E 209 -30.19 40.11 13.28
N PRO E 210 -29.14 40.95 13.34
CA PRO E 210 -28.06 40.84 12.34
C PRO E 210 -27.07 39.76 12.71
N HIS E 211 -27.13 38.64 11.99
CA HIS E 211 -26.18 37.54 12.15
C HIS E 211 -25.39 37.29 10.88
N MET E 212 -26.07 37.03 9.76
CA MET E 212 -25.43 36.70 8.51
C MET E 212 -26.01 37.48 7.33
N ASP E 213 -27.17 38.11 7.49
CA ASP E 213 -27.86 38.81 6.42
C ASP E 213 -26.96 39.85 5.73
N TYR E 214 -26.46 40.81 6.48
CA TYR E 214 -25.62 41.84 5.87
C TYR E 214 -24.19 41.33 5.72
N GLU E 215 -23.51 41.12 6.85
CA GLU E 215 -22.13 40.63 6.90
C GLU E 215 -21.27 41.22 5.77
N VAL E 216 -21.35 42.54 5.64
CA VAL E 216 -20.61 43.21 4.57
C VAL E 216 -19.10 43.16 4.86
N ALA E 217 -18.72 43.24 6.13
CA ALA E 217 -17.31 43.14 6.48
C ALA E 217 -16.87 41.67 6.56
N GLY E 218 -17.45 40.93 7.50
CA GLY E 218 -17.12 39.53 7.67
C GLY E 218 -15.65 39.28 7.86
N THR E 219 -15.04 38.62 6.88
CA THR E 219 -13.61 38.38 6.91
C THR E 219 -12.85 39.70 6.78
N PRO E 220 -11.69 39.81 7.43
CA PRO E 220 -10.99 41.12 7.45
C PRO E 220 -10.57 41.60 6.08
N ALA E 221 -10.33 40.71 5.11
CA ALA E 221 -9.96 41.15 3.78
C ALA E 221 -11.09 41.92 3.12
N GLN E 222 -12.27 41.31 3.10
CA GLN E 222 -13.46 41.99 2.61
C GLN E 222 -13.73 43.26 3.41
N ARG E 223 -13.44 43.23 4.72
CA ARG E 223 -13.60 44.43 5.52
C ARG E 223 -12.70 45.55 5.03
N LYS E 224 -11.45 45.23 4.70
CA LYS E 224 -10.53 46.24 4.20
C LYS E 224 -10.97 46.78 2.85
N VAL E 225 -11.41 45.89 1.95
CA VAL E 225 -11.90 46.34 0.66
C VAL E 225 -13.08 47.29 0.82
N TRP E 226 -14.04 46.90 1.65
CA TRP E 226 -15.22 47.73 1.86
C TRP E 226 -14.86 49.05 2.53
N GLN E 227 -13.89 49.03 3.45
CA GLN E 227 -13.47 50.26 4.11
C GLN E 227 -12.80 51.21 3.12
N ASP E 228 -11.98 50.67 2.23
CA ASP E 228 -11.38 51.50 1.20
C ASP E 228 -12.44 52.12 0.30
N LYS E 229 -13.42 51.32 -0.12
CA LYS E 229 -14.47 51.84 -0.99
C LYS E 229 -15.29 52.89 -0.27
N ILE E 230 -15.54 52.70 1.03
CA ILE E 230 -16.30 53.68 1.80
C ILE E 230 -15.52 54.98 1.91
N ASP E 231 -14.20 54.89 2.11
CA ASP E 231 -13.39 56.10 2.14
C ASP E 231 -13.43 56.83 0.80
N GLN E 232 -13.40 56.07 -0.30
CA GLN E 232 -13.53 56.69 -1.62
C GLN E 232 -14.87 57.41 -1.75
N GLN E 233 -15.96 56.74 -1.34
CA GLN E 233 -17.27 57.35 -1.46
C GLN E 233 -17.41 58.58 -0.58
N GLY E 234 -16.77 58.57 0.59
CA GLY E 234 -16.82 59.73 1.46
C GLY E 234 -16.04 60.90 0.91
N ALA E 235 -14.84 60.63 0.39
CA ALA E 235 -14.08 61.70 -0.26
C ALA E 235 -14.81 62.25 -1.47
N GLU E 236 -15.62 61.42 -2.15
CA GLU E 236 -16.43 61.91 -3.25
C GLU E 236 -17.56 62.79 -2.75
N LEU E 237 -18.33 62.29 -1.77
CA LEU E 237 -19.48 63.04 -1.26
C LEU E 237 -19.09 64.32 -0.54
N LYS E 238 -17.83 64.43 -0.11
CA LYS E 238 -17.37 65.67 0.51
C LYS E 238 -17.63 66.88 -0.39
N ALA E 239 -17.68 66.68 -1.70
CA ALA E 239 -18.04 67.77 -2.61
C ALA E 239 -19.46 68.25 -2.36
N ARG E 240 -20.34 67.36 -1.89
CA ARG E 240 -21.70 67.74 -1.53
C ARG E 240 -21.77 68.07 -0.04
N GLY E 241 -22.98 68.22 0.48
CA GLY E 241 -23.17 68.51 1.89
C GLY E 241 -23.54 67.28 2.71
N VAL F 37 66.06 26.45 -8.02
CA VAL F 37 67.02 27.43 -8.50
C VAL F 37 67.22 28.52 -7.46
N THR F 38 66.28 28.62 -6.52
CA THR F 38 66.40 29.60 -5.44
C THR F 38 67.61 29.32 -4.58
N GLN F 39 68.07 28.07 -4.54
CA GLN F 39 69.23 27.73 -3.73
C GLN F 39 70.49 28.39 -4.27
N THR F 40 70.58 28.56 -5.58
CA THR F 40 71.71 29.28 -6.16
C THR F 40 71.76 30.72 -5.65
N LEU F 41 70.62 31.40 -5.68
CA LEU F 41 70.56 32.76 -5.19
C LEU F 41 70.86 32.84 -3.70
N MET F 42 70.31 31.91 -2.91
CA MET F 42 70.57 31.91 -1.48
C MET F 42 72.05 31.69 -1.19
N ASN F 43 72.69 30.79 -1.93
CA ASN F 43 74.11 30.53 -1.72
C ASN F 43 74.95 31.74 -2.13
N THR F 44 74.55 32.41 -3.22
CA THR F 44 75.24 33.64 -3.61
C THR F 44 75.14 34.67 -2.50
N MET F 45 73.95 34.82 -1.93
CA MET F 45 73.75 35.77 -0.84
C MET F 45 74.61 35.42 0.36
N GLN F 46 74.66 34.13 0.71
CA GLN F 46 75.47 33.70 1.85
C GLN F 46 76.95 33.99 1.61
N GLU F 47 77.44 33.67 0.40
CA GLU F 47 78.84 33.91 0.08
C GLU F 47 79.16 35.39 0.03
N SER F 48 78.15 36.23 -0.24
CA SER F 48 78.40 37.65 -0.39
C SER F 48 78.95 38.26 0.90
N SER F 49 78.32 37.98 2.03
CA SER F 49 78.74 38.53 3.31
C SER F 49 79.60 37.53 4.06
N ASP F 50 80.51 38.03 4.90
CA ASP F 50 81.47 37.16 5.57
C ASP F 50 80.82 36.37 6.70
N PHE F 51 80.06 37.08 7.55
CA PHE F 51 79.50 36.42 8.73
C PHE F 51 78.57 35.29 8.36
N LEU F 52 77.81 35.45 7.28
CA LEU F 52 76.88 34.41 6.88
C LEU F 52 77.60 33.17 6.39
N THR F 53 78.84 33.34 5.90
CA THR F 53 79.61 32.18 5.46
C THR F 53 79.96 31.28 6.64
N ARG F 54 80.17 31.88 7.81
CA ARG F 54 80.50 31.12 9.01
C ARG F 54 79.27 30.43 9.59
N ILE F 55 78.11 30.69 8.99
CA ILE F 55 76.87 30.10 9.46
C ILE F 55 76.31 29.22 8.35
N ASN F 56 75.44 28.29 8.74
CA ASN F 56 74.85 27.33 7.82
C ASN F 56 73.39 27.70 7.57
N ILE F 57 72.97 27.59 6.31
CA ILE F 57 71.59 27.85 5.90
C ILE F 57 71.15 26.67 5.05
N VAL F 58 69.93 26.19 5.28
CA VAL F 58 69.45 25.02 4.54
C VAL F 58 68.03 25.22 4.03
N PRO F 59 67.73 24.71 2.84
CA PRO F 59 66.36 24.64 2.37
C PRO F 59 65.63 23.43 2.92
N VAL F 60 64.46 23.69 3.49
CA VAL F 60 63.57 22.64 3.95
C VAL F 60 62.33 22.64 3.06
N SER F 61 61.90 21.47 2.64
CA SER F 61 60.77 21.36 1.72
C SER F 61 59.43 21.26 2.43
N GLU F 62 59.43 20.79 3.67
CA GLU F 62 58.21 20.76 4.47
C GLU F 62 58.05 22.10 5.19
N MET F 63 57.05 22.22 6.05
CA MET F 63 56.77 23.47 6.74
C MET F 63 57.12 23.43 8.22
N LYS F 64 56.67 22.43 8.95
CA LYS F 64 56.87 22.37 10.40
C LYS F 64 57.24 20.95 10.79
N GLY F 65 58.41 20.78 11.41
CA GLY F 65 58.85 19.46 11.81
C GLY F 65 60.06 19.45 12.72
N GLU F 66 60.98 18.53 12.48
CA GLU F 66 62.18 18.35 13.27
C GLU F 66 63.39 18.91 12.53
N LYS F 67 64.43 19.27 13.27
CA LYS F 67 65.56 20.00 12.72
C LYS F 67 66.74 19.06 12.52
N ILE F 68 67.65 19.45 11.62
CA ILE F 68 68.87 18.68 11.39
C ILE F 68 69.91 19.06 12.43
N GLY F 69 70.48 18.06 13.08
CA GLY F 69 71.50 18.30 14.09
C GLY F 69 72.91 18.26 13.54
N ILE F 70 73.49 19.44 13.28
CA ILE F 70 74.85 19.49 12.75
C ILE F 70 75.86 19.64 13.88
N GLY F 71 75.77 20.72 14.64
CA GLY F 71 76.76 21.03 15.65
C GLY F 71 76.55 20.30 16.96
N VAL F 72 76.88 19.01 16.98
CA VAL F 72 76.80 18.21 18.19
C VAL F 72 77.94 17.19 18.13
N THR F 73 78.52 16.89 19.29
CA THR F 73 79.66 15.98 19.38
C THR F 73 79.42 15.00 20.52
N GLY F 74 79.40 13.71 20.21
CA GLY F 74 79.22 12.68 21.19
C GLY F 74 80.20 11.55 20.98
N SER F 75 80.62 10.94 22.10
CA SER F 75 81.56 9.82 22.07
C SER F 75 80.82 8.58 21.57
N ILE F 76 81.01 8.28 20.29
CA ILE F 76 80.33 7.14 19.69
C ILE F 76 81.16 5.88 19.80
N ALA F 77 82.46 6.01 20.09
CA ALA F 77 83.31 4.84 20.18
C ALA F 77 82.95 4.02 21.42
N SER F 78 83.05 2.70 21.29
CA SER F 78 82.73 1.81 22.39
C SER F 78 83.33 0.45 22.12
N THR F 79 83.06 -0.49 23.03
CA THR F 79 83.50 -1.87 22.89
C THR F 79 82.67 -2.74 23.82
N THR F 80 82.36 -3.95 23.37
CA THR F 80 81.55 -4.88 24.15
C THR F 80 81.75 -6.30 23.65
N ASP F 81 81.58 -7.26 24.55
CA ASP F 81 81.75 -8.66 24.20
C ASP F 81 80.62 -9.12 23.27
N THR F 82 80.98 -9.41 22.02
CA THR F 82 80.03 -9.89 21.03
C THR F 82 80.05 -11.40 20.90
N ALA F 83 80.81 -12.10 21.72
CA ALA F 83 80.91 -13.55 21.68
C ALA F 83 80.41 -14.12 23.00
N GLY F 84 79.27 -14.79 22.97
CA GLY F 84 78.72 -15.38 24.16
C GLY F 84 78.35 -14.36 25.22
N GLY F 85 77.36 -13.53 24.93
CA GLY F 85 76.95 -12.52 25.88
C GLY F 85 76.01 -11.53 25.23
N THR F 86 76.15 -10.28 25.66
CA THR F 86 75.27 -9.23 25.18
C THR F 86 75.58 -8.86 23.73
N GLU F 87 74.73 -8.03 23.15
CA GLU F 87 74.97 -7.51 21.82
C GLU F 87 75.16 -5.99 21.87
N ARG F 88 75.77 -5.46 20.81
CA ARG F 88 76.07 -4.03 20.76
C ARG F 88 74.89 -3.27 20.18
N GLN F 89 74.47 -2.21 20.87
CA GLN F 89 73.41 -1.36 20.37
C GLN F 89 73.97 -0.01 19.95
N PRO F 90 73.59 0.48 18.79
CA PRO F 90 74.14 1.75 18.29
C PRO F 90 73.66 2.95 19.12
N LYS F 91 74.14 4.13 18.77
CA LYS F 91 73.78 5.36 19.46
C LYS F 91 73.47 6.44 18.43
N ASP F 92 72.29 7.03 18.54
CA ASP F 92 71.89 8.07 17.61
C ASP F 92 72.81 9.28 17.71
N PHE F 93 72.83 10.08 16.65
CA PHE F 93 73.28 11.48 16.75
C PHE F 93 72.22 12.34 16.07
N SER F 94 71.16 12.61 16.80
CA SER F 94 70.20 13.66 16.47
C SER F 94 69.84 14.51 17.67
N LYS F 95 69.67 13.91 18.83
CA LYS F 95 69.31 14.58 20.08
C LYS F 95 68.21 15.62 19.85
N LEU F 96 67.13 15.18 19.21
CA LEU F 96 65.96 16.01 19.01
C LEU F 96 65.07 15.97 20.24
N ALA F 97 64.64 17.15 20.70
CA ALA F 97 63.81 17.23 21.90
C ALA F 97 63.00 18.52 21.83
N SER F 98 61.71 18.39 21.53
CA SER F 98 60.76 19.51 21.58
C SER F 98 61.17 20.64 20.66
N ASN F 99 61.67 20.28 19.47
CA ASN F 99 62.07 21.30 18.50
C ASN F 99 60.87 22.11 18.02
N LYS F 100 60.00 21.46 17.25
CA LYS F 100 58.74 22.04 16.78
C LYS F 100 58.91 23.46 16.25
N TYR F 101 59.64 23.58 15.14
CA TYR F 101 59.83 24.87 14.51
C TYR F 101 58.75 25.10 13.47
N GLU F 102 58.40 26.37 13.26
CA GLU F 102 57.42 26.74 12.26
C GLU F 102 57.91 27.96 11.48
N CYS F 103 57.83 27.89 10.17
CA CYS F 103 58.35 28.94 9.31
C CYS F 103 57.29 30.02 9.07
N ASP F 104 57.77 31.21 8.73
CA ASP F 104 56.88 32.34 8.44
C ASP F 104 57.50 33.16 7.32
N GLN F 105 56.66 33.92 6.62
CA GLN F 105 57.12 34.69 5.49
C GLN F 105 57.54 36.09 5.93
N ILE F 106 58.55 36.62 5.26
CA ILE F 106 58.91 38.03 5.34
C ILE F 106 59.13 38.54 3.94
N ASN F 107 58.85 39.82 3.72
CA ASN F 107 58.86 40.38 2.38
C ASN F 107 59.58 41.72 2.36
N PHE F 108 60.39 41.90 1.31
CA PHE F 108 61.06 43.15 1.00
C PHE F 108 60.30 43.84 -0.11
N ASP F 109 60.41 45.16 -0.16
CA ASP F 109 59.66 45.93 -1.15
C ASP F 109 60.18 47.36 -1.21
N PHE F 110 60.57 47.79 -2.42
CA PHE F 110 61.13 49.13 -2.55
C PHE F 110 60.80 49.67 -3.93
N TYR F 111 61.30 50.89 -4.20
CA TYR F 111 61.02 51.56 -5.45
C TYR F 111 62.03 52.67 -5.68
N ILE F 112 62.22 53.01 -6.95
CA ILE F 112 63.16 54.04 -7.37
C ILE F 112 62.46 54.96 -8.35
N ARG F 113 62.77 56.25 -8.28
CA ARG F 113 62.28 57.18 -9.29
C ARG F 113 63.00 56.95 -10.61
N TYR F 114 62.43 57.52 -11.67
CA TYR F 114 63.05 57.39 -12.99
C TYR F 114 64.35 58.18 -13.08
N LYS F 115 64.45 59.30 -12.36
CA LYS F 115 65.67 60.11 -12.41
C LYS F 115 66.85 59.35 -11.85
N THR F 116 66.70 58.81 -10.64
CA THR F 116 67.80 58.04 -10.04
C THR F 116 68.14 56.83 -10.89
N LEU F 117 67.15 56.22 -11.53
CA LEU F 117 67.41 55.06 -12.38
C LEU F 117 68.23 55.47 -13.60
N ASP F 118 67.86 56.57 -14.25
CA ASP F 118 68.61 57.02 -15.41
C ASP F 118 70.03 57.42 -15.02
N LEU F 119 70.20 57.99 -13.83
CA LEU F 119 71.54 58.32 -13.37
C LEU F 119 72.36 57.07 -13.11
N TRP F 120 71.74 56.04 -12.52
CA TRP F 120 72.43 54.77 -12.29
C TRP F 120 72.82 54.12 -13.62
N ALA F 121 71.98 54.28 -14.64
CA ALA F 121 72.21 53.60 -15.91
C ALA F 121 73.35 54.22 -16.71
N ARG F 122 74.13 55.11 -16.09
CA ARG F 122 75.23 55.78 -16.76
C ARG F 122 76.54 55.01 -16.72
N TYR F 123 76.79 54.24 -15.66
CA TYR F 123 78.06 53.54 -15.55
C TYR F 123 78.20 52.50 -16.66
N GLN F 124 79.40 51.94 -16.73
CA GLN F 124 79.60 50.72 -17.51
C GLN F 124 79.22 49.53 -16.66
N ASP F 125 78.24 48.75 -17.13
CA ASP F 125 77.70 47.61 -16.42
C ASP F 125 77.15 48.04 -15.05
N PHE F 126 76.09 48.84 -15.12
CA PHE F 126 75.39 49.27 -13.90
C PHE F 126 74.65 48.10 -13.25
N GLN F 127 74.42 47.02 -14.01
CA GLN F 127 73.61 45.92 -13.52
C GLN F 127 74.20 45.33 -12.24
N LEU F 128 75.50 45.01 -12.27
CA LEU F 128 76.15 44.48 -11.07
C LEU F 128 76.22 45.55 -9.98
N ARG F 129 76.41 46.80 -10.37
CA ARG F 129 76.51 47.88 -9.40
C ARG F 129 75.22 48.01 -8.59
N ILE F 130 74.09 47.63 -9.18
CA ILE F 130 72.84 47.66 -8.44
C ILE F 130 72.62 46.34 -7.71
N ARG F 131 72.93 45.23 -8.37
CA ARG F 131 72.65 43.92 -7.80
C ARG F 131 73.43 43.69 -6.53
N ASN F 132 74.73 43.99 -6.54
CA ASN F 132 75.55 43.79 -5.34
C ASN F 132 75.05 44.67 -4.19
N ALA F 133 74.66 45.91 -4.50
CA ALA F 133 74.16 46.80 -3.46
C ALA F 133 72.91 46.22 -2.80
N ILE F 134 71.93 45.81 -3.61
CA ILE F 134 70.69 45.31 -3.02
C ILE F 134 70.94 44.00 -2.28
N ILE F 135 71.84 43.17 -2.78
CA ILE F 135 72.15 41.92 -2.11
C ILE F 135 72.77 42.18 -0.74
N LYS F 136 73.72 43.11 -0.69
CA LYS F 136 74.38 43.42 0.58
C LYS F 136 73.38 44.00 1.57
N ARG F 137 72.48 44.87 1.10
CA ARG F 137 71.49 45.44 2.00
C ARG F 137 70.55 44.37 2.53
N GLN F 138 70.14 43.43 1.67
CA GLN F 138 69.25 42.37 2.11
C GLN F 138 69.93 41.48 3.14
N SER F 139 71.21 41.19 2.93
CA SER F 139 71.94 40.35 3.89
C SER F 139 72.08 41.05 5.23
N LEU F 140 72.43 42.34 5.21
CA LEU F 140 72.53 43.09 6.45
C LEU F 140 71.19 43.11 7.18
N ASP F 141 70.09 43.24 6.44
CA ASP F 141 68.78 43.23 7.08
C ASP F 141 68.47 41.86 7.67
N PHE F 142 68.83 40.79 6.96
CA PHE F 142 68.71 39.45 7.53
C PHE F 142 69.39 39.36 8.88
N ILE F 143 70.66 39.78 8.94
CA ILE F 143 71.40 39.65 10.20
C ILE F 143 70.75 40.49 11.30
N MET F 144 70.40 41.74 10.98
CA MET F 144 69.80 42.61 11.98
C MET F 144 68.51 42.02 12.52
N ALA F 145 67.61 41.58 11.62
CA ALA F 145 66.36 40.98 12.07
C ALA F 145 66.63 39.71 12.87
N GLY F 146 67.71 39.00 12.56
CA GLY F 146 67.98 37.77 13.25
C GLY F 146 68.41 37.98 14.69
N PHE F 147 69.30 38.94 14.93
CA PHE F 147 69.96 38.98 16.24
C PHE F 147 69.08 39.57 17.32
N ASN F 148 68.33 40.63 17.03
CA ASN F 148 67.54 41.29 18.06
C ASN F 148 66.07 41.39 17.64
N GLY F 149 65.52 40.29 17.16
CA GLY F 149 64.10 40.21 16.85
C GLY F 149 63.34 39.53 17.97
N VAL F 150 62.07 39.89 18.12
CA VAL F 150 61.25 39.37 19.20
C VAL F 150 59.79 39.59 18.85
N LYS F 151 58.96 38.59 19.16
CA LYS F 151 57.49 38.71 19.09
C LYS F 151 57.03 39.07 17.68
N ARG F 152 57.22 38.11 16.78
CA ARG F 152 56.70 38.24 15.42
C ARG F 152 55.24 38.66 15.44
N ALA F 153 54.92 39.67 14.64
CA ALA F 153 53.56 40.19 14.59
C ALA F 153 53.33 40.81 13.22
N GLU F 154 52.13 40.60 12.69
CA GLU F 154 51.77 41.17 11.40
C GLU F 154 51.69 42.68 11.49
N THR F 155 51.65 43.32 10.32
CA THR F 155 51.61 44.78 10.20
C THR F 155 52.79 45.42 10.94
N SER F 156 53.99 45.10 10.47
CA SER F 156 55.19 45.65 11.07
C SER F 156 55.22 47.17 10.92
N ASP F 157 55.81 47.84 11.90
CA ASP F 157 55.93 49.29 11.91
C ASP F 157 57.39 49.68 11.87
N ARG F 158 57.68 50.78 11.16
CA ARG F 158 59.04 51.29 11.06
C ARG F 158 59.22 52.62 11.77
N SER F 159 58.22 53.08 12.52
CA SER F 159 58.33 54.31 13.28
C SER F 159 58.77 54.04 14.71
N SER F 160 58.00 53.22 15.43
CA SER F 160 58.32 52.90 16.81
C SER F 160 59.46 51.91 16.93
N ASN F 161 59.84 51.24 15.84
CA ASN F 161 60.90 50.23 15.85
C ASN F 161 61.97 50.65 14.86
N PRO F 162 62.95 51.44 15.30
CA PRO F 162 64.07 51.79 14.41
C PRO F 162 64.79 50.54 13.96
N MET F 163 65.28 49.76 14.93
CA MET F 163 65.69 48.40 14.65
C MET F 163 64.46 47.52 14.61
N LEU F 164 64.41 46.62 13.64
CA LEU F 164 63.21 45.83 13.39
C LEU F 164 63.11 44.75 14.46
N GLN F 165 62.08 44.83 15.30
CA GLN F 165 61.85 43.88 16.36
C GLN F 165 60.72 42.90 16.04
N ASP F 166 59.57 43.42 15.64
CA ASP F 166 58.36 42.62 15.45
C ASP F 166 58.35 41.87 14.13
N VAL F 167 59.47 41.79 13.43
CA VAL F 167 59.49 41.14 12.13
C VAL F 167 59.58 39.63 12.25
N ALA F 168 60.38 39.12 13.16
CA ALA F 168 60.48 37.68 13.37
C ALA F 168 61.07 37.43 14.76
N VAL F 169 61.06 36.17 15.16
CA VAL F 169 61.62 35.77 16.45
C VAL F 169 63.08 35.43 16.26
N GLY F 170 63.94 36.05 17.08
CA GLY F 170 65.37 35.90 16.95
C GLY F 170 65.95 34.84 17.88
N TRP F 171 67.23 34.55 17.66
CA TRP F 171 67.93 33.56 18.47
C TRP F 171 67.88 33.93 19.95
N LEU F 172 68.13 35.21 20.26
CA LEU F 172 68.07 35.64 21.65
C LEU F 172 66.69 35.42 22.24
N GLN F 173 65.66 35.83 21.52
CA GLN F 173 64.29 35.57 21.99
C GLN F 173 64.02 34.08 22.05
N LYS F 174 64.61 33.30 21.15
CA LYS F 174 64.40 31.86 21.18
C LYS F 174 64.93 31.25 22.47
N TYR F 175 66.15 31.60 22.86
CA TYR F 175 66.66 31.17 24.16
C TYR F 175 65.79 31.69 25.30
N ARG F 176 65.44 32.96 25.24
CA ARG F 176 64.70 33.58 26.35
C ARG F 176 63.31 32.99 26.51
N ASN F 177 62.75 32.39 25.46
CA ASN F 177 61.40 31.84 25.49
C ASN F 177 61.37 30.33 25.68
N GLU F 178 62.01 29.59 24.79
CA GLU F 178 61.86 28.13 24.80
C GLU F 178 62.51 27.50 26.03
N ALA F 179 63.72 27.92 26.37
CA ALA F 179 64.43 27.41 27.53
C ALA F 179 64.57 28.53 28.55
N PRO F 180 63.61 28.70 29.45
CA PRO F 180 63.72 29.77 30.46
C PRO F 180 64.90 29.61 31.39
N ALA F 181 65.45 28.41 31.49
CA ALA F 181 66.69 28.20 32.22
C ALA F 181 67.86 28.57 31.32
N ARG F 182 69.08 28.21 31.73
CA ARG F 182 70.31 28.46 30.99
C ARG F 182 70.37 29.87 30.41
N VAL F 183 69.88 30.85 31.16
CA VAL F 183 70.05 32.25 30.83
C VAL F 183 70.28 33.01 32.14
N MET F 184 71.40 33.69 32.24
CA MET F 184 71.82 34.35 33.48
C MET F 184 71.34 35.79 33.43
N SER F 185 70.31 36.10 34.21
CA SER F 185 69.74 37.43 34.26
C SER F 185 69.57 38.00 35.66
N LYS F 186 69.48 37.16 36.69
CA LYS F 186 69.40 37.62 38.06
C LYS F 186 70.76 37.44 38.73
N VAL F 187 70.81 37.69 40.03
CA VAL F 187 72.07 37.59 40.77
C VAL F 187 72.27 36.20 41.36
N THR F 188 71.22 35.59 41.88
CA THR F 188 71.32 34.27 42.51
C THR F 188 70.21 33.35 42.04
N THR F 194 68.97 37.06 45.09
CA THR F 194 67.72 37.41 44.43
C THR F 194 67.45 38.91 44.52
N THR F 195 68.51 39.69 44.70
CA THR F 195 68.41 41.14 44.75
C THR F 195 68.29 41.69 43.33
N SER F 196 68.48 43.00 43.17
CA SER F 196 68.35 43.65 41.88
C SER F 196 69.10 42.90 40.79
N GLU F 197 68.40 42.62 39.69
CA GLU F 197 68.94 41.80 38.61
C GLU F 197 69.75 42.63 37.65
N VAL F 198 70.70 43.40 38.16
CA VAL F 198 71.60 44.21 37.35
C VAL F 198 73.01 43.68 37.60
N ILE F 199 73.45 42.75 36.75
CA ILE F 199 74.78 42.17 36.90
C ILE F 199 75.81 43.26 36.62
N ARG F 200 76.51 43.67 37.66
CA ARG F 200 77.42 44.81 37.60
C ARG F 200 78.86 44.35 37.72
N VAL F 201 79.75 45.06 37.03
CA VAL F 201 81.18 44.79 37.07
C VAL F 201 81.97 46.00 37.57
N GLY F 202 81.30 46.98 38.16
CA GLY F 202 81.94 48.19 38.63
C GLY F 202 82.71 48.00 39.92
N LYS F 203 82.73 49.06 40.74
CA LYS F 203 83.47 49.01 41.99
C LYS F 203 82.91 47.93 42.92
N GLY F 204 81.66 48.08 43.33
CA GLY F 204 81.02 47.06 44.14
C GLY F 204 80.33 46.02 43.28
N GLY F 205 80.97 45.66 42.18
CA GLY F 205 80.34 44.77 41.22
C GLY F 205 80.32 43.33 41.70
N ASP F 206 79.35 42.59 41.17
CA ASP F 206 79.27 41.16 41.45
C ASP F 206 80.48 40.42 40.89
N TYR F 207 80.93 40.81 39.71
CA TYR F 207 82.13 40.25 39.07
C TYR F 207 82.93 41.44 38.55
N ALA F 208 83.83 41.97 39.38
CA ALA F 208 84.59 43.15 38.97
C ALA F 208 85.42 42.88 37.73
N SER F 209 85.80 41.63 37.50
CA SER F 209 86.57 41.23 36.32
C SER F 209 85.67 40.45 35.37
N LEU F 210 85.76 40.77 34.08
CA LEU F 210 84.81 40.24 33.11
C LEU F 210 85.10 38.77 32.80
N ASP F 211 86.37 38.42 32.60
CA ASP F 211 86.70 37.05 32.23
C ASP F 211 86.34 36.07 33.34
N ALA F 212 86.38 36.51 34.60
CA ALA F 212 85.90 35.65 35.68
C ALA F 212 84.41 35.37 35.52
N LEU F 213 83.64 36.38 35.12
CA LEU F 213 82.23 36.18 34.85
C LEU F 213 82.02 35.22 33.69
N VAL F 214 82.85 35.33 32.65
CA VAL F 214 82.75 34.42 31.52
C VAL F 214 83.01 32.99 31.96
N MET F 215 84.06 32.79 32.76
CA MET F 215 84.38 31.45 33.25
C MET F 215 83.26 30.91 34.12
N ASP F 216 82.69 31.76 34.99
CA ASP F 216 81.58 31.33 35.84
C ASP F 216 80.39 30.89 35.01
N ALA F 217 80.00 31.71 34.03
CA ALA F 217 78.86 31.35 33.19
C ALA F 217 79.13 30.06 32.42
N THR F 218 80.35 29.91 31.90
CA THR F 218 80.69 28.71 31.15
C THR F 218 80.60 27.46 32.03
N ASN F 219 81.16 27.54 33.24
CA ASN F 219 81.21 26.38 34.11
C ASN F 219 79.89 26.11 34.83
N ASN F 220 78.95 27.07 34.83
CA ASN F 220 77.69 26.87 35.52
C ASN F 220 76.50 26.65 34.60
N LEU F 221 76.58 27.06 33.33
CA LEU F 221 75.41 27.00 32.46
C LEU F 221 75.57 26.08 31.26
N ILE F 222 76.77 25.61 30.98
CA ILE F 222 77.00 24.77 29.81
C ILE F 222 77.28 23.35 30.26
N GLU F 223 77.02 22.40 29.36
CA GLU F 223 77.19 20.99 29.66
C GLU F 223 78.67 20.66 29.88
N PRO F 224 78.96 19.63 30.69
CA PRO F 224 80.34 19.27 30.97
C PRO F 224 81.15 18.96 29.72
N TRP F 225 80.69 18.01 28.92
CA TRP F 225 81.36 17.70 27.66
C TRP F 225 81.17 18.79 26.62
N TYR F 226 80.52 19.90 26.99
CA TYR F 226 80.47 21.10 26.19
C TYR F 226 81.33 22.22 26.74
N GLN F 227 81.93 22.03 27.93
CA GLN F 227 82.72 23.09 28.53
C GLN F 227 83.94 23.43 27.67
N GLU F 228 84.52 22.43 27.01
CA GLU F 228 85.65 22.63 26.13
C GLU F 228 85.26 22.12 24.74
N ASP F 229 85.60 22.90 23.72
CA ASP F 229 85.28 22.58 22.33
C ASP F 229 86.24 23.37 21.45
N PRO F 230 86.59 22.83 20.29
CA PRO F 230 87.59 23.49 19.44
C PRO F 230 87.16 24.82 18.85
N ASP F 231 85.87 25.17 18.91
CA ASP F 231 85.44 26.42 18.29
C ASP F 231 84.43 27.21 19.11
N LEU F 232 84.39 27.03 20.43
CA LEU F 232 83.44 27.78 21.25
C LEU F 232 83.85 29.24 21.29
N VAL F 233 82.91 30.13 20.92
CA VAL F 233 83.20 31.53 20.70
C VAL F 233 82.16 32.38 21.42
N VAL F 234 82.60 33.54 21.92
CA VAL F 234 81.73 34.51 22.57
C VAL F 234 81.38 35.61 21.58
N ILE F 235 80.09 35.92 21.48
CA ILE F 235 79.58 37.02 20.68
C ILE F 235 79.24 38.17 21.62
N VAL F 236 79.71 39.38 21.29
CA VAL F 236 79.45 40.57 22.07
C VAL F 236 79.27 41.74 21.11
N GLY F 237 78.58 42.77 21.60
CA GLY F 237 78.27 43.92 20.77
C GLY F 237 79.44 44.84 20.50
N ARG F 238 79.19 46.13 20.39
CA ARG F 238 80.24 47.10 20.13
C ARG F 238 80.69 47.85 21.37
N GLN F 239 79.75 48.28 22.21
CA GLN F 239 80.11 49.11 23.37
C GLN F 239 80.85 48.30 24.42
N LEU F 240 80.61 47.00 24.49
CA LEU F 240 81.23 46.17 25.52
C LEU F 240 82.59 45.63 25.12
N LEU F 241 83.16 46.08 24.01
CA LEU F 241 84.44 45.56 23.56
C LEU F 241 85.58 46.03 24.47
N ALA F 242 85.54 47.29 24.89
CA ALA F 242 86.61 47.91 25.66
C ALA F 242 87.95 47.85 24.91
N ASP F 243 87.88 47.88 23.58
CA ASP F 243 89.03 48.01 22.69
C ASP F 243 89.85 46.72 22.62
N LYS F 244 89.52 45.73 23.44
CA LYS F 244 90.22 44.45 23.44
C LYS F 244 89.48 43.40 24.26
N GLN F 267 90.35 37.87 16.39
CA GLN F 267 90.05 39.23 16.82
C GLN F 267 90.77 39.57 18.11
N LYS F 268 90.19 40.47 18.89
CA LYS F 268 90.77 40.85 20.18
C LYS F 268 90.81 39.64 21.09
N ARG F 269 92.02 39.14 21.37
CA ARG F 269 92.17 37.94 22.15
C ARG F 269 91.69 38.15 23.58
N ILE F 270 90.76 37.30 24.02
CA ILE F 270 90.24 37.36 25.38
C ILE F 270 90.72 36.10 26.10
N GLY F 271 90.40 35.99 27.40
CA GLY F 271 90.93 34.90 28.20
C GLY F 271 90.73 33.54 27.57
N ASN F 272 89.50 33.23 27.20
CA ASN F 272 89.20 32.02 26.45
C ASN F 272 87.99 32.30 25.58
N LEU F 273 87.72 31.39 24.65
CA LEU F 273 86.67 31.63 23.67
C LEU F 273 86.98 32.92 22.91
N PRO F 274 87.93 32.90 21.97
CA PRO F 274 88.31 34.13 21.25
C PRO F 274 87.10 34.88 20.73
N ALA F 275 86.99 36.14 21.15
CA ALA F 275 85.80 36.93 20.89
C ALA F 275 85.72 37.37 19.42
N VAL F 276 84.52 37.77 19.02
CA VAL F 276 84.28 38.33 17.70
C VAL F 276 83.01 39.18 17.77
N ARG F 277 83.02 40.31 17.08
CA ARG F 277 81.90 41.23 17.07
C ARG F 277 81.07 41.05 15.81
N VAL F 278 79.85 41.53 15.86
CA VAL F 278 78.93 41.49 14.72
C VAL F 278 78.45 42.90 14.44
N PRO F 279 77.98 43.18 13.23
CA PRO F 279 77.54 44.54 12.89
C PRO F 279 76.53 45.12 13.86
N TYR F 280 75.39 44.45 14.04
CA TYR F 280 74.34 44.92 14.91
C TYR F 280 74.08 43.90 16.01
N PHE F 281 73.95 44.38 17.24
CA PHE F 281 73.80 43.50 18.39
C PHE F 281 73.29 44.31 19.57
N PRO F 282 72.40 43.76 20.39
CA PRO F 282 71.91 44.51 21.55
C PRO F 282 73.04 44.74 22.55
N ALA F 283 73.23 46.00 22.92
CA ALA F 283 74.19 46.30 23.97
C ALA F 283 73.74 45.70 25.30
N ASP F 284 74.67 45.61 26.24
CA ASP F 284 74.41 45.06 27.56
C ASP F 284 73.94 43.61 27.49
N ALA F 285 74.39 42.89 26.46
CA ALA F 285 74.02 41.49 26.30
C ALA F 285 75.19 40.76 25.66
N MET F 286 75.40 39.51 26.06
CA MET F 286 76.51 38.71 25.58
C MET F 286 76.04 37.28 25.38
N LEU F 287 76.71 36.58 24.47
CA LEU F 287 76.34 35.19 24.18
C LEU F 287 77.60 34.37 24.02
N ILE F 288 77.49 33.07 24.24
CA ILE F 288 78.61 32.14 24.10
C ILE F 288 78.07 30.85 23.50
N THR F 289 78.59 30.46 22.34
CA THR F 289 78.15 29.25 21.67
C THR F 289 79.15 28.93 20.56
N LYS F 290 78.88 27.84 19.84
CA LYS F 290 79.66 27.53 18.65
C LYS F 290 79.12 28.31 17.47
N LEU F 291 80.01 28.77 16.61
CA LEU F 291 79.57 29.56 15.46
C LEU F 291 78.92 28.72 14.40
N GLU F 292 78.66 27.44 14.68
CA GLU F 292 77.90 26.57 13.80
C GLU F 292 76.62 26.08 14.45
N ASN F 293 76.36 26.45 15.70
CA ASN F 293 75.19 25.96 16.41
C ASN F 293 73.92 26.58 15.84
N LEU F 294 73.78 27.89 15.92
CA LEU F 294 72.60 28.57 15.42
C LEU F 294 72.56 28.55 13.89
N SER F 295 71.38 28.74 13.33
CA SER F 295 71.21 28.66 11.89
C SER F 295 69.85 29.23 11.52
N ILE F 296 69.62 29.35 10.21
CA ILE F 296 68.33 29.76 9.67
C ILE F 296 67.91 28.72 8.64
N TYR F 297 66.62 28.41 8.60
CA TYR F 297 66.05 27.50 7.61
C TYR F 297 65.19 28.32 6.68
N TYR F 298 65.16 27.93 5.40
CA TYR F 298 64.29 28.62 4.46
C TYR F 298 63.52 27.60 3.63
N MET F 299 62.24 27.87 3.40
CA MET F 299 61.45 27.01 2.53
C MET F 299 61.94 27.15 1.09
N ASP F 300 62.11 26.01 0.42
CA ASP F 300 62.72 26.02 -0.90
C ASP F 300 61.87 26.81 -1.90
N ASP F 301 60.67 26.31 -2.19
CA ASP F 301 59.85 26.89 -3.24
C ASP F 301 58.83 27.86 -2.65
N SER F 302 59.35 28.96 -2.13
CA SER F 302 58.50 30.04 -1.64
C SER F 302 59.01 31.42 -2.02
N HIS F 303 60.16 31.54 -2.68
CA HIS F 303 60.70 32.83 -3.07
C HIS F 303 59.93 33.37 -4.26
N ARG F 304 59.21 34.48 -4.08
CA ARG F 304 58.39 35.04 -5.14
C ARG F 304 58.64 36.53 -5.24
N ARG F 305 58.93 37.01 -6.45
CA ARG F 305 59.20 38.41 -6.68
C ARG F 305 58.39 38.91 -7.88
N VAL F 306 58.18 40.22 -7.92
CA VAL F 306 57.40 40.85 -8.98
C VAL F 306 57.81 42.30 -9.09
N ILE F 307 57.70 42.85 -10.28
CA ILE F 307 58.11 44.22 -10.58
C ILE F 307 56.97 44.96 -11.24
N GLU F 308 56.86 46.25 -10.93
CA GLU F 308 55.90 47.15 -11.58
C GLU F 308 56.65 48.39 -12.02
N GLU F 309 56.19 49.01 -13.10
CA GLU F 309 56.70 50.30 -13.55
C GLU F 309 55.51 51.23 -13.64
N ASN F 310 55.16 51.87 -12.52
CA ASN F 310 53.79 52.33 -12.67
C ASN F 310 53.74 53.79 -13.10
N PRO F 311 52.69 54.16 -13.84
CA PRO F 311 52.50 55.58 -14.20
C PRO F 311 52.00 56.37 -13.01
N LYS F 312 52.13 55.81 -11.82
CA LYS F 312 51.78 56.51 -10.60
C LYS F 312 52.83 57.59 -10.38
N LEU F 313 52.83 58.19 -9.18
CA LEU F 313 53.45 59.50 -8.95
C LEU F 313 54.76 59.65 -9.71
N ASP F 314 55.79 58.86 -9.38
CA ASP F 314 56.80 58.47 -10.36
C ASP F 314 57.67 57.37 -9.78
N ARG F 315 57.61 56.16 -10.33
CA ARG F 315 58.42 55.08 -9.78
C ARG F 315 58.34 53.77 -10.54
N VAL F 316 59.42 52.99 -10.41
CA VAL F 316 59.42 51.57 -10.74
C VAL F 316 59.68 50.84 -9.43
N GLU F 317 58.75 50.01 -9.02
CA GLU F 317 58.84 49.34 -7.73
C GLU F 317 58.98 47.83 -7.90
N ASN F 318 59.40 47.18 -6.82
CA ASN F 318 59.51 45.74 -6.80
C ASN F 318 59.14 45.21 -5.42
N TYR F 319 58.48 44.06 -5.42
CA TYR F 319 58.13 43.32 -4.22
C TYR F 319 58.76 41.94 -4.29
N GLU F 320 59.10 41.40 -3.12
CA GLU F 320 59.72 40.09 -3.04
C GLU F 320 59.39 39.51 -1.67
N SER F 321 59.25 38.18 -1.62
CA SER F 321 58.86 37.54 -0.38
C SER F 321 59.50 36.16 -0.30
N MET F 322 59.98 35.83 0.90
CA MET F 322 60.53 34.51 1.20
C MET F 322 59.87 33.98 2.46
N ASN F 323 60.07 32.69 2.69
CA ASN F 323 59.56 32.01 3.89
C ASN F 323 60.77 31.45 4.63
N ILE F 324 61.03 31.99 5.83
CA ILE F 324 62.21 31.64 6.59
C ILE F 324 61.82 31.36 8.04
N ASP F 325 62.79 30.87 8.80
CA ASP F 325 62.68 30.75 10.26
C ASP F 325 64.04 30.52 10.89
N TYR F 326 64.35 31.31 11.92
CA TYR F 326 65.60 31.13 12.67
C TYR F 326 65.45 29.97 13.65
N VAL F 327 66.54 29.26 13.89
CA VAL F 327 66.51 28.09 14.76
C VAL F 327 67.90 27.83 15.31
N VAL F 328 67.97 27.56 16.61
CA VAL F 328 69.19 27.10 17.25
C VAL F 328 69.15 25.58 17.27
N GLU F 329 70.25 24.95 16.84
CA GLU F 329 70.25 23.50 16.67
C GLU F 329 70.22 22.79 18.02
N ASP F 330 71.02 23.25 18.97
CA ASP F 330 71.06 22.64 20.29
C ASP F 330 71.04 23.72 21.36
N TYR F 331 70.24 23.51 22.40
CA TYR F 331 70.16 24.44 23.51
C TYR F 331 71.26 24.21 24.54
N ALA F 332 71.78 22.98 24.64
CA ALA F 332 72.78 22.69 25.66
C ALA F 332 74.10 23.39 25.37
N ALA F 333 74.34 23.72 24.10
CA ALA F 333 75.61 24.34 23.69
C ALA F 333 75.36 25.81 23.42
N GLY F 334 75.57 26.65 24.43
CA GLY F 334 75.43 28.08 24.26
C GLY F 334 74.51 28.73 25.26
N CYS F 335 75.01 29.75 25.97
CA CYS F 335 74.22 30.49 26.94
C CYS F 335 74.38 31.97 26.68
N LEU F 336 73.40 32.75 27.12
CA LEU F 336 73.46 34.19 26.98
C LEU F 336 73.23 34.85 28.33
N VAL F 337 73.82 36.04 28.48
CA VAL F 337 73.63 36.87 29.65
C VAL F 337 73.13 38.23 29.21
N GLU F 338 72.26 38.83 30.02
CA GLU F 338 71.63 40.09 29.67
C GLU F 338 71.80 41.08 30.82
N LYS F 339 71.54 42.36 30.51
CA LYS F 339 71.49 43.43 31.50
C LYS F 339 72.81 43.51 32.28
N ILE F 340 73.87 43.82 31.54
CA ILE F 340 75.21 43.96 32.11
C ILE F 340 75.48 45.44 32.33
N LYS F 341 75.92 45.79 33.54
CA LYS F 341 76.28 47.16 33.88
C LYS F 341 77.78 47.33 33.71
N VAL F 342 78.18 48.55 33.32
CA VAL F 342 79.59 48.88 33.08
C VAL F 342 80.20 47.92 32.07
N MET G 1 3.79 48.59 -38.67
CA MET G 1 3.74 50.04 -38.46
C MET G 1 5.06 50.67 -38.87
N ARG G 2 6.13 50.30 -38.18
CA ARG G 2 7.47 50.61 -38.66
C ARG G 2 7.78 49.72 -39.87
N GLN G 3 8.90 50.03 -40.53
CA GLN G 3 9.23 49.36 -41.79
C GLN G 3 9.25 47.84 -41.63
N GLU G 4 10.15 47.34 -40.78
CA GLU G 4 10.22 45.90 -40.55
C GLU G 4 8.92 45.38 -39.94
N THR G 5 8.33 46.15 -39.02
CA THR G 5 7.09 45.71 -38.40
C THR G 5 5.94 45.67 -39.41
N ARG G 6 5.84 46.67 -40.27
CA ARG G 6 4.81 46.65 -41.30
C ARG G 6 5.00 45.48 -42.25
N PHE G 7 6.25 45.20 -42.62
CA PHE G 7 6.53 44.07 -43.50
C PHE G 7 6.12 42.76 -42.85
N LYS G 8 6.49 42.56 -41.59
CA LYS G 8 6.16 41.32 -40.90
C LYS G 8 4.65 41.20 -40.69
N PHE G 9 3.97 42.31 -40.44
CA PHE G 9 2.53 42.25 -40.27
C PHE G 9 1.83 41.91 -41.58
N ASN G 10 2.27 42.52 -42.68
CA ASN G 10 1.70 42.17 -43.98
C ASN G 10 1.98 40.71 -44.32
N ALA G 11 3.12 40.18 -43.89
CA ALA G 11 3.39 38.76 -44.08
C ALA G 11 2.46 37.91 -43.22
N TYR G 12 2.14 38.38 -42.01
CA TYR G 12 1.26 37.63 -41.12
C TYR G 12 -0.16 37.58 -41.67
N LEU G 13 -0.65 38.69 -42.22
CA LEU G 13 -2.01 38.71 -42.77
C LEU G 13 -2.17 37.67 -43.87
N SER G 14 -1.36 37.79 -44.94
CA SER G 14 -1.46 36.87 -46.07
C SER G 14 -1.05 35.47 -45.68
N VAL G 27 9.85 27.09 -29.70
CA VAL G 27 9.30 26.50 -28.48
C VAL G 27 8.08 27.29 -28.03
N SER G 28 7.96 28.51 -28.54
CA SER G 28 6.79 29.37 -28.31
C SER G 28 6.56 29.66 -26.83
N LYS G 29 7.62 29.59 -26.01
CA LYS G 29 7.53 29.94 -24.60
C LYS G 29 8.64 30.84 -24.12
N LYS G 30 9.79 30.88 -24.78
CA LYS G 30 10.88 31.77 -24.43
C LYS G 30 11.18 32.69 -25.59
N PHE G 31 11.75 33.85 -25.28
CA PHE G 31 12.00 34.89 -26.27
C PHE G 31 13.49 34.93 -26.60
N THR G 32 13.79 34.90 -27.90
CA THR G 32 15.15 35.02 -28.40
C THR G 32 15.20 36.11 -29.45
N VAL G 33 16.15 37.04 -29.32
CA VAL G 33 16.28 38.13 -30.28
C VAL G 33 17.26 37.73 -31.36
N GLU G 34 18.52 37.53 -30.98
CA GLU G 34 19.60 37.16 -31.87
C GLU G 34 20.66 36.44 -31.06
N PRO G 35 21.48 35.59 -31.70
CA PRO G 35 22.58 34.95 -30.98
C PRO G 35 23.63 35.98 -30.60
N SER G 36 23.87 36.13 -29.30
CA SER G 36 24.82 37.10 -28.77
C SER G 36 25.59 36.45 -27.64
N VAL G 37 26.28 37.27 -26.85
CA VAL G 37 27.08 36.79 -25.73
C VAL G 37 26.33 36.90 -24.42
N THR G 38 25.59 37.98 -24.21
CA THR G 38 24.88 38.15 -22.94
C THR G 38 23.69 37.19 -22.85
N GLN G 39 22.95 37.05 -23.95
CA GLN G 39 21.80 36.16 -23.96
C GLN G 39 22.23 34.72 -23.68
N THR G 40 23.35 34.30 -24.27
CA THR G 40 23.84 32.95 -24.04
C THR G 40 24.18 32.73 -22.57
N LEU G 41 24.87 33.71 -21.96
CA LEU G 41 25.21 33.58 -20.55
C LEU G 41 23.96 33.52 -19.69
N MET G 42 22.97 34.37 -19.98
CA MET G 42 21.73 34.35 -19.20
C MET G 42 21.02 33.01 -19.33
N ASN G 43 21.02 32.43 -20.54
CA ASN G 43 20.37 31.13 -20.74
C ASN G 43 21.08 30.04 -19.94
N THR G 44 22.42 30.01 -20.02
CA THR G 44 23.15 28.99 -19.29
C THR G 44 23.01 29.18 -17.78
N MET G 45 22.82 30.41 -17.33
CA MET G 45 22.55 30.63 -15.91
C MET G 45 21.19 30.09 -15.52
N GLN G 46 20.16 30.45 -16.29
CA GLN G 46 18.81 29.94 -16.03
C GLN G 46 18.74 28.43 -16.03
N GLU G 47 19.47 27.76 -16.92
CA GLU G 47 19.41 26.31 -16.98
C GLU G 47 19.97 25.65 -15.72
N SER G 48 20.69 26.42 -14.89
CA SER G 48 21.32 25.82 -13.72
C SER G 48 20.31 25.51 -12.62
N SER G 49 19.64 26.53 -12.09
CA SER G 49 18.71 26.36 -10.99
C SER G 49 17.35 25.94 -11.54
N ASP G 50 16.46 25.53 -10.64
CA ASP G 50 15.15 25.06 -11.09
C ASP G 50 14.12 26.17 -11.02
N PHE G 51 14.25 27.08 -10.05
CA PHE G 51 13.28 28.16 -9.92
C PHE G 51 13.35 29.12 -11.10
N LEU G 52 14.55 29.35 -11.62
CA LEU G 52 14.69 30.24 -12.77
C LEU G 52 14.08 29.64 -14.02
N THR G 53 13.89 28.32 -14.03
CA THR G 53 13.27 27.68 -15.19
C THR G 53 11.82 28.09 -15.31
N ARG G 54 11.11 28.18 -14.18
CA ARG G 54 9.71 28.54 -14.18
C ARG G 54 9.53 30.05 -14.01
N ILE G 55 10.22 30.83 -14.85
CA ILE G 55 10.14 32.29 -14.77
C ILE G 55 10.62 32.83 -16.10
N ASN G 56 10.26 34.07 -16.41
CA ASN G 56 10.61 34.67 -17.69
C ASN G 56 11.77 35.65 -17.52
N ILE G 57 12.88 35.34 -18.18
CA ILE G 57 14.04 36.21 -18.25
C ILE G 57 14.10 36.73 -19.68
N VAL G 58 13.70 37.98 -19.88
CA VAL G 58 13.44 38.53 -21.20
C VAL G 58 14.56 39.49 -21.57
N PRO G 59 15.18 39.33 -22.75
CA PRO G 59 16.11 40.35 -23.23
C PRO G 59 15.39 41.47 -23.94
N VAL G 60 15.70 42.71 -23.57
CA VAL G 60 15.07 43.87 -24.19
C VAL G 60 16.16 44.79 -24.72
N SER G 61 15.82 45.58 -25.74
CA SER G 61 16.77 46.44 -26.42
C SER G 61 16.46 47.93 -26.24
N GLU G 62 16.11 48.33 -25.02
CA GLU G 62 15.77 49.71 -24.76
C GLU G 62 16.03 50.03 -23.30
N MET G 63 16.45 51.27 -23.03
CA MET G 63 16.72 51.66 -21.66
C MET G 63 15.44 51.97 -20.89
N LYS G 64 14.35 52.26 -21.59
CA LYS G 64 13.08 52.53 -20.94
C LYS G 64 11.96 52.40 -21.97
N GLY G 65 10.89 51.73 -21.59
CA GLY G 65 9.77 51.54 -22.51
C GLY G 65 8.60 50.93 -21.79
N GLU G 66 7.87 50.09 -22.53
CA GLU G 66 6.66 49.46 -22.00
C GLU G 66 6.86 47.95 -21.91
N LYS G 67 6.20 47.33 -20.93
CA LYS G 67 6.46 45.94 -20.62
C LYS G 67 5.61 45.01 -21.48
N ILE G 68 6.23 43.92 -21.94
CA ILE G 68 5.51 42.92 -22.71
C ILE G 68 4.44 42.27 -21.85
N GLY G 69 3.24 42.09 -22.43
CA GLY G 69 2.17 41.45 -21.72
C GLY G 69 2.24 39.94 -21.86
N ILE G 70 2.38 39.25 -20.74
CA ILE G 70 2.38 37.79 -20.69
C ILE G 70 1.33 37.35 -19.69
N GLY G 71 0.54 36.35 -20.07
CA GLY G 71 -0.46 35.80 -19.18
C GLY G 71 -1.48 36.82 -18.71
N VAL G 72 -2.11 37.52 -19.66
CA VAL G 72 -3.16 38.48 -19.36
C VAL G 72 -4.41 38.08 -20.13
N THR G 73 -5.55 38.10 -19.44
CA THR G 73 -6.82 37.75 -20.05
C THR G 73 -7.82 38.87 -19.80
N GLY G 74 -9.06 38.63 -20.25
CA GLY G 74 -10.11 39.61 -20.05
C GLY G 74 -11.38 39.18 -20.77
N SER G 75 -12.39 40.03 -20.67
CA SER G 75 -13.67 39.81 -21.33
C SER G 75 -13.77 40.77 -22.50
N ILE G 76 -13.74 40.24 -23.72
CA ILE G 76 -13.70 41.07 -24.91
C ILE G 76 -14.98 40.97 -25.75
N ALA G 77 -15.79 39.94 -25.58
CA ALA G 77 -16.99 39.81 -26.39
C ALA G 77 -18.02 40.87 -26.02
N SER G 78 -18.94 41.11 -26.95
CA SER G 78 -20.05 42.02 -26.74
C SER G 78 -21.01 41.84 -27.91
N THR G 79 -22.08 42.62 -27.89
CA THR G 79 -23.05 42.64 -28.98
C THR G 79 -23.69 44.01 -29.04
N THR G 80 -23.78 44.56 -30.25
CA THR G 80 -24.27 45.92 -30.44
C THR G 80 -25.20 45.97 -31.64
N ASP G 81 -26.21 46.83 -31.54
CA ASP G 81 -27.19 47.02 -32.61
C ASP G 81 -26.59 47.95 -33.66
N THR G 82 -25.86 47.34 -34.61
CA THR G 82 -25.28 48.13 -35.69
C THR G 82 -26.35 48.61 -36.65
N ALA G 83 -27.50 47.95 -36.66
CA ALA G 83 -28.57 48.33 -37.59
C ALA G 83 -29.24 49.62 -37.13
N GLY G 84 -28.78 50.74 -37.67
CA GLY G 84 -29.37 52.02 -37.38
C GLY G 84 -29.26 52.43 -35.92
N GLY G 85 -28.05 52.72 -35.48
CA GLY G 85 -27.85 53.15 -34.10
C GLY G 85 -26.39 53.37 -33.80
N THR G 86 -25.97 52.85 -32.65
CA THR G 86 -24.61 53.04 -32.19
C THR G 86 -23.63 52.26 -33.05
N GLU G 87 -22.35 52.49 -32.82
CA GLU G 87 -21.30 51.81 -33.58
C GLU G 87 -20.56 50.82 -32.70
N ARG G 88 -19.61 50.11 -33.30
CA ARG G 88 -18.80 49.17 -32.55
C ARG G 88 -17.48 49.82 -32.14
N GLN G 89 -17.30 49.99 -30.83
CA GLN G 89 -16.04 50.50 -30.29
C GLN G 89 -15.30 49.34 -29.64
N PRO G 90 -14.18 48.93 -30.21
CA PRO G 90 -13.46 47.78 -29.66
C PRO G 90 -12.79 48.11 -28.34
N LYS G 91 -12.69 47.11 -27.46
CA LYS G 91 -11.96 47.26 -26.22
C LYS G 91 -10.48 47.01 -26.46
N ASP G 92 -9.65 47.58 -25.59
CA ASP G 92 -8.21 47.41 -25.72
C ASP G 92 -7.81 45.97 -25.47
N PHE G 93 -6.78 45.52 -26.18
CA PHE G 93 -6.34 44.13 -26.06
C PHE G 93 -5.43 43.93 -24.87
N SER G 94 -4.46 44.83 -24.68
CA SER G 94 -3.50 44.72 -23.59
C SER G 94 -3.32 46.11 -22.98
N LYS G 95 -4.14 46.41 -21.98
CA LYS G 95 -4.04 47.66 -21.24
C LYS G 95 -4.03 47.33 -19.77
N LEU G 96 -2.86 47.45 -19.14
CA LEU G 96 -2.65 47.03 -17.77
C LEU G 96 -2.86 48.22 -16.83
N ALA G 97 -2.54 48.02 -15.55
CA ALA G 97 -2.70 49.11 -14.57
C ALA G 97 -1.67 50.19 -14.80
N SER G 98 -0.39 49.85 -14.68
CA SER G 98 0.70 50.78 -14.93
C SER G 98 1.86 50.03 -15.54
N ASN G 99 2.40 50.55 -16.64
CA ASN G 99 3.41 49.83 -17.43
C ASN G 99 4.54 50.78 -17.82
N LYS G 100 5.55 50.87 -16.96
CA LYS G 100 6.72 51.68 -17.27
C LYS G 100 7.89 51.12 -16.47
N TYR G 101 8.75 50.36 -17.14
CA TYR G 101 9.92 49.78 -16.50
C TYR G 101 11.16 50.61 -16.78
N GLU G 102 12.11 50.57 -15.86
CA GLU G 102 13.34 51.36 -15.96
C GLU G 102 14.51 50.47 -15.58
N CYS G 103 15.25 49.99 -16.57
CA CYS G 103 16.37 49.09 -16.34
C CYS G 103 17.61 49.88 -15.93
N ASP G 104 18.47 49.23 -15.14
CA ASP G 104 19.72 49.86 -14.71
C ASP G 104 20.69 48.77 -14.32
N GLN G 105 21.93 49.17 -14.05
CA GLN G 105 23.02 48.22 -13.90
C GLN G 105 23.19 47.78 -12.44
N ILE G 106 23.63 46.54 -12.28
CA ILE G 106 24.22 46.05 -11.04
C ILE G 106 25.48 45.29 -11.43
N ASN G 107 26.39 45.13 -10.48
CA ASN G 107 27.68 44.52 -10.77
C ASN G 107 28.20 43.79 -9.54
N PHE G 108 28.61 42.54 -9.74
CA PHE G 108 29.32 41.77 -8.74
C PHE G 108 30.77 41.61 -9.15
N ASP G 109 31.66 41.53 -8.16
CA ASP G 109 33.08 41.62 -8.41
C ASP G 109 33.85 41.00 -7.25
N PHE G 110 34.63 39.97 -7.54
CA PHE G 110 35.33 39.20 -6.53
C PHE G 110 36.82 39.17 -6.84
N TYR G 111 37.56 38.46 -5.98
CA TYR G 111 38.99 38.27 -6.16
C TYR G 111 39.41 36.96 -5.49
N ILE G 112 40.48 36.39 -6.01
CA ILE G 112 41.07 35.15 -5.50
C ILE G 112 42.47 35.46 -5.02
N ARG G 113 42.82 34.96 -3.83
CA ARG G 113 44.16 35.14 -3.32
C ARG G 113 45.14 34.23 -4.05
N TYR G 114 46.41 34.61 -4.04
CA TYR G 114 47.43 33.84 -4.76
C TYR G 114 47.59 32.45 -4.17
N LYS G 115 47.50 32.31 -2.85
CA LYS G 115 47.67 31.00 -2.23
C LYS G 115 46.59 30.03 -2.70
N THR G 116 45.33 30.47 -2.62
CA THR G 116 44.22 29.59 -3.00
C THR G 116 44.26 29.25 -4.48
N LEU G 117 44.60 30.23 -5.32
CA LEU G 117 44.70 29.96 -6.76
C LEU G 117 45.82 28.97 -7.04
N ASP G 118 46.97 29.13 -6.38
CA ASP G 118 48.06 28.21 -6.58
C ASP G 118 47.68 26.80 -6.12
N LEU G 119 46.92 26.71 -5.03
CA LEU G 119 46.48 25.40 -4.56
C LEU G 119 45.54 24.75 -5.57
N TRP G 120 44.56 25.51 -6.07
CA TRP G 120 43.61 24.96 -7.02
C TRP G 120 44.25 24.59 -8.35
N ALA G 121 45.29 25.31 -8.77
CA ALA G 121 45.87 25.09 -10.08
C ALA G 121 46.52 23.72 -10.22
N ARG G 122 46.77 23.02 -9.12
CA ARG G 122 47.45 21.74 -9.19
C ARG G 122 46.56 20.66 -9.77
N TYR G 123 45.36 20.47 -9.20
CA TYR G 123 44.46 19.45 -9.69
C TYR G 123 43.82 19.91 -11.00
N GLN G 124 43.81 19.02 -11.98
CA GLN G 124 43.26 19.32 -13.29
C GLN G 124 41.77 19.62 -13.18
N ASP G 125 41.21 20.16 -14.26
CA ASP G 125 39.81 20.55 -14.34
C ASP G 125 39.40 21.51 -13.23
N PHE G 126 40.11 22.63 -13.10
CA PHE G 126 39.75 23.60 -12.08
C PHE G 126 38.98 24.78 -12.68
N GLN G 127 39.26 25.11 -13.94
CA GLN G 127 38.56 26.22 -14.58
C GLN G 127 37.07 25.93 -14.70
N LEU G 128 36.73 24.70 -15.10
CA LEU G 128 35.32 24.33 -15.24
C LEU G 128 34.62 24.37 -13.89
N ARG G 129 35.27 23.86 -12.84
CA ARG G 129 34.67 23.90 -11.52
C ARG G 129 34.45 25.33 -11.05
N ILE G 130 35.43 26.21 -11.30
CA ILE G 130 35.28 27.61 -10.89
C ILE G 130 34.14 28.27 -11.66
N ARG G 131 34.03 27.97 -12.96
CA ARG G 131 32.95 28.55 -13.76
C ARG G 131 31.59 28.11 -13.23
N ASN G 132 31.43 26.82 -12.98
CA ASN G 132 30.15 26.34 -12.46
C ASN G 132 29.87 26.94 -11.09
N ALA G 133 30.89 27.08 -10.25
CA ALA G 133 30.71 27.64 -8.93
C ALA G 133 30.23 29.08 -9.01
N ILE G 134 30.85 29.90 -9.86
CA ILE G 134 30.47 31.30 -9.94
C ILE G 134 29.10 31.46 -10.56
N ILE G 135 28.75 30.57 -11.50
CA ILE G 135 27.40 30.62 -12.08
C ILE G 135 26.36 30.32 -11.01
N LYS G 136 26.58 29.25 -10.25
CA LYS G 136 25.68 28.95 -9.15
C LYS G 136 25.62 30.05 -8.11
N ARG G 137 26.74 30.73 -7.87
CA ARG G 137 26.81 31.84 -6.95
C ARG G 137 26.05 33.07 -7.45
N GLN G 138 25.99 33.27 -8.76
CA GLN G 138 25.23 34.37 -9.34
C GLN G 138 23.73 34.10 -9.41
N SER G 139 23.32 32.88 -9.71
CA SER G 139 21.89 32.61 -9.85
C SER G 139 21.15 32.83 -8.53
N LEU G 140 21.55 32.10 -7.49
CA LEU G 140 20.97 32.30 -6.18
C LEU G 140 21.08 33.75 -5.72
N ASP G 141 22.11 34.47 -6.17
CA ASP G 141 22.24 35.88 -5.80
C ASP G 141 21.15 36.73 -6.45
N PHE G 142 20.93 36.53 -7.75
CA PHE G 142 19.78 37.15 -8.41
C PHE G 142 18.51 36.91 -7.61
N ILE G 143 18.24 35.65 -7.25
CA ILE G 143 17.01 35.36 -6.52
C ILE G 143 16.94 36.15 -5.22
N MET G 144 17.98 36.00 -4.39
CA MET G 144 17.98 36.60 -3.06
C MET G 144 17.85 38.12 -3.13
N ALA G 145 18.49 38.73 -4.13
CA ALA G 145 18.40 40.18 -4.26
C ALA G 145 17.03 40.60 -4.78
N GLY G 146 16.43 39.77 -5.63
CA GLY G 146 15.15 40.14 -6.21
C GLY G 146 14.03 40.12 -5.19
N PHE G 147 13.97 39.07 -4.36
CA PHE G 147 12.85 38.97 -3.45
C PHE G 147 12.95 39.97 -2.31
N ASN G 148 14.15 40.29 -1.86
CA ASN G 148 14.43 41.35 -0.92
C ASN G 148 14.74 42.63 -1.71
N GLY G 149 15.36 43.61 -1.04
CA GLY G 149 15.78 44.80 -1.76
C GLY G 149 14.71 45.86 -1.95
N VAL G 150 14.31 46.49 -0.84
CA VAL G 150 13.32 47.57 -0.90
C VAL G 150 13.70 48.60 -1.96
N LYS G 151 14.84 49.24 -1.80
CA LYS G 151 15.22 50.35 -2.67
C LYS G 151 16.66 50.21 -3.14
N ARG G 152 16.99 50.94 -4.20
CA ARG G 152 18.34 51.01 -4.73
C ARG G 152 19.03 52.27 -4.22
N ALA G 153 20.27 52.10 -3.77
CA ALA G 153 21.07 53.22 -3.30
C ALA G 153 22.51 53.02 -3.78
N GLU G 154 23.05 54.02 -4.46
CA GLU G 154 24.43 53.95 -4.92
C GLU G 154 25.38 53.81 -3.74
N THR G 155 26.56 53.26 -4.02
CA THR G 155 27.54 52.92 -2.97
C THR G 155 26.89 52.05 -1.90
N SER G 156 26.35 50.92 -2.32
CA SER G 156 25.69 50.01 -1.39
C SER G 156 26.72 49.37 -0.47
N ASP G 157 26.52 49.56 0.83
CA ASP G 157 27.36 48.92 1.84
C ASP G 157 26.80 47.54 2.16
N ARG G 158 27.70 46.66 2.61
CA ARG G 158 27.32 45.29 2.94
C ARG G 158 27.63 44.95 4.39
N SER G 159 27.51 45.93 5.28
CA SER G 159 27.72 45.73 6.70
C SER G 159 26.41 45.55 7.46
N SER G 160 25.51 46.52 7.32
CA SER G 160 24.23 46.48 8.01
C SER G 160 23.11 45.93 7.15
N ASN G 161 23.40 45.46 5.95
CA ASN G 161 22.41 44.90 5.03
C ASN G 161 22.92 43.57 4.51
N PRO G 162 23.01 42.55 5.38
CA PRO G 162 23.57 41.27 4.95
C PRO G 162 22.66 40.48 4.05
N MET G 163 21.35 40.70 4.11
CA MET G 163 20.39 40.00 3.27
C MET G 163 20.33 40.59 1.87
N LEU G 164 21.26 41.47 1.51
CA LEU G 164 21.35 42.04 0.16
C LEU G 164 20.10 42.85 -0.18
N GLN G 165 19.69 43.68 0.76
CA GLN G 165 18.45 44.47 0.62
C GLN G 165 18.74 45.92 0.27
N ASP G 166 19.76 46.17 -0.55
CA ASP G 166 20.02 47.52 -1.03
C ASP G 166 20.47 47.59 -2.47
N VAL G 167 20.29 46.54 -3.26
CA VAL G 167 20.77 46.57 -4.65
C VAL G 167 19.77 47.28 -5.55
N ALA G 168 18.58 46.72 -5.67
CA ALA G 168 17.58 47.28 -6.57
C ALA G 168 16.19 46.99 -6.00
N VAL G 169 15.19 47.66 -6.54
CA VAL G 169 13.81 47.48 -6.10
C VAL G 169 13.36 46.08 -6.45
N GLY G 170 12.66 45.43 -5.53
CA GLY G 170 12.20 44.08 -5.72
C GLY G 170 10.70 43.99 -5.92
N TRP G 171 10.26 42.77 -6.25
CA TRP G 171 8.84 42.53 -6.50
C TRP G 171 7.99 42.95 -5.32
N LEU G 172 8.45 42.65 -4.10
CA LEU G 172 7.68 42.99 -2.92
C LEU G 172 7.54 44.50 -2.77
N GLN G 173 8.64 45.23 -2.89
CA GLN G 173 8.54 46.69 -2.83
C GLN G 173 7.75 47.23 -4.00
N LYS G 174 7.79 46.54 -5.15
CA LYS G 174 6.97 46.95 -6.29
C LYS G 174 5.49 46.93 -5.92
N TYR G 175 5.04 45.82 -5.33
CA TYR G 175 3.65 45.80 -4.84
C TYR G 175 3.42 46.87 -3.77
N ARG G 176 4.41 47.08 -2.90
CA ARG G 176 4.19 48.00 -1.79
C ARG G 176 3.95 49.43 -2.28
N ASN G 177 4.77 49.90 -3.23
CA ASN G 177 4.69 51.31 -3.61
C ASN G 177 3.91 51.57 -4.89
N GLU G 178 3.95 50.66 -5.86
CA GLU G 178 3.30 50.93 -7.14
C GLU G 178 1.79 50.74 -7.06
N ALA G 179 1.33 49.70 -6.37
CA ALA G 179 -0.10 49.37 -6.33
C ALA G 179 -0.49 48.90 -4.93
N PRO G 180 -0.85 49.82 -4.04
CA PRO G 180 -1.41 49.41 -2.75
C PRO G 180 -2.80 48.83 -2.95
N ALA G 181 -3.48 48.51 -1.84
CA ALA G 181 -4.78 47.85 -1.79
C ALA G 181 -4.72 46.42 -2.29
N ARG G 182 -3.55 45.96 -2.76
CA ARG G 182 -3.31 44.55 -3.03
C ARG G 182 -2.41 43.93 -1.97
N VAL G 183 -2.17 44.63 -0.87
CA VAL G 183 -1.32 44.15 0.21
C VAL G 183 -2.02 44.40 1.53
N MET G 184 -2.00 43.41 2.40
CA MET G 184 -2.64 43.48 3.70
C MET G 184 -1.57 43.39 4.78
N SER G 185 -1.50 44.39 5.65
CA SER G 185 -0.50 44.41 6.70
C SER G 185 -1.01 44.89 8.05
N LYS G 186 -2.32 45.02 8.24
CA LYS G 186 -2.85 45.50 9.52
C LYS G 186 -4.35 45.29 9.54
N VAL G 187 -4.88 44.98 10.72
CA VAL G 187 -6.33 44.90 10.90
C VAL G 187 -6.80 46.18 11.57
N THR G 188 -7.67 46.91 10.89
CA THR G 188 -8.08 48.24 11.33
C THR G 188 -9.58 48.27 11.59
N ASP G 189 -10.03 49.39 12.16
CA ASP G 189 -11.43 49.69 12.37
C ASP G 189 -11.71 51.11 11.91
N GLU G 190 -12.99 51.43 11.78
CA GLU G 190 -13.38 52.77 11.37
C GLU G 190 -12.90 53.82 12.37
N GLU G 191 -12.75 53.44 13.63
CA GLU G 191 -12.14 54.30 14.63
C GLU G 191 -10.72 53.89 15.01
N GLY G 192 -10.42 52.60 14.95
CA GLY G 192 -9.08 52.13 15.22
C GLY G 192 -8.27 51.97 13.95
N ARG G 193 -7.41 52.96 13.68
CA ARG G 193 -6.61 52.92 12.46
C ARG G 193 -5.63 51.74 12.47
N THR G 194 -5.16 51.37 13.65
CA THR G 194 -4.35 50.16 13.83
C THR G 194 -4.86 49.46 15.08
N THR G 195 -5.85 48.59 14.88
CA THR G 195 -6.36 47.79 15.99
C THR G 195 -5.34 46.73 16.39
N SER G 196 -4.64 46.17 15.41
CA SER G 196 -3.58 45.21 15.64
C SER G 196 -2.48 45.45 14.63
N GLU G 197 -1.22 45.44 15.09
CA GLU G 197 -0.12 45.74 14.20
C GLU G 197 0.11 44.62 13.20
N VAL G 198 0.21 43.38 13.69
CA VAL G 198 0.50 42.23 12.86
C VAL G 198 -0.75 41.38 12.73
N ILE G 199 -0.84 40.60 11.66
CA ILE G 199 -1.98 39.72 11.43
C ILE G 199 -1.78 38.45 12.23
N ARG G 200 -2.29 38.42 13.46
CA ARG G 200 -2.09 37.28 14.35
C ARG G 200 -2.96 36.13 13.90
N VAL G 201 -2.35 34.94 13.79
CA VAL G 201 -3.04 33.73 13.35
C VAL G 201 -2.83 32.64 14.39
N GLY G 202 -3.90 32.25 15.05
CA GLY G 202 -3.80 31.23 16.08
C GLY G 202 -5.17 30.80 16.55
N LYS G 203 -5.20 30.21 17.74
CA LYS G 203 -6.46 29.73 18.30
C LYS G 203 -7.36 30.89 18.71
N GLY G 204 -6.77 32.03 19.06
CA GLY G 204 -7.52 33.21 19.42
C GLY G 204 -7.22 34.43 18.59
N GLY G 205 -6.43 34.29 17.53
CA GLY G 205 -6.03 35.44 16.74
C GLY G 205 -7.11 35.90 15.78
N ASP G 206 -6.64 36.54 14.71
CA ASP G 206 -7.55 37.11 13.72
C ASP G 206 -7.97 36.10 12.67
N TYR G 207 -7.49 34.86 12.76
CA TYR G 207 -7.80 33.83 11.79
C TYR G 207 -7.76 32.48 12.47
N ALA G 208 -8.44 31.50 11.88
CA ALA G 208 -8.39 30.15 12.40
C ALA G 208 -7.01 29.53 12.15
N SER G 209 -6.57 29.56 10.91
CA SER G 209 -5.27 29.02 10.54
C SER G 209 -4.86 29.60 9.20
N LEU G 210 -3.66 29.25 8.74
CA LEU G 210 -3.16 29.80 7.49
C LEU G 210 -4.06 29.45 6.32
N ASP G 211 -4.73 28.31 6.37
CA ASP G 211 -5.57 27.89 5.26
C ASP G 211 -6.71 28.88 5.04
N ALA G 212 -7.45 29.20 6.10
CA ALA G 212 -8.50 30.19 5.96
C ALA G 212 -7.95 31.54 5.53
N LEU G 213 -6.75 31.88 5.98
CA LEU G 213 -6.14 33.14 5.59
C LEU G 213 -5.93 33.21 4.08
N VAL G 214 -5.18 32.26 3.54
CA VAL G 214 -4.94 32.30 2.10
C VAL G 214 -6.25 32.14 1.33
N MET G 215 -7.22 31.44 1.91
CA MET G 215 -8.49 31.22 1.22
C MET G 215 -9.25 32.54 1.05
N ASP G 216 -9.49 33.25 2.16
CA ASP G 216 -10.20 34.52 2.01
C ASP G 216 -9.38 35.56 1.28
N ALA G 217 -8.05 35.47 1.36
CA ALA G 217 -7.21 36.41 0.61
C ALA G 217 -7.37 36.21 -0.89
N THR G 218 -7.27 34.96 -1.35
CA THR G 218 -7.49 34.71 -2.76
C THR G 218 -8.96 34.89 -3.15
N ASN G 219 -9.87 34.94 -2.19
CA ASN G 219 -11.25 35.25 -2.53
C ASN G 219 -11.45 36.74 -2.77
N ASN G 220 -10.88 37.58 -1.91
CA ASN G 220 -11.20 39.00 -1.96
C ASN G 220 -10.25 39.81 -2.83
N LEU G 221 -8.94 39.71 -2.60
CA LEU G 221 -8.01 40.69 -3.13
C LEU G 221 -7.87 40.59 -4.64
N ILE G 222 -7.42 39.44 -5.14
CA ILE G 222 -7.11 39.30 -6.56
C ILE G 222 -8.38 39.36 -7.39
N GLU G 223 -8.23 39.55 -8.69
CA GLU G 223 -9.35 39.81 -9.57
C GLU G 223 -10.08 38.53 -9.95
N PRO G 224 -11.36 38.64 -10.31
CA PRO G 224 -12.13 37.42 -10.65
C PRO G 224 -11.64 36.70 -11.89
N TRP G 225 -10.88 37.38 -12.75
CA TRP G 225 -10.36 36.71 -13.94
C TRP G 225 -9.34 35.65 -13.57
N TYR G 226 -8.27 36.05 -12.87
CA TYR G 226 -7.23 35.11 -12.50
C TYR G 226 -7.66 34.25 -11.32
N GLN G 227 -8.74 34.64 -10.65
CA GLN G 227 -9.25 33.88 -9.50
C GLN G 227 -9.56 32.45 -9.91
N GLU G 228 -10.09 32.27 -11.11
CA GLU G 228 -10.43 30.96 -11.66
C GLU G 228 -9.38 30.64 -12.72
N ASP G 229 -8.27 30.05 -12.29
CA ASP G 229 -7.18 29.74 -13.19
C ASP G 229 -6.46 28.49 -12.71
N PRO G 230 -6.09 27.60 -13.64
CA PRO G 230 -5.40 26.36 -13.23
C PRO G 230 -3.98 26.57 -12.76
N ASP G 231 -3.43 27.78 -12.89
CA ASP G 231 -2.04 28.04 -12.53
C ASP G 231 -2.01 29.14 -11.48
N LEU G 232 -1.91 28.74 -10.22
CA LEU G 232 -1.70 29.67 -9.11
C LEU G 232 -0.79 29.01 -8.10
N VAL G 233 0.08 29.81 -7.49
CA VAL G 233 1.06 29.30 -6.54
C VAL G 233 1.15 30.25 -5.36
N VAL G 234 1.35 29.68 -4.17
CA VAL G 234 1.50 30.48 -2.96
C VAL G 234 2.96 30.44 -2.49
N ILE G 235 3.74 31.40 -2.96
CA ILE G 235 5.15 31.46 -2.60
C ILE G 235 5.28 31.87 -1.14
N VAL G 236 5.97 31.05 -0.36
CA VAL G 236 6.15 31.27 1.08
C VAL G 236 7.54 30.81 1.45
N GLY G 237 8.08 31.40 2.52
CA GLY G 237 9.41 31.05 2.99
C GLY G 237 9.49 29.65 3.55
N ARG G 238 10.55 29.36 4.30
CA ARG G 238 10.73 28.04 4.89
C ARG G 238 10.25 27.95 6.33
N GLN G 239 10.40 29.04 7.09
CA GLN G 239 10.01 29.00 8.50
C GLN G 239 8.52 28.76 8.66
N LEU G 240 7.71 29.44 7.85
CA LEU G 240 6.26 29.34 8.00
C LEU G 240 5.75 27.97 7.59
N LEU G 241 6.31 27.41 6.51
CA LEU G 241 5.90 26.08 6.07
C LEU G 241 6.17 25.05 7.16
N ALA G 242 7.35 25.10 7.76
CA ALA G 242 7.67 24.16 8.85
C ALA G 242 6.78 24.42 10.06
N ASP G 243 6.53 25.70 10.37
CA ASP G 243 5.66 26.01 11.50
C ASP G 243 4.26 25.44 11.30
N LYS G 244 3.81 25.37 10.05
CA LYS G 244 2.47 24.83 9.81
C LYS G 244 2.48 23.31 9.79
N TYR G 245 3.50 22.69 9.19
CA TYR G 245 3.50 21.25 9.01
C TYR G 245 4.13 20.48 10.16
N PHE G 246 4.71 21.15 11.15
CA PHE G 246 5.34 20.44 12.25
C PHE G 246 4.33 19.87 13.24
N PRO G 247 3.34 20.63 13.71
CA PRO G 247 2.40 20.04 14.69
C PRO G 247 1.60 18.88 14.12
N ILE G 248 1.49 18.78 12.79
CA ILE G 248 0.79 17.63 12.21
C ILE G 248 1.63 16.37 12.34
N VAL G 249 2.87 16.40 11.84
CA VAL G 249 3.73 15.22 11.91
C VAL G 249 4.13 14.89 13.34
N ASN G 250 4.11 15.86 14.25
CA ASN G 250 4.45 15.62 15.65
C ASN G 250 3.24 15.06 16.41
N LYS G 251 2.74 13.94 15.91
CA LYS G 251 1.57 13.28 16.51
C LYS G 251 1.83 11.78 16.57
N GLU G 252 0.78 11.03 16.90
CA GLU G 252 0.87 9.59 17.09
C GLU G 252 -0.31 8.92 16.38
N GLN G 253 -0.04 8.33 15.22
CA GLN G 253 -1.06 7.61 14.47
C GLN G 253 -0.43 6.63 13.48
N ALA G 261 -0.90 7.51 6.40
CA ALA G 261 -1.19 8.94 6.44
C ALA G 261 0.09 9.74 6.63
N ASP G 262 1.10 9.44 5.81
CA ASP G 262 2.40 10.09 5.89
C ASP G 262 2.81 10.72 4.56
N VAL G 263 1.95 10.64 3.54
CA VAL G 263 2.28 11.16 2.22
C VAL G 263 1.99 12.64 2.10
N ILE G 264 1.36 13.25 3.10
CA ILE G 264 0.95 14.65 3.01
C ILE G 264 2.16 15.57 2.89
N ILE G 265 3.35 15.06 3.23
CA ILE G 265 4.55 15.87 3.13
C ILE G 265 5.04 15.96 1.70
N SER G 266 4.49 15.15 0.80
CA SER G 266 5.01 15.08 -0.57
C SER G 266 4.64 16.33 -1.37
N GLN G 267 3.36 16.72 -1.35
CA GLN G 267 2.88 17.81 -2.18
C GLN G 267 2.82 19.16 -1.49
N LYS G 268 2.51 19.19 -0.19
CA LYS G 268 2.51 20.42 0.60
C LYS G 268 1.54 21.45 0.03
N ARG G 269 0.26 21.11 0.04
CA ARG G 269 -0.77 22.06 -0.37
C ARG G 269 -1.31 22.80 0.84
N ILE G 270 -1.55 24.10 0.69
CA ILE G 270 -2.15 24.92 1.73
C ILE G 270 -3.24 25.77 1.12
N GLY G 271 -4.37 25.85 1.82
CA GLY G 271 -5.51 26.61 1.34
C GLY G 271 -5.98 26.22 -0.04
N ASN G 272 -5.90 24.92 -0.34
CA ASN G 272 -6.27 24.39 -1.65
C ASN G 272 -5.47 25.07 -2.76
N LEU G 273 -4.15 25.15 -2.54
CA LEU G 273 -3.25 25.77 -3.51
C LEU G 273 -1.86 25.17 -3.38
N PRO G 274 -1.21 24.81 -4.48
CA PRO G 274 0.15 24.26 -4.40
C PRO G 274 1.13 25.31 -3.90
N ALA G 275 2.06 24.88 -3.06
CA ALA G 275 3.00 25.77 -2.42
C ALA G 275 4.42 25.44 -2.84
N VAL G 276 5.22 26.48 -3.09
CA VAL G 276 6.64 26.34 -3.36
C VAL G 276 7.40 27.18 -2.35
N ARG G 277 8.67 26.85 -2.16
CA ARG G 277 9.53 27.57 -1.24
C ARG G 277 10.79 28.01 -1.96
N VAL G 278 11.23 29.23 -1.69
CA VAL G 278 12.46 29.75 -2.27
C VAL G 278 13.36 30.23 -1.13
N PRO G 279 14.68 30.13 -1.28
CA PRO G 279 15.57 30.55 -0.19
C PRO G 279 15.51 32.06 0.05
N TYR G 280 15.85 32.43 1.28
CA TYR G 280 15.97 33.80 1.74
C TYR G 280 14.66 34.59 1.66
N PHE G 281 13.56 33.95 1.32
CA PHE G 281 12.28 34.65 1.32
C PHE G 281 11.97 35.13 2.73
N PRO G 282 11.48 36.37 2.89
CA PRO G 282 11.18 36.87 4.23
C PRO G 282 10.18 35.97 4.94
N ALA G 283 10.47 35.65 6.20
CA ALA G 283 9.70 34.63 6.90
C ALA G 283 8.29 35.08 7.21
N ASP G 284 8.07 36.38 7.38
CA ASP G 284 6.80 36.90 7.88
C ASP G 284 5.91 37.43 6.76
N ALA G 285 5.95 36.81 5.58
CA ALA G 285 5.12 37.27 4.48
C ALA G 285 4.95 36.13 3.48
N MET G 286 3.92 36.25 2.65
CA MET G 286 3.69 35.27 1.59
C MET G 286 2.97 35.95 0.44
N LEU G 287 3.11 35.37 -0.76
CA LEU G 287 2.64 36.01 -1.98
C LEU G 287 1.92 34.98 -2.84
N ILE G 288 0.66 35.25 -3.17
CA ILE G 288 -0.15 34.34 -3.97
C ILE G 288 -0.27 34.92 -5.37
N THR G 289 0.14 34.16 -6.38
CA THR G 289 0.13 34.59 -7.76
C THR G 289 0.57 33.44 -8.65
N LYS G 290 0.37 33.61 -9.95
CA LYS G 290 0.83 32.62 -10.90
C LYS G 290 2.33 32.79 -11.15
N LEU G 291 2.99 31.67 -11.42
CA LEU G 291 4.45 31.66 -11.48
C LEU G 291 5.01 32.15 -12.79
N GLU G 292 4.17 32.54 -13.75
CA GLU G 292 4.65 33.13 -14.99
C GLU G 292 4.25 34.60 -15.10
N ASN G 293 3.74 35.19 -14.03
CA ASN G 293 3.31 36.58 -14.05
C ASN G 293 4.44 37.55 -13.75
N LEU G 294 5.38 37.17 -12.90
CA LEU G 294 6.51 38.03 -12.55
C LEU G 294 7.74 37.58 -13.31
N SER G 295 8.65 38.52 -13.59
CA SER G 295 9.71 38.26 -14.54
C SER G 295 10.84 39.25 -14.33
N ILE G 296 11.95 39.04 -15.05
CA ILE G 296 13.07 39.97 -15.04
C ILE G 296 13.45 40.30 -16.46
N TYR G 297 13.75 41.57 -16.72
CA TYR G 297 14.20 42.04 -18.02
C TYR G 297 15.68 42.37 -17.91
N TYR G 298 16.42 42.16 -19.00
CA TYR G 298 17.82 42.54 -19.02
C TYR G 298 18.19 43.13 -20.37
N MET G 299 19.10 44.11 -20.33
CA MET G 299 19.58 44.72 -21.56
C MET G 299 20.27 43.68 -22.44
N ASP G 300 20.15 43.86 -23.75
CA ASP G 300 20.62 42.84 -24.67
C ASP G 300 22.12 42.67 -24.60
N ASP G 301 22.87 43.79 -24.68
CA ASP G 301 24.33 43.75 -24.70
C ASP G 301 24.85 44.76 -23.69
N SER G 302 24.98 44.34 -22.43
CA SER G 302 25.56 45.19 -21.41
C SER G 302 26.45 44.40 -20.46
N HIS G 303 26.62 43.11 -20.72
CA HIS G 303 27.43 42.25 -19.84
C HIS G 303 28.89 42.55 -20.10
N ARG G 304 29.48 43.41 -19.29
CA ARG G 304 30.87 43.83 -19.47
C ARG G 304 31.74 43.26 -18.36
N ARG G 305 32.85 42.65 -18.75
CA ARG G 305 33.69 41.92 -17.81
C ARG G 305 35.15 42.22 -18.06
N VAL G 306 35.90 42.44 -16.99
CA VAL G 306 37.32 42.77 -17.06
C VAL G 306 38.07 42.07 -15.93
N ILE G 307 39.34 41.80 -16.18
CA ILE G 307 40.19 41.09 -15.23
C ILE G 307 41.27 42.04 -14.72
N GLU G 308 41.94 41.64 -13.64
CA GLU G 308 43.02 42.45 -13.10
C GLU G 308 43.89 41.58 -12.21
N GLU G 309 45.21 41.82 -12.23
CA GLU G 309 46.18 40.99 -11.52
C GLU G 309 47.13 41.85 -10.70
N ASN G 310 46.59 42.76 -9.89
CA ASN G 310 47.44 43.64 -9.09
C ASN G 310 48.05 42.88 -7.92
N PRO G 311 49.37 42.91 -7.74
CA PRO G 311 49.96 42.25 -6.58
C PRO G 311 50.10 43.15 -5.38
N LYS G 312 49.46 44.33 -5.42
CA LYS G 312 49.48 45.21 -4.26
C LYS G 312 48.94 44.49 -3.03
N LEU G 313 47.90 43.69 -3.21
CA LEU G 313 47.41 42.79 -2.17
C LEU G 313 47.46 41.34 -2.63
N ASP G 314 48.33 41.04 -3.59
CA ASP G 314 48.56 39.70 -4.14
C ASP G 314 47.26 38.93 -4.35
N ARG G 315 46.41 39.50 -5.20
CA ARG G 315 45.11 38.90 -5.48
C ARG G 315 44.71 39.21 -6.91
N VAL G 316 44.09 38.23 -7.56
CA VAL G 316 43.58 38.40 -8.91
C VAL G 316 42.09 38.69 -8.81
N GLU G 317 41.68 39.87 -9.29
CA GLU G 317 40.30 40.30 -9.15
C GLU G 317 39.63 40.40 -10.53
N ASN G 318 38.30 40.44 -10.51
CA ASN G 318 37.54 40.59 -11.74
C ASN G 318 36.32 41.43 -11.47
N TYR G 319 35.84 42.11 -12.51
CA TYR G 319 34.70 43.01 -12.42
C TYR G 319 33.73 42.69 -13.55
N GLU G 320 32.48 42.41 -13.20
CA GLU G 320 31.45 42.09 -14.17
C GLU G 320 30.21 42.93 -13.88
N SER G 321 29.60 43.46 -14.94
CA SER G 321 28.45 44.34 -14.79
C SER G 321 27.38 43.94 -15.79
N MET G 322 26.12 43.99 -15.36
CA MET G 322 24.97 43.67 -16.19
C MET G 322 23.81 44.57 -15.83
N ASN G 323 23.03 44.97 -16.84
CA ASN G 323 21.90 45.88 -16.65
C ASN G 323 20.60 45.06 -16.64
N ILE G 324 19.92 45.07 -15.51
CA ILE G 324 18.70 44.30 -15.33
C ILE G 324 17.61 45.22 -14.77
N ASP G 325 16.42 44.64 -14.62
CA ASP G 325 15.30 45.23 -13.89
C ASP G 325 14.22 44.18 -13.61
N TYR G 326 13.84 44.04 -12.35
CA TYR G 326 12.75 43.15 -11.98
C TYR G 326 11.43 43.81 -12.32
N VAL G 327 10.44 43.01 -12.71
CA VAL G 327 9.11 43.59 -13.00
C VAL G 327 8.06 42.49 -12.90
N VAL G 328 6.98 42.80 -12.20
CA VAL G 328 5.79 41.96 -12.21
C VAL G 328 4.83 42.55 -13.24
N GLU G 329 4.33 41.71 -14.13
CA GLU G 329 3.65 42.21 -15.32
C GLU G 329 2.33 42.87 -14.99
N ASP G 330 1.38 42.11 -14.46
CA ASP G 330 0.05 42.63 -14.13
C ASP G 330 -0.10 42.65 -12.62
N TYR G 331 -0.26 43.86 -12.06
CA TYR G 331 -0.35 43.97 -10.61
C TYR G 331 -1.59 43.29 -10.06
N ALA G 332 -2.68 43.27 -10.83
CA ALA G 332 -3.93 42.69 -10.37
C ALA G 332 -3.96 41.19 -10.53
N ALA G 333 -2.80 40.54 -10.66
CA ALA G 333 -2.76 39.09 -10.78
C ALA G 333 -2.69 38.42 -9.41
N GLY G 334 -1.69 38.78 -8.61
CA GLY G 334 -1.51 38.21 -7.29
C GLY G 334 -1.44 39.29 -6.23
N CYS G 335 -1.51 38.85 -4.97
CA CYS G 335 -1.44 39.74 -3.83
C CYS G 335 -0.60 39.09 -2.74
N LEU G 336 -0.02 39.92 -1.89
CA LEU G 336 0.83 39.42 -0.81
C LEU G 336 0.32 39.91 0.53
N VAL G 337 0.58 39.12 1.56
CA VAL G 337 0.28 39.49 2.94
C VAL G 337 1.58 39.51 3.71
N GLU G 338 1.69 40.48 4.62
CA GLU G 338 2.94 40.76 5.32
C GLU G 338 2.70 40.79 6.82
N LYS G 339 3.78 40.61 7.58
CA LYS G 339 3.76 40.65 9.04
C LYS G 339 2.80 39.61 9.60
N ILE G 340 3.09 38.34 9.31
CA ILE G 340 2.31 37.22 9.79
C ILE G 340 2.96 36.71 11.06
N LYS G 341 2.17 36.53 12.12
CA LYS G 341 2.66 36.06 13.40
C LYS G 341 1.71 35.00 13.94
N VAL G 342 2.25 33.82 14.22
CA VAL G 342 1.47 32.68 14.72
C VAL G 342 1.70 32.56 16.21
N GLY G 343 0.63 32.24 16.95
CA GLY G 343 0.70 32.13 18.39
C GLY G 343 -0.58 31.55 18.94
N ASP G 344 -0.85 31.86 20.21
CA ASP G 344 -2.06 31.35 20.85
C ASP G 344 -3.04 32.48 21.14
N PHE G 345 -2.57 33.57 21.75
CA PHE G 345 -3.38 34.75 22.00
C PHE G 345 -4.60 34.42 22.86
N SER G 346 -4.34 34.00 24.09
CA SER G 346 -5.40 33.67 25.04
C SER G 346 -6.21 34.91 25.41
N VAL H 37 53.29 6.24 -6.84
CA VAL H 37 52.88 4.85 -6.94
C VAL H 37 51.77 4.56 -5.93
N THR H 38 51.67 5.41 -4.92
CA THR H 38 50.63 5.22 -3.91
C THR H 38 49.25 5.45 -4.49
N GLN H 39 49.16 6.24 -5.55
CA GLN H 39 47.86 6.55 -6.14
C GLN H 39 47.19 5.29 -6.69
N THR H 40 47.96 4.40 -7.29
CA THR H 40 47.38 3.15 -7.81
C THR H 40 46.81 2.32 -6.67
N LEU H 41 47.57 2.18 -5.59
CA LEU H 41 47.08 1.42 -4.44
C LEU H 41 45.81 2.04 -3.87
N MET H 42 45.80 3.37 -3.74
CA MET H 42 44.61 4.03 -3.20
C MET H 42 43.41 3.85 -4.12
N ASN H 43 43.64 3.90 -5.43
CA ASN H 43 42.54 3.71 -6.38
C ASN H 43 41.95 2.31 -6.25
N THR H 44 42.81 1.29 -6.21
CA THR H 44 42.31 -0.08 -6.07
C THR H 44 41.59 -0.25 -4.73
N MET H 45 42.12 0.37 -3.67
CA MET H 45 41.47 0.25 -2.36
C MET H 45 40.09 0.88 -2.37
N GLN H 46 39.95 2.04 -2.99
CA GLN H 46 38.66 2.69 -3.06
C GLN H 46 37.69 1.90 -3.94
N GLU H 47 38.20 1.33 -5.03
CA GLU H 47 37.35 0.55 -5.92
C GLU H 47 36.88 -0.73 -5.25
N SER H 48 37.69 -1.29 -4.35
CA SER H 48 37.32 -2.54 -3.70
C SER H 48 36.05 -2.40 -2.89
N SER H 49 36.07 -1.56 -1.86
CA SER H 49 34.89 -1.30 -1.03
C SER H 49 33.89 -0.51 -1.84
N ASP H 50 32.63 -0.50 -1.38
CA ASP H 50 31.59 0.17 -2.15
C ASP H 50 31.06 1.40 -1.41
N PHE H 51 31.56 1.66 -0.20
CA PHE H 51 31.23 2.93 0.44
C PHE H 51 32.26 3.99 0.12
N LEU H 52 33.50 3.58 -0.11
CA LEU H 52 34.55 4.54 -0.46
C LEU H 52 34.33 5.11 -1.84
N THR H 53 33.80 4.31 -2.76
CA THR H 53 33.55 4.80 -4.12
C THR H 53 32.50 5.88 -4.17
N ARG H 54 31.68 6.02 -3.13
CA ARG H 54 30.73 7.11 -3.05
C ARG H 54 31.33 8.36 -2.44
N ILE H 55 32.29 8.21 -1.54
CA ILE H 55 32.99 9.34 -0.95
C ILE H 55 34.16 9.70 -1.86
N ASN H 56 34.75 10.88 -1.65
CA ASN H 56 35.89 11.30 -2.42
C ASN H 56 37.14 11.34 -1.54
N ILE H 57 38.27 10.93 -2.11
CA ILE H 57 39.55 10.90 -1.41
C ILE H 57 40.59 11.54 -2.33
N VAL H 58 41.42 12.40 -1.78
CA VAL H 58 42.32 13.17 -2.65
C VAL H 58 43.73 13.14 -2.11
N PRO H 59 44.71 13.22 -3.00
CA PRO H 59 46.11 13.35 -2.59
C PRO H 59 46.55 14.81 -2.48
N VAL H 60 47.38 15.07 -1.48
CA VAL H 60 47.91 16.40 -1.22
C VAL H 60 49.42 16.35 -1.38
N SER H 61 49.98 17.34 -2.07
CA SER H 61 51.42 17.37 -2.30
C SER H 61 52.16 18.05 -1.16
N GLU H 62 51.49 18.90 -0.39
CA GLU H 62 52.12 19.61 0.71
C GLU H 62 51.77 18.94 2.03
N MET H 63 52.19 19.54 3.15
CA MET H 63 51.97 18.96 4.46
C MET H 63 50.77 19.59 5.19
N LYS H 64 50.80 20.90 5.39
CA LYS H 64 49.75 21.60 6.13
C LYS H 64 49.49 22.95 5.48
N GLY H 65 48.32 23.10 4.88
CA GLY H 65 47.97 24.35 4.23
C GLY H 65 46.49 24.66 4.20
N GLU H 66 46.01 25.08 3.04
CA GLU H 66 44.60 25.39 2.85
C GLU H 66 43.92 24.19 2.21
N LYS H 67 42.70 23.90 2.67
CA LYS H 67 41.95 22.78 2.14
C LYS H 67 41.24 23.19 0.85
N ILE H 68 41.05 22.22 -0.05
CA ILE H 68 40.36 22.48 -1.30
C ILE H 68 38.89 22.70 -1.03
N GLY H 69 38.44 23.95 -1.13
CA GLY H 69 37.05 24.28 -0.87
C GLY H 69 36.42 25.13 -1.94
N ILE H 70 35.39 24.60 -2.60
CA ILE H 70 34.65 25.34 -3.61
C ILE H 70 33.27 25.65 -3.03
N GLY H 71 33.19 25.74 -1.70
CA GLY H 71 31.93 25.98 -1.02
C GLY H 71 31.30 27.31 -1.36
N VAL H 72 29.97 27.32 -1.44
CA VAL H 72 29.24 28.54 -1.78
C VAL H 72 29.43 29.55 -0.65
N THR H 73 29.89 30.75 -1.01
CA THR H 73 30.08 31.82 -0.05
C THR H 73 28.82 32.66 0.07
N GLY H 74 28.93 33.80 0.76
CA GLY H 74 27.82 34.71 0.90
C GLY H 74 27.62 35.58 -0.33
N SER H 75 26.77 36.59 -0.17
CA SER H 75 26.44 37.50 -1.26
C SER H 75 27.68 38.22 -1.75
N ILE H 76 27.70 38.56 -3.03
CA ILE H 76 28.83 39.28 -3.61
C ILE H 76 28.41 40.54 -4.37
N ALA H 77 27.15 40.65 -4.80
CA ALA H 77 26.75 41.76 -5.64
C ALA H 77 26.57 43.03 -4.81
N SER H 78 26.73 44.17 -5.48
CA SER H 78 26.57 45.47 -4.85
C SER H 78 26.56 46.53 -5.94
N THR H 79 26.36 47.78 -5.53
CA THR H 79 26.37 48.92 -6.43
C THR H 79 27.25 50.01 -5.86
N THR H 80 27.91 50.77 -6.74
CA THR H 80 28.81 51.85 -6.33
C THR H 80 28.64 53.03 -7.27
N ASP H 81 28.56 54.23 -6.70
CA ASP H 81 28.51 55.47 -7.48
C ASP H 81 29.91 55.74 -8.02
N THR H 82 30.19 55.13 -9.17
CA THR H 82 31.53 55.23 -9.74
C THR H 82 31.80 56.64 -10.27
N ALA H 83 30.86 57.19 -11.03
CA ALA H 83 31.07 58.50 -11.65
C ALA H 83 31.24 59.57 -10.58
N GLY H 84 32.46 60.10 -10.48
CA GLY H 84 32.77 61.15 -9.52
C GLY H 84 32.44 60.77 -8.09
N GLY H 85 33.12 59.75 -7.57
CA GLY H 85 32.85 59.32 -6.21
C GLY H 85 33.84 58.28 -5.76
N THR H 86 33.32 57.27 -5.08
CA THR H 86 34.17 56.27 -4.45
C THR H 86 34.73 55.30 -5.47
N GLU H 87 35.46 54.30 -5.00
CA GLU H 87 36.08 53.32 -5.88
C GLU H 87 35.40 51.97 -5.72
N ARG H 88 35.19 51.29 -6.84
CA ARG H 88 34.55 49.99 -6.80
C ARG H 88 35.50 48.94 -6.22
N GLN H 89 35.29 48.59 -4.96
CA GLN H 89 36.16 47.66 -4.25
C GLN H 89 35.53 46.28 -4.21
N PRO H 90 36.25 45.23 -4.60
CA PRO H 90 35.64 43.89 -4.64
C PRO H 90 35.49 43.32 -3.24
N LYS H 91 34.78 42.19 -3.17
CA LYS H 91 34.60 41.44 -1.94
C LYS H 91 35.31 40.09 -2.05
N ASP H 92 35.58 39.47 -0.91
CA ASP H 92 36.40 38.26 -0.91
C ASP H 92 35.63 37.07 -1.46
N PHE H 93 36.36 36.03 -1.83
CA PHE H 93 35.80 34.79 -2.33
C PHE H 93 36.52 33.61 -1.67
N SER H 94 35.73 32.59 -1.31
CA SER H 94 36.24 31.45 -0.57
C SER H 94 36.92 31.90 0.72
N LYS H 95 36.21 32.74 1.47
CA LYS H 95 36.75 33.27 2.72
C LYS H 95 37.09 32.14 3.68
N LEU H 96 38.21 32.29 4.39
CA LEU H 96 38.70 31.27 5.29
C LEU H 96 38.41 31.68 6.73
N ALA H 97 37.83 30.77 7.50
CA ALA H 97 37.63 30.97 8.93
C ALA H 97 38.57 30.10 9.76
N SER H 98 38.55 28.78 9.54
CA SER H 98 39.50 27.88 10.18
C SER H 98 39.59 26.64 9.30
N ASN H 99 40.64 26.56 8.50
CA ASN H 99 40.81 25.48 7.52
C ASN H 99 42.22 24.94 7.55
N LYS H 100 42.76 24.72 8.75
CA LYS H 100 44.12 24.23 8.91
C LYS H 100 44.06 22.73 9.16
N TYR H 101 44.80 21.97 8.35
CA TYR H 101 44.84 20.51 8.45
C TYR H 101 46.29 20.05 8.41
N GLU H 102 46.65 19.14 9.30
CA GLU H 102 47.99 18.59 9.36
C GLU H 102 47.91 17.07 9.25
N CYS H 103 48.29 16.54 8.09
CA CYS H 103 48.22 15.10 7.87
C CYS H 103 49.21 14.38 8.78
N ASP H 104 48.75 13.31 9.40
CA ASP H 104 49.57 12.53 10.33
C ASP H 104 49.75 11.12 9.79
N GLN H 105 50.72 10.41 10.34
CA GLN H 105 51.01 9.06 9.89
C GLN H 105 50.19 8.03 10.64
N ILE H 106 49.91 6.92 9.95
CA ILE H 106 49.26 5.76 10.52
C ILE H 106 49.97 4.56 9.95
N ASN H 107 49.90 3.43 10.64
CA ASN H 107 50.60 2.23 10.18
C ASN H 107 49.92 1.00 10.76
N PHE H 108 50.09 -0.12 10.07
CA PHE H 108 49.55 -1.38 10.53
C PHE H 108 50.60 -2.47 10.36
N ASP H 109 50.46 -3.53 11.14
CA ASP H 109 51.52 -4.52 11.31
C ASP H 109 50.93 -5.91 11.14
N PHE H 110 51.70 -6.81 10.53
CA PHE H 110 51.24 -8.17 10.32
C PHE H 110 52.05 -9.16 11.13
N TYR H 111 51.47 -10.36 11.28
CA TYR H 111 52.12 -11.43 12.03
C TYR H 111 51.47 -12.72 11.55
N ILE H 112 52.15 -13.43 10.66
CA ILE H 112 51.60 -14.64 10.04
C ILE H 112 52.45 -15.82 10.46
N ARG H 113 51.86 -16.74 11.22
CA ARG H 113 52.61 -17.90 11.68
C ARG H 113 52.89 -18.84 10.50
N TYR H 114 54.06 -19.47 10.54
CA TYR H 114 54.44 -20.39 9.47
C TYR H 114 53.50 -21.58 9.38
N LYS H 115 53.00 -22.05 10.52
CA LYS H 115 52.08 -23.18 10.53
C LYS H 115 50.81 -22.91 9.75
N THR H 116 50.50 -21.64 9.49
CA THR H 116 49.31 -21.26 8.75
C THR H 116 49.59 -20.94 7.29
N LEU H 117 50.78 -20.47 6.95
CA LEU H 117 51.04 -19.98 5.61
C LEU H 117 51.02 -21.09 4.57
N ASP H 118 50.93 -22.35 5.00
CA ASP H 118 50.86 -23.45 4.06
C ASP H 118 49.43 -23.91 3.84
N LEU H 119 48.59 -23.79 4.88
CA LEU H 119 47.18 -24.14 4.75
C LEU H 119 46.54 -23.39 3.58
N TRP H 120 46.57 -22.06 3.62
CA TRP H 120 46.00 -21.29 2.52
C TRP H 120 46.81 -21.46 1.24
N ALA H 121 48.03 -21.99 1.35
CA ALA H 121 48.81 -22.26 0.15
C ALA H 121 48.37 -23.57 -0.51
N ARG H 122 47.61 -24.39 0.22
CA ARG H 122 47.18 -25.66 -0.33
C ARG H 122 46.00 -25.51 -1.28
N TYR H 123 44.99 -24.72 -0.89
CA TYR H 123 43.71 -24.80 -1.57
C TYR H 123 43.62 -23.97 -2.84
N GLN H 124 44.63 -24.09 -3.71
CA GLN H 124 44.52 -23.73 -5.11
C GLN H 124 44.22 -22.24 -5.36
N ASP H 125 44.04 -21.45 -4.30
CA ASP H 125 43.64 -20.06 -4.42
C ASP H 125 44.37 -19.19 -3.41
N PHE H 126 45.68 -19.40 -3.29
CA PHE H 126 46.45 -18.73 -2.24
C PHE H 126 46.49 -17.22 -2.46
N GLN H 127 46.98 -16.79 -3.62
CA GLN H 127 47.26 -15.38 -3.84
C GLN H 127 46.00 -14.53 -3.76
N LEU H 128 44.96 -14.92 -4.50
CA LEU H 128 43.73 -14.13 -4.53
C LEU H 128 43.11 -14.01 -3.15
N ARG H 129 43.07 -15.12 -2.41
CA ARG H 129 42.51 -15.10 -1.06
C ARG H 129 43.29 -14.16 -0.17
N ILE H 130 44.62 -14.28 -0.17
CA ILE H 130 45.44 -13.42 0.68
C ILE H 130 45.20 -11.95 0.35
N ARG H 131 45.26 -11.61 -0.94
CA ARG H 131 45.16 -10.22 -1.36
C ARG H 131 43.79 -9.64 -0.98
N ASN H 132 42.72 -10.37 -1.33
CA ASN H 132 41.38 -9.88 -0.99
C ASN H 132 41.24 -9.71 0.51
N ALA H 133 41.74 -10.66 1.29
CA ALA H 133 41.61 -10.57 2.74
C ALA H 133 42.28 -9.32 3.28
N ILE H 134 43.54 -9.09 2.87
CA ILE H 134 44.28 -7.97 3.44
C ILE H 134 43.66 -6.64 3.02
N ILE H 135 43.29 -6.52 1.74
CA ILE H 135 42.75 -5.24 1.29
C ILE H 135 41.39 -4.97 1.91
N LYS H 136 40.60 -6.03 2.16
CA LYS H 136 39.31 -5.82 2.81
C LYS H 136 39.51 -5.42 4.27
N ARG H 137 40.43 -6.07 4.97
CA ARG H 137 40.72 -5.69 6.34
C ARG H 137 41.10 -4.22 6.42
N GLN H 138 42.04 -3.79 5.56
CA GLN H 138 42.51 -2.41 5.63
C GLN H 138 41.41 -1.43 5.24
N SER H 139 40.62 -1.76 4.21
CA SER H 139 39.55 -0.87 3.77
C SER H 139 38.53 -0.67 4.88
N LEU H 140 38.06 -1.76 5.48
CA LEU H 140 37.15 -1.63 6.61
C LEU H 140 37.81 -0.89 7.77
N ASP H 141 39.12 -1.04 7.94
CA ASP H 141 39.79 -0.38 9.06
C ASP H 141 39.75 1.14 8.89
N PHE H 142 40.02 1.63 7.67
CA PHE H 142 39.91 3.07 7.41
C PHE H 142 38.55 3.61 7.84
N ILE H 143 37.48 2.99 7.37
CA ILE H 143 36.14 3.49 7.66
C ILE H 143 35.85 3.39 9.15
N MET H 144 36.27 2.30 9.78
CA MET H 144 36.02 2.14 11.21
C MET H 144 36.71 3.23 12.01
N ALA H 145 37.92 3.61 11.60
CA ALA H 145 38.60 4.70 12.29
C ALA H 145 37.97 6.04 11.95
N GLY H 146 37.31 6.13 10.79
CA GLY H 146 36.78 7.41 10.34
C GLY H 146 35.71 7.96 11.28
N PHE H 147 34.70 7.16 11.58
CA PHE H 147 33.58 7.60 12.40
C PHE H 147 33.88 7.52 13.89
N ASN H 148 35.15 7.44 14.28
CA ASN H 148 35.53 7.37 15.67
C ASN H 148 36.86 8.07 15.85
N GLY H 149 37.46 7.90 17.02
CA GLY H 149 38.72 8.55 17.31
C GLY H 149 38.52 9.94 17.87
N VAL H 150 39.11 10.22 19.02
CA VAL H 150 38.90 11.49 19.71
C VAL H 150 40.20 12.21 20.02
N LYS H 151 41.34 11.66 19.63
CA LYS H 151 42.63 12.32 19.85
C LYS H 151 43.68 11.62 18.99
N ARG H 152 44.94 12.01 19.17
CA ARG H 152 46.07 11.51 18.42
C ARG H 152 47.17 11.01 19.35
N ALA H 153 46.77 10.26 20.38
CA ALA H 153 47.72 9.79 21.38
C ALA H 153 48.59 8.69 20.77
N GLU H 154 49.89 8.94 20.70
CA GLU H 154 50.81 7.93 20.19
C GLU H 154 50.89 6.76 21.16
N THR H 155 51.49 5.66 20.68
CA THR H 155 51.58 4.42 21.43
C THR H 155 50.19 3.93 21.86
N SER H 156 49.30 3.82 20.88
CA SER H 156 47.97 3.31 21.14
C SER H 156 48.04 1.84 21.56
N ASP H 157 46.98 1.37 22.23
CA ASP H 157 46.89 -0.02 22.65
C ASP H 157 45.50 -0.55 22.34
N ARG H 158 45.44 -1.75 21.76
CA ARG H 158 44.15 -2.34 21.42
C ARG H 158 43.53 -3.04 22.63
N SER H 159 44.02 -2.72 23.83
CA SER H 159 43.46 -3.32 25.03
C SER H 159 42.22 -2.58 25.49
N SER H 160 42.35 -1.28 25.79
CA SER H 160 41.26 -0.53 26.37
C SER H 160 40.35 0.06 25.29
N ASN H 161 40.84 0.11 24.05
CA ASN H 161 40.09 0.74 22.98
C ASN H 161 39.81 -0.27 21.89
N PRO H 162 38.73 -1.06 21.98
CA PRO H 162 38.46 -2.05 20.94
C PRO H 162 38.21 -1.41 19.58
N MET H 163 37.24 -0.50 19.51
CA MET H 163 37.09 0.38 18.37
C MET H 163 38.27 1.34 18.40
N LEU H 164 38.98 1.46 17.28
CA LEU H 164 40.28 2.09 17.33
C LEU H 164 40.18 3.60 17.53
N GLN H 165 39.86 4.00 18.75
CA GLN H 165 40.06 5.38 19.15
C GLN H 165 41.55 5.64 19.35
N ASP H 166 41.87 6.87 19.76
CA ASP H 166 43.24 7.26 20.05
C ASP H 166 44.13 7.12 18.82
N VAL H 167 43.54 6.91 17.65
CA VAL H 167 44.32 6.70 16.44
C VAL H 167 44.43 7.99 15.65
N ALA H 168 43.33 8.73 15.54
CA ALA H 168 43.32 10.02 14.86
C ALA H 168 42.09 10.81 15.24
N VAL H 169 41.84 11.91 14.55
CA VAL H 169 40.62 12.70 14.75
C VAL H 169 39.67 12.40 13.59
N GLY H 170 38.45 12.03 13.92
CA GLY H 170 37.45 11.69 12.93
C GLY H 170 36.42 12.78 12.74
N TRP H 171 35.60 12.60 11.71
CA TRP H 171 34.56 13.58 11.40
C TRP H 171 33.67 13.83 12.59
N LEU H 172 33.09 12.76 13.15
CA LEU H 172 32.15 12.89 14.25
C LEU H 172 32.81 13.41 15.53
N GLN H 173 34.12 13.53 15.55
CA GLN H 173 34.81 14.25 16.62
C GLN H 173 35.26 15.63 16.16
N LYS H 174 35.67 15.77 14.91
CA LYS H 174 36.08 17.07 14.40
C LYS H 174 34.93 18.06 14.46
N TYR H 175 33.70 17.59 14.30
CA TYR H 175 32.54 18.48 14.44
C TYR H 175 32.49 19.08 15.83
N ARG H 176 32.44 18.23 16.86
CA ARG H 176 32.36 18.72 18.23
C ARG H 176 33.58 19.52 18.62
N ASN H 177 34.73 19.24 18.00
CA ASN H 177 35.97 19.87 18.41
C ASN H 177 35.95 21.36 18.12
N GLU H 178 35.79 21.74 16.86
CA GLU H 178 35.78 23.13 16.45
C GLU H 178 34.38 23.53 16.00
N ALA H 179 33.95 24.71 16.46
CA ALA H 179 32.65 25.29 16.13
C ALA H 179 31.52 24.30 16.39
N PRO H 180 31.18 24.04 17.65
CA PRO H 180 30.11 23.07 17.96
C PRO H 180 28.72 23.67 17.80
N ALA H 181 28.44 24.14 16.58
CA ALA H 181 27.13 24.71 16.29
C ALA H 181 26.18 23.71 15.64
N ARG H 182 26.69 22.58 15.15
CA ARG H 182 25.86 21.56 14.52
C ARG H 182 25.65 20.34 15.41
N VAL H 183 26.02 20.44 16.69
CA VAL H 183 25.82 19.35 17.65
C VAL H 183 24.54 19.60 18.42
N MET H 184 23.78 18.54 18.67
CA MET H 184 22.52 18.63 19.40
C MET H 184 22.56 17.67 20.57
N SER H 185 22.50 18.21 21.78
CA SER H 185 22.51 17.42 23.01
C SER H 185 21.24 17.56 23.82
N LYS H 186 20.83 18.79 24.13
CA LYS H 186 19.64 19.03 24.95
C LYS H 186 18.37 18.59 24.23
N GLU H 197 18.23 15.87 30.37
CA GLU H 197 18.79 16.69 29.30
C GLU H 197 18.93 15.89 28.02
N VAL H 198 19.10 14.58 28.17
CA VAL H 198 19.17 13.70 27.00
C VAL H 198 17.85 13.75 26.25
N ILE H 199 17.92 13.79 24.93
CA ILE H 199 16.72 13.85 24.11
C ILE H 199 15.96 12.54 24.21
N ARG H 200 14.64 12.61 24.05
CA ARG H 200 13.76 11.45 24.14
C ARG H 200 12.89 11.41 22.90
N VAL H 201 13.14 10.41 22.04
CA VAL H 201 12.28 10.20 20.87
C VAL H 201 11.02 9.42 21.21
N GLY H 202 10.87 9.02 22.47
CA GLY H 202 9.67 8.34 22.90
C GLY H 202 8.49 9.29 23.00
N LYS H 203 7.39 8.75 23.53
CA LYS H 203 6.14 9.50 23.59
C LYS H 203 6.27 10.73 24.48
N GLY H 204 6.51 10.51 25.78
CA GLY H 204 6.51 11.59 26.73
C GLY H 204 7.78 12.41 26.78
N GLY H 205 8.50 12.47 25.66
CA GLY H 205 9.76 13.16 25.58
C GLY H 205 9.68 14.48 24.86
N ASP H 206 10.84 14.99 24.45
CA ASP H 206 10.88 16.27 23.74
C ASP H 206 10.28 16.16 22.36
N TYR H 207 10.34 14.98 21.75
CA TYR H 207 9.76 14.74 20.43
C TYR H 207 8.79 13.56 20.54
N ALA H 208 8.19 13.20 19.40
CA ALA H 208 7.27 12.07 19.35
C ALA H 208 7.82 10.92 18.52
N SER H 209 8.31 11.21 17.32
CA SER H 209 8.93 10.18 16.49
C SER H 209 10.17 10.77 15.85
N LEU H 210 11.05 9.89 15.37
CA LEU H 210 12.30 10.33 14.77
C LEU H 210 12.06 11.20 13.54
N ASP H 211 10.87 11.11 12.93
CA ASP H 211 10.57 11.96 11.79
C ASP H 211 10.51 13.43 12.19
N ALA H 212 9.87 13.73 13.32
CA ALA H 212 9.87 15.10 13.81
C ALA H 212 11.28 15.56 14.15
N LEU H 213 12.10 14.63 14.66
CA LEU H 213 13.48 14.97 14.98
C LEU H 213 14.26 15.37 13.73
N VAL H 214 14.20 14.54 12.69
CA VAL H 214 14.95 14.86 11.48
C VAL H 214 14.38 16.10 10.81
N MET H 215 13.07 16.33 10.91
CA MET H 215 12.49 17.53 10.34
C MET H 215 13.03 18.78 11.03
N ASP H 216 12.97 18.80 12.37
CA ASP H 216 13.49 19.95 13.10
C ASP H 216 14.98 20.14 12.84
N ALA H 217 15.72 19.04 12.71
CA ALA H 217 17.14 19.15 12.45
C ALA H 217 17.41 19.78 11.09
N THR H 218 16.81 19.25 10.03
CA THR H 218 17.05 19.79 8.70
C THR H 218 16.42 21.15 8.50
N ASN H 219 15.53 21.58 9.40
CA ASN H 219 14.97 22.92 9.27
C ASN H 219 15.77 23.96 10.03
N ASN H 220 16.28 23.62 11.21
CA ASN H 220 16.86 24.62 12.10
C ASN H 220 18.39 24.71 12.00
N LEU H 221 19.08 23.59 11.84
CA LEU H 221 20.53 23.60 12.00
C LEU H 221 21.28 23.68 10.66
N ILE H 222 20.79 23.01 9.63
CA ILE H 222 21.46 23.04 8.34
C ILE H 222 21.17 24.37 7.65
N GLU H 223 21.99 24.69 6.65
CA GLU H 223 21.84 25.96 5.97
C GLU H 223 20.66 25.93 4.99
N PRO H 224 19.95 27.06 4.85
CA PRO H 224 18.76 27.04 3.98
C PRO H 224 19.10 26.89 2.52
N TRP H 225 20.17 27.54 2.04
CA TRP H 225 20.54 27.40 0.64
C TRP H 225 20.94 25.97 0.32
N TYR H 226 21.41 25.23 1.31
CA TYR H 226 21.76 23.82 1.15
C TYR H 226 20.62 22.90 1.57
N GLN H 227 19.54 23.45 2.12
CA GLN H 227 18.49 22.62 2.70
C GLN H 227 17.76 21.78 1.66
N GLU H 228 17.80 22.17 0.39
CA GLU H 228 17.17 21.42 -0.69
C GLU H 228 18.25 20.99 -1.67
N ASP H 229 18.62 19.71 -1.62
CA ASP H 229 19.62 19.18 -2.51
C ASP H 229 19.30 17.71 -2.74
N PRO H 230 19.41 17.23 -3.97
CA PRO H 230 19.05 15.84 -4.25
C PRO H 230 20.06 14.84 -3.72
N ASP H 231 21.05 15.31 -2.97
CA ASP H 231 22.08 14.44 -2.39
C ASP H 231 22.17 14.58 -0.87
N LEU H 232 21.20 15.23 -0.23
CA LEU H 232 21.19 15.34 1.22
C LEU H 232 20.63 14.07 1.80
N VAL H 233 21.50 13.20 2.30
CA VAL H 233 21.14 11.89 2.79
C VAL H 233 21.33 11.83 4.29
N VAL H 234 20.50 11.04 4.96
CA VAL H 234 20.64 10.74 6.38
C VAL H 234 21.28 9.37 6.52
N ILE H 235 22.16 9.24 7.51
CA ILE H 235 22.76 7.97 7.85
C ILE H 235 22.52 7.71 9.33
N VAL H 236 22.12 6.49 9.65
CA VAL H 236 21.63 6.13 10.98
C VAL H 236 22.33 4.85 11.42
N GLY H 237 22.58 4.74 12.72
CA GLY H 237 23.27 3.61 13.28
C GLY H 237 22.44 2.34 13.33
N ARG H 238 22.67 1.52 14.34
CA ARG H 238 21.97 0.23 14.47
C ARG H 238 20.82 0.28 15.47
N GLN H 239 21.02 0.92 16.62
CA GLN H 239 20.03 0.91 17.69
C GLN H 239 18.86 1.84 17.44
N LEU H 240 18.69 2.35 16.22
CA LEU H 240 17.62 3.28 15.92
C LEU H 240 16.65 2.79 14.86
N LEU H 241 17.13 2.04 13.87
CA LEU H 241 16.27 1.58 12.79
C LEU H 241 15.25 0.58 13.31
N ALA H 242 14.00 0.74 12.88
CA ALA H 242 12.92 -0.17 13.26
C ALA H 242 12.61 -1.17 12.15
N ASP H 243 12.24 -0.68 10.96
CA ASP H 243 11.98 -1.54 9.83
C ASP H 243 12.52 -0.99 8.52
N LYS H 244 13.20 0.15 8.53
CA LYS H 244 13.64 0.81 7.31
C LYS H 244 15.15 0.92 7.30
N VAL H 263 27.22 -0.50 2.86
CA VAL H 263 26.15 0.38 2.42
C VAL H 263 24.86 -0.41 2.15
N ILE H 264 23.76 0.06 2.73
CA ILE H 264 22.47 -0.59 2.59
C ILE H 264 21.41 0.48 2.41
N ILE H 265 20.88 0.61 1.19
CA ILE H 265 19.84 1.58 0.90
C ILE H 265 18.51 1.02 1.34
N SER H 266 17.79 1.77 2.16
CA SER H 266 16.53 1.31 2.71
C SER H 266 15.37 1.70 1.80
N GLN H 267 14.22 1.07 2.03
CA GLN H 267 13.06 1.27 1.17
C GLN H 267 12.30 2.56 1.52
N LYS H 268 12.10 2.82 2.81
CA LYS H 268 11.34 3.99 3.24
C LYS H 268 12.25 5.21 3.18
N ARG H 269 11.77 6.35 3.69
CA ARG H 269 12.57 7.56 3.72
C ARG H 269 12.04 8.46 4.84
N ILE H 270 12.79 8.57 5.92
CA ILE H 270 12.40 9.47 7.00
C ILE H 270 12.47 10.92 6.51
N GLY H 271 11.73 11.79 7.20
CA GLY H 271 11.61 13.17 6.77
C GLY H 271 11.07 13.27 5.37
N ASN H 272 11.92 13.68 4.42
CA ASN H 272 11.57 13.63 3.01
C ASN H 272 12.75 13.17 2.16
N LEU H 273 13.74 12.54 2.76
CA LEU H 273 15.01 12.24 2.11
C LEU H 273 15.45 10.82 2.46
N PRO H 274 16.16 10.15 1.56
CA PRO H 274 16.43 8.72 1.76
C PRO H 274 17.36 8.47 2.93
N ALA H 275 17.34 7.23 3.41
CA ALA H 275 18.15 6.78 4.53
C ALA H 275 19.05 5.65 4.08
N VAL H 276 20.18 5.50 4.78
CA VAL H 276 21.17 4.47 4.45
C VAL H 276 22.05 4.26 5.67
N ARG H 277 22.51 3.03 5.84
CA ARG H 277 23.45 2.68 6.90
C ARG H 277 24.80 2.31 6.29
N VAL H 278 25.86 2.52 7.05
CA VAL H 278 27.21 2.18 6.60
C VAL H 278 27.84 1.22 7.60
N PRO H 279 28.89 0.50 7.20
CA PRO H 279 29.48 -0.53 8.06
C PRO H 279 29.65 -0.19 9.54
N TYR H 280 29.83 1.07 9.89
CA TYR H 280 30.05 1.41 11.29
C TYR H 280 29.43 2.75 11.61
N PHE H 281 29.29 3.00 12.91
CA PHE H 281 28.73 4.20 13.52
C PHE H 281 29.12 4.26 14.99
N PRO H 282 28.83 5.35 15.69
CA PRO H 282 28.80 5.29 17.15
C PRO H 282 27.61 4.47 17.61
N ALA H 283 27.41 4.37 18.93
CA ALA H 283 26.33 3.55 19.45
C ALA H 283 24.97 4.01 18.92
N ASP H 284 24.57 5.23 19.25
CA ASP H 284 23.27 5.76 18.86
C ASP H 284 23.45 7.22 18.44
N ALA H 285 23.44 7.45 17.13
CA ALA H 285 23.57 8.80 16.60
C ALA H 285 23.05 8.80 15.17
N MET H 286 23.13 9.97 14.54
CA MET H 286 22.57 10.15 13.21
C MET H 286 23.24 11.35 12.56
N LEU H 287 23.51 11.23 11.25
CA LEU H 287 24.20 12.29 10.52
C LEU H 287 23.44 12.60 9.25
N ILE H 288 23.01 13.85 9.11
CA ILE H 288 22.29 14.32 7.93
C ILE H 288 23.22 15.25 7.16
N THR H 289 23.64 14.84 5.98
CA THR H 289 24.61 15.63 5.20
C THR H 289 24.66 15.07 3.79
N LYS H 290 25.50 15.68 2.97
CA LYS H 290 25.76 15.17 1.63
C LYS H 290 26.86 14.13 1.68
N LEU H 291 26.89 13.28 0.66
CA LEU H 291 27.87 12.21 0.57
C LEU H 291 29.14 12.67 -0.13
N GLU H 292 29.40 13.98 -0.17
CA GLU H 292 30.65 14.51 -0.70
C GLU H 292 31.26 15.60 0.16
N ASN H 293 30.61 16.00 1.26
CA ASN H 293 31.15 17.05 2.10
C ASN H 293 32.35 16.59 2.92
N LEU H 294 32.45 15.29 3.20
CA LEU H 294 33.55 14.74 3.97
C LEU H 294 34.50 13.96 3.06
N SER H 295 35.77 13.96 3.40
CA SER H 295 36.79 13.37 2.55
C SER H 295 38.03 13.08 3.39
N ILE H 296 38.98 12.37 2.78
CA ILE H 296 40.27 12.09 3.39
C ILE H 296 41.36 12.59 2.44
N TYR H 297 42.36 13.26 3.00
CA TYR H 297 43.51 13.74 2.26
C TYR H 297 44.69 12.85 2.62
N TYR H 298 45.27 12.21 1.62
CA TYR H 298 46.44 11.38 1.84
C TYR H 298 47.66 12.00 1.17
N MET H 299 48.82 11.88 1.82
CA MET H 299 50.04 12.42 1.26
C MET H 299 50.37 11.71 -0.06
N ASP H 300 50.98 12.46 -0.98
CA ASP H 300 51.17 11.96 -2.33
C ASP H 300 52.00 10.67 -2.34
N ASP H 301 53.24 10.75 -1.89
CA ASP H 301 54.14 9.59 -1.87
C ASP H 301 54.69 9.45 -0.46
N SER H 302 53.94 8.76 0.40
CA SER H 302 54.41 8.47 1.75
C SER H 302 54.02 7.07 2.19
N HIS H 303 53.71 6.17 1.27
CA HIS H 303 53.23 4.83 1.59
C HIS H 303 54.41 3.87 1.50
N ARG H 304 54.93 3.47 2.66
CA ARG H 304 56.05 2.54 2.74
C ARG H 304 55.54 1.16 3.12
N ARG H 305 56.13 0.14 2.50
CA ARG H 305 55.71 -1.24 2.73
C ARG H 305 56.91 -2.16 2.63
N VAL H 306 57.13 -2.96 3.68
CA VAL H 306 58.24 -3.90 3.73
C VAL H 306 57.74 -5.21 4.31
N ILE H 307 58.43 -6.30 3.97
CA ILE H 307 58.10 -7.63 4.46
C ILE H 307 59.38 -8.30 4.94
N GLU H 308 59.39 -8.69 6.22
CA GLU H 308 60.56 -9.26 6.85
C GLU H 308 60.29 -10.70 7.22
N GLU H 309 61.13 -11.60 6.73
CA GLU H 309 60.96 -13.04 6.90
C GLU H 309 61.86 -13.57 8.02
N ASN H 310 61.60 -13.11 9.25
CA ASN H 310 62.44 -13.47 10.37
C ASN H 310 61.96 -14.79 10.98
N PRO H 311 62.83 -15.79 11.15
CA PRO H 311 62.43 -17.04 11.78
C PRO H 311 62.70 -17.11 13.28
N LYS H 312 63.09 -16.00 13.90
CA LYS H 312 63.36 -16.01 15.34
C LYS H 312 62.13 -16.49 16.12
N LEU H 313 60.94 -16.09 15.68
CA LEU H 313 59.70 -16.54 16.29
C LEU H 313 58.90 -17.45 15.37
N ASP H 314 59.50 -17.93 14.28
CA ASP H 314 58.84 -18.83 13.34
C ASP H 314 57.59 -18.17 12.75
N ARG H 315 57.81 -17.06 12.04
CA ARG H 315 56.70 -16.25 11.58
C ARG H 315 57.15 -15.42 10.38
N VAL H 316 56.21 -14.67 9.83
CA VAL H 316 56.47 -13.71 8.76
C VAL H 316 55.84 -12.38 9.16
N GLU H 317 56.58 -11.29 8.97
CA GLU H 317 56.12 -9.97 9.37
C GLU H 317 55.98 -9.06 8.16
N ASN H 318 55.04 -8.13 8.26
CA ASN H 318 54.78 -7.17 7.20
C ASN H 318 54.49 -5.81 7.82
N TYR H 319 55.30 -4.82 7.52
CA TYR H 319 55.12 -3.46 8.01
C TYR H 319 54.65 -2.55 6.88
N GLU H 320 53.75 -1.63 7.20
CA GLU H 320 53.23 -0.71 6.21
C GLU H 320 52.72 0.55 6.90
N SER H 321 53.07 1.69 6.31
CA SER H 321 52.74 2.99 6.90
C SER H 321 52.34 3.96 5.80
N MET H 322 51.41 4.86 6.14
CA MET H 322 50.91 5.88 5.22
C MET H 322 50.67 7.16 6.02
N ASN H 323 50.28 8.22 5.31
CA ASN H 323 50.02 9.53 5.90
C ASN H 323 48.67 10.03 5.42
N ILE H 324 47.73 10.19 6.35
CA ILE H 324 46.37 10.59 6.02
C ILE H 324 45.89 11.66 6.99
N ASP H 325 44.75 12.26 6.64
CA ASP H 325 44.02 13.15 7.54
C ASP H 325 42.58 13.27 7.05
N TYR H 326 41.63 13.05 7.96
CA TYR H 326 40.22 13.21 7.64
C TYR H 326 39.84 14.68 7.73
N VAL H 327 38.91 15.11 6.88
CA VAL H 327 38.41 16.48 6.96
C VAL H 327 37.08 16.57 6.22
N VAL H 328 36.18 17.36 6.77
CA VAL H 328 34.92 17.70 6.11
C VAL H 328 35.13 19.02 5.38
N GLU H 329 34.59 19.12 4.17
CA GLU H 329 34.94 20.26 3.32
C GLU H 329 34.17 21.51 3.71
N ASP H 330 32.85 21.48 3.59
CA ASP H 330 32.03 22.66 3.82
C ASP H 330 31.77 22.93 5.29
N TYR H 331 31.49 21.88 6.07
CA TYR H 331 31.32 21.97 7.51
C TYR H 331 30.04 22.70 7.90
N ALA H 332 29.34 23.25 6.92
CA ALA H 332 28.07 23.92 7.16
C ALA H 332 26.91 23.23 6.46
N ALA H 333 27.16 22.29 5.57
CA ALA H 333 26.12 21.52 4.89
C ALA H 333 25.95 20.15 5.52
N GLY H 334 26.10 20.05 6.84
CA GLY H 334 25.93 18.79 7.52
C GLY H 334 25.59 19.01 8.98
N CYS H 335 24.91 18.04 9.57
CA CYS H 335 24.54 18.11 10.97
C CYS H 335 24.56 16.71 11.56
N LEU H 336 24.85 16.63 12.86
CA LEU H 336 24.83 15.37 13.56
C LEU H 336 24.03 15.50 14.84
N VAL H 337 23.39 14.41 15.24
CA VAL H 337 22.68 14.33 16.51
C VAL H 337 23.11 13.06 17.23
N GLU H 338 23.24 13.15 18.55
CA GLU H 338 23.77 12.07 19.36
C GLU H 338 22.94 11.96 20.63
N LYS H 339 23.27 10.97 21.45
CA LYS H 339 22.56 10.72 22.71
C LYS H 339 21.07 10.54 22.49
N ILE H 340 20.72 9.91 21.37
CA ILE H 340 19.33 9.63 21.03
C ILE H 340 18.98 8.23 21.53
N LYS H 341 17.87 8.11 22.24
CA LYS H 341 17.43 6.83 22.78
C LYS H 341 15.92 6.73 22.70
N VAL H 342 15.43 5.53 22.41
CA VAL H 342 14.00 5.29 22.29
C VAL H 342 13.48 5.02 23.70
N GLY H 343 12.99 6.08 24.35
CA GLY H 343 12.46 5.95 25.68
C GLY H 343 11.29 6.86 25.98
N ASP H 344 10.17 6.27 26.39
CA ASP H 344 8.97 7.02 26.73
C ASP H 344 8.89 7.20 28.24
N PHE H 345 7.75 7.70 28.71
CA PHE H 345 7.53 7.92 30.14
C PHE H 345 6.11 7.53 30.53
N MET I 1 57.53 -24.06 5.95
CA MET I 1 58.69 -23.80 5.12
C MET I 1 58.90 -24.91 4.09
N ARG I 2 57.86 -25.72 3.88
CA ARG I 2 57.96 -26.80 2.91
C ARG I 2 58.26 -26.23 1.52
N GLN I 3 58.98 -27.03 0.73
CA GLN I 3 59.50 -26.56 -0.56
C GLN I 3 58.41 -26.13 -1.53
N GLU I 4 57.14 -26.36 -1.21
CA GLU I 4 56.05 -25.90 -2.08
C GLU I 4 55.52 -24.54 -1.63
N THR I 5 55.41 -24.31 -0.32
CA THR I 5 54.83 -23.05 0.15
C THR I 5 55.78 -21.88 -0.10
N ARG I 6 57.09 -22.09 0.02
CA ARG I 6 58.02 -21.02 -0.27
C ARG I 6 57.97 -20.64 -1.75
N PHE I 7 57.86 -21.63 -2.64
CA PHE I 7 57.76 -21.34 -4.05
C PHE I 7 56.44 -20.65 -4.38
N LYS I 8 55.36 -21.06 -3.74
CA LYS I 8 54.07 -20.44 -4.03
C LYS I 8 54.00 -19.01 -3.48
N PHE I 9 54.65 -18.75 -2.34
CA PHE I 9 54.60 -17.42 -1.76
C PHE I 9 55.58 -16.47 -2.44
N ASN I 10 56.73 -17.00 -2.90
CA ASN I 10 57.70 -16.15 -3.58
C ASN I 10 57.14 -15.63 -4.90
N ALA I 11 56.30 -16.42 -5.58
CA ALA I 11 55.68 -15.95 -6.80
C ALA I 11 54.67 -14.86 -6.55
N TYR I 12 54.09 -14.81 -5.34
CA TYR I 12 53.14 -13.75 -5.00
C TYR I 12 53.81 -12.39 -4.95
N LEU I 13 55.09 -12.32 -4.57
CA LEU I 13 55.76 -11.04 -4.42
C LEU I 13 56.00 -10.34 -5.75
N SER I 14 55.86 -11.04 -6.87
CA SER I 14 56.05 -10.42 -8.17
C SER I 14 54.73 -9.93 -8.76
N VAL I 27 35.80 -17.15 -5.33
CA VAL I 27 37.22 -17.32 -5.04
C VAL I 27 37.42 -17.61 -3.57
N SER I 28 36.38 -17.35 -2.77
CA SER I 28 36.42 -17.61 -1.33
C SER I 28 35.19 -18.39 -0.87
N LYS I 29 34.54 -19.11 -1.78
CA LYS I 29 33.36 -19.91 -1.45
C LYS I 29 33.65 -21.40 -1.49
N LYS I 30 34.16 -21.90 -2.61
CA LYS I 30 34.55 -23.29 -2.74
C LYS I 30 36.06 -23.40 -2.78
N PHE I 31 36.58 -24.50 -2.23
CA PHE I 31 38.01 -24.68 -2.07
C PHE I 31 38.60 -25.67 -3.07
N THR I 32 38.06 -26.88 -3.14
CA THR I 32 38.37 -27.84 -4.19
C THR I 32 39.88 -28.15 -4.22
N VAL I 33 40.33 -28.84 -3.17
CA VAL I 33 41.73 -29.25 -3.08
C VAL I 33 42.13 -30.00 -4.34
N GLU I 34 41.47 -31.13 -4.61
CA GLU I 34 41.67 -31.92 -5.82
C GLU I 34 40.36 -32.64 -6.13
N PRO I 35 40.02 -32.79 -7.41
CA PRO I 35 38.73 -33.42 -7.76
C PRO I 35 38.72 -34.93 -7.54
N SER I 36 38.52 -35.35 -6.29
CA SER I 36 38.42 -36.76 -5.97
C SER I 36 36.96 -37.21 -6.03
N VAL I 37 36.67 -38.40 -5.54
CA VAL I 37 35.30 -38.92 -5.56
C VAL I 37 34.55 -38.59 -4.28
N THR I 38 35.21 -38.69 -3.13
CA THR I 38 34.57 -38.32 -1.88
C THR I 38 34.17 -36.85 -1.89
N GLN I 39 35.00 -36.01 -2.51
CA GLN I 39 34.66 -34.59 -2.61
C GLN I 39 33.44 -34.38 -3.49
N THR I 40 33.35 -35.12 -4.59
CA THR I 40 32.18 -35.01 -5.46
C THR I 40 30.91 -35.43 -4.73
N LEU I 41 30.98 -36.54 -3.98
CA LEU I 41 29.82 -36.98 -3.22
C LEU I 41 29.43 -35.96 -2.16
N MET I 42 30.42 -35.37 -1.48
CA MET I 42 30.12 -34.37 -0.46
C MET I 42 29.49 -33.14 -1.08
N ASN I 43 29.99 -32.71 -2.24
CA ASN I 43 29.39 -31.57 -2.93
C ASN I 43 27.95 -31.87 -3.32
N THR I 44 27.69 -33.08 -3.82
CA THR I 44 26.33 -33.46 -4.17
C THR I 44 25.42 -33.41 -2.94
N MET I 45 25.87 -33.98 -1.83
CA MET I 45 25.04 -33.99 -0.63
C MET I 45 24.78 -32.57 -0.13
N GLN I 46 25.77 -31.69 -0.19
CA GLN I 46 25.57 -30.34 0.30
C GLN I 46 24.70 -29.54 -0.65
N GLU I 47 24.70 -29.92 -1.94
CA GLU I 47 23.82 -29.24 -2.89
C GLU I 47 22.39 -29.73 -2.75
N SER I 48 22.20 -30.95 -2.25
CA SER I 48 20.85 -31.50 -2.10
C SER I 48 20.00 -30.62 -1.20
N SER I 49 20.37 -30.52 0.07
CA SER I 49 19.61 -29.67 0.97
C SER I 49 19.96 -28.20 0.74
N ASP I 50 19.23 -27.33 1.42
CA ASP I 50 19.45 -25.90 1.27
C ASP I 50 20.27 -25.32 2.42
N PHE I 51 20.05 -25.83 3.64
CA PHE I 51 20.82 -25.34 4.78
C PHE I 51 22.31 -25.62 4.61
N LEU I 52 22.66 -26.70 3.91
CA LEU I 52 24.07 -27.00 3.66
C LEU I 52 24.70 -26.04 2.67
N THR I 53 23.91 -25.25 1.95
CA THR I 53 24.48 -24.32 0.98
C THR I 53 25.09 -23.12 1.68
N ARG I 54 24.40 -22.57 2.69
CA ARG I 54 24.92 -21.43 3.42
C ARG I 54 26.06 -21.78 4.35
N ILE I 55 26.18 -23.05 4.76
CA ILE I 55 27.20 -23.47 5.70
C ILE I 55 28.49 -23.69 4.94
N ASN I 56 29.61 -23.88 5.65
CA ASN I 56 30.90 -24.13 5.03
C ASN I 56 31.34 -25.56 5.31
N ILE I 57 31.55 -26.33 4.25
CA ILE I 57 32.09 -27.67 4.32
C ILE I 57 33.43 -27.66 3.60
N VAL I 58 34.47 -28.17 4.25
CA VAL I 58 35.79 -28.16 3.61
C VAL I 58 36.52 -29.47 3.81
N PRO I 59 37.38 -29.86 2.88
CA PRO I 59 38.24 -31.02 3.07
C PRO I 59 39.58 -30.64 3.66
N VAL I 60 40.27 -31.64 4.17
CA VAL I 60 41.59 -31.46 4.76
C VAL I 60 42.35 -32.77 4.65
N SER I 61 43.63 -32.70 4.30
CA SER I 61 44.43 -33.88 4.01
C SER I 61 45.14 -34.44 5.24
N GLU I 62 44.79 -33.97 6.43
CA GLU I 62 45.38 -34.50 7.66
C GLU I 62 44.44 -34.15 8.81
N MET I 63 44.81 -34.61 10.01
CA MET I 63 44.00 -34.39 11.20
C MET I 63 44.78 -33.59 12.22
N LYS I 64 44.08 -33.21 13.29
CA LYS I 64 44.56 -32.38 14.39
C LYS I 64 45.53 -31.30 13.92
N GLY I 65 45.07 -30.44 13.01
CA GLY I 65 45.86 -29.32 12.54
C GLY I 65 45.29 -27.99 12.99
N GLU I 66 45.40 -26.98 12.14
CA GLU I 66 44.88 -25.66 12.47
C GLU I 66 43.54 -25.42 11.78
N LYS I 67 42.73 -24.55 12.38
CA LYS I 67 41.45 -24.16 11.80
C LYS I 67 41.69 -23.14 10.70
N ILE I 68 41.27 -23.48 9.48
CA ILE I 68 41.31 -22.50 8.41
C ILE I 68 40.37 -21.36 8.73
N GLY I 69 40.92 -20.18 8.99
CA GLY I 69 40.10 -19.06 9.39
C GLY I 69 39.36 -18.43 8.24
N ILE I 70 38.05 -18.65 8.16
CA ILE I 70 37.20 -18.00 7.18
C ILE I 70 36.20 -17.13 7.91
N GLY I 71 36.01 -15.91 7.43
CA GLY I 71 35.11 -14.98 8.08
C GLY I 71 35.62 -14.52 9.43
N VAL I 72 36.85 -14.00 9.47
CA VAL I 72 37.42 -13.44 10.69
C VAL I 72 37.98 -12.07 10.35
N THR I 73 37.62 -11.06 11.14
CA THR I 73 38.09 -9.70 10.94
C THR I 73 38.70 -9.18 12.24
N GLY I 74 39.00 -7.89 12.24
CA GLY I 74 39.56 -7.27 13.43
C GLY I 74 40.10 -5.89 13.10
N SER I 75 40.82 -5.33 14.08
CA SER I 75 41.44 -4.03 13.96
C SER I 75 42.95 -4.21 14.07
N ILE I 76 43.68 -3.81 13.03
CA ILE I 76 45.12 -4.01 12.98
C ILE I 76 45.91 -2.71 13.02
N ALA I 77 45.33 -1.59 12.58
CA ALA I 77 46.10 -0.36 12.53
C ALA I 77 46.28 0.22 13.93
N SER I 78 47.41 0.90 14.13
CA SER I 78 47.72 1.55 15.39
C SER I 78 48.74 2.64 15.13
N THR I 79 49.33 3.15 16.21
CA THR I 79 50.36 4.16 16.14
C THR I 79 51.30 4.02 17.32
N THR I 80 52.58 4.31 17.10
CA THR I 80 53.61 4.13 18.11
C THR I 80 54.63 5.26 18.01
N ASP I 81 55.30 5.51 19.14
CA ASP I 81 56.35 6.52 19.21
C ASP I 81 57.67 5.87 18.79
N THR I 82 57.88 5.83 17.48
CA THR I 82 59.04 5.14 16.95
C THR I 82 60.35 5.85 17.29
N ALA I 83 60.29 7.17 17.50
CA ALA I 83 61.51 7.93 17.76
C ALA I 83 61.85 7.91 19.25
N GLY I 84 60.85 7.80 20.11
CA GLY I 84 61.10 7.85 21.54
C GLY I 84 61.98 6.71 22.02
N GLY I 85 61.86 5.55 21.38
CA GLY I 85 62.65 4.39 21.77
C GLY I 85 61.89 3.09 21.67
N THR I 86 60.57 3.16 21.68
CA THR I 86 59.76 1.97 21.50
C THR I 86 59.77 1.53 20.04
N GLU I 87 59.19 0.36 19.79
CA GLU I 87 59.19 -0.23 18.45
C GLU I 87 57.80 -0.76 18.12
N ARG I 88 57.55 -0.92 16.83
CA ARG I 88 56.24 -1.34 16.34
C ARG I 88 56.03 -2.80 16.71
N GLN I 89 54.95 -3.09 17.41
CA GLN I 89 54.61 -4.44 17.83
C GLN I 89 53.64 -5.07 16.85
N PRO I 90 54.08 -6.05 16.09
CA PRO I 90 53.23 -6.65 15.06
C PRO I 90 52.16 -7.58 15.60
N LYS I 91 51.00 -7.03 15.97
CA LYS I 91 49.85 -7.80 16.45
C LYS I 91 49.56 -8.93 15.46
N ASP I 92 49.08 -10.06 15.98
CA ASP I 92 48.78 -11.22 15.15
C ASP I 92 47.72 -10.89 14.11
N PHE I 93 47.70 -11.67 13.04
CA PHE I 93 46.69 -11.49 11.99
C PHE I 93 45.55 -12.48 12.16
N SER I 94 45.86 -13.77 12.26
CA SER I 94 44.87 -14.81 12.51
C SER I 94 44.94 -15.17 13.99
N LYS I 95 44.31 -14.35 14.83
CA LYS I 95 44.28 -14.55 16.26
C LYS I 95 42.99 -15.30 16.61
N LEU I 96 43.13 -16.53 17.07
CA LEU I 96 41.98 -17.34 17.45
C LEU I 96 42.30 -18.09 18.73
N ALA I 97 41.24 -18.59 19.38
CA ALA I 97 41.38 -19.34 20.62
C ALA I 97 41.20 -20.82 20.34
N SER I 98 42.14 -21.63 20.81
CA SER I 98 42.11 -23.09 20.66
C SER I 98 41.91 -23.48 19.19
N ASN I 99 42.92 -23.13 18.38
CA ASN I 99 42.86 -23.39 16.95
C ASN I 99 42.93 -24.88 16.60
N LYS I 100 43.00 -25.77 17.59
CA LYS I 100 43.12 -27.18 17.30
C LYS I 100 41.74 -27.79 17.02
N TYR I 101 41.76 -29.00 16.45
CA TYR I 101 40.55 -29.76 16.19
C TYR I 101 40.98 -31.21 15.95
N GLU I 102 40.03 -32.04 15.51
CA GLU I 102 40.33 -33.45 15.25
C GLU I 102 39.44 -33.93 14.11
N CYS I 103 39.36 -35.24 13.95
CA CYS I 103 38.42 -35.85 13.02
C CYS I 103 38.06 -37.23 13.54
N ASP I 104 36.82 -37.63 13.33
CA ASP I 104 36.31 -38.91 13.78
C ASP I 104 35.59 -39.60 12.62
N GLN I 105 35.24 -40.86 12.83
CA GLN I 105 34.53 -41.64 11.83
C GLN I 105 33.06 -41.76 12.21
N ILE I 106 32.22 -41.88 11.20
CA ILE I 106 30.78 -42.08 11.35
C ILE I 106 30.33 -42.97 10.20
N ASN I 107 29.48 -43.94 10.50
CA ASN I 107 29.09 -44.93 9.51
C ASN I 107 27.59 -45.13 9.49
N PHE I 108 27.06 -45.22 8.28
CA PHE I 108 25.66 -45.55 8.04
C PHE I 108 25.58 -46.99 7.54
N ASP I 109 24.79 -47.80 8.22
CA ASP I 109 24.68 -49.22 7.92
C ASP I 109 23.21 -49.61 7.87
N PHE I 110 22.75 -50.06 6.72
CA PHE I 110 21.31 -50.30 6.56
C PHE I 110 21.09 -51.40 5.54
N TYR I 111 19.98 -52.12 5.70
CA TYR I 111 19.64 -53.22 4.80
C TYR I 111 18.28 -52.99 4.17
N ILE I 112 18.15 -53.43 2.92
CA ILE I 112 16.89 -53.38 2.18
C ILE I 112 16.40 -54.81 2.02
N ARG I 113 15.10 -55.02 2.19
CA ARG I 113 14.54 -56.36 2.13
C ARG I 113 14.19 -56.71 0.69
N TYR I 114 14.09 -58.02 0.42
CA TYR I 114 13.94 -58.49 -0.95
C TYR I 114 12.61 -58.07 -1.55
N LYS I 115 11.51 -58.27 -0.82
CA LYS I 115 10.20 -57.93 -1.34
C LYS I 115 10.12 -56.47 -1.75
N THR I 116 10.49 -55.58 -0.84
CA THR I 116 10.46 -54.17 -1.15
C THR I 116 11.39 -53.83 -2.31
N LEU I 117 12.52 -54.52 -2.40
CA LEU I 117 13.42 -54.32 -3.52
C LEU I 117 12.72 -54.65 -4.84
N ASP I 118 11.98 -55.76 -4.86
CA ASP I 118 11.23 -56.09 -6.07
C ASP I 118 10.20 -55.00 -6.39
N LEU I 119 9.50 -54.52 -5.36
CA LEU I 119 8.49 -53.47 -5.57
C LEU I 119 9.12 -52.25 -6.22
N TRP I 120 10.20 -51.73 -5.65
CA TRP I 120 10.87 -50.59 -6.28
C TRP I 120 11.35 -50.95 -7.67
N ALA I 121 11.77 -52.20 -7.89
CA ALA I 121 12.35 -52.55 -9.18
C ALA I 121 11.29 -52.62 -10.27
N ARG I 122 10.03 -52.83 -9.90
CA ARG I 122 8.98 -52.94 -10.90
C ARG I 122 8.84 -51.65 -11.72
N TYR I 123 8.74 -50.51 -11.05
CA TYR I 123 8.43 -49.26 -11.74
C TYR I 123 9.66 -48.73 -12.48
N GLN I 124 9.50 -47.54 -13.07
CA GLN I 124 10.58 -46.89 -13.78
C GLN I 124 11.32 -45.94 -12.84
N ASP I 125 12.48 -45.47 -13.31
CA ASP I 125 13.33 -44.56 -12.55
C ASP I 125 13.63 -45.12 -11.16
N PHE I 126 14.32 -46.27 -11.15
CA PHE I 126 14.54 -46.98 -9.90
C PHE I 126 15.81 -46.48 -9.21
N GLN I 127 16.94 -46.53 -9.93
CA GLN I 127 18.22 -46.16 -9.32
C GLN I 127 18.24 -44.69 -8.91
N LEU I 128 17.64 -43.82 -9.72
CA LEU I 128 17.61 -42.40 -9.35
C LEU I 128 16.81 -42.18 -8.07
N ARG I 129 15.65 -42.83 -7.96
CA ARG I 129 14.85 -42.68 -6.75
C ARG I 129 15.60 -43.21 -5.53
N ILE I 130 16.28 -44.35 -5.68
CA ILE I 130 17.03 -44.90 -4.56
C ILE I 130 18.14 -43.94 -4.14
N ARG I 131 18.88 -43.40 -5.11
CA ARG I 131 19.99 -42.51 -4.80
C ARG I 131 19.48 -41.26 -4.09
N ASN I 132 18.42 -40.66 -4.62
CA ASN I 132 17.89 -39.45 -4.00
C ASN I 132 17.39 -39.72 -2.59
N ALA I 133 16.71 -40.85 -2.40
CA ALA I 133 16.21 -41.17 -1.06
C ALA I 133 17.34 -41.33 -0.07
N ILE I 134 18.38 -42.10 -0.42
CA ILE I 134 19.46 -42.33 0.53
C ILE I 134 20.24 -41.05 0.81
N ILE I 135 20.47 -40.24 -0.24
CA ILE I 135 21.19 -38.99 -0.07
C ILE I 135 20.43 -38.06 0.88
N LYS I 136 19.12 -37.93 0.67
CA LYS I 136 18.31 -37.09 1.55
C LYS I 136 18.33 -37.62 2.98
N ARG I 137 18.20 -38.94 3.13
CA ARG I 137 18.08 -39.55 4.45
C ARG I 137 19.36 -39.36 5.25
N GLN I 138 20.52 -39.31 4.58
CA GLN I 138 21.75 -39.09 5.31
C GLN I 138 22.06 -37.61 5.47
N SER I 139 21.64 -36.79 4.51
CA SER I 139 21.88 -35.35 4.60
C SER I 139 21.12 -34.74 5.76
N LEU I 140 19.85 -35.12 5.92
CA LEU I 140 19.09 -34.65 7.08
C LEU I 140 19.76 -35.10 8.37
N ASP I 141 20.35 -36.30 8.36
CA ASP I 141 20.94 -36.86 9.57
C ASP I 141 22.16 -36.06 9.99
N PHE I 142 22.97 -35.65 9.01
CA PHE I 142 24.11 -34.80 9.33
C PHE I 142 23.70 -33.61 10.19
N ILE I 143 22.66 -32.88 9.76
CA ILE I 143 22.21 -31.72 10.53
C ILE I 143 21.67 -32.17 11.88
N MET I 144 20.76 -33.16 11.89
CA MET I 144 20.11 -33.53 13.13
C MET I 144 21.12 -33.96 14.19
N ALA I 145 22.28 -34.44 13.74
CA ALA I 145 23.37 -34.72 14.67
C ALA I 145 24.26 -33.52 14.92
N GLY I 146 24.20 -32.50 14.05
CA GLY I 146 25.02 -31.33 14.26
C GLY I 146 24.68 -30.56 15.52
N PHE I 147 23.44 -30.09 15.62
CA PHE I 147 23.01 -29.28 16.75
C PHE I 147 22.81 -30.09 18.03
N ASN I 148 23.20 -31.36 18.03
CA ASN I 148 23.07 -32.18 19.23
C ASN I 148 24.32 -33.03 19.41
N GLY I 149 24.28 -33.96 20.35
CA GLY I 149 25.40 -34.85 20.57
C GLY I 149 26.39 -34.27 21.55
N VAL I 150 26.67 -35.01 22.62
CA VAL I 150 27.55 -34.54 23.68
C VAL I 150 28.63 -35.54 24.05
N LYS I 151 28.76 -36.65 23.32
CA LYS I 151 29.72 -37.68 23.68
C LYS I 151 30.26 -38.33 22.41
N ARG I 152 31.13 -39.30 22.60
CA ARG I 152 31.70 -40.10 21.51
C ARG I 152 31.77 -41.56 21.93
N ALA I 153 30.69 -42.05 22.53
CA ALA I 153 30.66 -43.42 23.02
C ALA I 153 30.90 -44.42 21.89
N GLU I 154 31.27 -45.64 22.26
CA GLU I 154 31.63 -46.65 21.28
C GLU I 154 30.47 -47.54 20.87
N THR I 155 29.36 -47.50 21.61
CA THR I 155 28.20 -48.31 21.21
C THR I 155 27.21 -47.46 20.41
N SER I 156 26.71 -46.38 21.01
CA SER I 156 25.80 -45.45 20.34
C SER I 156 24.54 -46.16 19.86
N ASP I 157 23.78 -46.73 20.79
CA ASP I 157 22.52 -47.37 20.44
C ASP I 157 21.43 -46.33 20.25
N ARG I 158 20.65 -46.48 19.18
CA ARG I 158 19.59 -45.55 18.84
C ARG I 158 18.28 -45.88 19.53
N SER I 159 18.33 -46.64 20.63
CA SER I 159 17.12 -46.96 21.39
C SER I 159 16.90 -45.97 22.53
N SER I 160 17.87 -45.86 23.42
CA SER I 160 17.77 -44.97 24.58
C SER I 160 18.16 -43.54 24.25
N ASN I 161 18.56 -43.25 23.01
CA ASN I 161 18.89 -41.90 22.58
C ASN I 161 18.15 -41.66 21.27
N PRO I 162 16.90 -41.20 21.33
CA PRO I 162 16.10 -41.07 20.10
C PRO I 162 16.74 -40.15 19.08
N MET I 163 16.98 -38.91 19.45
CA MET I 163 17.76 -38.01 18.60
C MET I 163 19.24 -38.32 18.76
N LEU I 164 20.01 -37.98 17.73
CA LEU I 164 21.42 -38.35 17.73
C LEU I 164 22.15 -37.59 18.82
N GLN I 165 22.46 -38.28 19.92
CA GLN I 165 23.09 -37.63 21.06
C GLN I 165 24.37 -38.35 21.45
N ASP I 166 24.68 -39.44 20.76
CA ASP I 166 25.87 -40.23 21.09
C ASP I 166 26.80 -40.44 19.91
N VAL I 167 26.59 -39.74 18.80
CA VAL I 167 27.45 -39.94 17.64
C VAL I 167 28.73 -39.12 17.76
N ALA I 168 28.60 -37.80 17.90
CA ALA I 168 29.77 -36.95 17.89
C ALA I 168 29.52 -35.76 18.82
N VAL I 169 30.40 -34.78 18.78
CA VAL I 169 30.25 -33.54 19.54
C VAL I 169 29.69 -32.48 18.62
N GLY I 170 28.73 -31.70 19.12
CA GLY I 170 28.05 -30.72 18.32
C GLY I 170 28.45 -29.30 18.66
N TRP I 171 28.02 -28.37 17.80
CA TRP I 171 28.30 -26.96 18.01
C TRP I 171 27.80 -26.50 19.37
N LEU I 172 26.55 -26.83 19.69
CA LEU I 172 26.00 -26.48 21.00
C LEU I 172 26.69 -27.20 22.14
N GLN I 173 27.57 -28.16 21.84
CA GLN I 173 28.41 -28.76 22.85
C GLN I 173 29.81 -28.18 22.87
N LYS I 174 30.35 -27.82 21.70
CA LYS I 174 31.65 -27.16 21.67
C LYS I 174 31.59 -25.81 22.37
N TYR I 175 30.51 -25.05 22.15
CA TYR I 175 30.34 -23.80 22.88
C TYR I 175 30.24 -24.06 24.38
N ARG I 176 29.42 -25.03 24.77
CA ARG I 176 29.17 -25.30 26.18
C ARG I 176 30.39 -25.90 26.87
N ASN I 177 31.38 -26.40 26.12
CA ASN I 177 32.50 -27.11 26.69
C ASN I 177 33.81 -26.32 26.66
N GLU I 178 34.16 -25.75 25.52
CA GLU I 178 35.45 -25.08 25.41
C GLU I 178 35.44 -23.72 26.09
N ALA I 179 34.58 -22.81 25.64
CA ALA I 179 34.49 -21.48 26.23
C ALA I 179 33.32 -21.45 27.20
N PRO I 180 33.56 -21.54 28.51
CA PRO I 180 32.44 -21.51 29.46
C PRO I 180 31.69 -20.20 29.46
N ALA I 181 32.31 -19.12 29.01
CA ALA I 181 31.60 -17.86 28.81
C ALA I 181 30.83 -17.95 27.50
N ARG I 182 30.35 -16.82 27.01
CA ARG I 182 29.55 -16.73 25.79
C ARG I 182 28.27 -17.56 25.86
N VAL I 183 27.90 -18.02 27.05
CA VAL I 183 26.68 -18.79 27.25
C VAL I 183 26.14 -18.48 28.63
N MET I 184 24.87 -18.10 28.71
CA MET I 184 24.23 -17.77 29.97
C MET I 184 23.10 -18.76 30.21
N SER I 185 23.08 -19.32 31.42
CA SER I 185 22.01 -20.23 31.81
C SER I 185 21.59 -20.01 33.25
N LYS I 186 22.00 -18.88 33.84
CA LYS I 186 21.68 -18.58 35.24
C LYS I 186 21.89 -17.11 35.52
N VAL I 187 20.88 -16.46 36.10
CA VAL I 187 20.96 -15.04 36.39
C VAL I 187 21.69 -14.81 37.69
N THR I 195 20.65 -14.99 42.64
CA THR I 195 20.75 -15.56 41.29
C THR I 195 19.92 -16.83 41.17
N SER I 196 18.81 -16.74 40.44
CA SER I 196 18.00 -17.92 40.18
C SER I 196 18.75 -18.89 39.27
N GLU I 197 18.30 -20.14 39.27
CA GLU I 197 19.00 -21.17 38.52
C GLU I 197 18.68 -21.08 37.03
N VAL I 198 17.42 -21.26 36.66
CA VAL I 198 16.98 -21.12 35.28
C VAL I 198 16.40 -19.72 35.09
N ILE I 199 16.81 -19.05 34.02
CA ILE I 199 16.35 -17.69 33.79
C ILE I 199 14.85 -17.72 33.48
N ARG I 200 14.21 -16.57 33.68
CA ARG I 200 12.78 -16.42 33.48
C ARG I 200 12.49 -15.35 32.44
N VAL I 201 11.32 -15.45 31.82
CA VAL I 201 10.89 -14.51 30.80
C VAL I 201 9.40 -14.26 30.97
N GLY I 202 9.02 -12.99 31.03
CA GLY I 202 7.63 -12.61 31.18
C GLY I 202 7.52 -11.37 32.04
N LYS I 203 6.29 -11.05 32.42
CA LYS I 203 6.06 -9.86 33.23
C LYS I 203 6.64 -10.05 34.64
N GLY I 204 6.57 -11.25 35.17
CA GLY I 204 7.11 -11.55 36.48
C GLY I 204 8.49 -12.13 36.48
N GLY I 205 9.12 -12.23 35.31
CA GLY I 205 10.44 -12.82 35.18
C GLY I 205 11.56 -11.84 35.46
N ASP I 206 12.67 -12.05 34.76
CA ASP I 206 13.85 -11.22 34.91
C ASP I 206 14.15 -10.38 33.67
N TYR I 207 13.30 -10.45 32.65
CA TYR I 207 13.53 -9.72 31.41
C TYR I 207 12.19 -9.31 30.82
N ALA I 208 12.25 -8.65 29.67
CA ALA I 208 11.06 -8.39 28.87
C ALA I 208 10.74 -9.65 28.08
N SER I 209 9.86 -9.53 27.10
CA SER I 209 9.46 -10.72 26.34
C SER I 209 10.64 -11.36 25.63
N LEU I 210 11.18 -10.68 24.62
CA LEU I 210 12.40 -11.18 23.99
C LEU I 210 13.42 -10.10 23.67
N ASP I 211 13.01 -8.84 23.51
CA ASP I 211 13.95 -7.81 23.06
C ASP I 211 15.00 -7.52 24.10
N ALA I 212 14.61 -7.42 25.37
CA ALA I 212 15.58 -7.15 26.42
C ALA I 212 16.62 -8.26 26.50
N LEU I 213 16.19 -9.51 26.42
CA LEU I 213 17.12 -10.62 26.53
C LEU I 213 18.09 -10.66 25.35
N VAL I 214 17.56 -10.56 24.13
CA VAL I 214 18.42 -10.62 22.97
C VAL I 214 19.36 -9.42 22.93
N MET I 215 18.91 -8.26 23.41
CA MET I 215 19.78 -7.09 23.44
C MET I 215 20.89 -7.26 24.45
N ASP I 216 20.55 -7.74 25.65
CA ASP I 216 21.58 -8.03 26.65
C ASP I 216 22.59 -9.03 26.12
N ALA I 217 22.11 -10.06 25.40
CA ALA I 217 23.03 -11.05 24.85
C ALA I 217 23.95 -10.43 23.80
N THR I 218 23.39 -9.71 22.84
CA THR I 218 24.22 -9.16 21.78
C THR I 218 25.06 -7.97 22.23
N ASN I 219 24.83 -7.45 23.43
CA ASN I 219 25.65 -6.37 23.94
C ASN I 219 26.69 -6.81 24.96
N ASN I 220 26.46 -7.92 25.65
CA ASN I 220 27.30 -8.29 26.77
C ASN I 220 28.34 -9.35 26.44
N LEU I 221 27.98 -10.37 25.67
CA LEU I 221 28.86 -11.53 25.47
C LEU I 221 29.64 -11.47 24.17
N ILE I 222 28.94 -11.32 23.04
CA ILE I 222 29.61 -11.26 21.76
C ILE I 222 30.47 -10.01 21.68
N GLU I 223 31.64 -10.13 21.05
CA GLU I 223 32.59 -9.02 21.03
C GLU I 223 32.06 -7.86 20.18
N PRO I 224 32.48 -6.63 20.49
CA PRO I 224 31.89 -5.46 19.84
C PRO I 224 32.15 -5.37 18.34
N TRP I 225 33.40 -5.59 17.91
CA TRP I 225 33.71 -5.39 16.50
C TRP I 225 33.14 -6.50 15.63
N TYR I 226 32.35 -7.40 16.21
CA TYR I 226 31.55 -8.32 15.43
C TYR I 226 30.06 -7.97 15.51
N GLN I 227 29.70 -7.09 16.44
CA GLN I 227 28.30 -6.71 16.63
C GLN I 227 27.75 -6.03 15.40
N GLU I 228 28.41 -4.97 14.95
CA GLU I 228 27.91 -4.21 13.81
C GLU I 228 28.22 -4.92 12.50
N ASP I 229 27.69 -6.13 12.34
CA ASP I 229 27.91 -6.88 11.13
C ASP I 229 26.61 -7.09 10.38
N PRO I 230 26.61 -6.99 9.05
CA PRO I 230 25.38 -7.15 8.27
C PRO I 230 24.93 -8.58 8.09
N ASP I 231 25.48 -9.54 8.83
CA ASP I 231 25.09 -10.94 8.67
C ASP I 231 24.77 -11.63 9.99
N LEU I 232 24.78 -10.92 11.10
CA LEU I 232 24.45 -11.54 12.37
C LEU I 232 23.01 -12.04 12.36
N VAL I 233 22.81 -13.26 12.84
CA VAL I 233 21.50 -13.91 12.77
C VAL I 233 21.24 -14.63 14.09
N VAL I 234 20.02 -14.52 14.58
CA VAL I 234 19.57 -15.32 15.72
C VAL I 234 18.94 -16.59 15.17
N ILE I 235 19.30 -17.72 15.76
CA ILE I 235 18.82 -19.03 15.32
C ILE I 235 18.08 -19.66 16.48
N VAL I 236 16.83 -20.05 16.22
CA VAL I 236 15.97 -20.71 17.19
C VAL I 236 15.02 -21.62 16.43
N GLY I 237 14.56 -22.68 17.10
CA GLY I 237 13.72 -23.68 16.47
C GLY I 237 12.37 -23.18 16.01
N ARG I 238 11.51 -24.09 15.54
CA ARG I 238 10.19 -23.68 15.06
C ARG I 238 9.34 -23.12 16.19
N GLN I 239 9.55 -23.60 17.42
CA GLN I 239 8.86 -23.03 18.56
C GLN I 239 9.38 -21.63 18.86
N LEU I 240 8.64 -20.91 19.69
CA LEU I 240 8.98 -19.52 20.05
C LEU I 240 9.06 -18.62 18.82
N LEU I 241 8.24 -18.90 17.81
CA LEU I 241 8.25 -18.13 16.58
C LEU I 241 6.95 -17.37 16.39
N ASP I 262 14.15 -27.32 4.69
CA ASP I 262 14.79 -26.07 4.30
C ASP I 262 14.93 -25.13 5.48
N VAL I 263 14.98 -23.83 5.20
CA VAL I 263 15.07 -22.81 6.24
C VAL I 263 14.26 -21.60 5.79
N ILE I 264 13.46 -21.05 6.68
CA ILE I 264 12.59 -19.92 6.38
C ILE I 264 12.93 -18.79 7.34
N ILE I 265 12.90 -17.56 6.83
CA ILE I 265 13.30 -16.37 7.57
C ILE I 265 12.07 -15.58 7.97
N SER I 266 12.00 -15.18 9.24
CA SER I 266 10.92 -14.33 9.71
C SER I 266 11.22 -12.88 9.33
N GLN I 267 10.23 -12.20 8.75
CA GLN I 267 10.45 -10.85 8.26
C GLN I 267 10.70 -9.87 9.40
N LYS I 268 9.94 -10.00 10.49
CA LYS I 268 10.09 -9.09 11.61
C LYS I 268 11.30 -9.48 12.45
N ARG I 269 12.30 -8.60 12.49
CA ARG I 269 13.48 -8.86 13.29
C ARG I 269 13.16 -8.72 14.77
N ILE I 270 13.68 -9.65 15.57
CA ILE I 270 13.37 -9.65 17.00
C ILE I 270 14.24 -8.64 17.75
N GLY I 271 15.54 -8.66 17.52
CA GLY I 271 16.44 -7.73 18.17
C GLY I 271 17.14 -6.85 17.15
N ASN I 272 16.37 -6.36 16.17
CA ASN I 272 16.87 -5.71 14.96
C ASN I 272 17.64 -6.68 14.08
N LEU I 273 17.65 -7.96 14.42
CA LEU I 273 18.38 -8.99 13.71
C LEU I 273 17.41 -9.96 13.08
N PRO I 274 17.61 -10.35 11.82
CA PRO I 274 16.69 -11.31 11.20
C PRO I 274 16.74 -12.65 11.92
N ALA I 275 15.56 -13.26 12.08
CA ALA I 275 15.43 -14.54 12.75
C ALA I 275 15.20 -15.64 11.73
N VAL I 276 15.81 -16.80 11.97
CA VAL I 276 15.65 -17.96 11.12
C VAL I 276 15.35 -19.17 11.99
N ARG I 277 14.95 -20.25 11.35
CA ARG I 277 14.70 -21.52 12.03
C ARG I 277 15.34 -22.64 11.23
N VAL I 278 16.11 -23.47 11.91
CA VAL I 278 16.77 -24.62 11.29
C VAL I 278 15.92 -25.83 11.60
N PRO I 279 15.85 -26.84 10.72
CA PRO I 279 14.96 -27.99 10.95
C PRO I 279 14.99 -28.58 12.36
N TYR I 280 16.15 -29.05 12.81
CA TYR I 280 16.26 -29.73 14.08
C TYR I 280 17.02 -28.86 15.06
N PHE I 281 16.45 -28.66 16.24
CA PHE I 281 17.00 -27.72 17.20
C PHE I 281 16.33 -27.90 18.55
N PRO I 282 17.06 -27.86 19.65
CA PRO I 282 16.43 -27.86 20.97
C PRO I 282 15.62 -26.59 21.16
N ALA I 283 14.30 -26.72 21.23
CA ALA I 283 13.43 -25.55 21.15
C ALA I 283 13.67 -24.56 22.28
N ASP I 284 14.01 -25.04 23.47
CA ASP I 284 14.12 -24.18 24.63
C ASP I 284 15.40 -23.35 24.66
N ALA I 285 16.18 -23.35 23.59
CA ALA I 285 17.43 -22.60 23.56
C ALA I 285 17.56 -21.90 22.21
N MET I 286 18.59 -21.07 22.09
CA MET I 286 18.81 -20.33 20.86
C MET I 286 20.25 -19.80 20.86
N LEU I 287 20.73 -19.43 19.67
CA LEU I 287 22.08 -18.88 19.59
C LEU I 287 22.14 -17.75 18.56
N ILE I 288 22.89 -16.72 18.90
CA ILE I 288 23.12 -15.59 18.00
C ILE I 288 24.52 -15.73 17.43
N THR I 289 24.63 -15.77 16.11
CA THR I 289 25.92 -15.87 15.43
C THR I 289 25.68 -15.64 13.94
N LYS I 290 26.77 -15.61 13.18
CA LYS I 290 26.66 -15.51 11.74
C LYS I 290 26.24 -16.86 11.17
N LEU I 291 26.16 -16.95 9.85
CA LEU I 291 25.86 -18.21 9.19
C LEU I 291 27.07 -18.84 8.54
N GLU I 292 28.20 -18.14 8.49
CA GLU I 292 29.44 -18.71 7.99
C GLU I 292 30.39 -19.11 9.12
N ASN I 293 30.08 -18.77 10.35
CA ASN I 293 30.96 -19.09 11.46
C ASN I 293 30.95 -20.58 11.79
N LEU I 294 29.94 -21.31 11.34
CA LEU I 294 29.89 -22.75 11.56
C LEU I 294 30.51 -23.47 10.36
N SER I 295 31.00 -24.68 10.60
CA SER I 295 31.61 -25.41 9.50
C SER I 295 31.73 -26.88 9.85
N ILE I 296 31.88 -27.71 8.81
CA ILE I 296 32.23 -29.11 8.98
C ILE I 296 33.45 -29.41 8.12
N TYR I 297 34.36 -30.20 8.67
CA TYR I 297 35.59 -30.58 7.99
C TYR I 297 35.52 -32.08 7.75
N TYR I 298 35.56 -32.48 6.48
CA TYR I 298 35.49 -33.89 6.11
C TYR I 298 36.85 -34.33 5.60
N MET I 299 37.42 -35.33 6.26
CA MET I 299 38.76 -35.80 5.91
C MET I 299 38.75 -36.39 4.52
N ASP I 300 39.56 -35.81 3.63
CA ASP I 300 39.58 -36.24 2.24
C ASP I 300 40.02 -37.68 2.12
N ASP I 301 39.55 -38.33 1.05
CA ASP I 301 39.93 -39.70 0.71
C ASP I 301 39.66 -40.66 1.86
N SER I 302 38.52 -40.46 2.52
CA SER I 302 38.06 -41.39 3.56
C SER I 302 36.56 -41.57 3.35
N HIS I 303 36.21 -42.53 2.50
CA HIS I 303 34.81 -42.86 2.22
C HIS I 303 34.77 -44.30 1.74
N ARG I 304 34.42 -45.22 2.64
CA ARG I 304 34.43 -46.64 2.33
C ARG I 304 32.99 -47.14 2.24
N ARG I 305 32.60 -47.59 1.06
CA ARG I 305 31.25 -48.10 0.83
C ARG I 305 31.33 -49.53 0.33
N VAL I 306 30.67 -50.44 1.04
CA VAL I 306 30.63 -51.84 0.65
C VAL I 306 29.19 -52.31 0.76
N ILE I 307 28.83 -53.30 -0.07
CA ILE I 307 27.50 -53.89 -0.05
C ILE I 307 27.64 -55.40 0.04
N GLU I 308 26.84 -56.01 0.89
CA GLU I 308 26.86 -57.45 1.09
C GLU I 308 25.48 -58.02 0.83
N GLU I 309 25.44 -59.28 0.42
CA GLU I 309 24.20 -59.97 0.08
C GLU I 309 24.21 -61.31 0.79
N ASN I 310 23.63 -61.36 1.99
CA ASN I 310 23.61 -62.56 2.82
C ASN I 310 22.23 -63.19 2.76
N PRO I 311 22.01 -64.18 1.91
CA PRO I 311 20.67 -64.78 1.80
C PRO I 311 20.27 -65.56 3.04
N LYS I 312 21.18 -65.68 4.01
CA LYS I 312 20.82 -66.30 5.28
C LYS I 312 19.58 -65.64 5.87
N LEU I 313 19.55 -64.31 5.87
CA LEU I 313 18.32 -63.55 6.00
C LEU I 313 17.92 -63.08 4.61
N ASP I 314 16.70 -62.57 4.48
CA ASP I 314 16.20 -62.17 3.18
C ASP I 314 16.40 -60.68 2.97
N ARG I 315 17.68 -60.27 2.93
CA ARG I 315 17.98 -58.85 2.88
C ARG I 315 19.35 -58.62 2.25
N VAL I 316 19.56 -57.39 1.79
CA VAL I 316 20.81 -56.94 1.20
C VAL I 316 21.30 -55.75 2.01
N GLU I 317 22.50 -55.87 2.56
CA GLU I 317 23.02 -54.86 3.48
C GLU I 317 24.02 -53.95 2.78
N ASN I 318 24.16 -52.74 3.32
CA ASN I 318 25.05 -51.73 2.77
C ASN I 318 25.68 -50.96 3.91
N TYR I 319 27.01 -50.91 3.94
CA TYR I 319 27.76 -50.15 4.93
C TYR I 319 28.54 -49.03 4.25
N GLU I 320 28.57 -47.87 4.90
CA GLU I 320 29.33 -46.73 4.42
C GLU I 320 29.95 -46.02 5.60
N SER I 321 31.20 -45.63 5.47
CA SER I 321 31.93 -44.99 6.55
C SER I 321 32.66 -43.77 6.02
N MET I 322 32.53 -42.66 6.74
CA MET I 322 33.18 -41.40 6.39
C MET I 322 33.82 -40.82 7.64
N ASN I 323 34.62 -39.77 7.45
CA ASN I 323 35.34 -39.12 8.54
C ASN I 323 35.05 -37.63 8.52
N ILE I 324 34.41 -37.14 9.58
CA ILE I 324 34.01 -35.74 9.68
C ILE I 324 34.27 -35.21 11.07
N ASP I 325 34.29 -33.88 11.19
CA ASP I 325 34.28 -33.21 12.48
C ASP I 325 33.65 -31.83 12.33
N TYR I 326 32.74 -31.51 13.24
CA TYR I 326 32.14 -30.19 13.28
C TYR I 326 33.10 -29.21 13.95
N VAL I 327 33.01 -27.94 13.55
CA VAL I 327 33.86 -26.93 14.16
C VAL I 327 33.26 -25.54 13.98
N VAL I 328 33.29 -24.76 15.06
CA VAL I 328 32.96 -23.35 14.98
C VAL I 328 34.22 -22.58 14.63
N GLU I 329 34.13 -21.69 13.63
CA GLU I 329 35.31 -21.00 13.15
C GLU I 329 35.92 -20.13 14.24
N ASP I 330 35.19 -19.13 14.71
CA ASP I 330 35.66 -18.24 15.75
C ASP I 330 34.68 -18.28 16.91
N TYR I 331 35.20 -18.38 18.13
CA TYR I 331 34.34 -18.38 19.29
C TYR I 331 33.73 -17.02 19.54
N ALA I 332 34.32 -15.96 18.98
CA ALA I 332 33.64 -14.69 18.91
C ALA I 332 32.52 -14.78 17.88
N ALA I 333 31.80 -13.67 17.71
CA ALA I 333 30.67 -13.60 16.79
C ALA I 333 29.65 -14.71 17.06
N GLY I 334 29.54 -15.13 18.32
CA GLY I 334 28.58 -16.17 18.65
C GLY I 334 28.38 -16.40 20.13
N CYS I 335 27.12 -16.41 20.54
CA CYS I 335 26.75 -16.74 21.91
C CYS I 335 25.45 -17.54 21.86
N LEU I 336 25.07 -18.11 23.00
CA LEU I 336 23.83 -18.87 23.04
C LEU I 336 23.23 -18.83 24.43
N VAL I 337 21.90 -18.83 24.47
CA VAL I 337 21.15 -18.96 25.72
C VAL I 337 20.48 -20.33 25.71
N GLU I 338 20.53 -21.01 26.85
CA GLU I 338 20.18 -22.43 26.90
C GLU I 338 18.86 -22.70 27.59
N LYS I 339 18.72 -22.33 28.86
CA LYS I 339 17.55 -22.71 29.65
C LYS I 339 16.65 -21.50 29.84
N ILE I 340 15.62 -21.40 28.99
CA ILE I 340 14.63 -20.35 29.11
C ILE I 340 13.26 -21.00 29.28
N LYS I 341 12.32 -20.21 29.78
CA LYS I 341 10.94 -20.68 29.93
C LYS I 341 10.02 -19.46 29.91
N VAL I 342 9.39 -19.24 28.76
CA VAL I 342 8.47 -18.11 28.63
C VAL I 342 7.17 -18.43 29.35
N GLY I 343 6.54 -17.40 29.90
CA GLY I 343 5.29 -17.60 30.61
C GLY I 343 4.88 -16.42 31.47
N ASP I 344 4.53 -16.69 32.73
CA ASP I 344 4.11 -15.66 33.65
C ASP I 344 4.60 -16.02 35.04
N PHE I 345 4.80 -15.00 35.88
CA PHE I 345 5.28 -15.18 37.24
C PHE I 345 4.63 -14.14 38.15
N SER I 346 4.93 -14.26 39.44
CA SER I 346 4.38 -13.36 40.45
C SER I 346 4.86 -11.93 40.23
N PRO J 7 -22.19 -9.67 46.96
CA PRO J 7 -22.38 -10.90 46.20
C PRO J 7 -23.84 -11.14 45.81
N GLU J 8 -24.39 -12.28 46.24
CA GLU J 8 -25.77 -12.70 46.03
C GLU J 8 -26.07 -13.07 44.58
N TYR J 9 -25.13 -12.88 43.65
CA TYR J 9 -25.28 -13.37 42.29
C TYR J 9 -24.18 -14.32 41.86
N LEU J 10 -23.04 -14.32 42.56
CA LEU J 10 -21.97 -15.28 42.31
C LEU J 10 -21.76 -16.19 43.51
N GLN J 11 -22.60 -16.08 44.54
CA GLN J 11 -22.47 -16.94 45.72
C GLN J 11 -22.55 -18.43 45.37
N PRO J 12 -23.52 -18.91 44.58
CA PRO J 12 -23.50 -20.34 44.24
C PRO J 12 -22.29 -20.74 43.42
N ALA J 13 -21.71 -19.81 42.67
CA ALA J 13 -20.51 -20.08 41.88
C ALA J 13 -19.24 -19.93 42.68
N LEU J 14 -19.32 -19.93 44.01
CA LEU J 14 -18.16 -19.70 44.87
C LEU J 14 -17.70 -20.95 45.60
N ALA J 15 -18.65 -21.79 46.06
CA ALA J 15 -18.28 -22.96 46.84
C ALA J 15 -17.45 -23.96 46.04
N GLN J 16 -17.56 -23.93 44.71
CA GLN J 16 -16.73 -24.79 43.87
C GLN J 16 -15.25 -24.49 44.07
N LEU J 17 -14.91 -23.22 44.30
CA LEU J 17 -13.53 -22.89 44.62
C LEU J 17 -13.07 -23.62 45.87
N GLU J 18 -13.89 -23.61 46.92
CA GLU J 18 -13.52 -24.29 48.16
C GLU J 18 -13.43 -25.80 47.94
N LYS J 19 -14.33 -26.36 47.13
CA LYS J 19 -14.28 -27.79 46.87
C LYS J 19 -12.99 -28.18 46.16
N ALA J 20 -12.64 -27.45 45.10
CA ALA J 20 -11.40 -27.74 44.39
C ALA J 20 -10.19 -27.50 45.30
N ARG J 21 -10.28 -26.50 46.17
CA ARG J 21 -9.19 -26.25 47.12
C ARG J 21 -8.97 -27.44 48.02
N ALA J 22 -10.05 -27.96 48.62
CA ALA J 22 -9.93 -29.13 49.48
C ALA J 22 -9.41 -30.34 48.72
N ALA J 23 -9.87 -30.52 47.48
CA ALA J 23 -9.40 -31.64 46.67
C ALA J 23 -7.90 -31.56 46.45
N HIS J 24 -7.41 -30.40 46.01
CA HIS J 24 -5.99 -30.25 45.78
C HIS J 24 -5.19 -30.37 47.06
N LEU J 25 -5.74 -29.91 48.18
CA LEU J 25 -5.05 -30.06 49.46
C LEU J 25 -4.89 -31.52 49.84
N GLU J 26 -5.97 -32.30 49.71
CA GLU J 26 -5.88 -33.72 50.00
C GLU J 26 -4.89 -34.41 49.07
N ASN J 27 -4.87 -34.00 47.80
CA ASN J 27 -3.94 -34.60 46.85
C ASN J 27 -2.49 -34.33 47.24
N ALA J 28 -2.19 -33.07 47.57
CA ALA J 28 -0.83 -32.74 48.01
C ALA J 28 -0.46 -33.46 49.30
N ARG J 29 -1.43 -33.63 50.20
CA ARG J 29 -1.17 -34.36 51.44
C ARG J 29 -0.80 -35.81 51.15
N LEU J 30 -1.57 -36.46 50.29
CA LEU J 30 -1.24 -37.83 49.89
C LEU J 30 0.13 -37.89 49.23
N MET J 31 0.47 -36.88 48.43
CA MET J 31 1.77 -36.85 47.77
C MET J 31 2.90 -36.82 48.80
N ASP J 32 2.84 -35.88 49.74
CA ASP J 32 3.91 -35.78 50.72
C ASP J 32 3.96 -37.00 51.63
N GLU J 33 2.80 -37.61 51.89
CA GLU J 33 2.78 -38.85 52.68
C GLU J 33 3.54 -39.95 51.94
N THR J 34 3.29 -40.10 50.64
CA THR J 34 4.01 -41.10 49.87
C THR J 34 5.50 -40.80 49.85
N VAL J 35 5.86 -39.52 49.75
CA VAL J 35 7.27 -39.14 49.70
C VAL J 35 7.96 -39.52 51.01
N THR J 36 7.36 -39.16 52.14
CA THR J 36 7.99 -39.51 53.41
C THR J 36 8.00 -41.02 53.64
N ALA J 37 7.01 -41.74 53.10
CA ALA J 37 6.99 -43.19 53.24
C ALA J 37 8.17 -43.82 52.48
N ILE J 38 8.37 -43.43 51.23
CA ILE J 38 9.47 -44.02 50.46
C ILE J 38 10.81 -43.62 51.06
N GLU J 39 10.91 -42.38 51.57
CA GLU J 39 12.15 -41.97 52.20
C GLU J 39 12.47 -42.82 53.43
N ARG J 40 11.47 -43.05 54.29
CA ARG J 40 11.67 -43.89 55.46
C ARG J 40 12.05 -45.31 55.07
N ALA J 41 11.35 -45.87 54.07
CA ALA J 41 11.65 -47.23 53.64
C ALA J 41 13.09 -47.34 53.16
N GLU J 42 13.55 -46.37 52.36
CA GLU J 42 14.91 -46.45 51.83
C GLU J 42 15.94 -46.27 52.93
N GLN J 43 15.73 -45.29 53.82
CA GLN J 43 16.70 -45.06 54.89
C GLN J 43 16.76 -46.25 55.84
N GLU J 44 15.66 -46.99 55.98
CA GLU J 44 15.71 -48.20 56.79
C GLU J 44 16.38 -49.36 56.05
N LYS J 45 16.15 -49.47 54.75
CA LYS J 45 16.79 -50.52 53.97
C LYS J 45 18.30 -50.40 53.99
N ASN J 46 18.81 -49.17 53.91
CA ASN J 46 20.26 -48.98 53.97
C ASN J 46 20.84 -49.56 55.25
N ALA J 47 20.28 -49.16 56.40
CA ALA J 47 20.82 -49.61 57.68
C ALA J 47 20.63 -51.12 57.85
N LEU J 48 19.52 -51.67 57.36
CA LEU J 48 19.30 -53.10 57.49
C LEU J 48 20.31 -53.89 56.66
N ALA J 49 20.59 -53.43 55.45
CA ALA J 49 21.59 -54.10 54.62
C ALA J 49 22.97 -54.01 55.27
N GLN J 50 23.30 -52.86 55.85
CA GLN J 50 24.60 -52.73 56.51
C GLN J 50 24.71 -53.67 57.71
N ALA J 51 23.63 -53.77 58.49
CA ALA J 51 23.65 -54.67 59.64
C ALA J 51 23.77 -56.12 59.20
N ASP J 52 23.09 -56.48 58.11
CA ASP J 52 23.22 -57.83 57.58
C ASP J 52 24.65 -58.12 57.15
N GLY J 53 25.29 -57.15 56.47
CA GLY J 53 26.67 -57.35 56.07
C GLY J 53 27.61 -57.52 57.25
N ASN J 54 27.41 -56.71 58.29
CA ASN J 54 28.23 -56.82 59.48
C ASN J 54 28.06 -58.18 60.16
N ASP J 55 26.80 -58.62 60.30
CA ASP J 55 26.54 -59.92 60.90
C ASP J 55 27.14 -61.03 60.06
N ALA J 56 27.09 -60.91 58.74
CA ALA J 56 27.68 -61.92 57.87
C ALA J 56 29.19 -61.99 58.05
N ASP J 57 29.86 -60.84 58.08
CA ASP J 57 31.30 -60.83 58.30
C ASP J 57 31.66 -61.47 59.63
N ASP J 58 30.92 -61.11 60.69
CA ASP J 58 31.22 -61.65 62.01
C ASP J 58 31.01 -63.16 62.05
N TRP J 59 29.90 -63.64 61.47
CA TRP J 59 29.66 -65.07 61.45
C TRP J 59 30.75 -65.80 60.67
N ARG J 60 31.18 -65.23 59.54
CA ARG J 60 32.20 -65.88 58.73
C ARG J 60 33.52 -65.98 59.49
N THR J 61 33.94 -64.90 60.14
CA THR J 61 35.22 -64.96 60.84
C THR J 61 35.14 -65.86 62.07
N ALA J 62 34.00 -65.86 62.76
CA ALA J 62 33.85 -66.76 63.91
C ALA J 62 33.83 -68.22 63.48
N PHE J 63 33.26 -68.51 62.31
CA PHE J 63 33.26 -69.87 61.81
C PHE J 63 34.65 -70.29 61.34
N ARG J 64 35.39 -69.36 60.74
CA ARG J 64 36.77 -69.65 60.38
C ARG J 64 37.63 -69.89 61.62
N ALA J 65 37.30 -69.24 62.73
CA ALA J 65 38.06 -69.44 63.97
C ALA J 65 37.87 -70.85 64.50
N ALA J 66 36.64 -71.37 64.47
CA ALA J 66 36.34 -72.67 65.06
C ALA J 66 36.69 -73.84 64.15
N GLY J 67 37.45 -73.61 63.09
CA GLY J 67 37.83 -74.71 62.22
C GLY J 67 36.67 -75.18 61.35
N GLY J 68 36.84 -76.37 60.79
CA GLY J 68 35.85 -76.95 59.92
C GLY J 68 34.82 -77.79 60.65
N VAL J 69 34.67 -77.56 61.96
CA VAL J 69 33.71 -78.28 62.79
C VAL J 69 32.89 -77.27 63.56
N LEU J 70 31.61 -77.59 63.76
CA LEU J 70 30.70 -76.70 64.48
C LEU J 70 29.56 -77.52 65.05
N SER J 71 29.09 -77.12 66.23
CA SER J 71 27.98 -77.79 66.88
C SER J 71 27.40 -76.86 67.93
N ASP J 72 26.08 -76.94 68.10
CA ASP J 72 25.29 -76.22 69.09
C ASP J 72 25.27 -74.72 68.83
N GLU J 73 26.01 -74.23 67.84
CA GLU J 73 26.02 -72.82 67.48
C GLU J 73 26.35 -72.71 66.00
N LEU J 74 26.33 -71.48 65.50
CA LEU J 74 26.52 -71.19 64.09
C LEU J 74 25.51 -71.94 63.21
N LYS J 75 24.42 -72.40 63.80
CA LYS J 75 23.34 -73.09 63.11
C LYS J 75 22.09 -72.23 63.04
N GLN J 76 21.59 -71.77 64.19
CA GLN J 76 20.47 -70.85 64.19
C GLN J 76 20.86 -69.50 63.62
N ARG J 77 22.11 -69.08 63.87
CA ARG J 77 22.57 -67.80 63.36
C ARG J 77 22.62 -67.79 61.84
N HIS J 78 23.17 -68.84 61.23
CA HIS J 78 23.30 -68.87 59.78
C HIS J 78 21.94 -68.95 59.10
N ILE J 79 21.04 -69.78 59.62
CA ILE J 79 19.72 -69.87 59.00
C ILE J 79 18.94 -68.58 59.21
N GLU J 80 19.15 -67.90 60.34
CA GLU J 80 18.53 -66.60 60.53
C GLU J 80 19.06 -65.59 59.52
N ARG J 81 20.37 -65.63 59.26
CA ARG J 81 20.96 -64.71 58.30
C ARG J 81 20.43 -64.97 56.89
N VAL J 82 20.35 -66.24 56.49
CA VAL J 82 19.84 -66.53 55.15
C VAL J 82 18.35 -66.23 55.07
N ALA J 83 17.62 -66.36 56.18
CA ALA J 83 16.23 -65.95 56.18
C ALA J 83 16.10 -64.45 55.94
N ARG J 84 16.90 -63.65 56.63
CA ARG J 84 16.88 -62.21 56.38
C ARG J 84 17.28 -61.89 54.95
N ARG J 85 18.26 -62.61 54.41
CA ARG J 85 18.67 -62.39 53.03
C ARG J 85 17.54 -62.69 52.06
N GLU J 86 16.75 -63.72 52.34
CA GLU J 86 15.59 -64.01 51.49
C GLU J 86 14.48 -62.97 51.68
N LEU J 87 14.34 -62.43 52.89
CA LEU J 87 13.24 -61.50 53.16
C LEU J 87 13.50 -60.09 52.65
N VAL J 88 14.76 -59.68 52.50
CA VAL J 88 15.05 -58.34 51.99
C VAL J 88 14.66 -58.18 50.52
N GLN J 89 14.36 -59.29 49.83
CA GLN J 89 14.00 -59.20 48.42
C GLN J 89 12.75 -58.35 48.22
N GLU J 90 11.65 -58.73 48.87
CA GLU J 90 10.43 -57.93 48.75
C GLU J 90 10.59 -56.56 49.41
N TYR J 91 11.45 -56.46 50.42
CA TYR J 91 11.75 -55.17 51.03
C TYR J 91 12.27 -54.20 49.97
N ASP J 92 13.18 -54.66 49.11
CA ASP J 92 13.65 -53.85 48.01
C ASP J 92 12.62 -53.75 46.89
N ASN J 93 11.78 -54.77 46.74
CA ASN J 93 10.81 -54.78 45.65
C ASN J 93 9.71 -53.74 45.85
N LEU J 94 9.35 -53.44 47.10
CA LEU J 94 8.25 -52.52 47.37
C LEU J 94 8.45 -51.14 46.74
N ALA J 95 9.69 -50.78 46.42
CA ALA J 95 9.95 -49.45 45.86
C ALA J 95 9.22 -49.25 44.54
N VAL J 96 9.19 -50.28 43.69
CA VAL J 96 8.61 -50.10 42.36
C VAL J 96 7.10 -49.94 42.46
N VAL J 97 6.44 -50.70 43.33
CA VAL J 97 4.99 -50.56 43.47
C VAL J 97 4.67 -49.22 44.12
N LEU J 98 5.54 -48.75 45.03
CA LEU J 98 5.28 -47.45 45.65
C LEU J 98 5.40 -46.33 44.62
N ASN J 99 6.42 -46.40 43.75
CA ASN J 99 6.56 -45.38 42.71
C ASN J 99 5.40 -45.43 41.72
N PHE J 100 4.97 -46.63 41.34
CA PHE J 100 3.83 -46.74 40.45
C PHE J 100 2.57 -46.17 41.09
N GLU J 101 2.42 -46.34 42.40
CA GLU J 101 1.27 -45.73 43.08
C GLU J 101 1.39 -44.22 43.13
N ARG J 102 2.62 -43.70 43.28
CA ARG J 102 2.81 -42.26 43.35
C ARG J 102 2.57 -41.58 42.00
N GLU J 103 2.80 -42.30 40.91
CA GLU J 103 2.67 -41.70 39.58
C GLU J 103 1.25 -41.22 39.31
N ARG J 104 0.27 -42.12 39.43
CA ARG J 104 -1.11 -41.72 39.17
C ARG J 104 -1.57 -40.67 40.17
N LEU J 105 -1.04 -40.70 41.39
CA LEU J 105 -1.36 -39.68 42.37
C LEU J 105 -0.92 -38.30 41.89
N LYS J 106 0.33 -38.21 41.39
CA LYS J 106 0.81 -36.92 40.89
C LYS J 106 0.03 -36.48 39.66
N GLY J 107 -0.40 -37.44 38.83
CA GLY J 107 -1.26 -37.08 37.71
C GLY J 107 -2.56 -36.44 38.16
N ALA J 108 -3.26 -37.10 39.09
CA ALA J 108 -4.49 -36.52 39.63
C ALA J 108 -4.23 -35.20 40.33
N CYS J 109 -3.05 -35.04 40.93
CA CYS J 109 -2.69 -33.78 41.57
C CYS J 109 -2.64 -32.65 40.54
N ASP J 110 -1.94 -32.87 39.42
CA ASP J 110 -1.89 -31.84 38.39
C ASP J 110 -3.28 -31.57 37.81
N SER J 111 -4.09 -32.62 37.68
CA SER J 111 -5.44 -32.44 37.16
C SER J 111 -6.27 -31.53 38.07
N THR J 112 -6.32 -31.85 39.37
CA THR J 112 -7.12 -31.02 40.26
C THR J 112 -6.54 -29.62 40.38
N ALA J 113 -5.22 -29.47 40.26
CA ALA J 113 -4.61 -28.15 40.29
C ALA J 113 -5.12 -27.30 39.13
N THR J 114 -5.04 -27.83 37.90
CA THR J 114 -5.51 -27.05 36.76
C THR J 114 -7.00 -26.79 36.82
N ALA J 115 -7.78 -27.73 37.38
CA ALA J 115 -9.22 -27.49 37.53
C ALA J 115 -9.49 -26.33 38.48
N TYR J 116 -8.80 -26.33 39.62
CA TYR J 116 -8.97 -25.24 40.59
C TYR J 116 -8.57 -23.90 39.98
N ARG J 117 -7.47 -23.89 39.23
CA ARG J 117 -7.02 -22.66 38.60
C ARG J 117 -8.07 -22.14 37.63
N LYS J 118 -8.61 -23.03 36.79
CA LYS J 118 -9.63 -22.62 35.83
C LYS J 118 -10.85 -22.06 36.54
N ALA J 119 -11.31 -22.73 37.60
CA ALA J 119 -12.50 -22.26 38.31
C ALA J 119 -12.25 -20.88 38.93
N HIS J 120 -11.08 -20.70 39.54
CA HIS J 120 -10.77 -19.40 40.14
C HIS J 120 -10.75 -18.30 39.08
N HIS J 121 -10.12 -18.56 37.93
CA HIS J 121 -10.09 -17.55 36.88
C HIS J 121 -11.51 -17.22 36.41
N HIS J 122 -12.36 -18.23 36.26
CA HIS J 122 -13.72 -17.98 35.81
C HIS J 122 -14.48 -17.11 36.79
N LEU J 123 -14.39 -17.43 38.09
CA LEU J 123 -15.07 -16.62 39.09
C LEU J 123 -14.56 -15.17 39.06
N LEU J 124 -13.25 -14.99 39.01
CA LEU J 124 -12.70 -13.65 38.99
C LEU J 124 -13.17 -12.87 37.76
N SER J 125 -13.21 -13.53 36.61
CA SER J 125 -13.66 -12.87 35.40
C SER J 125 -15.11 -12.43 35.53
N LEU J 126 -15.97 -13.32 36.04
CA LEU J 126 -17.38 -12.95 36.20
C LEU J 126 -17.52 -11.75 37.12
N TYR J 127 -16.81 -11.76 38.25
CA TYR J 127 -16.91 -10.64 39.19
C TYR J 127 -16.45 -9.35 38.54
N ALA J 128 -15.30 -9.38 37.85
CA ALA J 128 -14.78 -8.17 37.25
C ALA J 128 -15.73 -7.62 36.20
N GLU J 129 -16.31 -8.49 35.38
CA GLU J 129 -17.25 -8.04 34.36
C GLU J 129 -18.46 -7.39 34.99
N HIS J 130 -19.07 -8.05 35.97
CA HIS J 130 -20.24 -7.46 36.63
C HIS J 130 -19.89 -6.13 37.26
N GLU J 131 -18.72 -6.03 37.90
CA GLU J 131 -18.35 -4.80 38.57
C GLU J 131 -18.16 -3.67 37.57
N LEU J 132 -17.46 -3.93 36.47
CA LEU J 132 -17.27 -2.88 35.47
C LEU J 132 -18.59 -2.43 34.88
N GLU J 133 -19.47 -3.37 34.56
CA GLU J 133 -20.77 -2.99 34.00
C GLU J 133 -21.55 -2.13 34.98
N HIS J 134 -21.66 -2.57 36.24
CA HIS J 134 -22.45 -1.85 37.21
C HIS J 134 -21.82 -0.52 37.61
N ALA J 135 -20.50 -0.37 37.47
CA ALA J 135 -19.83 0.88 37.76
C ALA J 135 -19.85 1.85 36.60
N LEU J 136 -20.00 1.37 35.37
CA LEU J 136 -20.12 2.27 34.25
C LEU J 136 -21.56 2.70 34.00
N ASN J 137 -22.53 1.82 34.26
CA ASN J 137 -23.91 2.15 33.95
C ASN J 137 -24.48 3.16 34.93
N GLU J 138 -24.15 3.04 36.22
CA GLU J 138 -24.80 3.85 37.24
C GLU J 138 -24.10 5.19 37.45
N THR J 139 -22.83 5.17 37.85
CA THR J 139 -22.12 6.40 38.16
C THR J 139 -21.33 6.87 36.93
N CYS J 140 -20.52 7.90 37.11
CA CYS J 140 -19.79 8.57 36.03
C CYS J 140 -20.76 9.05 34.95
N GLU J 141 -21.60 10.02 35.33
CA GLU J 141 -22.51 10.67 34.40
C GLU J 141 -22.19 12.14 34.17
N ALA J 142 -21.55 12.81 35.13
CA ALA J 142 -21.14 14.19 34.91
C ALA J 142 -20.07 14.29 33.82
N LEU J 143 -19.24 13.26 33.71
CA LEU J 143 -18.26 13.23 32.62
C LEU J 143 -18.95 13.26 31.26
N VAL J 144 -20.13 12.63 31.16
CA VAL J 144 -20.83 12.61 29.88
C VAL J 144 -21.24 14.02 29.47
N ARG J 145 -21.85 14.76 30.38
CA ARG J 145 -22.25 16.13 30.04
C ARG J 145 -21.05 17.03 29.84
N ALA J 146 -19.96 16.79 30.57
CA ALA J 146 -18.74 17.56 30.35
C ALA J 146 -18.23 17.34 28.93
N MET J 147 -18.15 16.08 28.50
CA MET J 147 -17.69 15.78 27.15
C MET J 147 -18.65 16.31 26.10
N HIS J 148 -19.95 16.28 26.38
CA HIS J 148 -20.92 16.84 25.45
C HIS J 148 -20.71 18.33 25.27
N LEU J 149 -20.50 19.05 26.37
CA LEU J 149 -20.20 20.47 26.28
C LEU J 149 -18.90 20.73 25.52
N SER J 150 -17.89 19.89 25.77
CA SER J 150 -16.62 20.05 25.08
C SER J 150 -16.78 19.86 23.57
N ILE J 151 -17.55 18.85 23.17
CA ILE J 151 -17.82 18.63 21.75
C ILE J 151 -18.57 19.83 21.16
N LEU J 152 -19.61 20.27 21.85
CA LEU J 152 -20.39 21.41 21.35
C LEU J 152 -19.51 22.64 21.19
N VAL J 153 -18.51 22.80 22.04
CA VAL J 153 -17.59 23.92 21.90
C VAL J 153 -16.66 23.71 20.71
N GLN J 154 -16.07 22.52 20.60
CA GLN J 154 -15.08 22.26 19.57
C GLN J 154 -15.66 22.27 18.16
N GLU J 155 -16.97 22.06 18.02
CA GLU J 155 -17.59 22.00 16.71
C GLU J 155 -17.59 23.37 16.02
N ASN J 156 -17.54 24.45 16.79
CA ASN J 156 -17.59 25.79 16.22
C ASN J 156 -16.45 25.98 15.22
N PRO J 157 -16.70 26.66 14.10
CA PRO J 157 -15.63 26.81 13.10
C PRO J 157 -14.41 27.55 13.59
N LEU J 158 -14.56 28.45 14.56
CA LEU J 158 -13.41 29.16 15.11
C LEU J 158 -12.82 28.42 16.30
N ALA J 159 -12.54 27.15 16.12
CA ALA J 159 -11.92 26.35 17.16
C ALA J 159 -10.77 25.49 16.65
N ASN J 160 -10.88 24.95 15.44
CA ASN J 160 -9.86 24.05 14.92
C ASN J 160 -8.67 24.87 14.46
N THR J 161 -7.54 24.73 15.16
CA THR J 161 -6.32 25.40 14.73
C THR J 161 -5.70 24.75 13.52
N THR J 162 -6.09 23.52 13.19
CA THR J 162 -5.58 22.84 12.01
C THR J 162 -6.41 23.23 10.79
N GLY J 163 -5.75 23.33 9.64
CA GLY J 163 -6.40 23.71 8.41
C GLY J 163 -7.20 22.58 7.80
N HIS J 164 -7.29 22.59 6.46
CA HIS J 164 -8.02 21.54 5.77
C HIS J 164 -7.34 20.19 5.92
N GLN J 165 -6.03 20.17 6.07
CA GLN J 165 -5.28 18.93 6.22
C GLN J 165 -5.23 18.54 7.70
N GLY J 166 -5.50 17.28 7.99
CA GLY J 166 -5.50 16.80 9.35
C GLY J 166 -6.58 17.37 10.24
N TYR J 167 -7.65 17.91 9.67
CA TYR J 167 -8.75 18.47 10.45
C TYR J 167 -9.56 17.31 11.03
N VAL J 168 -8.99 16.69 12.07
CA VAL J 168 -9.64 15.55 12.71
C VAL J 168 -10.94 16.00 13.37
N ALA J 169 -11.92 15.12 13.37
CA ALA J 169 -13.19 15.44 14.00
C ALA J 169 -13.00 15.62 15.51
N PRO J 170 -13.76 16.55 16.11
CA PRO J 170 -13.59 16.79 17.55
C PRO J 170 -13.89 15.57 18.41
N GLU J 171 -14.75 14.68 17.94
CA GLU J 171 -15.05 13.47 18.69
C GLU J 171 -13.80 12.63 18.89
N LYS J 172 -13.06 12.38 17.82
CA LYS J 172 -11.84 11.60 17.93
C LYS J 172 -10.82 12.30 18.83
N ALA J 173 -10.76 13.63 18.76
CA ALA J 173 -9.79 14.36 19.57
C ALA J 173 -10.11 14.22 21.05
N VAL J 174 -11.36 14.49 21.44
CA VAL J 174 -11.71 14.39 22.85
C VAL J 174 -11.64 12.94 23.32
N MET J 175 -11.90 11.97 22.44
CA MET J 175 -11.80 10.57 22.83
C MET J 175 -10.35 10.19 23.09
N GLN J 176 -9.44 10.63 22.24
CA GLN J 176 -8.02 10.38 22.49
C GLN J 176 -7.58 11.07 23.77
N GLN J 177 -8.09 12.27 24.04
CA GLN J 177 -7.73 12.98 25.25
C GLN J 177 -8.16 12.22 26.49
N VAL J 178 -9.43 11.79 26.54
CA VAL J 178 -9.91 11.07 27.71
C VAL J 178 -9.21 9.72 27.82
N LYS J 179 -8.92 9.08 26.69
CA LYS J 179 -8.21 7.80 26.73
C LYS J 179 -6.83 7.96 27.34
N SER J 180 -6.09 8.98 26.92
CA SER J 180 -4.76 9.20 27.47
C SER J 180 -4.83 9.54 28.96
N SER J 181 -5.73 10.46 29.34
CA SER J 181 -5.83 10.87 30.73
C SER J 181 -6.30 9.74 31.62
N LEU J 182 -7.02 8.77 31.08
CA LEU J 182 -7.45 7.63 31.86
C LEU J 182 -6.37 6.56 31.93
N GLU J 183 -5.65 6.35 30.82
CA GLU J 183 -4.62 5.33 30.79
C GLU J 183 -3.45 5.70 31.68
N GLN J 184 -3.11 6.99 31.74
CA GLN J 184 -2.05 7.41 32.65
C GLN J 184 -2.40 7.05 34.09
N LYS J 185 -3.64 7.32 34.49
CA LYS J 185 -4.07 6.98 35.85
C LYS J 185 -4.06 5.46 36.06
N ILE J 186 -4.58 4.70 35.10
CA ILE J 186 -4.62 3.25 35.27
C ILE J 186 -3.23 2.65 35.28
N LYS J 187 -2.25 3.34 34.71
CA LYS J 187 -0.88 2.83 34.69
C LYS J 187 -0.12 3.19 35.95
N GLN J 188 -0.29 4.42 36.46
CA GLN J 188 0.43 4.82 37.66
C GLN J 188 -0.12 4.18 38.92
N MET J 189 -1.39 3.77 38.91
CA MET J 189 -2.03 3.25 40.11
C MET J 189 -1.65 1.80 40.35
N GLN J 190 -2.26 1.21 41.37
CA GLN J 190 -2.05 -0.19 41.70
C GLN J 190 -3.31 -0.71 42.40
N ILE J 191 -3.26 -1.98 42.79
CA ILE J 191 -4.40 -2.65 43.40
C ILE J 191 -4.12 -2.83 44.89
N SER J 192 -5.10 -2.45 45.72
CA SER J 192 -5.04 -2.63 47.16
C SER J 192 -6.06 -3.68 47.59
N LEU J 193 -5.70 -4.46 48.60
CA LEU J 193 -6.51 -5.59 49.06
C LEU J 193 -7.39 -5.24 50.26
N THR J 194 -7.81 -3.99 50.36
CA THR J 194 -8.67 -3.55 51.47
C THR J 194 -10.14 -3.59 51.06
N GLY J 195 -10.58 -4.78 50.67
CA GLY J 195 -11.97 -5.00 50.32
C GLY J 195 -12.40 -6.42 50.61
N GLU J 196 -13.54 -6.59 51.29
CA GLU J 196 -13.99 -7.89 51.79
C GLU J 196 -13.95 -8.98 50.72
N PRO J 197 -14.63 -8.82 49.58
CA PRO J 197 -14.62 -9.93 48.60
C PRO J 197 -13.28 -10.10 47.92
N VAL J 198 -12.53 -9.02 47.68
CA VAL J 198 -11.26 -9.16 46.99
C VAL J 198 -10.18 -9.72 47.93
N LEU J 199 -10.25 -9.39 49.23
CA LEU J 199 -9.28 -9.97 50.15
C LEU J 199 -9.70 -11.35 50.61
N ARG J 200 -10.96 -11.72 50.44
CA ARG J 200 -11.44 -13.00 50.95
C ARG J 200 -10.79 -14.17 50.23
N LEU J 201 -11.01 -14.28 48.92
CA LEU J 201 -10.55 -15.42 48.16
C LEU J 201 -9.64 -15.08 46.99
N THR J 202 -9.63 -13.83 46.54
CA THR J 202 -8.89 -13.46 45.33
C THR J 202 -7.40 -13.29 45.62
N GLY J 203 -6.68 -12.72 44.65
CA GLY J 203 -5.26 -12.49 44.79
C GLY J 203 -4.49 -12.84 43.54
N LEU J 204 -3.49 -13.71 43.69
CA LEU J 204 -2.73 -14.20 42.55
C LEU J 204 -3.40 -15.49 42.06
N SER J 205 -2.73 -16.23 41.18
CA SER J 205 -3.28 -17.47 40.64
C SER J 205 -3.56 -18.47 41.75
N ALA J 206 -2.51 -18.91 42.43
CA ALA J 206 -2.65 -19.87 43.51
C ALA J 206 -1.40 -19.82 44.38
N ALA J 207 -1.45 -20.53 45.51
CA ALA J 207 -0.32 -20.56 46.45
C ALA J 207 -0.30 -21.94 47.10
N THR J 208 0.53 -22.81 46.53
CA THR J 208 0.74 -24.16 47.06
C THR J 208 2.04 -24.70 46.46
N LEU J 209 2.29 -25.99 46.69
CA LEU J 209 3.51 -26.60 46.17
C LEU J 209 3.40 -26.92 44.67
N PRO J 210 2.44 -27.76 44.22
CA PRO J 210 2.45 -28.17 42.81
C PRO J 210 1.75 -27.15 41.93
N HIS J 211 2.53 -26.41 41.14
CA HIS J 211 2.00 -25.54 40.10
C HIS J 211 2.48 -25.93 38.72
N MET J 212 3.78 -26.02 38.52
CA MET J 212 4.35 -26.29 37.20
C MET J 212 5.47 -27.31 37.25
N ASP J 213 6.00 -27.61 38.45
CA ASP J 213 7.17 -28.48 38.59
C ASP J 213 7.00 -29.77 37.80
N TYR J 214 5.94 -30.52 38.08
CA TYR J 214 5.74 -31.79 37.39
C TYR J 214 5.06 -31.58 36.04
N GLU J 215 3.82 -31.09 36.06
CA GLU J 215 3.03 -30.80 34.87
C GLU J 215 3.14 -31.92 33.84
N VAL J 216 2.98 -33.16 34.31
CA VAL J 216 3.10 -34.31 33.42
C VAL J 216 1.88 -34.41 32.52
N ALA J 217 0.69 -34.10 33.04
CA ALA J 217 -0.51 -34.15 32.21
C ALA J 217 -0.66 -32.86 31.41
N GLY J 218 -0.86 -31.74 32.09
CA GLY J 218 -1.00 -30.45 31.44
C GLY J 218 -2.08 -30.42 30.39
N THR J 219 -1.67 -30.31 29.12
CA THR J 219 -2.60 -30.30 28.02
C THR J 219 -3.23 -31.69 27.87
N PRO J 220 -4.49 -31.74 27.43
CA PRO J 220 -5.19 -33.04 27.39
C PRO J 220 -4.55 -34.07 26.49
N ALA J 221 -3.84 -33.67 25.44
CA ALA J 221 -3.23 -34.63 24.54
C ALA J 221 -2.08 -35.35 25.23
N GLN J 222 -1.17 -34.57 25.83
CA GLN J 222 -0.12 -35.16 26.64
C GLN J 222 -0.70 -35.99 27.77
N ARG J 223 -1.81 -35.54 28.34
CA ARG J 223 -2.49 -36.31 29.37
C ARG J 223 -2.92 -37.67 28.85
N LYS J 224 -3.47 -37.70 27.62
CA LYS J 224 -3.91 -38.96 27.05
C LYS J 224 -2.73 -39.89 26.78
N VAL J 225 -1.64 -39.36 26.25
CA VAL J 225 -0.45 -40.19 26.02
C VAL J 225 0.04 -40.77 27.34
N TRP J 226 0.15 -39.93 28.37
CA TRP J 226 0.63 -40.39 29.66
C TRP J 226 -0.31 -41.43 30.26
N GLN J 227 -1.63 -41.25 30.09
CA GLN J 227 -2.59 -42.19 30.63
C GLN J 227 -2.48 -43.53 29.92
N ASP J 228 -2.31 -43.51 28.60
CA ASP J 228 -2.13 -44.76 27.87
C ASP J 228 -0.88 -45.48 28.33
N LYS J 229 0.22 -44.75 28.50
CA LYS J 229 1.46 -45.38 28.95
C LYS J 229 1.31 -45.95 30.35
N ILE J 230 0.61 -45.23 31.24
CA ILE J 230 0.40 -45.72 32.59
C ILE J 230 -0.47 -46.97 32.59
N ASP J 231 -1.48 -47.02 31.72
CA ASP J 231 -2.31 -48.21 31.63
C ASP J 231 -1.50 -49.39 31.13
N GLN J 232 -0.64 -49.16 30.15
CA GLN J 232 0.24 -50.24 29.68
C GLN J 232 1.14 -50.75 30.80
N GLN J 233 1.75 -49.82 31.53
CA GLN J 233 2.64 -50.20 32.63
C GLN J 233 1.89 -50.98 33.70
N GLY J 234 0.68 -50.56 34.03
CA GLY J 234 -0.08 -51.25 35.06
C GLY J 234 -0.53 -52.63 34.63
N ALA J 235 -1.00 -52.75 33.39
CA ALA J 235 -1.37 -54.07 32.88
C ALA J 235 -0.16 -54.99 32.80
N GLU J 236 1.03 -54.43 32.58
CA GLU J 236 2.24 -55.25 32.60
C GLU J 236 2.57 -55.69 34.02
N LEU J 237 2.56 -54.76 34.96
CA LEU J 237 2.94 -55.07 36.34
C LEU J 237 1.94 -55.99 37.03
N LYS J 238 0.68 -56.01 36.56
CA LYS J 238 -0.31 -56.88 37.18
C LYS J 238 0.09 -58.36 37.15
N ALA J 239 0.98 -58.74 36.24
CA ALA J 239 1.49 -60.11 36.24
C ALA J 239 2.19 -60.43 37.55
N ARG J 240 2.99 -59.50 38.05
CA ARG J 240 3.67 -59.66 39.33
C ARG J 240 2.82 -59.02 40.44
N GLY J 241 3.40 -58.90 41.63
CA GLY J 241 2.70 -58.32 42.76
C GLY J 241 2.57 -56.81 42.68
#